data_6OB1
#
_entry.id   6OB1
#
loop_
_entity.id
_entity.type
_entity.pdbx_description
1 polymer Ubiquitin
2 polymer Ubiquitin
3 polymer 'Anaphase-promoting complex subunit 2'
#
loop_
_entity_poly.entity_id
_entity_poly.type
_entity_poly.pdbx_seq_one_letter_code
_entity_poly.pdbx_strand_id
1 'polypeptide(L)' GMQIFVDTVQWKTITLEVEPSDTIENVKAKIQDKEGIPPDQQRLIFAGKQLEDGRTLSDYNIQKESALILLLTLR A
2 'polypeptide(L)' GMQIFVDTVQWKTITLEVEPSDTIENVKAKIQDKEGIPPDQQRLDFAGKQLEDGRTLSDYNIQKESALILLLTLR B
3 'polypeptide(L)'
;GSESDSGMASQADQKEEELLLFWTYIQAMLTNLESLSLDRIYNMLRMFVVTGPALAEIDLQELQGYLQKKVRDQQLVYSA
GVYRLPKNCS
;
C
#
# COMPACT_ATOMS: atom_id res chain seq x y z
N GLY A 1 -6.69 -30.92 -10.25
CA GLY A 1 -6.75 -31.31 -8.83
C GLY A 1 -7.42 -30.24 -8.02
N MET A 2 -6.63 -29.27 -7.55
CA MET A 2 -7.12 -28.19 -6.68
C MET A 2 -6.56 -26.85 -7.14
N GLN A 3 -7.35 -25.80 -6.94
CA GLN A 3 -7.02 -24.46 -7.43
C GLN A 3 -6.26 -23.69 -6.37
N ILE A 4 -5.58 -22.63 -6.79
CA ILE A 4 -4.96 -21.67 -5.87
C ILE A 4 -5.17 -20.25 -6.41
N PHE A 5 -5.31 -19.33 -5.47
CA PHE A 5 -5.36 -17.90 -5.73
C PHE A 5 -3.98 -17.32 -5.41
N VAL A 6 -3.27 -16.76 -6.40
CA VAL A 6 -1.94 -16.18 -6.15
C VAL A 6 -2.04 -14.64 -6.21
N ASP A 7 -2.05 -14.04 -5.03
CA ASP A 7 -2.20 -12.59 -4.83
C ASP A 7 -0.87 -11.88 -5.12
N THR A 8 -0.75 -11.25 -6.30
CA THR A 8 0.45 -10.49 -6.66
C THR A 8 0.28 -9.04 -6.18
N VAL A 9 1.07 -8.67 -5.16
CA VAL A 9 1.10 -7.32 -4.62
C VAL A 9 2.36 -6.57 -5.10
N GLN A 10 2.16 -5.33 -5.53
CA GLN A 10 3.24 -4.42 -5.92
C GLN A 10 3.21 -3.20 -4.99
N TRP A 11 3.83 -3.36 -3.83
CA TRP A 11 4.11 -2.24 -2.91
C TRP A 11 5.55 -1.83 -3.15
N LYS A 12 5.75 -0.73 -3.87
CA LYS A 12 7.09 -0.30 -4.30
C LYS A 12 7.12 1.17 -4.67
N THR A 13 8.32 1.77 -4.57
CA THR A 13 8.53 3.17 -4.90
C THR A 13 9.12 3.32 -6.31
N ILE A 14 8.60 4.29 -7.07
CA ILE A 14 9.10 4.66 -8.43
C ILE A 14 9.82 6.01 -8.31
N THR A 15 10.73 6.35 -9.25
CA THR A 15 11.40 7.65 -9.29
C THR A 15 11.21 8.31 -10.66
N LEU A 16 10.83 9.60 -10.64
CA LEU A 16 10.61 10.44 -11.84
C LEU A 16 11.23 11.81 -11.57
N GLU A 17 11.31 12.67 -12.59
CA GLU A 17 11.71 14.09 -12.41
C GLU A 17 10.52 15.00 -12.74
N VAL A 18 10.55 16.25 -12.23
CA VAL A 18 9.53 17.26 -12.52
C VAL A 18 10.10 18.70 -12.30
N GLU A 19 9.40 19.72 -12.85
CA GLU A 19 9.81 21.15 -12.74
C GLU A 19 8.85 21.90 -11.79
N PRO A 20 9.31 23.01 -11.13
CA PRO A 20 8.49 23.78 -10.17
C PRO A 20 7.30 24.51 -10.83
N SER A 21 7.51 24.91 -12.10
CA SER A 21 6.57 25.71 -12.88
C SER A 21 5.48 24.84 -13.55
N ASP A 22 5.66 23.50 -13.52
CA ASP A 22 4.63 22.57 -14.02
C ASP A 22 3.46 22.55 -13.04
N THR A 23 2.27 22.21 -13.56
CA THR A 23 1.09 21.95 -12.73
C THR A 23 1.10 20.50 -12.22
N ILE A 24 0.27 20.25 -11.21
CA ILE A 24 0.11 18.92 -10.59
C ILE A 24 -0.54 17.93 -11.58
N GLU A 25 -1.42 18.48 -12.43
CA GLU A 25 -2.13 17.73 -13.46
C GLU A 25 -1.11 16.99 -14.36
N ASN A 26 0.06 17.63 -14.58
CA ASN A 26 1.16 17.07 -15.40
C ASN A 26 1.80 15.87 -14.71
N VAL A 27 1.94 15.95 -13.37
CA VAL A 27 2.56 14.88 -12.55
C VAL A 27 1.70 13.62 -12.60
N LYS A 28 0.39 13.81 -12.32
CA LYS A 28 -0.55 12.69 -12.31
C LYS A 28 -0.74 12.13 -13.75
N ALA A 29 -0.68 13.04 -14.75
CA ALA A 29 -0.77 12.67 -16.18
C ALA A 29 0.47 11.90 -16.65
N LYS A 30 1.67 12.25 -16.15
CA LYS A 30 2.94 11.65 -16.61
C LYS A 30 3.16 10.29 -15.95
N ILE A 31 2.70 10.12 -14.69
CA ILE A 31 2.73 8.81 -14.03
C ILE A 31 1.66 7.89 -14.66
N GLN A 32 0.51 8.48 -15.09
CA GLN A 32 -0.52 7.77 -15.90
C GLN A 32 0.05 7.33 -17.26
N ASP A 33 0.82 8.23 -17.89
CA ASP A 33 1.39 8.05 -19.24
C ASP A 33 2.45 6.94 -19.23
N LYS A 34 3.39 7.07 -18.29
CA LYS A 34 4.54 6.18 -18.18
C LYS A 34 4.16 4.85 -17.51
N GLU A 35 3.71 4.92 -16.25
CA GLU A 35 3.54 3.71 -15.40
C GLU A 35 2.14 3.11 -15.51
N GLY A 36 1.20 3.88 -16.10
CA GLY A 36 -0.20 3.44 -16.20
C GLY A 36 -0.94 3.62 -14.88
N ILE A 37 -0.53 4.63 -14.10
CA ILE A 37 -1.14 4.98 -12.80
C ILE A 37 -2.38 5.87 -13.04
N PRO A 38 -3.62 5.35 -12.82
CA PRO A 38 -4.85 6.13 -13.05
C PRO A 38 -5.05 7.17 -11.92
N PRO A 39 -4.99 8.51 -12.25
CA PRO A 39 -4.85 9.60 -11.24
C PRO A 39 -5.99 9.70 -10.21
N ASP A 40 -7.23 9.57 -10.70
CA ASP A 40 -8.45 9.71 -9.87
C ASP A 40 -8.81 8.39 -9.18
N GLN A 41 -8.42 7.26 -9.81
CA GLN A 41 -8.57 5.90 -9.27
C GLN A 41 -7.53 5.63 -8.17
N GLN A 42 -6.38 6.29 -8.28
CA GLN A 42 -5.28 6.17 -7.32
C GLN A 42 -4.92 7.57 -6.82
N ARG A 43 -5.54 7.93 -5.70
CA ARG A 43 -5.52 9.28 -5.11
C ARG A 43 -4.18 9.56 -4.40
N LEU A 44 -3.58 10.71 -4.76
CA LEU A 44 -2.20 11.07 -4.36
C LEU A 44 -2.22 11.99 -3.11
N ILE A 45 -1.28 11.77 -2.16
CA ILE A 45 -1.04 12.70 -1.03
C ILE A 45 0.48 12.95 -0.89
N PHE A 46 0.89 14.22 -1.04
CA PHE A 46 2.31 14.62 -1.11
C PHE A 46 2.69 15.33 0.19
N ALA A 47 3.66 14.77 0.93
CA ALA A 47 4.23 15.38 2.16
C ALA A 47 3.17 15.67 3.24
N GLY A 48 1.99 15.02 3.12
CA GLY A 48 0.88 15.19 4.03
C GLY A 48 -0.14 16.23 3.58
N LYS A 49 -0.25 16.47 2.26
CA LYS A 49 -1.30 17.29 1.67
C LYS A 49 -1.82 16.70 0.36
N GLN A 50 -3.16 16.71 0.17
CA GLN A 50 -3.83 16.27 -1.07
C GLN A 50 -3.64 17.32 -2.19
N LEU A 51 -3.40 16.85 -3.41
CA LEU A 51 -2.98 17.68 -4.56
C LEU A 51 -4.19 18.16 -5.40
N GLU A 52 -4.31 19.48 -5.57
CA GLU A 52 -5.26 20.11 -6.51
C GLU A 52 -4.56 20.36 -7.88
N ASP A 53 -5.22 19.89 -8.95
CA ASP A 53 -4.71 19.91 -10.36
C ASP A 53 -4.21 21.29 -10.80
N GLY A 54 -4.99 22.31 -10.41
CA GLY A 54 -4.77 23.69 -10.84
C GLY A 54 -3.52 24.34 -10.27
N ARG A 55 -2.91 23.70 -9.27
CA ARG A 55 -1.74 24.24 -8.56
C ARG A 55 -0.45 23.76 -9.24
N THR A 56 0.67 24.43 -8.94
CA THR A 56 1.99 24.04 -9.46
C THR A 56 2.74 23.16 -8.45
N LEU A 57 3.90 22.63 -8.86
CA LEU A 57 4.79 21.88 -7.96
C LEU A 57 5.33 22.83 -6.86
N SER A 58 5.72 24.05 -7.30
CA SER A 58 6.29 25.07 -6.40
C SER A 58 5.25 25.56 -5.37
N ASP A 59 3.97 25.45 -5.75
CA ASP A 59 2.83 25.82 -4.88
C ASP A 59 2.89 25.07 -3.53
N TYR A 60 3.31 23.78 -3.58
CA TYR A 60 3.42 22.91 -2.39
C TYR A 60 4.88 22.85 -1.91
N ASN A 61 5.78 23.48 -2.71
CA ASN A 61 7.24 23.43 -2.54
C ASN A 61 7.73 21.96 -2.61
N ILE A 62 7.54 21.34 -3.78
CA ILE A 62 8.16 20.05 -4.10
C ILE A 62 9.69 20.25 -4.22
N GLN A 63 10.41 19.92 -3.15
CA GLN A 63 11.87 19.85 -3.14
C GLN A 63 12.33 18.53 -3.80
N LYS A 64 13.63 18.22 -3.76
CA LYS A 64 14.18 17.03 -4.42
C LYS A 64 14.25 15.85 -3.46
N GLU A 65 14.13 14.63 -4.03
CA GLU A 65 14.02 13.34 -3.33
C GLU A 65 12.76 13.27 -2.43
N SER A 66 11.76 14.12 -2.74
CA SER A 66 10.49 14.17 -1.98
C SER A 66 9.64 12.93 -2.25
N ALA A 67 8.80 12.54 -1.26
CA ALA A 67 7.99 11.31 -1.35
C ALA A 67 6.48 11.65 -1.46
N LEU A 68 5.84 11.00 -2.42
CA LEU A 68 4.39 11.04 -2.67
C LEU A 68 3.81 9.66 -2.36
N ILE A 69 2.67 9.57 -1.66
CA ILE A 69 1.99 8.28 -1.45
C ILE A 69 0.85 8.15 -2.46
N LEU A 70 0.74 6.96 -3.05
CA LEU A 70 -0.36 6.59 -3.94
C LEU A 70 -1.30 5.63 -3.23
N LEU A 71 -2.51 6.12 -2.94
CA LEU A 71 -3.58 5.33 -2.32
C LEU A 71 -4.58 4.93 -3.42
N LEU A 72 -4.89 3.63 -3.59
CA LEU A 72 -5.92 3.20 -4.55
C LEU A 72 -7.34 3.59 -4.10
N THR A 73 -8.32 3.44 -5.01
CA THR A 73 -9.76 3.69 -4.78
C THR A 73 -10.24 3.24 -3.37
N LEU A 74 -10.56 4.24 -2.54
CA LEU A 74 -11.10 4.03 -1.19
C LEU A 74 -12.61 4.32 -1.21
N ARG A 75 -12.93 5.58 -1.48
CA ARG A 75 -14.29 6.12 -1.39
C ARG A 75 -14.32 7.47 -2.15
N GLY B 1 14.91 19.59 -13.56
CA GLY B 1 14.34 19.97 -12.26
C GLY B 1 14.68 19.00 -11.15
N MET B 2 13.73 18.78 -10.23
CA MET B 2 13.94 17.95 -9.04
C MET B 2 13.27 16.58 -9.25
N GLN B 3 13.89 15.54 -8.70
CA GLN B 3 13.43 14.16 -8.92
C GLN B 3 12.73 13.67 -7.66
N ILE B 4 11.52 13.13 -7.82
CA ILE B 4 10.68 12.71 -6.70
C ILE B 4 10.38 11.22 -6.78
N PHE B 5 9.84 10.69 -5.69
CA PHE B 5 9.55 9.28 -5.53
C PHE B 5 8.03 9.11 -5.37
N VAL B 6 7.38 8.27 -6.19
CA VAL B 6 5.93 7.99 -6.07
C VAL B 6 5.73 6.53 -5.61
N ASP B 7 5.16 6.37 -4.42
CA ASP B 7 5.06 5.05 -3.76
C ASP B 7 3.73 4.38 -4.16
N THR B 8 3.84 3.41 -5.08
CA THR B 8 2.72 2.75 -5.74
C THR B 8 2.27 1.46 -5.01
N VAL B 9 0.93 1.30 -4.88
CA VAL B 9 0.27 0.03 -4.53
C VAL B 9 -0.55 -0.46 -5.73
N GLN B 10 -0.27 -1.71 -6.18
CA GLN B 10 -1.09 -2.42 -7.18
C GLN B 10 -1.24 -3.90 -6.75
N TRP B 11 -2.41 -4.26 -6.16
CA TRP B 11 -2.72 -5.63 -5.71
C TRP B 11 -3.73 -6.26 -6.68
N LYS B 12 -3.48 -7.51 -7.07
CA LYS B 12 -4.36 -8.32 -7.93
C LYS B 12 -4.30 -9.79 -7.48
N THR B 13 -5.46 -10.46 -7.45
CA THR B 13 -5.56 -11.89 -7.13
C THR B 13 -5.74 -12.70 -8.43
N ILE B 14 -4.80 -13.61 -8.73
CA ILE B 14 -4.88 -14.51 -9.90
C ILE B 14 -5.49 -15.85 -9.43
N THR B 15 -6.05 -16.61 -10.37
CA THR B 15 -6.60 -17.94 -10.10
C THR B 15 -6.06 -18.93 -11.14
N LEU B 16 -5.41 -19.98 -10.66
CA LEU B 16 -4.95 -21.12 -11.49
C LEU B 16 -5.37 -22.42 -10.81
N GLU B 17 -5.23 -23.55 -11.50
CA GLU B 17 -5.39 -24.87 -10.90
C GLU B 17 -4.08 -25.62 -11.00
N VAL B 18 -3.78 -26.42 -9.98
CA VAL B 18 -2.54 -27.17 -9.89
C VAL B 18 -2.84 -28.59 -9.33
N GLU B 19 -1.86 -29.50 -9.43
CA GLU B 19 -2.04 -30.88 -8.96
C GLU B 19 -1.25 -31.08 -7.66
N PRO B 20 -1.70 -32.00 -6.77
CA PRO B 20 -0.99 -32.31 -5.51
C PRO B 20 0.38 -32.96 -5.78
N SER B 21 0.45 -33.67 -6.91
CA SER B 21 1.64 -34.43 -7.33
C SER B 21 2.69 -33.53 -7.98
N ASP B 22 2.31 -32.30 -8.38
CA ASP B 22 3.21 -31.36 -9.09
C ASP B 22 4.14 -30.68 -8.09
N THR B 23 5.25 -30.16 -8.62
CA THR B 23 6.21 -29.34 -7.86
C THR B 23 5.77 -27.88 -7.84
N ILE B 24 6.36 -27.12 -6.92
CA ILE B 24 6.10 -25.68 -6.77
C ILE B 24 6.68 -24.90 -7.98
N GLU B 25 7.75 -25.44 -8.59
CA GLU B 25 8.39 -24.86 -9.79
C GLU B 25 7.42 -24.84 -10.99
N ASN B 26 6.38 -25.71 -10.94
CA ASN B 26 5.26 -25.71 -11.88
C ASN B 26 4.47 -24.39 -11.75
N VAL B 27 4.02 -24.09 -10.50
CA VAL B 27 3.29 -22.85 -10.17
C VAL B 27 4.12 -21.61 -10.53
N LYS B 28 5.43 -21.71 -10.24
CA LYS B 28 6.43 -20.71 -10.59
C LYS B 28 6.39 -20.40 -12.09
N ALA B 29 6.52 -21.46 -12.90
CA ALA B 29 6.56 -21.34 -14.37
C ALA B 29 5.22 -20.83 -14.92
N LYS B 30 4.10 -21.15 -14.22
CA LYS B 30 2.75 -20.69 -14.61
C LYS B 30 2.64 -19.17 -14.46
N ILE B 31 2.88 -18.62 -13.25
CA ILE B 31 2.83 -17.15 -12.99
C ILE B 31 3.84 -16.38 -13.87
N GLN B 32 5.01 -17.03 -14.08
CA GLN B 32 6.12 -16.51 -14.88
C GLN B 32 5.80 -16.50 -16.39
N ASP B 33 4.94 -17.44 -16.82
CA ASP B 33 4.45 -17.49 -18.22
C ASP B 33 3.32 -16.46 -18.42
N LYS B 34 2.35 -16.49 -17.49
CA LYS B 34 1.12 -15.67 -17.56
C LYS B 34 1.44 -14.17 -17.59
N GLU B 35 2.08 -13.68 -16.52
CA GLU B 35 2.34 -12.22 -16.35
C GLU B 35 3.83 -11.90 -16.31
N GLY B 36 4.69 -12.91 -16.57
CA GLY B 36 6.13 -12.71 -16.51
C GLY B 36 6.62 -12.45 -15.09
N ILE B 37 5.86 -12.96 -14.09
CA ILE B 37 6.18 -12.78 -12.66
C ILE B 37 7.46 -13.58 -12.32
N PRO B 38 8.62 -12.90 -12.13
CA PRO B 38 9.90 -13.57 -11.94
C PRO B 38 10.05 -14.03 -10.47
N PRO B 39 10.26 -15.36 -10.21
CA PRO B 39 10.34 -15.90 -8.81
C PRO B 39 11.49 -15.27 -8.01
N ASP B 40 12.61 -15.06 -8.71
CA ASP B 40 13.84 -14.46 -8.16
C ASP B 40 13.63 -12.98 -7.79
N GLN B 41 12.72 -12.30 -8.51
CA GLN B 41 12.40 -10.88 -8.29
C GLN B 41 11.19 -10.72 -7.36
N GLN B 42 10.37 -11.77 -7.23
CA GLN B 42 9.12 -11.71 -6.45
C GLN B 42 8.79 -13.14 -5.96
N ARG B 43 9.16 -13.43 -4.69
CA ARG B 43 8.99 -14.77 -4.09
C ARG B 43 7.58 -14.92 -3.49
N LEU B 44 7.01 -16.13 -3.59
CA LEU B 44 5.64 -16.40 -3.12
C LEU B 44 5.63 -16.69 -1.61
N ASP B 45 4.55 -16.29 -0.92
CA ASP B 45 4.35 -16.52 0.53
C ASP B 45 3.01 -17.24 0.75
N PHE B 46 2.99 -18.13 1.74
CA PHE B 46 1.85 -18.99 2.08
C PHE B 46 1.76 -19.09 3.60
N ALA B 47 0.77 -18.37 4.18
CA ALA B 47 0.50 -18.35 5.64
C ALA B 47 1.75 -17.95 6.46
N GLY B 48 2.65 -17.15 5.84
CA GLY B 48 3.90 -16.72 6.47
C GLY B 48 5.08 -17.64 6.18
N LYS B 49 4.96 -18.49 5.14
CA LYS B 49 6.03 -19.43 4.74
C LYS B 49 6.26 -19.38 3.22
N GLN B 50 7.55 -19.32 2.82
CA GLN B 50 7.96 -19.23 1.42
C GLN B 50 7.82 -20.61 0.75
N LEU B 51 7.26 -20.63 -0.46
CA LEU B 51 7.14 -21.84 -1.27
C LEU B 51 8.48 -22.07 -1.99
N GLU B 52 9.27 -23.07 -1.52
CA GLU B 52 10.51 -23.47 -2.19
C GLU B 52 10.13 -24.29 -3.44
N ASP B 53 10.67 -23.90 -4.59
CA ASP B 53 10.25 -24.42 -5.91
C ASP B 53 10.53 -25.92 -6.07
N GLY B 54 11.54 -26.41 -5.33
CA GLY B 54 11.92 -27.81 -5.33
C GLY B 54 10.95 -28.71 -4.58
N ARG B 55 10.00 -28.11 -3.84
CA ARG B 55 9.03 -28.87 -3.04
C ARG B 55 7.84 -29.27 -3.90
N THR B 56 6.90 -30.00 -3.30
CA THR B 56 5.69 -30.48 -3.96
C THR B 56 4.46 -29.73 -3.38
N LEU B 57 3.33 -29.68 -4.12
CA LEU B 57 2.08 -29.06 -3.64
C LEU B 57 1.54 -29.84 -2.42
N SER B 58 1.52 -31.18 -2.54
CA SER B 58 1.07 -32.06 -1.45
C SER B 58 1.98 -31.97 -0.22
N ASP B 59 3.26 -31.63 -0.44
CA ASP B 59 4.25 -31.39 0.64
C ASP B 59 3.79 -30.26 1.58
N TYR B 60 3.05 -29.27 1.04
CA TYR B 60 2.50 -28.13 1.82
C TYR B 60 1.03 -28.39 2.21
N ASN B 61 0.44 -29.49 1.69
CA ASN B 61 -0.99 -29.83 1.86
C ASN B 61 -1.86 -28.66 1.35
N ILE B 62 -1.65 -28.31 0.08
CA ILE B 62 -2.33 -27.21 -0.60
C ILE B 62 -3.81 -27.56 -0.83
N GLN B 63 -4.71 -26.68 -0.38
CA GLN B 63 -6.17 -26.86 -0.55
C GLN B 63 -6.66 -26.12 -1.80
N LYS B 64 -7.82 -26.55 -2.33
CA LYS B 64 -8.45 -25.85 -3.44
C LYS B 64 -8.86 -24.45 -3.01
N GLU B 65 -8.58 -23.47 -3.91
CA GLU B 65 -8.84 -22.06 -3.69
C GLU B 65 -7.94 -21.47 -2.58
N SER B 66 -6.79 -22.16 -2.26
CA SER B 66 -5.79 -21.67 -1.29
C SER B 66 -5.17 -20.32 -1.74
N ALA B 67 -5.15 -19.30 -0.87
CA ALA B 67 -4.59 -17.96 -1.17
C ALA B 67 -3.11 -17.84 -0.72
N LEU B 68 -2.23 -17.39 -1.65
CA LEU B 68 -0.78 -17.22 -1.42
C LEU B 68 -0.38 -15.84 -1.93
N ILE B 69 0.32 -15.03 -1.11
CA ILE B 69 0.67 -13.64 -1.49
C ILE B 69 2.14 -13.55 -1.95
N LEU B 70 2.34 -13.14 -3.20
CA LEU B 70 3.68 -12.94 -3.76
C LEU B 70 4.26 -11.62 -3.25
N LEU B 71 5.32 -11.72 -2.44
CA LEU B 71 6.04 -10.56 -1.89
C LEU B 71 7.24 -10.26 -2.78
N LEU B 72 7.75 -9.01 -2.76
CA LEU B 72 8.90 -8.59 -3.59
C LEU B 72 10.18 -9.32 -3.11
N THR B 73 11.23 -9.31 -3.98
CA THR B 73 12.48 -10.08 -3.76
C THR B 73 13.04 -9.99 -2.31
N LEU B 74 12.66 -10.99 -1.48
CA LEU B 74 13.05 -11.07 -0.09
C LEU B 74 13.10 -12.56 0.32
N ARG B 75 14.15 -13.25 -0.20
CA ARG B 75 14.58 -14.59 0.22
C ARG B 75 13.44 -15.66 0.20
N GLY C 1 -14.96 18.52 -4.36
CA GLY C 1 -15.68 19.77 -3.97
C GLY C 1 -16.15 19.73 -2.52
N SER C 2 -15.20 19.68 -1.59
CA SER C 2 -15.45 19.67 -0.15
C SER C 2 -14.50 20.68 0.53
N GLU C 3 -15.05 21.55 1.39
CA GLU C 3 -14.30 22.64 2.04
C GLU C 3 -14.76 22.88 3.49
N SER C 4 -16.10 22.91 3.70
CA SER C 4 -16.69 23.29 5.01
C SER C 4 -16.65 22.13 6.02
N ASP C 5 -16.23 20.93 5.57
CA ASP C 5 -16.13 19.74 6.43
C ASP C 5 -14.81 19.73 7.22
N SER C 6 -14.79 20.52 8.32
CA SER C 6 -13.65 20.66 9.24
C SER C 6 -14.18 20.99 10.65
N GLY C 7 -15.28 21.78 10.68
CA GLY C 7 -15.92 22.20 11.93
C GLY C 7 -15.31 23.47 12.48
N MET C 8 -15.72 23.84 13.71
CA MET C 8 -15.16 24.99 14.45
C MET C 8 -14.94 24.63 15.92
N ALA C 9 -13.67 24.44 16.31
CA ALA C 9 -13.24 24.13 17.69
C ALA C 9 -12.11 25.05 18.15
N SER C 10 -11.47 25.74 17.18
CA SER C 10 -10.35 26.67 17.37
C SER C 10 -9.09 26.01 17.98
N GLN C 11 -8.96 24.67 17.81
CA GLN C 11 -7.83 23.89 18.36
C GLN C 11 -7.89 22.44 17.86
N ALA C 12 -9.00 21.77 18.22
CA ALA C 12 -9.21 20.34 17.95
C ALA C 12 -9.43 20.05 16.46
N ASP C 13 -9.69 21.11 15.67
CA ASP C 13 -9.89 21.01 14.21
C ASP C 13 -8.68 20.34 13.55
N GLN C 14 -7.49 20.98 13.73
CA GLN C 14 -6.23 20.50 13.11
C GLN C 14 -5.97 19.05 13.51
N LYS C 15 -6.15 18.75 14.81
CA LYS C 15 -5.82 17.46 15.40
C LYS C 15 -6.62 16.34 14.77
N GLU C 16 -7.96 16.49 14.81
CA GLU C 16 -8.90 15.56 14.18
C GLU C 16 -8.55 15.35 12.69
N GLU C 17 -8.28 16.46 11.99
CA GLU C 17 -8.02 16.44 10.54
C GLU C 17 -6.65 15.78 10.22
N GLU C 18 -5.68 15.91 11.15
CA GLU C 18 -4.34 15.28 11.04
C GLU C 18 -4.47 13.78 11.18
N LEU C 19 -5.25 13.36 12.21
CA LEU C 19 -5.47 11.94 12.52
C LEU C 19 -6.35 11.30 11.44
N LEU C 20 -7.28 12.10 10.88
CA LEU C 20 -8.19 11.67 9.81
C LEU C 20 -7.37 11.49 8.52
N LEU C 21 -6.37 12.37 8.31
CA LEU C 21 -5.40 12.25 7.21
C LEU C 21 -4.59 10.95 7.34
N PHE C 22 -4.14 10.67 8.59
CA PHE C 22 -3.40 9.43 8.92
C PHE C 22 -4.26 8.20 8.64
N TRP C 23 -5.56 8.34 8.94
CA TRP C 23 -6.56 7.31 8.68
C TRP C 23 -6.91 7.26 7.18
N THR C 24 -6.73 8.39 6.45
CA THR C 24 -6.92 8.41 4.98
C THR C 24 -5.82 7.58 4.31
N TYR C 25 -4.59 7.63 4.89
CA TYR C 25 -3.49 6.75 4.48
C TYR C 25 -3.88 5.29 4.74
N ILE C 26 -4.01 4.95 6.04
CA ILE C 26 -4.10 3.55 6.50
C ILE C 26 -5.39 2.85 6.00
N GLN C 27 -6.51 3.60 5.88
CA GLN C 27 -7.77 3.05 5.39
C GLN C 27 -7.62 2.64 3.92
N ALA C 28 -7.26 3.63 3.07
CA ALA C 28 -7.12 3.45 1.61
C ALA C 28 -5.98 2.47 1.25
N MET C 29 -5.00 2.42 2.16
CA MET C 29 -3.85 1.52 2.07
C MET C 29 -4.35 0.08 2.24
N LEU C 30 -5.00 -0.21 3.38
CA LEU C 30 -5.52 -1.56 3.70
C LEU C 30 -6.74 -1.98 2.85
N THR C 31 -7.38 -1.02 2.16
CA THR C 31 -8.50 -1.28 1.25
C THR C 31 -8.07 -2.18 0.08
N ASN C 32 -6.76 -2.16 -0.25
CA ASN C 32 -6.18 -2.93 -1.37
C ASN C 32 -4.95 -3.71 -0.89
N LEU C 33 -4.09 -3.01 -0.14
CA LEU C 33 -2.82 -3.53 0.45
C LEU C 33 -3.15 -4.16 1.83
N GLU C 34 -4.06 -5.14 1.81
CA GLU C 34 -4.68 -5.72 3.03
C GLU C 34 -3.77 -6.77 3.75
N SER C 35 -2.57 -6.30 4.16
CA SER C 35 -1.50 -7.10 4.81
C SER C 35 -0.25 -6.22 4.98
N LEU C 36 0.03 -5.77 6.22
CA LEU C 36 1.23 -4.96 6.53
C LEU C 36 1.51 -4.93 8.04
N SER C 37 2.80 -4.93 8.40
CA SER C 37 3.24 -4.77 9.78
C SER C 37 2.88 -3.38 10.31
N LEU C 38 2.69 -3.29 11.64
CA LEU C 38 2.49 -1.99 12.34
C LEU C 38 3.65 -1.04 11.98
N ASP C 39 4.87 -1.59 11.89
CA ASP C 39 6.10 -0.81 11.60
C ASP C 39 6.03 -0.08 10.24
N ARG C 40 5.30 -0.66 9.26
CA ARG C 40 5.16 -0.07 7.91
C ARG C 40 4.31 1.21 7.98
N ILE C 41 3.07 1.06 8.49
CA ILE C 41 2.13 2.20 8.65
C ILE C 41 2.65 3.19 9.71
N TYR C 42 3.48 2.70 10.66
CA TYR C 42 4.15 3.55 11.67
C TYR C 42 5.14 4.48 10.96
N ASN C 43 5.98 3.88 10.08
CA ASN C 43 6.99 4.59 9.30
C ASN C 43 6.34 5.65 8.38
N MET C 44 5.19 5.27 7.77
CA MET C 44 4.43 6.17 6.89
C MET C 44 3.83 7.35 7.67
N LEU C 45 3.08 7.06 8.77
CA LEU C 45 2.48 8.13 9.60
C LEU C 45 3.55 9.09 10.12
N ARG C 46 4.70 8.51 10.53
CA ARG C 46 5.82 9.28 11.09
C ARG C 46 6.49 10.16 10.02
N MET C 47 6.58 9.63 8.79
CA MET C 47 7.02 10.41 7.60
C MET C 47 6.12 11.66 7.45
N PHE C 48 4.80 11.44 7.36
CA PHE C 48 3.83 12.51 7.13
C PHE C 48 3.52 13.33 8.39
N VAL C 49 4.02 12.88 9.57
CA VAL C 49 3.94 13.66 10.82
C VAL C 49 5.14 14.60 10.95
N VAL C 50 6.34 14.15 10.49
CA VAL C 50 7.58 14.94 10.62
C VAL C 50 7.69 15.99 9.49
N THR C 51 7.13 15.67 8.30
CA THR C 51 7.20 16.56 7.12
C THR C 51 6.47 17.89 7.37
N GLY C 52 5.44 17.83 8.21
CA GLY C 52 4.65 19.00 8.59
C GLY C 52 4.70 19.25 10.09
N PRO C 53 3.89 20.22 10.61
CA PRO C 53 3.75 20.47 12.07
C PRO C 53 2.70 19.56 12.76
N ALA C 54 2.30 18.48 12.05
CA ALA C 54 1.32 17.49 12.53
C ALA C 54 1.66 16.97 13.94
N LEU C 55 0.87 17.44 14.94
CA LEU C 55 1.01 17.10 16.39
C LEU C 55 2.41 17.39 16.96
N ALA C 56 3.26 18.15 16.23
CA ALA C 56 4.69 18.38 16.58
C ALA C 56 5.44 17.02 16.73
N GLU C 57 5.06 16.06 15.85
CA GLU C 57 5.49 14.65 15.85
C GLU C 57 4.80 13.84 16.95
N ILE C 58 4.14 12.75 16.54
CA ILE C 58 3.48 11.76 17.43
C ILE C 58 4.51 10.90 18.20
N ASP C 59 4.00 9.86 18.89
CA ASP C 59 4.81 8.91 19.69
C ASP C 59 4.28 7.47 19.48
N LEU C 60 5.03 6.48 20.02
CA LEU C 60 4.64 5.06 20.07
C LEU C 60 3.21 4.91 20.59
N GLN C 61 2.98 5.37 21.85
CA GLN C 61 1.70 5.18 22.55
C GLN C 61 0.53 5.76 21.74
N GLU C 62 0.80 6.85 21.00
CA GLU C 62 -0.19 7.51 20.15
C GLU C 62 -0.54 6.64 18.94
N LEU C 63 0.50 6.17 18.22
CA LEU C 63 0.32 5.41 16.97
C LEU C 63 -0.15 3.97 17.28
N GLN C 64 0.58 3.29 18.17
CA GLN C 64 0.17 1.98 18.74
C GLN C 64 -1.26 2.07 19.34
N GLY C 65 -1.52 3.12 20.14
CA GLY C 65 -2.85 3.38 20.71
C GLY C 65 -3.93 3.66 19.66
N TYR C 66 -3.52 4.21 18.50
CA TYR C 66 -4.42 4.46 17.35
C TYR C 66 -4.89 3.11 16.77
N LEU C 67 -3.91 2.20 16.50
CA LEU C 67 -4.19 0.82 16.04
C LEU C 67 -5.03 0.05 17.06
N GLN C 68 -4.65 0.20 18.34
CA GLN C 68 -5.31 -0.45 19.49
C GLN C 68 -6.79 -0.09 19.51
N LYS C 69 -7.08 1.22 19.39
CA LYS C 69 -8.45 1.73 19.32
C LYS C 69 -9.17 1.05 18.15
N LYS C 70 -8.62 1.17 16.92
CA LYS C 70 -9.19 0.52 15.71
C LYS C 70 -9.55 -0.97 15.92
N VAL C 71 -8.66 -1.73 16.59
CA VAL C 71 -8.90 -3.17 16.88
C VAL C 71 -10.06 -3.34 17.87
N ARG C 72 -10.06 -2.50 18.90
CA ARG C 72 -11.11 -2.48 19.95
C ARG C 72 -12.43 -1.83 19.44
N ASP C 73 -12.37 -1.16 18.27
CA ASP C 73 -13.57 -0.66 17.56
C ASP C 73 -14.01 -1.67 16.48
N GLN C 74 -13.15 -2.71 16.24
CA GLN C 74 -13.33 -3.73 15.17
C GLN C 74 -13.19 -3.12 13.77
N GLN C 75 -12.57 -1.92 13.70
CA GLN C 75 -12.22 -1.22 12.45
C GLN C 75 -10.81 -1.63 11.95
N LEU C 76 -10.09 -2.45 12.75
CA LEU C 76 -8.83 -3.12 12.34
C LEU C 76 -8.93 -4.61 12.70
N VAL C 77 -8.38 -5.45 11.83
CA VAL C 77 -8.15 -6.88 12.09
C VAL C 77 -6.65 -7.09 12.33
N TYR C 78 -6.33 -7.67 13.49
CA TYR C 78 -4.97 -8.07 13.84
C TYR C 78 -4.81 -9.55 13.43
N SER C 79 -4.05 -9.78 12.37
CA SER C 79 -3.65 -11.13 11.94
C SER C 79 -2.44 -11.59 12.82
N ALA C 80 -1.59 -12.51 12.32
CA ALA C 80 -0.43 -13.02 13.09
C ALA C 80 0.68 -11.95 13.24
N GLY C 81 0.43 -10.98 14.16
CA GLY C 81 1.38 -9.89 14.43
C GLY C 81 1.49 -8.91 13.29
N VAL C 82 0.44 -8.86 12.46
CA VAL C 82 0.41 -8.07 11.23
C VAL C 82 -1.03 -7.54 11.02
N TYR C 83 -1.15 -6.25 10.67
CA TYR C 83 -2.45 -5.55 10.56
C TYR C 83 -3.04 -5.61 9.14
N ARG C 84 -4.39 -5.63 9.10
CA ARG C 84 -5.17 -5.57 7.86
C ARG C 84 -6.61 -5.15 8.18
N LEU C 85 -7.27 -4.48 7.24
CA LEU C 85 -8.67 -4.00 7.45
C LEU C 85 -9.69 -5.17 7.38
N PRO C 86 -10.75 -5.16 8.25
CA PRO C 86 -11.93 -6.02 8.09
C PRO C 86 -12.72 -5.62 6.83
N LYS C 87 -12.26 -6.16 5.70
CA LYS C 87 -12.92 -6.01 4.39
C LYS C 87 -14.22 -6.85 4.34
N ASN C 88 -14.36 -7.75 5.32
CA ASN C 88 -15.59 -8.47 5.64
C ASN C 88 -16.01 -8.11 7.07
N CYS C 89 -17.32 -7.97 7.29
CA CYS C 89 -17.90 -7.69 8.62
C CYS C 89 -17.87 -8.96 9.49
N SER C 90 -18.22 -10.09 8.87
CA SER C 90 -18.24 -11.41 9.53
C SER C 90 -17.82 -12.50 8.50
N GLY A 1 -6.96 -28.94 -12.06
CA GLY A 1 -7.28 -29.45 -10.71
C GLY A 1 -7.98 -28.40 -9.85
N MET A 2 -7.33 -28.00 -8.75
CA MET A 2 -7.86 -26.98 -7.82
C MET A 2 -7.20 -25.63 -8.13
N GLN A 3 -7.96 -24.56 -7.93
CA GLN A 3 -7.55 -23.23 -8.35
C GLN A 3 -6.84 -22.50 -7.21
N ILE A 4 -6.09 -21.48 -7.56
CA ILE A 4 -5.38 -20.62 -6.61
C ILE A 4 -5.48 -19.17 -7.08
N PHE A 5 -5.29 -18.26 -6.15
CA PHE A 5 -5.28 -16.82 -6.38
C PHE A 5 -3.92 -16.29 -5.96
N VAL A 6 -3.12 -15.84 -6.93
CA VAL A 6 -1.78 -15.33 -6.66
C VAL A 6 -1.89 -13.81 -6.47
N ASP A 7 -2.07 -13.39 -5.21
CA ASP A 7 -2.31 -11.99 -4.85
C ASP A 7 -1.00 -11.22 -4.75
N THR A 8 -0.62 -10.53 -5.83
CA THR A 8 0.63 -9.78 -5.89
C THR A 8 0.40 -8.33 -5.43
N VAL A 9 1.34 -7.78 -4.66
CA VAL A 9 1.31 -6.40 -4.20
C VAL A 9 2.66 -5.74 -4.51
N GLN A 10 2.62 -4.70 -5.33
CA GLN A 10 3.79 -3.92 -5.72
C GLN A 10 3.78 -2.61 -4.94
N TRP A 11 4.26 -2.67 -3.69
CA TRP A 11 4.45 -1.51 -2.81
C TRP A 11 5.92 -1.12 -2.89
N LYS A 12 6.20 -0.03 -3.59
CA LYS A 12 7.55 0.40 -3.91
C LYS A 12 7.56 1.89 -4.30
N THR A 13 8.59 2.60 -3.83
CA THR A 13 8.77 4.02 -4.12
C THR A 13 9.51 4.18 -5.46
N ILE A 14 8.90 4.90 -6.41
CA ILE A 14 9.43 5.10 -7.77
C ILE A 14 10.11 6.48 -7.83
N THR A 15 11.12 6.63 -8.69
CA THR A 15 11.81 7.91 -8.90
C THR A 15 11.43 8.52 -10.26
N LEU A 16 11.13 9.82 -10.27
CA LEU A 16 10.88 10.60 -11.50
C LEU A 16 11.31 12.07 -11.27
N GLU A 17 11.30 12.88 -12.34
CA GLU A 17 11.51 14.34 -12.23
C GLU A 17 10.29 15.10 -12.79
N VAL A 18 10.00 16.25 -12.19
CA VAL A 18 8.96 17.19 -12.64
C VAL A 18 9.50 18.63 -12.72
N GLU A 19 8.67 19.54 -13.25
CA GLU A 19 8.99 20.99 -13.36
C GLU A 19 8.11 21.78 -12.38
N PRO A 20 8.54 22.99 -11.92
CA PRO A 20 7.74 23.81 -10.99
C PRO A 20 6.44 24.34 -11.65
N SER A 21 6.53 24.71 -12.93
CA SER A 21 5.40 25.30 -13.68
C SER A 21 4.56 24.22 -14.38
N ASP A 22 4.99 22.96 -14.19
CA ASP A 22 4.29 21.75 -14.70
C ASP A 22 3.06 21.51 -13.82
N THR A 23 2.03 20.86 -14.36
CA THR A 23 0.84 20.48 -13.60
C THR A 23 1.00 19.07 -13.00
N ILE A 24 0.12 18.77 -12.03
CA ILE A 24 0.08 17.48 -11.34
C ILE A 24 -0.53 16.41 -12.27
N GLU A 25 -1.26 16.87 -13.32
CA GLU A 25 -1.92 15.99 -14.31
C GLU A 25 -0.87 15.23 -15.13
N ASN A 26 0.34 15.84 -15.23
CA ASN A 26 1.49 15.19 -15.87
C ASN A 26 1.93 14.02 -15.00
N VAL A 27 2.19 14.30 -13.69
CA VAL A 27 2.57 13.27 -12.69
C VAL A 27 1.56 12.08 -12.71
N LYS A 28 0.27 12.45 -12.81
CA LYS A 28 -0.87 11.52 -12.93
C LYS A 28 -0.74 10.63 -14.19
N ALA A 29 -0.56 11.30 -15.34
CA ALA A 29 -0.44 10.64 -16.65
C ALA A 29 0.89 9.87 -16.79
N LYS A 30 1.91 10.29 -16.02
CA LYS A 30 3.24 9.67 -15.98
C LYS A 30 3.16 8.33 -15.26
N ILE A 31 2.63 8.34 -14.02
CA ILE A 31 2.51 7.10 -13.20
C ILE A 31 1.48 6.13 -13.82
N GLN A 32 0.50 6.68 -14.58
CA GLN A 32 -0.42 5.87 -15.41
C GLN A 32 0.33 5.19 -16.59
N ASP A 33 1.13 6.00 -17.32
CA ASP A 33 1.92 5.53 -18.49
C ASP A 33 2.93 4.46 -18.08
N LYS A 34 3.57 4.74 -16.94
CA LYS A 34 4.66 3.94 -16.40
C LYS A 34 4.11 2.73 -15.62
N GLU A 35 3.56 2.99 -14.41
CA GLU A 35 3.23 1.93 -13.44
C GLU A 35 1.83 1.36 -13.67
N GLY A 36 1.06 2.02 -14.56
CA GLY A 36 -0.30 1.58 -14.91
C GLY A 36 -1.33 1.97 -13.86
N ILE A 37 -1.07 3.08 -13.14
CA ILE A 37 -1.92 3.56 -12.03
C ILE A 37 -3.13 4.33 -12.59
N PRO A 38 -4.39 3.80 -12.43
CA PRO A 38 -5.62 4.45 -12.97
C PRO A 38 -5.86 5.85 -12.34
N PRO A 39 -5.90 6.95 -13.19
CA PRO A 39 -6.12 8.36 -12.73
C PRO A 39 -7.39 8.54 -11.89
N ASP A 40 -8.49 7.95 -12.36
CA ASP A 40 -9.81 7.99 -11.68
C ASP A 40 -9.74 7.34 -10.28
N GLN A 41 -8.90 6.31 -10.16
CA GLN A 41 -8.85 5.43 -8.98
C GLN A 41 -7.54 5.61 -8.17
N GLN A 42 -6.86 6.76 -8.39
CA GLN A 42 -5.66 7.11 -7.61
C GLN A 42 -5.94 8.36 -6.75
N ARG A 43 -5.25 8.46 -5.61
CA ARG A 43 -5.42 9.54 -4.63
C ARG A 43 -4.02 10.03 -4.25
N LEU A 44 -3.62 11.16 -4.84
CA LEU A 44 -2.25 11.70 -4.72
C LEU A 44 -2.15 12.54 -3.44
N ILE A 45 -1.24 12.18 -2.51
CA ILE A 45 -1.01 13.00 -1.28
C ILE A 45 0.50 13.29 -1.09
N PHE A 46 0.81 14.59 -0.85
CA PHE A 46 2.17 15.10 -0.62
C PHE A 46 2.28 15.56 0.84
N ALA A 47 2.89 14.71 1.70
CA ALA A 47 3.23 15.07 3.08
C ALA A 47 2.01 15.60 3.89
N GLY A 48 0.81 15.08 3.54
CA GLY A 48 -0.46 15.55 4.14
C GLY A 48 -1.23 16.59 3.32
N LYS A 49 -0.90 16.73 2.01
CA LYS A 49 -1.63 17.64 1.09
C LYS A 49 -2.30 16.87 -0.04
N GLN A 50 -3.51 17.29 -0.41
CA GLN A 50 -4.28 16.73 -1.54
C GLN A 50 -3.89 17.44 -2.86
N LEU A 51 -3.38 16.66 -3.83
CA LEU A 51 -2.96 17.19 -5.14
C LEU A 51 -4.15 17.24 -6.11
N GLU A 52 -4.64 18.47 -6.38
CA GLU A 52 -5.50 18.75 -7.54
C GLU A 52 -4.67 18.55 -8.83
N ASP A 53 -5.09 17.61 -9.68
CA ASP A 53 -4.35 17.23 -10.90
C ASP A 53 -4.20 18.44 -11.87
N GLY A 54 -5.21 19.32 -11.90
CA GLY A 54 -5.15 20.54 -12.71
C GLY A 54 -4.49 21.72 -12.00
N ARG A 55 -3.65 21.45 -10.99
CA ARG A 55 -2.89 22.48 -10.25
C ARG A 55 -1.38 22.25 -10.50
N THR A 56 -0.48 23.17 -10.09
CA THR A 56 0.96 23.07 -10.41
C THR A 56 1.75 22.51 -9.22
N LEU A 57 2.96 21.97 -9.53
CA LEU A 57 3.91 21.46 -8.51
C LEU A 57 4.33 22.62 -7.57
N SER A 58 4.61 23.79 -8.16
CA SER A 58 5.09 24.96 -7.40
C SER A 58 4.03 25.54 -6.46
N ASP A 59 2.74 25.33 -6.78
CA ASP A 59 1.62 25.84 -5.94
C ASP A 59 1.58 25.06 -4.59
N TYR A 60 2.23 23.88 -4.55
CA TYR A 60 2.45 23.12 -3.29
C TYR A 60 3.88 23.27 -2.76
N ASN A 61 4.77 23.87 -3.58
CA ASN A 61 6.22 23.96 -3.31
C ASN A 61 6.84 22.54 -3.19
N ILE A 62 6.80 21.79 -4.31
CA ILE A 62 7.51 20.50 -4.46
C ILE A 62 9.03 20.77 -4.46
N GLN A 63 9.70 20.35 -3.37
CA GLN A 63 11.16 20.36 -3.30
C GLN A 63 11.69 19.12 -4.04
N LYS A 64 13.00 19.09 -4.36
CA LYS A 64 13.58 17.95 -5.05
C LYS A 64 13.69 16.75 -4.11
N GLU A 65 13.48 15.54 -4.68
CA GLU A 65 13.50 14.27 -3.96
C GLU A 65 12.42 14.21 -2.86
N SER A 66 11.30 14.92 -3.09
CA SER A 66 10.18 14.98 -2.12
C SER A 66 9.27 13.75 -2.24
N ALA A 67 8.76 13.27 -1.09
CA ALA A 67 8.01 12.01 -0.99
C ALA A 67 6.49 12.22 -1.22
N LEU A 68 6.02 11.80 -2.40
CA LEU A 68 4.60 11.75 -2.75
C LEU A 68 4.12 10.31 -2.49
N ILE A 69 3.05 10.11 -1.70
CA ILE A 69 2.45 8.78 -1.54
C ILE A 69 1.21 8.67 -2.45
N LEU A 70 1.16 7.55 -3.19
CA LEU A 70 0.09 7.21 -4.11
C LEU A 70 -0.87 6.22 -3.42
N LEU A 71 -2.05 6.70 -3.06
CA LEU A 71 -3.09 5.88 -2.42
C LEU A 71 -4.03 5.39 -3.51
N LEU A 72 -4.07 4.07 -3.73
CA LEU A 72 -4.97 3.46 -4.73
C LEU A 72 -6.43 3.48 -4.20
N THR A 73 -7.40 3.19 -5.09
CA THR A 73 -8.87 3.17 -4.82
C THR A 73 -9.23 2.73 -3.37
N LEU A 74 -9.47 3.72 -2.52
CA LEU A 74 -10.00 3.52 -1.17
C LEU A 74 -11.54 3.62 -1.25
N ARG A 75 -12.09 4.82 -1.07
CA ARG A 75 -13.52 5.12 -1.21
C ARG A 75 -13.66 6.56 -1.71
N GLY B 1 13.82 19.99 -14.02
CA GLY B 1 13.42 20.69 -12.78
C GLY B 1 13.92 19.96 -11.55
N MET B 2 12.99 19.51 -10.70
CA MET B 2 13.29 18.85 -9.42
C MET B 2 12.64 17.47 -9.38
N GLN B 3 13.30 16.55 -8.70
CA GLN B 3 12.89 15.14 -8.65
C GLN B 3 11.83 14.92 -7.58
N ILE B 4 11.14 13.77 -7.65
CA ILE B 4 10.19 13.32 -6.62
C ILE B 4 10.19 11.79 -6.56
N PHE B 5 9.78 11.29 -5.39
CA PHE B 5 9.71 9.86 -5.09
C PHE B 5 8.24 9.48 -4.85
N VAL B 6 7.61 8.79 -5.82
CA VAL B 6 6.17 8.45 -5.72
C VAL B 6 5.97 6.99 -5.24
N ASP B 7 5.51 6.84 -3.99
CA ASP B 7 5.40 5.54 -3.31
C ASP B 7 4.06 4.87 -3.68
N THR B 8 4.11 3.91 -4.63
CA THR B 8 2.92 3.29 -5.23
C THR B 8 2.64 1.91 -4.67
N VAL B 9 1.35 1.57 -4.57
CA VAL B 9 0.90 0.17 -4.44
C VAL B 9 0.05 -0.23 -5.64
N GLN B 10 0.43 -1.36 -6.27
CA GLN B 10 -0.39 -2.06 -7.26
C GLN B 10 -0.73 -3.47 -6.74
N TRP B 11 -1.89 -3.60 -6.08
CA TRP B 11 -2.45 -4.90 -5.67
C TRP B 11 -3.26 -5.47 -6.84
N LYS B 12 -2.97 -6.71 -7.18
CA LYS B 12 -3.61 -7.45 -8.29
C LYS B 12 -3.76 -8.92 -7.90
N THR B 13 -4.94 -9.48 -8.14
CA THR B 13 -5.23 -10.89 -7.90
C THR B 13 -5.09 -11.66 -9.22
N ILE B 14 -4.12 -12.59 -9.27
CA ILE B 14 -3.93 -13.49 -10.41
C ILE B 14 -4.73 -14.77 -10.15
N THR B 15 -5.11 -15.46 -11.23
CA THR B 15 -5.85 -16.71 -11.17
C THR B 15 -5.06 -17.79 -11.89
N LEU B 16 -4.90 -18.93 -11.25
CA LEU B 16 -4.19 -20.09 -11.79
C LEU B 16 -5.01 -21.33 -11.37
N GLU B 17 -5.02 -22.40 -12.19
CA GLU B 17 -5.57 -23.70 -11.78
C GLU B 17 -4.45 -24.72 -11.82
N VAL B 18 -4.24 -25.41 -10.70
CA VAL B 18 -3.08 -26.28 -10.52
C VAL B 18 -3.56 -27.64 -9.95
N GLU B 19 -2.65 -28.64 -9.89
CA GLU B 19 -2.96 -30.00 -9.41
C GLU B 19 -2.09 -30.33 -8.20
N PRO B 20 -2.62 -31.14 -7.22
CA PRO B 20 -1.87 -31.53 -6.01
C PRO B 20 -0.53 -32.22 -6.30
N SER B 21 -0.50 -33.04 -7.37
CA SER B 21 0.66 -33.87 -7.72
C SER B 21 1.75 -33.07 -8.45
N ASP B 22 1.45 -31.81 -8.85
CA ASP B 22 2.43 -30.94 -9.52
C ASP B 22 3.32 -30.26 -8.50
N THR B 23 4.48 -29.81 -8.97
CA THR B 23 5.46 -29.05 -8.17
C THR B 23 5.16 -27.54 -8.23
N ILE B 24 5.88 -26.78 -7.40
CA ILE B 24 5.76 -25.32 -7.34
C ILE B 24 6.52 -24.68 -8.53
N GLU B 25 7.51 -25.42 -9.07
CA GLU B 25 8.34 -24.98 -10.23
C GLU B 25 7.46 -24.70 -11.47
N ASN B 26 6.29 -25.37 -11.53
CA ASN B 26 5.26 -25.10 -12.54
C ASN B 26 4.76 -23.65 -12.39
N VAL B 27 4.29 -23.32 -11.16
CA VAL B 27 3.75 -21.99 -10.83
C VAL B 27 4.80 -20.89 -11.10
N LYS B 28 6.06 -21.18 -10.72
CA LYS B 28 7.23 -20.32 -10.99
C LYS B 28 7.38 -20.06 -12.50
N ALA B 29 7.39 -21.15 -13.28
CA ALA B 29 7.60 -21.09 -14.73
C ALA B 29 6.45 -20.35 -15.43
N LYS B 30 5.22 -20.47 -14.88
CA LYS B 30 4.01 -19.85 -15.45
C LYS B 30 3.97 -18.33 -15.18
N ILE B 31 4.35 -17.90 -13.95
CA ILE B 31 4.41 -16.45 -13.63
C ILE B 31 5.62 -15.80 -14.35
N GLN B 32 6.68 -16.61 -14.58
CA GLN B 32 7.87 -16.18 -15.33
C GLN B 32 7.55 -16.04 -16.84
N ASP B 33 6.72 -16.97 -17.34
CA ASP B 33 6.31 -17.00 -18.75
C ASP B 33 5.35 -15.86 -19.07
N LYS B 34 4.30 -15.77 -18.25
CA LYS B 34 3.19 -14.84 -18.47
C LYS B 34 3.53 -13.43 -17.98
N GLU B 35 3.92 -13.32 -16.70
CA GLU B 35 4.07 -12.02 -16.03
C GLU B 35 5.53 -11.52 -16.10
N GLY B 36 6.45 -12.41 -16.52
CA GLY B 36 7.87 -12.08 -16.66
C GLY B 36 8.59 -11.92 -15.32
N ILE B 37 8.11 -12.65 -14.31
CA ILE B 37 8.63 -12.57 -12.92
C ILE B 37 9.81 -13.55 -12.73
N PRO B 38 11.04 -13.03 -12.40
CA PRO B 38 12.20 -13.89 -12.04
C PRO B 38 11.92 -14.67 -10.72
N PRO B 39 12.17 -16.03 -10.69
CA PRO B 39 12.09 -16.87 -9.45
C PRO B 39 12.78 -16.25 -8.22
N ASP B 40 13.97 -15.69 -8.47
CA ASP B 40 14.83 -15.06 -7.45
C ASP B 40 14.16 -13.83 -6.82
N GLN B 41 13.35 -13.11 -7.65
CA GLN B 41 12.65 -11.88 -7.23
C GLN B 41 11.23 -12.18 -6.68
N GLN B 42 10.82 -13.44 -6.80
CA GLN B 42 9.52 -13.95 -6.33
C GLN B 42 9.59 -14.37 -4.85
N ARG B 43 8.56 -13.99 -4.06
CA ARG B 43 8.31 -14.54 -2.71
C ARG B 43 6.81 -14.87 -2.59
N LEU B 44 6.44 -16.10 -3.00
CA LEU B 44 5.09 -16.64 -2.81
C LEU B 44 4.96 -17.19 -1.38
N ASP B 45 4.24 -16.45 -0.52
CA ASP B 45 3.87 -16.88 0.83
C ASP B 45 2.43 -17.39 0.80
N PHE B 46 2.18 -18.49 1.51
CA PHE B 46 0.83 -19.08 1.65
C PHE B 46 0.58 -19.36 3.13
N ALA B 47 -0.21 -18.49 3.78
CA ALA B 47 -0.62 -18.63 5.19
C ALA B 47 0.61 -18.84 6.12
N GLY B 48 1.73 -18.15 5.82
CA GLY B 48 2.95 -18.21 6.61
C GLY B 48 4.00 -19.20 6.09
N LYS B 49 3.63 -20.13 5.19
CA LYS B 49 4.58 -21.10 4.60
C LYS B 49 4.87 -20.74 3.12
N GLN B 50 6.16 -20.50 2.81
CA GLN B 50 6.59 -20.21 1.44
C GLN B 50 6.59 -21.50 0.61
N LEU B 51 6.13 -21.40 -0.64
CA LEU B 51 6.06 -22.51 -1.58
C LEU B 51 7.47 -22.80 -2.14
N GLU B 52 8.01 -23.98 -1.81
CA GLU B 52 9.38 -24.39 -2.22
C GLU B 52 9.32 -24.98 -3.64
N ASP B 53 10.21 -24.49 -4.52
CA ASP B 53 10.25 -24.79 -5.97
C ASP B 53 10.03 -26.29 -6.31
N GLY B 54 10.88 -27.15 -5.75
CA GLY B 54 10.87 -28.58 -6.05
C GLY B 54 9.92 -29.40 -5.18
N ARG B 55 8.98 -28.73 -4.49
CA ARG B 55 7.97 -29.37 -3.62
C ARG B 55 6.60 -29.33 -4.33
N THR B 56 5.63 -30.14 -3.85
CA THR B 56 4.31 -30.24 -4.48
C THR B 56 3.28 -29.34 -3.79
N LEU B 57 2.15 -29.16 -4.50
CA LEU B 57 0.97 -28.45 -4.00
C LEU B 57 0.30 -29.27 -2.88
N SER B 58 0.30 -30.61 -3.05
CA SER B 58 -0.29 -31.55 -2.07
C SER B 58 0.46 -31.52 -0.75
N ASP B 59 1.80 -31.37 -0.84
CA ASP B 59 2.68 -31.30 0.33
C ASP B 59 2.33 -30.09 1.21
N TYR B 60 1.77 -29.05 0.57
CA TYR B 60 1.36 -27.80 1.25
C TYR B 60 -0.16 -27.78 1.52
N ASN B 61 -0.88 -28.83 1.05
CA ASN B 61 -2.35 -28.94 1.14
C ASN B 61 -3.02 -27.68 0.57
N ILE B 62 -2.77 -27.44 -0.71
CA ILE B 62 -3.31 -26.28 -1.42
C ILE B 62 -4.79 -26.53 -1.77
N GLN B 63 -5.69 -25.71 -1.22
CA GLN B 63 -7.13 -25.80 -1.50
C GLN B 63 -7.47 -24.98 -2.75
N LYS B 64 -8.58 -25.36 -3.41
CA LYS B 64 -9.15 -24.56 -4.48
C LYS B 64 -9.52 -23.18 -3.94
N GLU B 65 -9.26 -22.16 -4.75
CA GLU B 65 -9.43 -20.74 -4.43
C GLU B 65 -8.57 -20.29 -3.21
N SER B 66 -7.47 -21.04 -2.91
CA SER B 66 -6.48 -20.61 -1.90
C SER B 66 -5.86 -19.25 -2.26
N ALA B 67 -5.63 -18.39 -1.25
CA ALA B 67 -4.98 -17.07 -1.45
C ALA B 67 -3.51 -17.13 -1.00
N LEU B 68 -2.61 -16.89 -1.96
CA LEU B 68 -1.15 -16.90 -1.75
C LEU B 68 -0.64 -15.53 -2.17
N ILE B 69 0.10 -14.84 -1.31
CA ILE B 69 0.54 -13.47 -1.63
C ILE B 69 1.91 -13.54 -2.32
N LEU B 70 2.04 -12.81 -3.41
CA LEU B 70 3.24 -12.76 -4.22
C LEU B 70 3.92 -11.42 -3.96
N LEU B 71 4.89 -11.47 -3.08
CA LEU B 71 5.65 -10.32 -2.65
C LEU B 71 6.94 -10.24 -3.50
N LEU B 72 7.50 -9.03 -3.63
CA LEU B 72 8.82 -8.81 -4.26
C LEU B 72 9.90 -9.40 -3.31
N THR B 73 11.08 -9.74 -3.87
CA THR B 73 12.19 -10.37 -3.11
C THR B 73 12.51 -9.64 -1.77
N LEU B 74 11.81 -10.11 -0.71
CA LEU B 74 11.93 -9.63 0.69
C LEU B 74 11.40 -10.76 1.60
N ARG B 75 10.99 -10.42 2.83
CA ARG B 75 10.26 -11.35 3.72
C ARG B 75 9.46 -10.52 4.76
N GLY C 1 -13.96 12.45 1.18
CA GLY C 1 -14.96 11.73 1.98
C GLY C 1 -16.00 12.67 2.57
N SER C 2 -16.18 12.59 3.90
CA SER C 2 -17.17 13.41 4.62
C SER C 2 -16.61 14.84 4.86
N GLU C 3 -16.91 15.75 3.91
CA GLU C 3 -16.56 17.18 4.02
C GLU C 3 -17.43 17.91 5.05
N SER C 4 -18.52 17.25 5.48
CA SER C 4 -19.50 17.79 6.43
C SER C 4 -18.92 17.89 7.88
N ASP C 5 -17.63 17.49 8.06
CA ASP C 5 -16.87 17.73 9.29
C ASP C 5 -16.60 19.24 9.48
N SER C 6 -16.75 19.72 10.72
CA SER C 6 -16.56 21.14 11.08
C SER C 6 -15.97 21.26 12.49
N GLY C 7 -15.21 20.23 12.90
CA GLY C 7 -14.60 20.17 14.23
C GLY C 7 -13.52 21.23 14.43
N MET C 8 -13.77 22.24 15.31
CA MET C 8 -12.82 23.34 15.57
C MET C 8 -12.95 23.90 17.00
N ALA C 9 -11.82 24.44 17.50
CA ALA C 9 -11.70 25.05 18.85
C ALA C 9 -10.34 25.78 19.00
N SER C 10 -9.71 26.10 17.86
CA SER C 10 -8.32 26.62 17.76
C SER C 10 -7.27 25.66 18.36
N GLN C 11 -7.62 24.36 18.45
CA GLN C 11 -6.75 23.32 19.04
C GLN C 11 -7.31 21.91 18.74
N ALA C 12 -8.62 21.74 18.97
CA ALA C 12 -9.32 20.44 18.75
C ALA C 12 -9.36 20.09 17.25
N ASP C 13 -9.51 21.14 16.43
CA ASP C 13 -9.51 21.06 14.94
C ASP C 13 -8.34 20.27 14.41
N GLN C 14 -7.11 20.78 14.65
CA GLN C 14 -5.89 20.21 14.09
C GLN C 14 -5.77 18.73 14.45
N LYS C 15 -5.94 18.39 15.73
CA LYS C 15 -5.72 17.03 16.24
C LYS C 15 -6.71 16.04 15.61
N GLU C 16 -7.97 16.45 15.60
CA GLU C 16 -9.06 15.73 14.92
C GLU C 16 -8.71 15.41 13.46
N GLU C 17 -8.35 16.45 12.70
CA GLU C 17 -8.21 16.33 11.23
C GLU C 17 -6.88 15.64 10.86
N GLU C 18 -5.83 15.85 11.71
CA GLU C 18 -4.51 15.23 11.53
C GLU C 18 -4.63 13.73 11.73
N LEU C 19 -5.24 13.34 12.87
CA LEU C 19 -5.51 11.93 13.20
C LEU C 19 -6.33 11.26 12.10
N LEU C 20 -7.36 11.98 11.63
CA LEU C 20 -8.27 11.50 10.57
C LEU C 20 -7.49 11.34 9.23
N LEU C 21 -6.54 12.25 8.97
CA LEU C 21 -5.73 12.27 7.71
C LEU C 21 -4.69 11.13 7.73
N PHE C 22 -4.06 10.93 8.91
CA PHE C 22 -3.16 9.79 9.18
C PHE C 22 -3.93 8.48 8.97
N TRP C 23 -5.17 8.48 9.47
CA TRP C 23 -6.09 7.37 9.33
C TRP C 23 -6.46 7.14 7.85
N THR C 24 -6.63 8.25 7.08
CA THR C 24 -6.91 8.18 5.62
C THR C 24 -5.76 7.47 4.89
N TYR C 25 -4.52 7.73 5.36
CA TYR C 25 -3.33 6.97 4.93
C TYR C 25 -3.51 5.47 5.24
N ILE C 26 -3.72 5.15 6.53
CA ILE C 26 -3.74 3.74 7.01
C ILE C 26 -4.93 2.95 6.43
N GLN C 27 -5.99 3.67 6.03
CA GLN C 27 -7.16 3.07 5.38
C GLN C 27 -6.74 2.52 4.00
N ALA C 28 -6.27 3.43 3.11
CA ALA C 28 -5.86 3.06 1.73
C ALA C 28 -4.61 2.17 1.74
N MET C 29 -3.83 2.30 2.82
CA MET C 29 -2.68 1.43 3.11
C MET C 29 -3.17 -0.01 3.28
N LEU C 30 -4.08 -0.23 4.23
CA LEU C 30 -4.58 -1.58 4.59
C LEU C 30 -5.63 -2.10 3.57
N THR C 31 -6.12 -1.20 2.71
CA THR C 31 -7.03 -1.51 1.61
C THR C 31 -6.29 -2.24 0.46
N ASN C 32 -4.96 -2.07 0.40
CA ASN C 32 -4.12 -2.72 -0.61
C ASN C 32 -3.05 -3.59 0.06
N LEU C 33 -2.32 -2.98 1.01
CA LEU C 33 -1.37 -3.69 1.91
C LEU C 33 -2.12 -4.31 3.09
N GLU C 34 -3.05 -5.21 2.76
CA GLU C 34 -3.80 -5.98 3.76
C GLU C 34 -2.89 -7.10 4.33
N SER C 35 -2.09 -6.67 5.35
CA SER C 35 -1.21 -7.48 6.24
C SER C 35 0.20 -6.87 6.21
N LEU C 36 0.55 -6.20 7.31
CA LEU C 36 1.89 -5.63 7.52
C LEU C 36 2.14 -5.44 9.03
N SER C 37 3.41 -5.38 9.44
CA SER C 37 3.77 -5.17 10.85
C SER C 37 3.39 -3.73 11.31
N LEU C 38 3.24 -3.56 12.63
CA LEU C 38 2.97 -2.24 13.27
C LEU C 38 4.13 -1.27 12.96
N ASP C 39 5.38 -1.80 12.95
CA ASP C 39 6.60 -1.00 12.67
C ASP C 39 6.54 -0.31 11.29
N ARG C 40 5.86 -0.96 10.33
CA ARG C 40 5.75 -0.45 8.95
C ARG C 40 4.86 0.80 8.90
N ILE C 41 3.65 0.71 9.49
CA ILE C 41 2.69 1.83 9.52
C ILE C 41 3.16 2.94 10.49
N TYR C 42 3.96 2.56 11.52
CA TYR C 42 4.61 3.55 12.39
C TYR C 42 5.57 4.40 11.55
N ASN C 43 6.45 3.72 10.79
CA ASN C 43 7.43 4.35 9.88
C ASN C 43 6.77 5.29 8.87
N MET C 44 5.63 4.83 8.29
CA MET C 44 4.84 5.63 7.34
C MET C 44 4.35 6.93 8.00
N LEU C 45 3.55 6.78 9.07
CA LEU C 45 3.01 7.92 9.85
C LEU C 45 4.11 8.82 10.40
N ARG C 46 5.28 8.22 10.68
CA ARG C 46 6.45 8.93 11.18
C ARG C 46 6.99 9.89 10.11
N MET C 47 7.05 9.41 8.85
CA MET C 47 7.41 10.26 7.69
C MET C 47 6.41 11.42 7.60
N PHE C 48 5.12 11.07 7.60
CA PHE C 48 4.01 12.05 7.48
C PHE C 48 4.00 13.08 8.64
N VAL C 49 4.43 12.65 9.83
CA VAL C 49 4.40 13.49 11.06
C VAL C 49 5.66 14.39 11.14
N VAL C 50 6.80 13.94 10.55
CA VAL C 50 8.06 14.69 10.56
C VAL C 50 8.16 15.68 9.36
N THR C 51 7.47 15.33 8.24
CA THR C 51 7.50 16.16 6.99
C THR C 51 6.84 17.53 7.20
N GLY C 52 5.94 17.60 8.17
CA GLY C 52 5.25 18.84 8.54
C GLY C 52 5.37 19.11 10.03
N PRO C 53 4.63 20.12 10.57
CA PRO C 53 4.59 20.42 12.01
C PRO C 53 3.58 19.51 12.77
N ALA C 54 3.09 18.47 12.04
CA ALA C 54 2.02 17.57 12.46
C ALA C 54 2.24 17.01 13.86
N LEU C 55 1.41 17.47 14.82
CA LEU C 55 1.37 16.99 16.22
C LEU C 55 2.72 17.16 16.97
N ALA C 56 3.68 17.88 16.35
CA ALA C 56 5.08 17.98 16.83
C ALA C 56 5.74 16.59 16.99
N GLU C 57 5.45 15.70 16.00
CA GLU C 57 5.94 14.29 15.93
C GLU C 57 5.25 13.41 17.00
N ILE C 58 4.49 12.40 16.54
CA ILE C 58 3.80 11.42 17.40
C ILE C 58 4.80 10.53 18.16
N ASP C 59 4.28 9.86 19.19
CA ASP C 59 5.05 8.97 20.05
C ASP C 59 4.47 7.55 19.94
N LEU C 60 5.21 6.57 20.49
CA LEU C 60 4.83 5.15 20.50
C LEU C 60 3.50 4.93 21.25
N GLN C 61 3.31 5.63 22.38
CA GLN C 61 2.06 5.53 23.18
C GLN C 61 0.86 6.06 22.36
N GLU C 62 1.09 7.13 21.59
CA GLU C 62 0.07 7.80 20.78
C GLU C 62 -0.35 6.88 19.61
N LEU C 63 0.66 6.30 18.96
CA LEU C 63 0.50 5.50 17.75
C LEU C 63 -0.09 4.11 18.11
N GLN C 64 0.50 3.46 19.13
CA GLN C 64 0.00 2.18 19.68
C GLN C 64 -1.45 2.33 20.18
N GLY C 65 -1.71 3.44 20.89
CA GLY C 65 -3.06 3.78 21.35
C GLY C 65 -4.05 3.99 20.22
N TYR C 66 -3.57 4.58 19.11
CA TYR C 66 -4.38 4.80 17.90
C TYR C 66 -4.84 3.44 17.30
N LEU C 67 -3.85 2.55 17.08
CA LEU C 67 -4.07 1.19 16.56
C LEU C 67 -5.01 0.39 17.47
N GLN C 68 -4.71 0.44 18.78
CA GLN C 68 -5.50 -0.20 19.86
C GLN C 68 -6.97 0.19 19.76
N LYS C 69 -7.22 1.51 19.60
CA LYS C 69 -8.56 2.04 19.43
C LYS C 69 -9.23 1.40 18.21
N LYS C 70 -8.55 1.47 17.05
CA LYS C 70 -9.09 0.92 15.80
C LYS C 70 -9.39 -0.60 15.89
N VAL C 71 -8.58 -1.36 16.65
CA VAL C 71 -8.83 -2.81 16.89
C VAL C 71 -10.15 -2.96 17.66
N ARG C 72 -10.27 -2.19 18.75
CA ARG C 72 -11.44 -2.22 19.66
C ARG C 72 -12.65 -1.42 19.10
N ASP C 73 -12.44 -0.72 17.96
CA ASP C 73 -13.49 0.04 17.23
C ASP C 73 -14.13 -0.84 16.12
N GLN C 74 -13.78 -2.15 16.08
CA GLN C 74 -14.20 -3.12 15.02
C GLN C 74 -13.65 -2.69 13.63
N GLN C 75 -12.60 -1.88 13.66
CA GLN C 75 -12.09 -1.14 12.49
C GLN C 75 -10.80 -1.78 11.95
N LEU C 76 -10.05 -2.47 12.84
CA LEU C 76 -8.76 -3.09 12.53
C LEU C 76 -8.78 -4.58 12.95
N VAL C 77 -7.98 -5.40 12.24
CA VAL C 77 -7.67 -6.78 12.65
C VAL C 77 -6.17 -6.88 12.98
N TYR C 78 -5.86 -7.50 14.13
CA TYR C 78 -4.50 -7.76 14.60
C TYR C 78 -4.27 -9.29 14.56
N SER C 79 -3.17 -9.68 13.93
CA SER C 79 -2.69 -11.06 13.91
C SER C 79 -1.40 -11.11 14.75
N ALA C 80 -0.40 -11.93 14.37
CA ALA C 80 0.88 -12.04 15.10
C ALA C 80 1.76 -10.79 14.90
N GLY C 81 1.37 -9.67 15.55
CA GLY C 81 2.14 -8.42 15.50
C GLY C 81 1.97 -7.72 14.16
N VAL C 82 0.88 -8.05 13.45
CA VAL C 82 0.62 -7.56 12.10
C VAL C 82 -0.83 -7.03 12.00
N TYR C 83 -0.98 -5.82 11.43
CA TYR C 83 -2.27 -5.18 11.21
C TYR C 83 -2.75 -5.34 9.77
N ARG C 84 -4.10 -5.39 9.62
CA ARG C 84 -4.78 -5.39 8.32
C ARG C 84 -6.24 -4.95 8.49
N LEU C 85 -6.76 -4.23 7.48
CA LEU C 85 -8.20 -3.90 7.41
C LEU C 85 -8.99 -5.18 7.08
N PRO C 86 -9.99 -5.57 7.94
CA PRO C 86 -10.81 -6.79 7.75
C PRO C 86 -11.54 -6.87 6.38
N LYS C 87 -11.72 -5.70 5.71
CA LYS C 87 -12.43 -5.56 4.40
C LYS C 87 -13.96 -5.72 4.53
N ASN C 88 -14.44 -6.10 5.73
CA ASN C 88 -15.86 -6.41 6.02
C ASN C 88 -15.97 -6.87 7.48
N CYS C 89 -17.19 -7.21 7.92
CA CYS C 89 -17.44 -7.81 9.25
C CYS C 89 -18.23 -9.12 9.12
N SER C 90 -18.67 -9.44 7.87
CA SER C 90 -19.48 -10.64 7.54
C SER C 90 -20.86 -10.59 8.25
N GLY A 1 -5.36 -30.28 -14.59
CA GLY A 1 -5.40 -29.98 -13.14
C GLY A 1 -6.20 -28.74 -12.82
N MET A 2 -5.79 -28.03 -11.76
CA MET A 2 -6.50 -26.84 -11.30
C MET A 2 -5.59 -25.64 -11.50
N GLN A 3 -6.21 -24.55 -11.88
CA GLN A 3 -5.54 -23.31 -12.20
C GLN A 3 -5.67 -22.36 -11.02
N ILE A 4 -4.74 -21.43 -10.91
CA ILE A 4 -4.69 -20.49 -9.79
C ILE A 4 -4.46 -19.08 -10.32
N PHE A 5 -4.81 -18.11 -9.48
CA PHE A 5 -4.53 -16.70 -9.72
C PHE A 5 -3.43 -16.27 -8.74
N VAL A 6 -2.25 -15.94 -9.27
CA VAL A 6 -1.15 -15.45 -8.43
C VAL A 6 -1.29 -13.92 -8.38
N ASP A 7 -1.98 -13.43 -7.35
CA ASP A 7 -2.34 -12.02 -7.25
C ASP A 7 -1.32 -11.29 -6.35
N THR A 8 -0.38 -10.61 -7.01
CA THR A 8 0.70 -9.87 -6.37
C THR A 8 0.28 -8.41 -6.18
N VAL A 9 0.69 -7.83 -5.04
CA VAL A 9 0.52 -6.42 -4.75
C VAL A 9 1.79 -5.68 -5.20
N GLN A 10 1.62 -4.65 -6.02
CA GLN A 10 2.74 -3.86 -6.59
C GLN A 10 2.77 -2.47 -5.95
N TRP A 11 3.40 -2.44 -4.77
CA TRP A 11 3.72 -1.24 -3.99
C TRP A 11 5.18 -0.89 -4.26
N LYS A 12 5.38 0.25 -4.93
CA LYS A 12 6.70 0.63 -5.47
C LYS A 12 6.73 2.13 -5.74
N THR A 13 7.92 2.72 -5.58
CA THR A 13 8.10 4.17 -5.70
C THR A 13 8.75 4.50 -7.07
N ILE A 14 8.04 5.33 -7.86
CA ILE A 14 8.43 5.68 -9.24
C ILE A 14 9.23 6.99 -9.22
N THR A 15 10.35 7.05 -9.91
CA THR A 15 11.12 8.30 -10.07
C THR A 15 10.79 8.93 -11.43
N LEU A 16 10.38 10.19 -11.39
CA LEU A 16 10.08 10.99 -12.60
C LEU A 16 10.52 12.43 -12.36
N GLU A 17 10.48 13.25 -13.40
CA GLU A 17 10.71 14.69 -13.31
C GLU A 17 9.39 15.45 -13.47
N VAL A 18 9.42 16.71 -13.02
CA VAL A 18 8.33 17.66 -13.24
C VAL A 18 8.85 19.12 -13.15
N GLU A 19 8.08 20.09 -13.71
CA GLU A 19 8.43 21.53 -13.70
C GLU A 19 7.54 22.28 -12.70
N PRO A 20 8.13 23.26 -11.94
CA PRO A 20 7.37 24.05 -10.93
C PRO A 20 6.34 24.98 -11.59
N SER A 21 6.61 25.33 -12.86
CA SER A 21 5.81 26.24 -13.66
C SER A 21 4.55 25.58 -14.24
N ASP A 22 4.54 24.23 -14.32
CA ASP A 22 3.46 23.49 -14.99
C ASP A 22 2.34 23.17 -13.99
N THR A 23 1.17 22.78 -14.52
CA THR A 23 0.04 22.28 -13.73
C THR A 23 0.30 20.85 -13.22
N ILE A 24 -0.38 20.53 -12.10
CA ILE A 24 -0.42 19.17 -11.51
C ILE A 24 -0.86 18.11 -12.53
N GLU A 25 -1.66 18.58 -13.50
CA GLU A 25 -2.19 17.83 -14.62
C GLU A 25 -1.13 16.92 -15.29
N ASN A 26 0.13 17.42 -15.44
CA ASN A 26 1.21 16.62 -16.07
C ASN A 26 1.58 15.41 -15.20
N VAL A 27 1.74 15.63 -13.87
CA VAL A 27 2.14 14.57 -12.91
C VAL A 27 1.10 13.47 -12.89
N LYS A 28 -0.14 13.94 -12.68
CA LYS A 28 -1.34 13.13 -12.58
C LYS A 28 -1.56 12.29 -13.86
N ALA A 29 -1.30 12.92 -15.02
CA ALA A 29 -1.42 12.26 -16.33
C ALA A 29 -0.27 11.26 -16.56
N LYS A 30 0.94 11.58 -16.04
CA LYS A 30 2.13 10.71 -16.17
C LYS A 30 1.91 9.39 -15.43
N ILE A 31 1.52 9.48 -14.16
CA ILE A 31 1.28 8.29 -13.31
C ILE A 31 -0.01 7.54 -13.75
N GLN A 32 -0.99 8.28 -14.32
CA GLN A 32 -2.18 7.67 -14.98
C GLN A 32 -1.78 6.89 -16.24
N ASP A 33 -0.78 7.43 -16.97
CA ASP A 33 -0.30 6.84 -18.24
C ASP A 33 0.56 5.60 -17.98
N LYS A 34 1.48 5.72 -17.02
CA LYS A 34 2.47 4.70 -16.71
C LYS A 34 1.86 3.61 -15.82
N GLU A 35 1.32 4.02 -14.65
CA GLU A 35 0.87 3.10 -13.60
C GLU A 35 -0.63 2.78 -13.71
N GLY A 36 -1.33 3.48 -14.63
CA GLY A 36 -2.74 3.22 -14.92
C GLY A 36 -3.69 3.64 -13.80
N ILE A 37 -3.21 4.54 -12.91
CA ILE A 37 -4.01 5.00 -11.77
C ILE A 37 -5.06 6.04 -12.26
N PRO A 38 -6.40 5.77 -12.08
CA PRO A 38 -7.46 6.75 -12.44
C PRO A 38 -7.69 7.78 -11.30
N PRO A 39 -7.26 9.09 -11.45
CA PRO A 39 -7.33 10.15 -10.38
C PRO A 39 -8.70 10.27 -9.68
N ASP A 40 -9.75 10.00 -10.45
CA ASP A 40 -11.16 9.98 -9.97
C ASP A 40 -11.33 9.03 -8.76
N GLN A 41 -10.74 7.83 -8.89
CA GLN A 41 -10.79 6.78 -7.85
C GLN A 41 -9.37 6.52 -7.26
N GLN A 42 -8.44 7.46 -7.48
CA GLN A 42 -7.08 7.43 -6.92
C GLN A 42 -6.84 8.75 -6.21
N ARG A 43 -6.79 8.72 -4.88
CA ARG A 43 -6.53 9.89 -4.04
C ARG A 43 -5.00 10.21 -4.05
N LEU A 44 -4.64 11.23 -4.87
CA LEU A 44 -3.26 11.79 -4.91
C LEU A 44 -3.04 12.67 -3.69
N ILE A 45 -2.09 12.29 -2.83
CA ILE A 45 -1.71 13.09 -1.65
C ILE A 45 -0.19 13.38 -1.69
N PHE A 46 0.19 14.64 -1.49
CA PHE A 46 1.58 15.09 -1.56
C PHE A 46 1.92 15.76 -0.22
N ALA A 47 2.55 15.00 0.69
CA ALA A 47 2.95 15.48 2.04
C ALA A 47 1.73 16.00 2.85
N GLY A 48 0.56 15.36 2.63
CA GLY A 48 -0.71 15.75 3.27
C GLY A 48 -1.60 16.67 2.43
N LYS A 49 -1.11 17.11 1.26
CA LYS A 49 -1.83 18.07 0.39
C LYS A 49 -2.57 17.33 -0.75
N GLN A 50 -3.89 17.54 -0.87
CA GLN A 50 -4.71 16.97 -1.96
C GLN A 50 -4.52 17.81 -3.23
N LEU A 51 -4.10 17.16 -4.31
CA LEU A 51 -3.68 17.81 -5.54
C LEU A 51 -4.88 18.13 -6.46
N GLU A 52 -5.07 19.43 -6.74
CA GLU A 52 -6.07 19.93 -7.70
C GLU A 52 -5.49 19.81 -9.13
N ASP A 53 -6.32 19.30 -10.06
CA ASP A 53 -5.98 19.06 -11.49
C ASP A 53 -5.26 20.27 -12.12
N GLY A 54 -5.90 21.43 -11.99
CA GLY A 54 -5.44 22.67 -12.61
C GLY A 54 -4.60 23.53 -11.69
N ARG A 55 -4.07 22.94 -10.59
CA ARG A 55 -3.18 23.65 -9.66
C ARG A 55 -1.77 23.68 -10.26
N THR A 56 -0.84 24.40 -9.64
CA THR A 56 0.55 24.48 -10.12
C THR A 56 1.45 23.72 -9.14
N LEU A 57 2.57 23.17 -9.63
CA LEU A 57 3.55 22.48 -8.77
C LEU A 57 4.14 23.47 -7.74
N SER A 58 4.53 24.67 -8.21
CA SER A 58 5.14 25.71 -7.35
C SER A 58 4.20 26.17 -6.22
N ASP A 59 2.87 26.11 -6.48
CA ASP A 59 1.81 26.39 -5.48
C ASP A 59 2.00 25.52 -4.21
N TYR A 60 2.42 24.26 -4.42
CA TYR A 60 2.62 23.28 -3.33
C TYR A 60 4.07 23.29 -2.82
N ASN A 61 4.95 24.07 -3.52
CA ASN A 61 6.40 24.13 -3.26
C ASN A 61 6.99 22.71 -3.41
N ILE A 62 6.75 22.14 -4.60
CA ILE A 62 7.27 20.82 -5.00
C ILE A 62 8.78 20.93 -5.21
N GLN A 63 9.51 20.59 -4.16
CA GLN A 63 10.97 20.55 -4.19
C GLN A 63 11.46 19.26 -4.85
N LYS A 64 12.75 19.24 -5.20
CA LYS A 64 13.40 18.11 -5.87
C LYS A 64 13.42 16.88 -4.94
N GLU A 65 13.14 15.69 -5.52
CA GLU A 65 13.13 14.40 -4.83
C GLU A 65 12.05 14.30 -3.72
N SER A 66 10.97 15.11 -3.86
CA SER A 66 9.87 15.13 -2.89
C SER A 66 8.96 13.88 -3.07
N ALA A 67 8.47 13.34 -1.94
CA ALA A 67 7.73 12.07 -1.91
C ALA A 67 6.21 12.30 -2.07
N LEU A 68 5.67 11.87 -3.22
CA LEU A 68 4.22 11.80 -3.48
C LEU A 68 3.74 10.40 -3.02
N ILE A 69 2.52 10.33 -2.48
CA ILE A 69 1.91 9.06 -2.05
C ILE A 69 0.54 8.87 -2.77
N LEU A 70 0.39 7.69 -3.42
CA LEU A 70 -0.85 7.31 -4.14
C LEU A 70 -1.70 6.37 -3.29
N LEU A 71 -2.89 6.85 -2.89
CA LEU A 71 -3.88 6.08 -2.14
C LEU A 71 -5.02 5.73 -3.10
N LEU A 72 -5.26 4.44 -3.38
CA LEU A 72 -6.40 4.00 -4.25
C LEU A 72 -7.74 4.21 -3.52
N THR A 73 -8.87 3.97 -4.25
CA THR A 73 -10.24 3.94 -3.69
C THR A 73 -10.30 3.34 -2.26
N LEU A 74 -10.56 4.22 -1.29
CA LEU A 74 -10.72 3.84 0.12
C LEU A 74 -11.95 4.59 0.64
N ARG A 75 -11.78 5.90 0.75
CA ARG A 75 -12.82 6.81 1.29
C ARG A 75 -13.12 7.90 0.23
N GLY B 1 13.30 19.12 -15.32
CA GLY B 1 12.71 19.76 -14.12
C GLY B 1 13.29 19.21 -12.84
N MET B 2 12.57 19.42 -11.70
CA MET B 2 12.96 18.84 -10.42
C MET B 2 12.34 17.45 -10.32
N GLN B 3 13.02 16.53 -9.64
CA GLN B 3 12.59 15.14 -9.58
C GLN B 3 11.49 15.00 -8.51
N ILE B 4 10.65 13.98 -8.66
CA ILE B 4 9.72 13.52 -7.60
C ILE B 4 9.66 12.00 -7.57
N PHE B 5 9.34 11.46 -6.39
CA PHE B 5 9.21 10.02 -6.16
C PHE B 5 7.74 9.71 -5.81
N VAL B 6 6.97 9.17 -6.78
CA VAL B 6 5.53 8.91 -6.59
C VAL B 6 5.32 7.43 -6.25
N ASP B 7 4.96 7.17 -4.99
CA ASP B 7 4.79 5.81 -4.48
C ASP B 7 3.40 5.29 -4.87
N THR B 8 3.38 4.42 -5.88
CA THR B 8 2.18 3.84 -6.47
C THR B 8 1.91 2.45 -5.89
N VAL B 9 0.63 2.08 -5.75
CA VAL B 9 0.26 0.69 -5.50
C VAL B 9 -0.94 0.26 -6.36
N GLN B 10 -0.74 -0.84 -7.11
CA GLN B 10 -1.79 -1.48 -7.94
C GLN B 10 -1.78 -3.00 -7.67
N TRP B 11 -2.99 -3.61 -7.63
CA TRP B 11 -3.15 -5.09 -7.63
C TRP B 11 -2.70 -5.64 -9.01
N LYS B 12 -2.21 -6.89 -9.06
CA LYS B 12 -1.83 -7.51 -10.34
C LYS B 12 -2.08 -9.03 -10.25
N THR B 13 -3.06 -9.52 -11.02
CA THR B 13 -3.42 -10.94 -11.05
C THR B 13 -2.69 -11.65 -12.21
N ILE B 14 -2.07 -12.80 -11.88
CA ILE B 14 -1.43 -13.71 -12.85
C ILE B 14 -2.26 -15.00 -12.92
N THR B 15 -2.09 -15.76 -14.01
CA THR B 15 -2.80 -17.05 -14.22
C THR B 15 -1.77 -18.15 -14.44
N LEU B 16 -1.90 -19.22 -13.65
CA LEU B 16 -1.02 -20.41 -13.67
C LEU B 16 -1.94 -21.64 -13.66
N GLU B 17 -1.51 -22.78 -14.23
CA GLU B 17 -2.21 -24.08 -14.06
C GLU B 17 -1.26 -25.08 -13.42
N VAL B 18 -1.72 -25.73 -12.35
CA VAL B 18 -0.90 -26.65 -11.55
C VAL B 18 -1.68 -27.96 -11.29
N GLU B 19 -0.99 -28.98 -10.78
CA GLU B 19 -1.59 -30.29 -10.44
C GLU B 19 -1.56 -30.48 -8.92
N PRO B 20 -2.46 -31.34 -8.34
CA PRO B 20 -2.41 -31.70 -6.91
C PRO B 20 -1.10 -32.45 -6.58
N SER B 21 -0.55 -33.15 -7.58
CA SER B 21 0.64 -33.99 -7.46
C SER B 21 1.96 -33.18 -7.52
N ASP B 22 1.86 -31.89 -7.85
CA ASP B 22 3.03 -30.99 -7.89
C ASP B 22 3.40 -30.55 -6.47
N THR B 23 4.66 -30.15 -6.28
CA THR B 23 5.13 -29.48 -5.07
C THR B 23 5.06 -27.96 -5.23
N ILE B 24 5.17 -27.27 -4.09
CA ILE B 24 5.13 -25.81 -4.00
C ILE B 24 6.46 -25.20 -4.52
N GLU B 25 7.54 -26.01 -4.50
CA GLU B 25 8.84 -25.63 -5.10
C GLU B 25 8.65 -25.30 -6.60
N ASN B 26 7.69 -26.00 -7.23
CA ASN B 26 7.35 -25.84 -8.63
C ASN B 26 6.68 -24.49 -8.87
N VAL B 27 5.59 -24.19 -8.10
CA VAL B 27 4.79 -22.96 -8.28
C VAL B 27 5.65 -21.69 -8.01
N LYS B 28 6.54 -21.77 -6.98
CA LYS B 28 7.46 -20.66 -6.68
C LYS B 28 8.54 -20.53 -7.79
N ALA B 29 8.99 -21.69 -8.35
CA ALA B 29 9.93 -21.71 -9.48
C ALA B 29 9.24 -21.28 -10.79
N LYS B 30 7.88 -21.37 -10.85
CA LYS B 30 7.08 -20.93 -12.02
C LYS B 30 6.97 -19.40 -12.04
N ILE B 31 6.66 -18.80 -10.86
CA ILE B 31 6.60 -17.33 -10.74
C ILE B 31 8.01 -16.72 -10.93
N GLN B 32 9.06 -17.45 -10.47
CA GLN B 32 10.46 -17.07 -10.70
C GLN B 32 10.86 -17.15 -12.20
N ASP B 33 10.51 -18.28 -12.83
CA ASP B 33 10.87 -18.57 -14.25
C ASP B 33 10.23 -17.56 -15.19
N LYS B 34 8.92 -17.41 -15.05
CA LYS B 34 8.08 -16.61 -15.95
C LYS B 34 8.16 -15.12 -15.61
N GLU B 35 7.89 -14.77 -14.34
CA GLU B 35 7.64 -13.37 -13.95
C GLU B 35 8.92 -12.72 -13.41
N GLY B 36 9.94 -13.55 -13.08
CA GLY B 36 11.19 -13.06 -12.49
C GLY B 36 11.07 -12.79 -10.98
N ILE B 37 9.99 -13.30 -10.38
CA ILE B 37 9.69 -13.12 -8.95
C ILE B 37 10.71 -13.91 -8.10
N PRO B 38 11.46 -13.26 -7.14
CA PRO B 38 12.32 -14.00 -6.20
C PRO B 38 11.44 -14.92 -5.30
N PRO B 39 11.55 -16.28 -5.45
CA PRO B 39 10.52 -17.25 -4.98
C PRO B 39 10.35 -17.29 -3.44
N ASP B 40 11.46 -17.24 -2.73
CA ASP B 40 11.50 -17.27 -1.26
C ASP B 40 11.41 -15.86 -0.67
N GLN B 41 11.96 -14.87 -1.40
CA GLN B 41 11.94 -13.46 -0.99
C GLN B 41 10.55 -12.83 -1.22
N GLN B 42 9.76 -13.47 -2.08
CA GLN B 42 8.34 -13.19 -2.26
C GLN B 42 7.59 -14.52 -2.18
N ARG B 43 7.28 -14.89 -0.93
CA ARG B 43 6.58 -16.14 -0.58
C ARG B 43 5.07 -15.98 -0.79
N LEU B 44 4.44 -17.03 -1.34
CA LEU B 44 3.02 -17.02 -1.68
C LEU B 44 2.18 -17.33 -0.41
N ASP B 45 1.14 -16.53 -0.18
CA ASP B 45 0.23 -16.67 0.96
C ASP B 45 -1.19 -16.99 0.45
N PHE B 46 -1.87 -17.92 1.13
CA PHE B 46 -3.20 -18.41 0.75
C PHE B 46 -4.18 -18.09 1.88
N ALA B 47 -4.99 -17.03 1.71
CA ALA B 47 -6.09 -16.67 2.64
C ALA B 47 -5.63 -16.54 4.12
N GLY B 48 -4.33 -16.20 4.33
CA GLY B 48 -3.74 -16.08 5.67
C GLY B 48 -3.01 -17.35 6.16
N LYS B 49 -2.68 -18.26 5.23
CA LYS B 49 -1.83 -19.45 5.52
C LYS B 49 -0.83 -19.63 4.38
N GLN B 50 0.48 -19.53 4.69
CA GLN B 50 1.54 -19.64 3.68
C GLN B 50 1.71 -21.10 3.23
N LEU B 51 2.23 -21.31 2.02
CA LEU B 51 2.53 -22.64 1.48
C LEU B 51 4.04 -22.91 1.70
N GLU B 52 4.39 -24.00 2.45
CA GLU B 52 5.80 -24.46 2.57
C GLU B 52 6.30 -24.90 1.18
N ASP B 53 7.45 -24.38 0.77
CA ASP B 53 8.01 -24.63 -0.58
C ASP B 53 8.41 -26.11 -0.79
N GLY B 54 8.61 -26.83 0.33
CA GLY B 54 8.87 -28.27 0.30
C GLY B 54 7.62 -29.13 0.47
N ARG B 55 6.41 -28.52 0.31
CA ARG B 55 5.12 -29.21 0.51
C ARG B 55 4.48 -29.51 -0.85
N THR B 56 3.33 -30.19 -0.87
CA THR B 56 2.59 -30.55 -2.10
C THR B 56 1.29 -29.70 -2.21
N LEU B 57 0.77 -29.52 -3.45
CA LEU B 57 -0.50 -28.78 -3.72
C LEU B 57 -1.69 -29.52 -3.07
N SER B 58 -1.70 -30.87 -3.20
CA SER B 58 -2.78 -31.74 -2.67
C SER B 58 -2.88 -31.65 -1.14
N ASP B 59 -1.72 -31.43 -0.48
CA ASP B 59 -1.63 -31.28 1.00
C ASP B 59 -2.55 -30.15 1.50
N TYR B 60 -2.73 -29.12 0.66
CA TYR B 60 -3.57 -27.94 0.97
C TYR B 60 -4.95 -28.03 0.29
N ASN B 61 -5.13 -29.03 -0.60
CA ASN B 61 -6.33 -29.19 -1.45
C ASN B 61 -6.62 -27.88 -2.22
N ILE B 62 -5.59 -27.42 -2.94
CA ILE B 62 -5.63 -26.18 -3.74
C ILE B 62 -6.74 -26.24 -4.82
N GLN B 63 -7.65 -25.26 -4.83
CA GLN B 63 -8.80 -25.26 -5.73
C GLN B 63 -8.51 -24.49 -7.02
N LYS B 64 -9.26 -24.83 -8.07
CA LYS B 64 -9.22 -24.12 -9.34
C LYS B 64 -9.75 -22.69 -9.13
N GLU B 65 -9.11 -21.73 -9.82
CA GLU B 65 -9.32 -20.30 -9.66
C GLU B 65 -9.07 -19.81 -8.21
N SER B 66 -8.24 -20.56 -7.42
CA SER B 66 -7.77 -20.07 -6.09
C SER B 66 -6.95 -18.78 -6.24
N ALA B 67 -7.43 -17.68 -5.63
CA ALA B 67 -6.74 -16.38 -5.67
C ALA B 67 -5.82 -16.24 -4.45
N LEU B 68 -4.51 -16.47 -4.67
CA LEU B 68 -3.47 -16.37 -3.64
C LEU B 68 -2.88 -14.97 -3.65
N ILE B 69 -2.53 -14.44 -2.47
CA ILE B 69 -1.87 -13.13 -2.38
C ILE B 69 -0.36 -13.35 -2.21
N LEU B 70 0.43 -12.82 -3.14
CA LEU B 70 1.89 -12.89 -3.06
C LEU B 70 2.38 -11.90 -1.99
N LEU B 71 3.24 -12.40 -1.10
CA LEU B 71 3.72 -11.67 0.09
C LEU B 71 5.26 -11.57 0.07
N LEU B 72 5.79 -10.57 0.78
CA LEU B 72 7.24 -10.36 0.93
C LEU B 72 7.85 -11.38 1.92
N THR B 73 9.19 -11.51 1.88
CA THR B 73 9.98 -12.41 2.76
C THR B 73 9.75 -12.10 4.26
N LEU B 74 8.76 -12.80 4.83
CA LEU B 74 8.46 -12.87 6.27
C LEU B 74 7.10 -13.58 6.41
N ARG B 75 5.99 -12.80 6.45
CA ARG B 75 4.58 -13.27 6.47
C ARG B 75 3.66 -12.02 6.34
N GLY C 1 -13.86 15.75 0.14
CA GLY C 1 -12.44 15.70 0.57
C GLY C 1 -12.26 15.89 2.07
N SER C 2 -13.39 15.93 2.83
CA SER C 2 -13.36 16.14 4.30
C SER C 2 -14.67 15.65 4.92
N GLU C 3 -14.73 15.67 6.27
CA GLU C 3 -15.93 15.26 7.02
C GLU C 3 -16.96 16.40 7.03
N SER C 4 -16.46 17.64 7.25
CA SER C 4 -17.28 18.87 7.36
C SER C 4 -18.30 18.78 8.52
N ASP C 5 -17.99 17.90 9.50
CA ASP C 5 -18.85 17.62 10.67
C ASP C 5 -19.27 18.91 11.43
N SER C 6 -20.59 19.05 11.64
CA SER C 6 -21.18 20.18 12.38
C SER C 6 -20.87 20.07 13.89
N GLY C 7 -20.69 21.22 14.55
CA GLY C 7 -20.42 21.27 15.99
C GLY C 7 -19.00 20.85 16.33
N MET C 8 -18.04 21.20 15.46
CA MET C 8 -16.61 20.92 15.68
C MET C 8 -16.06 21.78 16.85
N ALA C 9 -14.94 21.35 17.44
CA ALA C 9 -14.30 22.04 18.58
C ALA C 9 -13.56 23.32 18.14
N SER C 10 -13.32 23.45 16.81
CA SER C 10 -12.64 24.59 16.17
C SER C 10 -11.16 24.72 16.63
N GLN C 11 -10.56 23.59 17.05
CA GLN C 11 -9.18 23.56 17.59
C GLN C 11 -8.70 22.11 17.73
N ALA C 12 -9.36 21.38 18.64
CA ALA C 12 -8.96 20.01 19.04
C ALA C 12 -9.12 18.98 17.91
N ASP C 13 -9.93 19.35 16.90
CA ASP C 13 -10.27 18.50 15.75
C ASP C 13 -9.04 18.18 14.91
N GLN C 14 -8.15 19.19 14.74
CA GLN C 14 -6.95 19.08 13.87
C GLN C 14 -6.11 17.83 14.23
N LYS C 15 -6.02 17.53 15.54
CA LYS C 15 -5.26 16.38 16.08
C LYS C 15 -5.92 15.06 15.73
N GLU C 16 -7.18 14.93 16.18
CA GLU C 16 -8.08 13.80 15.83
C GLU C 16 -8.06 13.50 14.32
N GLU C 17 -8.15 14.56 13.51
CA GLU C 17 -8.26 14.43 12.05
C GLU C 17 -6.89 14.18 11.43
N GLU C 18 -5.81 14.58 12.14
CA GLU C 18 -4.43 14.25 11.76
C GLU C 18 -4.19 12.74 11.98
N LEU C 19 -4.76 12.22 13.08
CA LEU C 19 -4.76 10.77 13.41
C LEU C 19 -5.58 10.01 12.36
N LEU C 20 -6.73 10.60 11.98
CA LEU C 20 -7.65 10.03 10.98
C LEU C 20 -6.97 10.02 9.60
N LEU C 21 -6.17 11.08 9.31
CA LEU C 21 -5.39 11.20 8.07
C LEU C 21 -4.28 10.13 8.05
N PHE C 22 -3.65 9.92 9.22
CA PHE C 22 -2.62 8.89 9.41
C PHE C 22 -3.20 7.50 9.15
N TRP C 23 -4.42 7.28 9.66
CA TRP C 23 -5.17 6.05 9.45
C TRP C 23 -5.67 5.97 8.01
N THR C 24 -5.88 7.13 7.35
CA THR C 24 -6.20 7.15 5.91
C THR C 24 -4.99 6.65 5.09
N TYR C 25 -3.76 6.99 5.53
CA TYR C 25 -2.53 6.46 4.91
C TYR C 25 -2.43 4.94 5.10
N ILE C 26 -2.41 4.49 6.37
CA ILE C 26 -2.20 3.08 6.73
C ILE C 26 -3.32 2.20 6.16
N GLN C 27 -4.58 2.63 6.29
CA GLN C 27 -5.74 1.87 5.82
C GLN C 27 -5.76 1.78 4.28
N ALA C 28 -5.46 2.90 3.58
CA ALA C 28 -5.53 2.96 2.10
C ALA C 28 -4.41 2.19 1.43
N MET C 29 -3.20 2.21 2.03
CA MET C 29 -2.11 1.36 1.56
C MET C 29 -2.50 -0.11 1.86
N LEU C 30 -3.09 -0.37 3.03
CA LEU C 30 -3.64 -1.70 3.41
C LEU C 30 -4.89 -2.09 2.57
N THR C 31 -5.49 -1.14 1.86
CA THR C 31 -6.63 -1.40 0.93
C THR C 31 -6.12 -2.07 -0.37
N ASN C 32 -4.80 -2.00 -0.62
CA ASN C 32 -4.15 -2.67 -1.77
C ASN C 32 -3.08 -3.66 -1.27
N LEU C 33 -2.06 -3.16 -0.56
CA LEU C 33 -1.04 -4.00 0.10
C LEU C 33 -1.53 -4.26 1.53
N GLU C 34 -2.51 -5.15 1.64
CA GLU C 34 -3.15 -5.54 2.92
C GLU C 34 -2.24 -6.40 3.84
N SER C 35 -0.92 -6.22 3.72
CA SER C 35 0.10 -6.85 4.56
C SER C 35 1.39 -5.98 4.46
N LEU C 36 1.92 -5.51 5.59
CA LEU C 36 3.09 -4.60 5.62
C LEU C 36 3.82 -4.64 6.96
N SER C 37 5.15 -4.42 6.92
CA SER C 37 5.97 -4.32 8.12
C SER C 37 5.73 -2.98 8.84
N LEU C 38 5.91 -3.00 10.16
CA LEU C 38 5.62 -1.88 11.08
C LEU C 38 6.57 -0.69 10.85
N ASP C 39 7.88 -0.96 10.67
CA ASP C 39 8.91 0.10 10.45
C ASP C 39 8.51 1.05 9.28
N ARG C 40 7.86 0.45 8.25
CA ARG C 40 7.37 1.17 7.06
C ARG C 40 6.40 2.30 7.46
N ILE C 41 5.27 1.88 8.08
CA ILE C 41 4.15 2.78 8.40
C ILE C 41 4.52 3.74 9.55
N TYR C 42 5.49 3.33 10.41
CA TYR C 42 6.06 4.22 11.43
C TYR C 42 6.76 5.40 10.76
N ASN C 43 7.72 5.11 9.84
CA ASN C 43 8.49 6.16 9.13
C ASN C 43 7.60 7.01 8.20
N MET C 44 6.51 6.42 7.66
CA MET C 44 5.51 7.16 6.86
C MET C 44 4.80 8.20 7.74
N LEU C 45 4.13 7.73 8.82
CA LEU C 45 3.40 8.60 9.78
C LEU C 45 4.33 9.65 10.42
N ARG C 46 5.58 9.23 10.66
CA ARG C 46 6.63 10.08 11.24
C ARG C 46 6.95 11.23 10.27
N MET C 47 7.12 10.90 8.98
CA MET C 47 7.30 11.89 7.90
C MET C 47 6.14 12.90 7.91
N PHE C 48 4.90 12.39 7.81
CA PHE C 48 3.68 13.22 7.72
C PHE C 48 3.41 14.05 9.01
N VAL C 49 3.95 13.62 10.19
CA VAL C 49 3.81 14.43 11.44
C VAL C 49 4.89 15.54 11.53
N VAL C 50 6.13 15.24 11.10
CA VAL C 50 7.28 16.17 11.27
C VAL C 50 7.36 17.20 10.14
N THR C 51 6.74 16.89 8.98
CA THR C 51 6.71 17.82 7.82
C THR C 51 5.94 19.12 8.13
N GLY C 52 5.11 19.07 9.18
CA GLY C 52 4.36 20.24 9.65
C GLY C 52 4.29 20.29 11.16
N PRO C 53 3.46 21.22 11.75
CA PRO C 53 3.21 21.25 13.21
C PRO C 53 2.44 20.01 13.69
N ALA C 54 1.55 19.51 12.81
CA ALA C 54 0.69 18.30 12.95
C ALA C 54 0.31 17.94 14.41
N LEU C 55 1.16 17.14 15.09
CA LEU C 55 0.95 16.70 16.49
C LEU C 55 2.19 17.01 17.36
N ALA C 56 3.21 17.61 16.73
CA ALA C 56 4.51 17.93 17.36
C ALA C 56 5.20 16.63 17.81
N GLU C 57 5.54 15.79 16.79
CA GLU C 57 6.17 14.45 16.96
C GLU C 57 5.20 13.44 17.59
N ILE C 58 4.89 12.36 16.85
CA ILE C 58 4.26 11.16 17.42
C ILE C 58 5.37 10.26 17.97
N ASP C 59 5.04 9.42 18.93
CA ASP C 59 6.03 8.54 19.60
C ASP C 59 5.55 7.09 19.52
N LEU C 60 6.48 6.15 19.75
CA LEU C 60 6.23 4.70 19.71
C LEU C 60 5.08 4.28 20.63
N GLN C 61 5.05 4.82 21.86
CA GLN C 61 3.96 4.54 22.84
C GLN C 61 2.57 4.69 22.18
N GLU C 62 2.42 5.78 21.42
CA GLU C 62 1.18 6.22 20.81
C GLU C 62 0.98 5.54 19.44
N LEU C 63 2.10 5.18 18.76
CA LEU C 63 2.10 4.59 17.40
C LEU C 63 1.83 3.06 17.49
N GLN C 64 2.69 2.35 18.27
CA GLN C 64 2.45 0.95 18.70
C GLN C 64 1.08 0.84 19.37
N GLY C 65 0.80 1.81 20.27
CA GLY C 65 -0.53 1.97 20.88
C GLY C 65 -1.68 2.09 19.86
N TYR C 66 -1.47 2.90 18.80
CA TYR C 66 -2.46 3.14 17.73
C TYR C 66 -2.82 1.82 17.01
N LEU C 67 -1.76 1.09 16.66
CA LEU C 67 -1.83 -0.18 15.92
C LEU C 67 -2.45 -1.31 16.74
N GLN C 68 -2.00 -1.45 18.00
CA GLN C 68 -2.52 -2.48 18.92
C GLN C 68 -3.99 -2.20 19.19
N LYS C 69 -4.36 -0.88 19.19
CA LYS C 69 -5.74 -0.44 19.32
C LYS C 69 -6.52 -0.98 18.12
N LYS C 70 -6.03 -0.73 16.89
CA LYS C 70 -6.66 -1.24 15.66
C LYS C 70 -6.81 -2.79 15.66
N VAL C 71 -5.81 -3.49 16.22
CA VAL C 71 -5.84 -4.96 16.39
C VAL C 71 -7.00 -5.38 17.34
N ARG C 72 -7.12 -4.67 18.48
CA ARG C 72 -8.21 -4.89 19.46
C ARG C 72 -9.54 -4.22 19.02
N ASP C 73 -9.49 -3.40 17.96
CA ASP C 73 -10.69 -2.73 17.39
C ASP C 73 -11.17 -3.48 16.13
N GLN C 74 -10.60 -4.69 15.91
CA GLN C 74 -10.91 -5.60 14.78
C GLN C 74 -10.60 -4.97 13.39
N GLN C 75 -9.88 -3.84 13.37
CA GLN C 75 -9.46 -3.15 12.13
C GLN C 75 -8.27 -3.88 11.52
N LEU C 76 -7.36 -4.34 12.38
CA LEU C 76 -6.08 -4.97 11.99
C LEU C 76 -5.91 -6.33 12.66
N VAL C 77 -5.08 -7.17 12.03
CA VAL C 77 -4.61 -8.44 12.57
C VAL C 77 -3.07 -8.45 12.47
N TYR C 78 -2.41 -8.82 13.57
CA TYR C 78 -0.94 -8.82 13.68
C TYR C 78 -0.43 -10.22 13.31
N SER C 79 0.23 -10.34 12.14
CA SER C 79 0.86 -11.60 11.70
C SER C 79 2.28 -11.68 12.31
N ALA C 80 3.27 -12.26 11.60
CA ALA C 80 4.66 -12.32 12.09
C ALA C 80 5.32 -10.93 12.02
N GLY C 81 4.96 -10.04 12.98
CA GLY C 81 5.54 -8.71 13.09
C GLY C 81 5.11 -7.74 11.98
N VAL C 82 4.05 -8.12 11.24
CA VAL C 82 3.46 -7.28 10.18
C VAL C 82 1.98 -7.06 10.48
N TYR C 83 1.44 -5.93 10.02
CA TYR C 83 0.00 -5.64 10.15
C TYR C 83 -0.68 -5.93 8.82
N ARG C 84 -1.82 -6.61 8.92
CA ARG C 84 -2.67 -6.98 7.78
C ARG C 84 -4.06 -6.46 8.04
N LEU C 85 -4.71 -5.89 7.03
CA LEU C 85 -6.09 -5.42 7.12
C LEU C 85 -7.01 -6.60 6.74
N PRO C 86 -7.74 -7.25 7.73
CA PRO C 86 -8.65 -8.38 7.46
C PRO C 86 -9.83 -7.95 6.56
N LYS C 87 -10.50 -8.97 5.99
CA LYS C 87 -11.63 -8.77 5.07
C LYS C 87 -12.82 -8.17 5.83
N ASN C 88 -12.90 -6.83 5.82
CA ASN C 88 -13.96 -6.05 6.50
C ASN C 88 -15.30 -6.15 5.74
N CYS C 89 -15.22 -6.62 4.48
CA CYS C 89 -16.37 -6.84 3.61
C CYS C 89 -17.29 -7.96 4.19
N SER C 90 -18.23 -7.54 5.05
CA SER C 90 -19.17 -8.44 5.75
C SER C 90 -20.35 -8.81 4.82
N GLY A 1 -5.40 -31.16 -12.39
CA GLY A 1 -5.00 -30.01 -11.54
C GLY A 1 -5.80 -28.77 -11.83
N MET A 2 -5.20 -27.61 -11.54
CA MET A 2 -5.83 -26.29 -11.73
C MET A 2 -4.77 -25.26 -12.08
N GLN A 3 -5.24 -24.04 -12.18
CA GLN A 3 -4.45 -22.87 -12.49
C GLN A 3 -4.63 -21.85 -11.35
N ILE A 4 -3.70 -20.90 -11.26
CA ILE A 4 -3.75 -19.82 -10.26
C ILE A 4 -3.45 -18.48 -10.94
N PHE A 5 -4.11 -17.42 -10.45
CA PHE A 5 -3.81 -16.05 -10.80
C PHE A 5 -3.01 -15.44 -9.62
N VAL A 6 -1.70 -15.34 -9.78
CA VAL A 6 -0.81 -14.79 -8.75
C VAL A 6 -0.65 -13.28 -9.00
N ASP A 7 -1.44 -12.49 -8.29
CA ASP A 7 -1.43 -11.02 -8.44
C ASP A 7 -0.24 -10.43 -7.68
N THR A 8 0.85 -10.20 -8.41
CA THR A 8 2.09 -9.67 -7.84
C THR A 8 2.05 -8.13 -7.86
N VAL A 9 1.84 -7.55 -6.67
CA VAL A 9 1.79 -6.09 -6.48
C VAL A 9 3.17 -5.57 -6.05
N GLN A 10 3.56 -4.43 -6.63
CA GLN A 10 4.91 -3.87 -6.51
C GLN A 10 4.83 -2.35 -6.36
N TRP A 11 5.74 -1.81 -5.54
CA TRP A 11 5.83 -0.36 -5.25
C TRP A 11 7.14 0.16 -5.86
N LYS A 12 7.05 1.18 -6.70
CA LYS A 12 8.22 1.80 -7.36
C LYS A 12 8.20 3.32 -7.17
N THR A 13 9.18 3.84 -6.41
CA THR A 13 9.38 5.27 -6.27
C THR A 13 10.08 5.83 -7.53
N ILE A 14 9.30 6.50 -8.39
CA ILE A 14 9.80 7.01 -9.69
C ILE A 14 10.32 8.42 -9.50
N THR A 15 11.29 8.79 -10.32
CA THR A 15 11.83 10.13 -10.36
C THR A 15 11.34 10.79 -11.66
N LEU A 16 10.62 11.90 -11.52
CA LEU A 16 10.01 12.62 -12.65
C LEU A 16 10.27 14.11 -12.50
N GLU A 17 10.06 14.88 -13.57
CA GLU A 17 10.14 16.34 -13.54
C GLU A 17 8.75 16.94 -13.76
N VAL A 18 8.52 18.10 -13.14
CA VAL A 18 7.23 18.82 -13.19
C VAL A 18 7.43 20.33 -12.86
N GLU A 19 6.42 21.17 -13.21
CA GLU A 19 6.49 22.64 -13.03
C GLU A 19 5.55 23.06 -11.89
N PRO A 20 5.86 24.19 -11.17
CA PRO A 20 5.01 24.70 -10.06
C PRO A 20 3.65 25.19 -10.58
N SER A 21 3.66 25.68 -11.84
CA SER A 21 2.49 26.29 -12.50
C SER A 21 1.57 25.23 -13.13
N ASP A 22 2.04 23.96 -13.17
CA ASP A 22 1.25 22.84 -13.72
C ASP A 22 0.12 22.49 -12.75
N THR A 23 -0.95 21.94 -13.30
CA THR A 23 -2.00 21.31 -12.52
C THR A 23 -1.55 19.93 -12.07
N ILE A 24 -2.19 19.46 -11.00
CA ILE A 24 -2.09 18.07 -10.55
C ILE A 24 -2.76 17.16 -11.60
N GLU A 25 -3.74 17.73 -12.34
CA GLU A 25 -4.37 17.11 -13.52
C GLU A 25 -3.30 16.58 -14.49
N ASN A 26 -2.25 17.39 -14.73
CA ASN A 26 -1.07 17.00 -15.52
C ASN A 26 -0.40 15.73 -14.94
N VAL A 27 -0.10 15.76 -13.62
CA VAL A 27 0.59 14.67 -12.90
C VAL A 27 -0.20 13.34 -12.99
N LYS A 28 -1.52 13.42 -12.69
CA LYS A 28 -2.40 12.23 -12.68
C LYS A 28 -2.68 11.72 -14.11
N ALA A 29 -2.67 12.65 -15.10
CA ALA A 29 -2.76 12.30 -16.52
C ALA A 29 -1.52 11.54 -16.98
N LYS A 30 -0.35 11.92 -16.42
CA LYS A 30 0.93 11.29 -16.78
C LYS A 30 1.16 9.95 -16.08
N ILE A 31 0.72 9.77 -14.81
CA ILE A 31 0.76 8.43 -14.17
C ILE A 31 -0.25 7.50 -14.86
N GLN A 32 -1.38 8.09 -15.32
CA GLN A 32 -2.37 7.38 -16.13
C GLN A 32 -1.77 6.96 -17.50
N ASP A 33 -1.03 7.90 -18.11
CA ASP A 33 -0.41 7.72 -19.44
C ASP A 33 0.68 6.63 -19.41
N LYS A 34 1.56 6.74 -18.42
CA LYS A 34 2.74 5.88 -18.29
C LYS A 34 2.36 4.53 -17.66
N GLU A 35 1.82 4.58 -16.42
CA GLU A 35 1.61 3.40 -15.60
C GLU A 35 0.24 2.74 -15.89
N GLY A 36 -0.75 3.56 -16.28
CA GLY A 36 -2.10 3.06 -16.61
C GLY A 36 -3.07 3.10 -15.44
N ILE A 37 -2.82 4.01 -14.50
CA ILE A 37 -3.60 4.13 -13.25
C ILE A 37 -4.84 5.02 -13.49
N PRO A 38 -6.09 4.52 -13.24
CA PRO A 38 -7.31 5.35 -13.27
C PRO A 38 -7.33 6.34 -12.07
N PRO A 39 -7.28 7.70 -12.33
CA PRO A 39 -7.21 8.75 -11.26
C PRO A 39 -8.45 8.82 -10.36
N ASP A 40 -9.58 8.37 -10.91
CA ASP A 40 -10.87 8.30 -10.21
C ASP A 40 -10.82 7.30 -9.02
N GLN A 41 -10.05 6.20 -9.16
CA GLN A 41 -9.87 5.20 -8.09
C GLN A 41 -8.53 5.41 -7.34
N GLN A 42 -7.97 6.61 -7.49
CA GLN A 42 -6.68 7.01 -6.90
C GLN A 42 -6.89 7.95 -5.69
N ARG A 43 -6.03 7.76 -4.66
CA ARG A 43 -5.80 8.74 -3.58
C ARG A 43 -4.29 9.04 -3.54
N LEU A 44 -3.83 9.98 -4.37
CA LEU A 44 -2.43 10.45 -4.33
C LEU A 44 -2.32 11.44 -3.16
N ILE A 45 -1.43 11.16 -2.18
CA ILE A 45 -1.25 12.05 -1.00
C ILE A 45 0.24 12.41 -0.85
N PHE A 46 0.51 13.68 -0.52
CA PHE A 46 1.85 14.26 -0.40
C PHE A 46 2.03 14.83 1.01
N ALA A 47 2.88 14.17 1.82
CA ALA A 47 3.28 14.66 3.18
C ALA A 47 2.06 14.86 4.12
N GLY A 48 0.93 14.23 3.76
CA GLY A 48 -0.32 14.36 4.51
C GLY A 48 -1.27 15.43 4.00
N LYS A 49 -1.18 15.75 2.70
CA LYS A 49 -2.10 16.65 2.01
C LYS A 49 -2.41 16.06 0.61
N GLN A 50 -3.70 15.75 0.36
CA GLN A 50 -4.15 15.02 -0.84
C GLN A 50 -4.08 15.89 -2.10
N LEU A 51 -3.47 15.35 -3.17
CA LEU A 51 -3.34 16.01 -4.48
C LEU A 51 -4.71 16.03 -5.20
N GLU A 52 -5.41 17.17 -5.10
CA GLU A 52 -6.69 17.39 -5.78
C GLU A 52 -6.52 17.54 -7.30
N ASP A 53 -7.49 16.97 -8.02
CA ASP A 53 -7.57 16.87 -9.50
C ASP A 53 -7.11 18.17 -10.21
N GLY A 54 -7.88 19.24 -10.00
CA GLY A 54 -7.61 20.52 -10.65
C GLY A 54 -6.87 21.50 -9.77
N ARG A 55 -6.00 20.98 -8.88
CA ARG A 55 -5.16 21.82 -8.00
C ARG A 55 -3.85 22.11 -8.75
N THR A 56 -2.93 22.86 -8.13
CA THR A 56 -1.64 23.22 -8.75
C THR A 56 -0.49 22.64 -7.89
N LEU A 57 0.68 22.34 -8.53
CA LEU A 57 1.88 21.82 -7.82
C LEU A 57 2.34 22.80 -6.72
N SER A 58 2.31 24.11 -7.06
CA SER A 58 2.69 25.21 -6.16
C SER A 58 1.78 25.30 -4.93
N ASP A 59 0.51 24.84 -5.05
CA ASP A 59 -0.44 24.81 -3.92
C ASP A 59 0.09 23.93 -2.77
N TYR A 60 0.85 22.90 -3.15
CA TYR A 60 1.44 21.93 -2.20
C TYR A 60 2.89 22.32 -1.89
N ASN A 61 3.36 23.43 -2.49
CA ASN A 61 4.72 23.97 -2.31
C ASN A 61 5.77 22.92 -2.76
N ILE A 62 5.36 22.10 -3.75
CA ILE A 62 6.17 21.01 -4.29
C ILE A 62 7.43 21.59 -4.94
N GLN A 63 8.56 21.32 -4.30
CA GLN A 63 9.90 21.73 -4.77
C GLN A 63 10.65 20.48 -5.25
N LYS A 64 11.94 20.65 -5.55
CA LYS A 64 12.81 19.52 -5.97
C LYS A 64 12.98 18.52 -4.82
N GLU A 65 13.28 17.26 -5.21
CA GLU A 65 13.37 16.08 -4.33
C GLU A 65 12.29 16.05 -3.22
N SER A 66 11.02 16.21 -3.66
CA SER A 66 9.83 16.08 -2.79
C SER A 66 9.21 14.68 -3.00
N ALA A 67 9.01 13.93 -1.91
CA ALA A 67 8.49 12.55 -1.97
C ALA A 67 6.96 12.52 -1.76
N LEU A 68 6.25 11.94 -2.74
CA LEU A 68 4.80 11.73 -2.72
C LEU A 68 4.55 10.22 -2.67
N ILE A 69 3.37 9.82 -2.17
CA ILE A 69 2.99 8.40 -2.07
C ILE A 69 1.61 8.21 -2.72
N LEU A 70 1.51 7.17 -3.55
CA LEU A 70 0.27 6.79 -4.24
C LEU A 70 -0.52 5.76 -3.41
N LEU A 71 -1.81 6.06 -3.19
CA LEU A 71 -2.74 5.17 -2.51
C LEU A 71 -3.91 4.85 -3.47
N LEU A 72 -4.61 3.74 -3.20
CA LEU A 72 -5.77 3.27 -4.02
C LEU A 72 -7.10 3.66 -3.33
N THR A 73 -8.25 3.45 -4.03
CA THR A 73 -9.64 3.62 -3.50
C THR A 73 -9.79 3.18 -2.03
N LEU A 74 -10.29 4.10 -1.20
CA LEU A 74 -10.62 3.84 0.21
C LEU A 74 -11.50 4.97 0.72
N ARG A 75 -10.89 6.17 0.88
CA ARG A 75 -11.60 7.33 1.44
C ARG A 75 -12.58 7.91 0.38
N GLY B 1 11.18 23.77 -13.59
CA GLY B 1 10.68 23.89 -12.21
C GLY B 1 11.47 23.01 -11.27
N MET B 2 11.07 21.73 -11.13
CA MET B 2 11.67 20.80 -10.17
C MET B 2 11.52 19.35 -10.62
N GLN B 3 12.04 18.45 -9.79
CA GLN B 3 12.10 17.01 -10.03
C GLN B 3 11.72 16.32 -8.72
N ILE B 4 10.69 15.48 -8.77
CA ILE B 4 10.11 14.84 -7.57
C ILE B 4 10.17 13.31 -7.64
N PHE B 5 9.73 12.68 -6.54
CA PHE B 5 9.68 11.22 -6.42
C PHE B 5 8.23 10.81 -6.14
N VAL B 6 7.56 10.11 -7.08
CA VAL B 6 6.18 9.62 -6.87
C VAL B 6 6.22 8.10 -6.67
N ASP B 7 5.89 7.66 -5.45
CA ASP B 7 5.90 6.23 -5.10
C ASP B 7 4.60 5.58 -5.60
N THR B 8 4.69 4.95 -6.79
CA THR B 8 3.52 4.41 -7.50
C THR B 8 3.38 2.91 -7.25
N VAL B 9 2.14 2.44 -7.17
CA VAL B 9 1.82 1.01 -7.01
C VAL B 9 1.18 0.46 -8.29
N GLN B 10 1.64 -0.74 -8.70
CA GLN B 10 1.07 -1.49 -9.83
C GLN B 10 1.03 -2.98 -9.46
N TRP B 11 -0.01 -3.72 -9.93
CA TRP B 11 -0.06 -5.19 -9.78
C TRP B 11 -0.33 -5.87 -11.13
N LYS B 12 0.34 -7.02 -11.33
CA LYS B 12 0.19 -7.87 -12.53
C LYS B 12 -0.38 -9.23 -12.10
N THR B 13 -1.22 -9.82 -12.96
CA THR B 13 -1.82 -11.14 -12.74
C THR B 13 -1.00 -12.21 -13.47
N ILE B 14 -0.32 -13.10 -12.72
CA ILE B 14 0.52 -14.16 -13.30
C ILE B 14 -0.27 -15.48 -13.35
N THR B 15 -0.65 -15.92 -14.55
CA THR B 15 -1.45 -17.13 -14.71
C THR B 15 -0.54 -18.35 -14.85
N LEU B 16 -0.41 -19.11 -13.77
CA LEU B 16 0.38 -20.37 -13.73
C LEU B 16 -0.55 -21.59 -13.54
N GLU B 17 0.00 -22.80 -13.66
CA GLU B 17 -0.75 -24.05 -13.43
C GLU B 17 -0.01 -24.93 -12.42
N VAL B 18 -0.77 -25.49 -11.47
CA VAL B 18 -0.24 -26.31 -10.36
C VAL B 18 -1.18 -27.53 -10.09
N GLU B 19 -0.73 -28.47 -9.24
CA GLU B 19 -1.52 -29.65 -8.83
C GLU B 19 -1.96 -29.50 -7.38
N PRO B 20 -3.13 -30.09 -6.99
CA PRO B 20 -3.63 -30.04 -5.60
C PRO B 20 -2.73 -30.82 -4.60
N SER B 21 -2.12 -31.91 -5.08
CA SER B 21 -1.27 -32.79 -4.24
C SER B 21 0.17 -32.25 -4.13
N ASP B 22 0.49 -31.20 -4.91
CA ASP B 22 1.78 -30.51 -4.81
C ASP B 22 1.80 -29.64 -3.56
N THR B 23 3.01 -29.32 -3.09
CA THR B 23 3.24 -28.36 -2.01
C THR B 23 3.48 -26.96 -2.59
N ILE B 24 3.51 -25.97 -1.68
CA ILE B 24 3.74 -24.56 -2.04
C ILE B 24 5.22 -24.36 -2.41
N GLU B 25 6.08 -25.35 -2.05
CA GLU B 25 7.48 -25.37 -2.45
C GLU B 25 7.61 -25.39 -3.99
N ASN B 26 6.63 -26.04 -4.66
CA ASN B 26 6.54 -26.04 -6.13
C ASN B 26 6.24 -24.64 -6.64
N VAL B 27 5.30 -23.93 -5.96
CA VAL B 27 4.89 -22.57 -6.34
C VAL B 27 6.08 -21.58 -6.26
N LYS B 28 6.83 -21.62 -5.12
CA LYS B 28 8.03 -20.78 -4.93
C LYS B 28 9.13 -21.17 -5.92
N ALA B 29 9.25 -22.48 -6.23
CA ALA B 29 10.27 -23.00 -7.15
C ALA B 29 9.99 -22.56 -8.60
N LYS B 30 8.68 -22.44 -8.97
CA LYS B 30 8.28 -22.02 -10.32
C LYS B 30 8.44 -20.50 -10.49
N ILE B 31 8.05 -19.70 -9.47
CA ILE B 31 8.22 -18.23 -9.52
C ILE B 31 9.73 -17.86 -9.39
N GLN B 32 10.52 -18.74 -8.74
CA GLN B 32 12.00 -18.63 -8.67
C GLN B 32 12.64 -18.94 -10.04
N ASP B 33 12.18 -20.05 -10.66
CA ASP B 33 12.69 -20.52 -11.96
C ASP B 33 12.44 -19.47 -13.04
N LYS B 34 11.19 -19.00 -13.08
CA LYS B 34 10.71 -18.06 -14.10
C LYS B 34 11.11 -16.61 -13.76
N GLU B 35 10.61 -16.09 -12.63
CA GLU B 35 10.69 -14.64 -12.30
C GLU B 35 11.84 -14.29 -11.36
N GLY B 36 12.48 -15.31 -10.78
CA GLY B 36 13.60 -15.10 -9.85
C GLY B 36 13.16 -14.55 -8.50
N ILE B 37 11.93 -14.91 -8.09
CA ILE B 37 11.35 -14.48 -6.81
C ILE B 37 11.88 -15.39 -5.67
N PRO B 38 12.53 -14.80 -4.61
CA PRO B 38 13.01 -15.58 -3.43
C PRO B 38 11.86 -16.30 -2.69
N PRO B 39 12.02 -17.63 -2.37
CA PRO B 39 11.06 -18.39 -1.51
C PRO B 39 10.79 -17.68 -0.18
N ASP B 40 11.88 -17.15 0.41
CA ASP B 40 11.86 -16.34 1.65
C ASP B 40 10.88 -15.18 1.54
N GLN B 41 10.85 -14.57 0.34
CA GLN B 41 10.08 -13.34 0.10
C GLN B 41 8.72 -13.61 -0.55
N GLN B 42 8.32 -14.88 -0.67
CA GLN B 42 7.02 -15.27 -1.24
C GLN B 42 5.89 -15.05 -0.19
N ARG B 43 5.39 -13.81 -0.06
CA ARG B 43 4.21 -13.53 0.78
C ARG B 43 2.96 -13.53 -0.10
N LEU B 44 2.49 -14.75 -0.38
CA LEU B 44 1.22 -15.01 -1.05
C LEU B 44 0.12 -15.12 0.02
N ASP B 45 -0.82 -14.16 0.03
CA ASP B 45 -2.02 -14.21 0.86
C ASP B 45 -3.20 -14.67 -0.02
N PHE B 46 -3.68 -15.88 0.27
CA PHE B 46 -4.84 -16.50 -0.37
C PHE B 46 -5.99 -16.57 0.64
N ALA B 47 -7.00 -15.70 0.45
CA ALA B 47 -8.22 -15.69 1.27
C ALA B 47 -7.90 -15.45 2.76
N GLY B 48 -6.76 -14.77 3.02
CA GLY B 48 -6.30 -14.48 4.38
C GLY B 48 -5.27 -15.48 4.93
N LYS B 49 -4.97 -16.54 4.16
CA LYS B 49 -3.97 -17.55 4.53
C LYS B 49 -2.64 -17.22 3.84
N GLN B 50 -1.55 -17.12 4.62
CA GLN B 50 -0.21 -16.98 4.04
C GLN B 50 0.32 -18.36 3.62
N LEU B 51 0.94 -18.44 2.44
CA LEU B 51 1.37 -19.69 1.84
C LEU B 51 2.76 -20.12 2.33
N GLU B 52 2.72 -21.02 3.32
CA GLU B 52 3.90 -21.69 3.87
C GLU B 52 4.27 -22.86 2.93
N ASP B 53 5.56 -22.96 2.56
CA ASP B 53 6.06 -23.84 1.47
C ASP B 53 5.77 -25.34 1.73
N GLY B 54 5.70 -25.70 3.01
CA GLY B 54 5.47 -27.08 3.43
C GLY B 54 4.03 -27.54 3.31
N ARG B 55 3.12 -26.61 3.01
CA ARG B 55 1.69 -26.91 2.90
C ARG B 55 1.36 -27.33 1.47
N THR B 56 0.26 -28.09 1.28
CA THR B 56 -0.20 -28.50 -0.06
C THR B 56 -1.22 -27.49 -0.60
N LEU B 57 -1.47 -27.54 -1.92
CA LEU B 57 -2.45 -26.67 -2.59
C LEU B 57 -3.88 -27.03 -2.10
N SER B 58 -4.12 -28.33 -1.89
CA SER B 58 -5.38 -28.83 -1.30
C SER B 58 -5.56 -28.36 0.15
N ASP B 59 -4.44 -28.17 0.86
CA ASP B 59 -4.43 -27.71 2.26
C ASP B 59 -4.91 -26.23 2.37
N TYR B 60 -4.89 -25.51 1.22
CA TYR B 60 -5.46 -24.15 1.10
C TYR B 60 -6.82 -24.18 0.40
N ASN B 61 -7.19 -25.35 -0.17
CA ASN B 61 -8.37 -25.50 -1.04
C ASN B 61 -8.26 -24.50 -2.21
N ILE B 62 -7.10 -24.56 -2.89
CA ILE B 62 -6.77 -23.70 -4.04
C ILE B 62 -7.76 -23.95 -5.18
N GLN B 63 -8.60 -22.94 -5.41
CA GLN B 63 -9.60 -22.96 -6.47
C GLN B 63 -8.93 -22.68 -7.82
N LYS B 64 -9.48 -23.28 -8.88
CA LYS B 64 -9.00 -23.01 -10.22
C LYS B 64 -9.27 -21.55 -10.57
N GLU B 65 -8.20 -20.86 -11.02
CA GLU B 65 -8.21 -19.44 -11.36
C GLU B 65 -8.40 -18.55 -10.10
N SER B 66 -8.04 -19.10 -8.92
CA SER B 66 -8.02 -18.33 -7.65
C SER B 66 -7.07 -17.13 -7.75
N ALA B 67 -7.45 -15.98 -7.18
CA ALA B 67 -6.67 -14.75 -7.25
C ALA B 67 -6.01 -14.44 -5.89
N LEU B 68 -4.66 -14.54 -5.83
CA LEU B 68 -3.86 -14.43 -4.59
C LEU B 68 -2.99 -13.18 -4.67
N ILE B 69 -2.71 -12.52 -3.54
CA ILE B 69 -1.84 -11.32 -3.56
C ILE B 69 -0.40 -11.68 -3.11
N LEU B 70 0.54 -11.52 -4.05
CA LEU B 70 1.97 -11.75 -3.83
C LEU B 70 2.68 -10.42 -3.57
N LEU B 71 3.46 -10.39 -2.50
CA LEU B 71 4.38 -9.28 -2.16
C LEU B 71 5.75 -9.86 -1.85
N LEU B 72 6.77 -9.42 -2.62
CA LEU B 72 8.15 -9.87 -2.46
C LEU B 72 8.76 -9.21 -1.20
N THR B 73 8.52 -9.85 -0.06
CA THR B 73 8.93 -9.37 1.29
C THR B 73 9.17 -10.58 2.21
N LEU B 74 10.05 -10.45 3.22
CA LEU B 74 10.38 -11.59 4.12
C LEU B 74 9.30 -11.74 5.18
N ARG B 75 9.08 -10.66 5.93
CA ARG B 75 8.01 -10.55 6.94
C ARG B 75 7.81 -9.06 7.28
N GLY C 1 -14.84 6.35 3.00
CA GLY C 1 -14.19 7.05 4.15
C GLY C 1 -14.08 8.55 3.91
N SER C 2 -15.06 9.13 3.19
CA SER C 2 -15.09 10.54 2.81
C SER C 2 -15.35 11.47 4.01
N GLU C 3 -16.28 11.04 4.89
CA GLU C 3 -16.77 11.87 6.01
C GLU C 3 -16.07 11.49 7.32
N SER C 4 -15.48 12.48 7.99
CA SER C 4 -14.76 12.31 9.26
C SER C 4 -15.54 12.95 10.43
N ASP C 5 -16.85 13.23 10.21
CA ASP C 5 -17.76 13.88 11.19
C ASP C 5 -17.35 15.35 11.43
N SER C 6 -18.22 16.27 10.98
CA SER C 6 -17.94 17.71 10.99
C SER C 6 -18.91 18.44 11.95
N GLY C 7 -18.50 19.64 12.41
CA GLY C 7 -19.30 20.46 13.33
C GLY C 7 -18.42 21.36 14.18
N MET C 8 -17.43 20.74 14.85
CA MET C 8 -16.44 21.43 15.69
C MET C 8 -15.02 21.11 15.17
N ALA C 9 -14.11 22.10 15.31
CA ALA C 9 -12.69 21.96 14.94
C ALA C 9 -11.90 23.16 15.53
N SER C 10 -11.45 23.01 16.78
CA SER C 10 -10.68 24.01 17.52
C SER C 10 -9.73 23.31 18.51
N GLN C 11 -8.42 23.29 18.17
CA GLN C 11 -7.29 22.77 18.99
C GLN C 11 -7.18 21.24 18.87
N ALA C 12 -8.24 20.55 19.30
CA ALA C 12 -8.29 19.08 19.39
C ALA C 12 -8.34 18.43 18.01
N ASP C 13 -8.87 19.19 17.03
CA ASP C 13 -9.06 18.77 15.63
C ASP C 13 -7.76 18.25 15.01
N GLN C 14 -6.67 18.96 15.28
CA GLN C 14 -5.34 18.69 14.71
C GLN C 14 -4.92 17.22 14.92
N LYS C 15 -4.92 16.80 16.18
CA LYS C 15 -4.36 15.50 16.62
C LYS C 15 -5.19 14.31 16.15
N GLU C 16 -6.52 14.42 16.37
CA GLU C 16 -7.49 13.38 15.96
C GLU C 16 -7.48 13.21 14.42
N GLU C 17 -7.40 14.34 13.69
CA GLU C 17 -7.45 14.32 12.21
C GLU C 17 -6.12 13.84 11.64
N GLU C 18 -5.02 14.12 12.36
CA GLU C 18 -3.66 13.65 12.02
C GLU C 18 -3.59 12.13 12.11
N LEU C 19 -4.09 11.61 13.24
CA LEU C 19 -4.17 10.15 13.51
C LEU C 19 -5.06 9.48 12.47
N LEU C 20 -6.20 10.12 12.16
CA LEU C 20 -7.17 9.62 11.17
C LEU C 20 -6.54 9.66 9.77
N LEU C 21 -5.70 10.67 9.53
CA LEU C 21 -4.97 10.88 8.25
C LEU C 21 -3.86 9.81 8.09
N PHE C 22 -3.15 9.51 9.20
CA PHE C 22 -2.13 8.44 9.26
C PHE C 22 -2.78 7.08 8.99
N TRP C 23 -3.97 6.91 9.58
CA TRP C 23 -4.75 5.68 9.44
C TRP C 23 -5.26 5.53 8.00
N THR C 24 -5.81 6.61 7.41
CA THR C 24 -6.29 6.61 6.01
C THR C 24 -5.12 6.36 5.03
N TYR C 25 -3.92 6.84 5.43
CA TYR C 25 -2.67 6.54 4.73
C TYR C 25 -2.49 5.02 4.65
N ILE C 26 -2.41 4.40 5.83
CA ILE C 26 -2.17 2.96 5.96
C ILE C 26 -3.31 2.14 5.31
N GLN C 27 -4.56 2.61 5.44
CA GLN C 27 -5.75 1.94 4.86
C GLN C 27 -5.68 1.90 3.34
N ALA C 28 -5.58 3.10 2.75
CA ALA C 28 -5.70 3.30 1.30
C ALA C 28 -4.47 2.78 0.56
N MET C 29 -3.32 2.66 1.25
CA MET C 29 -2.14 2.02 0.66
C MET C 29 -2.20 0.48 0.85
N LEU C 30 -2.72 0.00 2.02
CA LEU C 30 -2.84 -1.47 2.33
C LEU C 30 -3.93 -2.14 1.46
N THR C 31 -4.93 -1.36 1.02
CA THR C 31 -6.05 -1.90 0.21
C THR C 31 -5.57 -2.35 -1.20
N ASN C 32 -4.36 -1.88 -1.60
CA ASN C 32 -3.66 -2.35 -2.81
C ASN C 32 -2.50 -3.29 -2.42
N LEU C 33 -1.62 -2.79 -1.53
CA LEU C 33 -0.46 -3.55 -1.03
C LEU C 33 -0.82 -4.20 0.31
N GLU C 34 -1.66 -5.22 0.26
CA GLU C 34 -2.12 -5.94 1.47
C GLU C 34 -1.02 -6.93 1.98
N SER C 35 0.03 -6.32 2.62
CA SER C 35 1.14 -6.97 3.40
C SER C 35 2.42 -6.09 3.36
N LEU C 36 2.72 -5.37 4.46
CA LEU C 36 4.01 -4.66 4.63
C LEU C 36 4.57 -4.93 6.02
N SER C 37 5.91 -5.07 6.07
CA SER C 37 6.65 -5.16 7.32
C SER C 37 6.38 -3.90 8.15
N LEU C 38 6.32 -4.10 9.47
CA LEU C 38 6.16 -3.00 10.43
C LEU C 38 7.19 -1.88 10.19
N ASP C 39 8.43 -2.22 9.81
CA ASP C 39 9.46 -1.21 9.48
C ASP C 39 9.05 -0.30 8.29
N ARG C 40 8.41 -0.90 7.25
CA ARG C 40 7.98 -0.15 6.04
C ARG C 40 6.97 0.95 6.42
N ILE C 41 5.86 0.52 7.02
CA ILE C 41 4.75 1.40 7.46
C ILE C 41 5.27 2.43 8.50
N TYR C 42 6.15 1.98 9.40
CA TYR C 42 6.80 2.84 10.42
C TYR C 42 7.56 4.02 9.77
N ASN C 43 8.41 3.71 8.77
CA ASN C 43 9.21 4.71 8.06
C ASN C 43 8.33 5.65 7.22
N MET C 44 7.19 5.13 6.70
CA MET C 44 6.17 5.97 6.03
C MET C 44 5.63 7.04 7.00
N LEU C 45 5.13 6.57 8.16
CA LEU C 45 4.53 7.43 9.20
C LEU C 45 5.57 8.46 9.72
N ARG C 46 6.86 8.03 9.78
CA ARG C 46 7.99 8.92 10.14
C ARG C 46 8.18 10.04 9.09
N MET C 47 8.13 9.67 7.79
CA MET C 47 8.15 10.63 6.67
C MET C 47 7.03 11.70 6.85
N PHE C 48 5.79 11.23 7.10
CA PHE C 48 4.61 12.12 7.19
C PHE C 48 4.68 13.02 8.46
N VAL C 49 5.24 12.48 9.57
CA VAL C 49 5.34 13.23 10.85
C VAL C 49 6.49 14.26 10.83
N VAL C 50 7.57 13.97 10.07
CA VAL C 50 8.73 14.89 9.97
C VAL C 50 8.45 16.03 8.97
N THR C 51 7.69 15.73 7.90
CA THR C 51 7.35 16.73 6.86
C THR C 51 6.25 17.68 7.34
N GLY C 52 5.43 17.19 8.27
CA GLY C 52 4.32 17.96 8.84
C GLY C 52 4.53 18.27 10.32
N PRO C 53 3.62 19.07 10.96
CA PRO C 53 3.67 19.37 12.43
C PRO C 53 2.98 18.28 13.28
N ALA C 54 2.79 17.11 12.66
CA ALA C 54 1.95 16.00 13.13
C ALA C 54 2.18 15.62 14.60
N LEU C 55 1.19 16.01 15.45
CA LEU C 55 1.14 15.87 16.93
C LEU C 55 2.52 16.06 17.59
N ALA C 56 3.29 17.04 17.04
CA ALA C 56 4.72 17.30 17.38
C ALA C 56 5.61 16.17 16.83
N GLU C 57 5.46 14.96 17.39
CA GLU C 57 6.26 13.79 17.03
C GLU C 57 5.54 12.55 17.56
N ILE C 58 5.43 11.53 16.70
CA ILE C 58 5.02 10.18 17.09
C ILE C 58 6.23 9.43 17.70
N ASP C 59 5.98 8.21 18.17
CA ASP C 59 7.01 7.37 18.83
C ASP C 59 6.68 5.89 18.58
N LEU C 60 7.60 4.99 18.97
CA LEU C 60 7.41 3.53 18.86
C LEU C 60 6.17 3.06 19.62
N GLN C 61 6.00 3.55 20.87
CA GLN C 61 4.84 3.17 21.71
C GLN C 61 3.52 3.66 21.06
N GLU C 62 3.59 4.84 20.41
CA GLU C 62 2.44 5.49 19.75
C GLU C 62 2.03 4.69 18.50
N LEU C 63 3.03 4.34 17.69
CA LEU C 63 2.85 3.72 16.35
C LEU C 63 2.48 2.23 16.50
N GLN C 64 3.28 1.50 17.30
CA GLN C 64 3.00 0.11 17.71
C GLN C 64 1.66 0.02 18.43
N GLY C 65 1.42 0.98 19.37
CA GLY C 65 0.14 1.07 20.10
C GLY C 65 -1.06 1.30 19.19
N TYR C 66 -0.84 2.08 18.11
CA TYR C 66 -1.87 2.33 17.08
C TYR C 66 -2.24 1.01 16.36
N LEU C 67 -1.20 0.30 15.88
CA LEU C 67 -1.34 -1.02 15.21
C LEU C 67 -1.83 -2.11 16.17
N GLN C 68 -1.49 -1.96 17.46
CA GLN C 68 -1.93 -2.88 18.52
C GLN C 68 -3.44 -2.79 18.66
N LYS C 69 -3.93 -1.53 18.72
CA LYS C 69 -5.35 -1.24 18.76
C LYS C 69 -6.04 -1.84 17.54
N LYS C 70 -5.49 -1.58 16.33
CA LYS C 70 -6.08 -2.05 15.08
C LYS C 70 -6.15 -3.60 14.98
N VAL C 71 -5.11 -4.30 15.46
CA VAL C 71 -5.07 -5.79 15.48
C VAL C 71 -6.10 -6.35 16.49
N ARG C 72 -6.13 -5.76 17.68
CA ARG C 72 -7.04 -6.16 18.77
C ARG C 72 -8.48 -5.66 18.55
N ASP C 73 -8.67 -4.73 17.59
CA ASP C 73 -10.01 -4.24 17.15
C ASP C 73 -10.51 -5.05 15.92
N GLN C 74 -9.63 -5.94 15.39
CA GLN C 74 -9.86 -6.74 14.14
C GLN C 74 -9.92 -5.83 12.90
N GLN C 75 -9.50 -4.58 13.07
CA GLN C 75 -9.48 -3.54 12.04
C GLN C 75 -8.29 -3.74 11.07
N LEU C 76 -7.27 -4.46 11.57
CA LEU C 76 -6.04 -4.79 10.83
C LEU C 76 -5.61 -6.20 11.27
N VAL C 77 -5.18 -7.04 10.31
CA VAL C 77 -4.76 -8.43 10.59
C VAL C 77 -3.22 -8.54 10.55
N TYR C 78 -2.66 -9.15 11.59
CA TYR C 78 -1.23 -9.44 11.67
C TYR C 78 -1.02 -10.86 11.11
N SER C 79 -0.46 -10.94 9.90
CA SER C 79 -0.12 -12.21 9.24
C SER C 79 1.21 -12.75 9.83
N ALA C 80 2.05 -13.43 9.02
CA ALA C 80 3.33 -14.00 9.50
C ALA C 80 4.40 -12.90 9.71
N GLY C 81 4.21 -12.09 10.78
CA GLY C 81 5.16 -11.02 11.12
C GLY C 81 5.05 -9.82 10.20
N VAL C 82 3.89 -9.70 9.54
CA VAL C 82 3.63 -8.68 8.52
C VAL C 82 2.17 -8.19 8.63
N TYR C 83 1.95 -6.88 8.49
CA TYR C 83 0.61 -6.26 8.67
C TYR C 83 -0.13 -6.17 7.33
N ARG C 84 -1.41 -6.57 7.34
CA ARG C 84 -2.27 -6.61 6.14
C ARG C 84 -3.74 -6.48 6.56
N LEU C 85 -4.56 -5.74 5.77
CA LEU C 85 -5.98 -5.51 6.12
C LEU C 85 -6.84 -6.79 5.93
N PRO C 86 -7.87 -7.03 6.83
CA PRO C 86 -8.86 -8.14 6.73
C PRO C 86 -9.42 -8.39 5.32
N LYS C 87 -9.40 -9.66 4.89
CA LYS C 87 -10.18 -10.15 3.75
C LYS C 87 -11.56 -10.63 4.28
N ASN C 88 -12.00 -11.85 3.91
CA ASN C 88 -13.10 -12.58 4.59
C ASN C 88 -12.89 -12.60 6.12
N CYS C 89 -11.63 -12.92 6.50
CA CYS C 89 -11.14 -12.85 7.87
C CYS C 89 -9.63 -13.17 7.82
N SER C 90 -9.33 -14.47 7.72
CA SER C 90 -7.97 -15.01 7.60
C SER C 90 -8.05 -16.48 7.13
N GLY A 1 -6.53 -31.21 -11.83
CA GLY A 1 -6.27 -31.27 -10.38
C GLY A 1 -7.10 -30.24 -9.65
N MET A 2 -6.63 -28.97 -9.69
CA MET A 2 -7.32 -27.84 -9.04
C MET A 2 -6.83 -26.52 -9.66
N GLN A 3 -7.72 -25.55 -9.67
CA GLN A 3 -7.44 -24.20 -10.14
C GLN A 3 -7.22 -23.32 -8.91
N ILE A 4 -6.36 -22.29 -9.02
CA ILE A 4 -5.97 -21.45 -7.89
C ILE A 4 -5.98 -19.98 -8.30
N PHE A 5 -5.97 -19.10 -7.29
CA PHE A 5 -6.01 -17.65 -7.45
C PHE A 5 -4.76 -17.08 -6.75
N VAL A 6 -3.74 -16.69 -7.53
CA VAL A 6 -2.52 -16.06 -6.98
C VAL A 6 -2.73 -14.54 -6.97
N ASP A 7 -3.14 -14.02 -5.80
CA ASP A 7 -3.40 -12.58 -5.60
C ASP A 7 -2.08 -11.80 -5.63
N THR A 8 -1.82 -11.16 -6.75
CA THR A 8 -0.60 -10.40 -6.99
C THR A 8 -0.81 -8.96 -6.50
N VAL A 9 -0.28 -8.66 -5.30
CA VAL A 9 -0.21 -7.29 -4.77
C VAL A 9 1.17 -6.70 -5.07
N GLN A 10 1.18 -5.45 -5.52
CA GLN A 10 2.40 -4.73 -5.86
C GLN A 10 2.39 -3.42 -5.05
N TRP A 11 3.20 -3.44 -3.98
CA TRP A 11 3.43 -2.31 -3.07
C TRP A 11 4.86 -1.83 -3.25
N LYS A 12 5.03 -0.66 -3.88
CA LYS A 12 6.38 -0.17 -4.25
C LYS A 12 6.41 1.35 -4.34
N THR A 13 7.46 1.93 -3.75
CA THR A 13 7.80 3.34 -3.92
C THR A 13 8.46 3.54 -5.31
N ILE A 14 7.80 4.33 -6.17
CA ILE A 14 8.25 4.53 -7.57
C ILE A 14 9.13 5.78 -7.64
N THR A 15 10.37 5.65 -8.10
CA THR A 15 11.25 6.79 -8.32
C THR A 15 11.04 7.34 -9.75
N LEU A 16 10.79 8.64 -9.82
CA LEU A 16 10.60 9.38 -11.09
C LEU A 16 11.15 10.79 -10.89
N GLU A 17 11.24 11.56 -11.97
CA GLU A 17 11.54 12.99 -11.93
C GLU A 17 10.36 13.80 -12.42
N VAL A 18 10.37 15.06 -12.02
CA VAL A 18 9.36 16.07 -12.38
C VAL A 18 10.02 17.47 -12.37
N GLU A 19 9.31 18.52 -12.81
CA GLU A 19 9.84 19.90 -12.84
C GLU A 19 8.91 20.87 -12.09
N PRO A 20 9.46 21.97 -11.47
CA PRO A 20 8.62 22.98 -10.76
C PRO A 20 7.64 23.71 -11.71
N SER A 21 8.05 23.86 -13.00
CA SER A 21 7.23 24.49 -14.06
C SER A 21 6.24 23.49 -14.72
N ASP A 22 6.35 22.22 -14.31
CA ASP A 22 5.50 21.12 -14.80
C ASP A 22 4.27 21.05 -13.87
N THR A 23 3.06 20.82 -14.42
CA THR A 23 1.82 20.70 -13.63
C THR A 23 1.65 19.31 -13.01
N ILE A 24 0.77 19.28 -11.99
CA ILE A 24 0.33 18.05 -11.30
C ILE A 24 -0.51 17.19 -12.28
N GLU A 25 -1.20 17.86 -13.24
CA GLU A 25 -1.88 17.23 -14.39
C GLU A 25 -0.95 16.23 -15.13
N ASN A 26 0.28 16.69 -15.39
CA ASN A 26 1.31 15.87 -16.04
C ASN A 26 1.68 14.67 -15.17
N VAL A 27 1.87 14.92 -13.84
CA VAL A 27 2.22 13.85 -12.86
C VAL A 27 1.16 12.74 -12.89
N LYS A 28 -0.10 13.17 -12.81
CA LYS A 28 -1.30 12.33 -12.91
C LYS A 28 -1.24 11.43 -14.17
N ALA A 29 -1.05 12.09 -15.32
CA ALA A 29 -1.06 11.43 -16.63
C ALA A 29 0.19 10.54 -16.88
N LYS A 30 1.34 10.92 -16.28
CA LYS A 30 2.65 10.23 -16.52
C LYS A 30 2.75 8.97 -15.65
N ILE A 31 2.18 9.02 -14.42
CA ILE A 31 2.12 7.84 -13.54
C ILE A 31 1.03 6.86 -14.03
N GLN A 32 -0.07 7.44 -14.59
CA GLN A 32 -1.10 6.65 -15.30
C GLN A 32 -0.54 6.00 -16.57
N ASP A 33 0.40 6.72 -17.24
CA ASP A 33 1.09 6.21 -18.44
C ASP A 33 2.02 5.03 -18.08
N LYS A 34 2.89 5.27 -17.08
CA LYS A 34 3.98 4.33 -16.72
C LYS A 34 3.44 3.12 -15.91
N GLU A 35 2.90 3.39 -14.71
CA GLU A 35 2.47 2.34 -13.75
C GLU A 35 1.05 1.83 -14.08
N GLY A 36 0.29 2.62 -14.86
CA GLY A 36 -1.10 2.30 -15.17
C GLY A 36 -2.03 2.59 -13.99
N ILE A 37 -1.56 3.43 -13.07
CA ILE A 37 -2.27 3.76 -11.82
C ILE A 37 -3.21 4.99 -12.06
N PRO A 38 -4.58 4.77 -11.98
CA PRO A 38 -5.57 5.83 -12.24
C PRO A 38 -5.77 6.75 -11.01
N PRO A 39 -5.81 8.12 -11.20
CA PRO A 39 -5.98 9.10 -10.10
C PRO A 39 -7.30 8.92 -9.30
N ASP A 40 -8.39 8.68 -10.04
CA ASP A 40 -9.74 8.45 -9.45
C ASP A 40 -9.77 7.17 -8.61
N GLN A 41 -8.98 6.18 -9.03
CA GLN A 41 -8.92 4.84 -8.43
C GLN A 41 -7.78 4.78 -7.38
N GLN A 42 -6.85 5.75 -7.42
CA GLN A 42 -5.73 5.85 -6.46
C GLN A 42 -5.53 7.34 -6.09
N ARG A 43 -6.08 7.76 -4.94
CA ARG A 43 -6.05 9.15 -4.46
C ARG A 43 -4.65 9.48 -3.88
N LEU A 44 -3.85 10.22 -4.69
CA LEU A 44 -2.48 10.63 -4.34
C LEU A 44 -2.53 11.73 -3.25
N ILE A 45 -2.06 11.38 -2.04
CA ILE A 45 -1.79 12.35 -0.97
C ILE A 45 -0.26 12.45 -0.78
N PHE A 46 0.24 13.68 -0.70
CA PHE A 46 1.66 14.01 -0.49
C PHE A 46 1.81 14.83 0.79
N ALA A 47 2.57 14.30 1.77
CA ALA A 47 2.97 15.05 3.00
C ALA A 47 1.75 15.44 3.86
N GLY A 48 0.63 14.76 3.63
CA GLY A 48 -0.66 15.08 4.24
C GLY A 48 -1.42 16.21 3.52
N LYS A 49 -1.23 16.29 2.18
CA LYS A 49 -1.94 17.23 1.31
C LYS A 49 -2.25 16.55 -0.04
N GLN A 50 -3.55 16.40 -0.38
CA GLN A 50 -3.96 15.82 -1.68
C GLN A 50 -3.66 16.83 -2.80
N LEU A 51 -2.98 16.34 -3.85
CA LEU A 51 -2.50 17.19 -4.94
C LEU A 51 -3.59 17.35 -6.01
N GLU A 52 -4.03 18.59 -6.20
CA GLU A 52 -4.98 18.96 -7.26
C GLU A 52 -4.22 19.03 -8.60
N ASP A 53 -4.69 18.24 -9.58
CA ASP A 53 -4.10 18.16 -10.93
C ASP A 53 -4.13 19.51 -11.67
N GLY A 54 -5.08 20.37 -11.26
CA GLY A 54 -5.22 21.73 -11.80
C GLY A 54 -4.15 22.72 -11.32
N ARG A 55 -3.20 22.25 -10.47
CA ARG A 55 -2.10 23.09 -9.94
C ARG A 55 -0.76 22.65 -10.52
N THR A 56 0.31 23.36 -10.13
CA THR A 56 1.69 23.14 -10.62
C THR A 56 2.59 22.67 -9.44
N LEU A 57 3.73 22.01 -9.77
CA LEU A 57 4.66 21.46 -8.75
C LEU A 57 5.26 22.57 -7.83
N SER A 58 5.64 23.71 -8.45
CA SER A 58 6.22 24.86 -7.71
C SER A 58 5.23 25.47 -6.70
N ASP A 59 3.93 25.40 -7.02
CA ASP A 59 2.84 25.84 -6.12
C ASP A 59 2.92 25.11 -4.76
N TYR A 60 3.38 23.85 -4.78
CA TYR A 60 3.54 23.03 -3.58
C TYR A 60 4.98 23.12 -3.02
N ASN A 61 5.89 23.71 -3.83
CA ASN A 61 7.34 23.80 -3.52
C ASN A 61 7.93 22.39 -3.28
N ILE A 62 7.55 21.47 -4.18
CA ILE A 62 8.07 20.09 -4.17
C ILE A 62 9.54 20.09 -4.61
N GLN A 63 10.41 19.61 -3.72
CA GLN A 63 11.87 19.52 -3.93
C GLN A 63 12.24 18.09 -4.37
N LYS A 64 13.55 17.80 -4.46
CA LYS A 64 14.02 16.47 -4.87
C LYS A 64 13.88 15.44 -3.75
N GLU A 65 13.62 14.19 -4.17
CA GLU A 65 13.44 13.02 -3.29
C GLU A 65 12.34 13.23 -2.23
N SER A 66 11.30 14.03 -2.60
CA SER A 66 10.08 14.17 -1.80
C SER A 66 9.22 12.90 -1.94
N ALA A 67 8.67 12.40 -0.82
CA ALA A 67 7.91 11.15 -0.79
C ALA A 67 6.38 11.41 -0.78
N LEU A 68 5.69 10.74 -1.71
CA LEU A 68 4.24 10.86 -1.96
C LEU A 68 3.66 9.44 -1.90
N ILE A 69 2.32 9.30 -1.79
CA ILE A 69 1.67 7.99 -1.87
C ILE A 69 0.28 8.10 -2.54
N LEU A 70 0.02 7.18 -3.46
CA LEU A 70 -1.30 6.91 -3.98
C LEU A 70 -1.99 5.88 -3.08
N LEU A 71 -3.16 6.27 -2.56
CA LEU A 71 -4.00 5.41 -1.72
C LEU A 71 -5.04 4.76 -2.64
N LEU A 72 -5.15 3.43 -2.63
CA LEU A 72 -6.11 2.71 -3.51
C LEU A 72 -7.55 2.99 -2.99
N THR A 73 -8.52 3.00 -3.95
CA THR A 73 -9.96 3.31 -3.74
C THR A 73 -10.50 2.82 -2.36
N LEU A 74 -10.68 3.79 -1.44
CA LEU A 74 -11.19 3.53 -0.08
C LEU A 74 -12.72 3.36 -0.08
N ARG A 75 -13.36 3.85 -1.16
CA ARG A 75 -14.78 3.62 -1.48
C ARG A 75 -15.06 4.07 -2.94
N GLY B 1 15.21 19.89 -13.17
CA GLY B 1 14.08 19.11 -12.61
C GLY B 1 14.46 18.34 -11.36
N MET B 2 13.50 18.12 -10.47
CA MET B 2 13.72 17.48 -9.17
C MET B 2 13.06 16.11 -9.14
N GLN B 3 13.63 15.23 -8.32
CA GLN B 3 13.23 13.85 -8.21
C GLN B 3 12.08 13.72 -7.19
N ILE B 4 11.23 12.71 -7.37
CA ILE B 4 10.18 12.37 -6.39
C ILE B 4 9.98 10.85 -6.31
N PHE B 5 9.31 10.42 -5.23
CA PHE B 5 9.03 9.01 -4.95
C PHE B 5 7.52 8.84 -4.76
N VAL B 6 6.78 8.28 -5.75
CA VAL B 6 5.32 8.11 -5.61
C VAL B 6 5.03 6.63 -5.26
N ASP B 7 4.68 6.38 -3.99
CA ASP B 7 4.42 5.01 -3.51
C ASP B 7 3.05 4.55 -4.04
N THR B 8 2.97 3.31 -4.51
CA THR B 8 1.77 2.79 -5.17
C THR B 8 1.39 1.41 -4.61
N VAL B 9 0.08 1.22 -4.47
CA VAL B 9 -0.54 -0.06 -4.13
C VAL B 9 -1.48 -0.43 -5.27
N GLN B 10 -1.27 -1.63 -5.83
CA GLN B 10 -2.22 -2.24 -6.78
C GLN B 10 -2.41 -3.71 -6.39
N TRP B 11 -3.62 -4.23 -6.60
CA TRP B 11 -3.99 -5.60 -6.24
C TRP B 11 -4.70 -6.24 -7.45
N LYS B 12 -4.26 -7.43 -7.79
CA LYS B 12 -4.77 -8.22 -8.92
C LYS B 12 -4.86 -9.70 -8.49
N THR B 13 -5.69 -10.48 -9.18
CA THR B 13 -5.87 -11.92 -8.93
C THR B 13 -5.57 -12.70 -10.23
N ILE B 14 -4.59 -13.61 -10.17
CA ILE B 14 -4.20 -14.44 -11.31
C ILE B 14 -4.87 -15.81 -11.16
N THR B 15 -5.84 -16.11 -12.00
CA THR B 15 -6.49 -17.42 -12.01
C THR B 15 -5.76 -18.35 -12.98
N LEU B 16 -5.22 -19.45 -12.44
CA LEU B 16 -4.51 -20.49 -13.25
C LEU B 16 -4.95 -21.89 -12.80
N GLU B 17 -4.76 -22.90 -13.66
CA GLU B 17 -4.93 -24.31 -13.29
C GLU B 17 -3.56 -24.92 -13.00
N VAL B 18 -3.54 -25.81 -12.01
CA VAL B 18 -2.33 -26.54 -11.58
C VAL B 18 -2.72 -27.95 -11.10
N GLU B 19 -1.73 -28.85 -10.96
CA GLU B 19 -1.96 -30.25 -10.54
C GLU B 19 -1.32 -30.52 -9.17
N PRO B 20 -1.87 -31.50 -8.38
CA PRO B 20 -1.30 -31.86 -7.05
C PRO B 20 0.12 -32.44 -7.17
N SER B 21 0.40 -33.10 -8.30
CA SER B 21 1.69 -33.74 -8.60
C SER B 21 2.69 -32.77 -9.26
N ASP B 22 2.27 -31.51 -9.47
CA ASP B 22 3.17 -30.45 -9.97
C ASP B 22 4.02 -29.94 -8.82
N THR B 23 5.17 -29.40 -9.16
CA THR B 23 6.01 -28.65 -8.21
C THR B 23 5.79 -27.15 -8.42
N ILE B 24 6.00 -26.39 -7.33
CA ILE B 24 5.84 -24.92 -7.27
C ILE B 24 6.73 -24.19 -8.32
N GLU B 25 7.73 -24.93 -8.85
CA GLU B 25 8.63 -24.45 -9.89
C GLU B 25 7.83 -24.00 -11.13
N ASN B 26 6.65 -24.63 -11.36
CA ASN B 26 5.74 -24.22 -12.45
C ASN B 26 5.30 -22.76 -12.24
N VAL B 27 4.90 -22.43 -10.99
CA VAL B 27 4.36 -21.11 -10.62
C VAL B 27 5.45 -20.03 -10.74
N LYS B 28 6.66 -20.32 -10.14
CA LYS B 28 7.79 -19.37 -10.20
C LYS B 28 8.27 -19.17 -11.65
N ALA B 29 8.21 -20.26 -12.44
CA ALA B 29 8.61 -20.22 -13.85
C ALA B 29 7.65 -19.36 -14.67
N LYS B 30 6.34 -19.45 -14.37
CA LYS B 30 5.29 -18.69 -15.08
C LYS B 30 5.36 -17.19 -14.77
N ILE B 31 5.57 -16.81 -13.48
CA ILE B 31 5.72 -15.38 -13.11
C ILE B 31 7.05 -14.82 -13.69
N GLN B 32 8.07 -15.71 -13.81
CA GLN B 32 9.38 -15.38 -14.44
C GLN B 32 9.30 -15.37 -15.98
N ASP B 33 8.33 -16.13 -16.54
CA ASP B 33 8.12 -16.24 -18.00
C ASP B 33 7.34 -15.02 -18.52
N LYS B 34 6.34 -14.62 -17.73
CA LYS B 34 5.44 -13.51 -18.06
C LYS B 34 6.05 -12.15 -17.67
N GLU B 35 6.29 -11.95 -16.36
CA GLU B 35 6.73 -10.64 -15.82
C GLU B 35 8.23 -10.59 -15.53
N GLY B 36 8.90 -11.74 -15.63
CA GLY B 36 10.35 -11.84 -15.36
C GLY B 36 10.69 -11.80 -13.89
N ILE B 37 9.74 -12.25 -13.04
CA ILE B 37 9.90 -12.26 -11.56
C ILE B 37 10.71 -13.51 -11.11
N PRO B 38 12.00 -13.34 -10.65
CA PRO B 38 12.76 -14.44 -10.03
C PRO B 38 12.17 -14.80 -8.62
N PRO B 39 12.10 -16.12 -8.26
CA PRO B 39 11.59 -16.59 -6.93
C PRO B 39 12.34 -15.96 -5.73
N ASP B 40 13.62 -15.70 -5.97
CA ASP B 40 14.56 -15.10 -5.00
C ASP B 40 14.15 -13.69 -4.53
N GLN B 41 13.38 -12.98 -5.38
CA GLN B 41 13.00 -11.56 -5.15
C GLN B 41 11.56 -11.44 -4.59
N GLN B 42 10.91 -12.58 -4.29
CA GLN B 42 9.49 -12.58 -3.88
C GLN B 42 9.18 -13.67 -2.84
N ARG B 43 8.25 -13.36 -1.91
CA ARG B 43 7.69 -14.33 -0.96
C ARG B 43 6.24 -14.65 -1.38
N LEU B 44 6.04 -15.80 -2.04
CA LEU B 44 4.71 -16.30 -2.37
C LEU B 44 4.17 -17.02 -1.14
N ASP B 45 3.21 -16.39 -0.47
CA ASP B 45 2.64 -16.89 0.79
C ASP B 45 1.34 -17.62 0.48
N PHE B 46 1.14 -18.71 1.20
CA PHE B 46 -0.05 -19.54 1.14
C PHE B 46 -0.33 -20.03 2.57
N ALA B 47 -1.46 -19.56 3.14
CA ALA B 47 -1.96 -20.01 4.46
C ALA B 47 -0.98 -19.69 5.62
N GLY B 48 -0.09 -18.70 5.39
CA GLY B 48 0.90 -18.29 6.39
C GLY B 48 2.25 -18.98 6.26
N LYS B 49 2.45 -19.75 5.16
CA LYS B 49 3.73 -20.43 4.88
C LYS B 49 4.12 -20.16 3.42
N GLN B 50 5.41 -19.84 3.20
CA GLN B 50 5.95 -19.56 1.86
C GLN B 50 6.13 -20.88 1.09
N LEU B 51 6.02 -20.78 -0.24
CA LEU B 51 6.10 -21.94 -1.13
C LEU B 51 7.50 -22.04 -1.73
N GLU B 52 8.24 -23.08 -1.29
CA GLU B 52 9.55 -23.44 -1.86
C GLU B 52 9.33 -23.90 -3.31
N ASP B 53 10.09 -23.33 -4.25
CA ASP B 53 9.93 -23.60 -5.70
C ASP B 53 10.16 -25.09 -6.04
N GLY B 54 11.06 -25.73 -5.27
CA GLY B 54 11.37 -27.15 -5.46
C GLY B 54 10.39 -28.11 -4.80
N ARG B 55 9.37 -27.57 -4.09
CA ARG B 55 8.41 -28.39 -3.34
C ARG B 55 7.15 -28.64 -4.21
N THR B 56 6.22 -29.48 -3.74
CA THR B 56 5.05 -29.92 -4.53
C THR B 56 3.74 -29.22 -4.05
N LEU B 57 2.74 -29.12 -4.95
CA LEU B 57 1.40 -28.55 -4.63
C LEU B 57 0.69 -29.38 -3.54
N SER B 58 0.73 -30.72 -3.69
CA SER B 58 0.14 -31.66 -2.72
C SER B 58 0.80 -31.56 -1.33
N ASP B 59 2.11 -31.25 -1.33
CA ASP B 59 2.91 -31.13 -0.08
C ASP B 59 2.29 -30.10 0.89
N TYR B 60 1.71 -29.04 0.33
CA TYR B 60 1.12 -27.94 1.12
C TYR B 60 -0.39 -28.09 1.25
N ASN B 61 -0.95 -29.04 0.45
CA ASN B 61 -2.41 -29.22 0.30
C ASN B 61 -3.06 -27.93 -0.25
N ILE B 62 -2.67 -27.57 -1.49
CA ILE B 62 -3.36 -26.54 -2.27
C ILE B 62 -4.78 -27.06 -2.65
N GLN B 63 -5.81 -26.34 -2.21
CA GLN B 63 -7.20 -26.67 -2.52
C GLN B 63 -7.63 -26.03 -3.85
N LYS B 64 -8.73 -26.54 -4.40
CA LYS B 64 -9.36 -25.90 -5.56
C LYS B 64 -9.96 -24.57 -5.12
N GLU B 65 -9.81 -23.56 -6.00
CA GLU B 65 -10.15 -22.17 -5.73
C GLU B 65 -9.27 -21.55 -4.62
N SER B 66 -8.12 -22.21 -4.26
CA SER B 66 -7.18 -21.69 -3.24
C SER B 66 -6.77 -20.22 -3.49
N ALA B 67 -6.83 -19.39 -2.43
CA ALA B 67 -6.39 -17.99 -2.51
C ALA B 67 -4.98 -17.84 -1.88
N LEU B 68 -3.97 -17.67 -2.75
CA LEU B 68 -2.57 -17.43 -2.36
C LEU B 68 -2.29 -15.94 -2.56
N ILE B 69 -1.21 -15.40 -1.98
CA ILE B 69 -0.84 -13.99 -2.18
C ILE B 69 0.65 -13.87 -2.48
N LEU B 70 0.95 -13.26 -3.64
CA LEU B 70 2.31 -12.94 -4.08
C LEU B 70 2.79 -11.63 -3.41
N LEU B 71 3.71 -11.76 -2.44
CA LEU B 71 4.43 -10.62 -1.86
C LEU B 71 5.80 -10.49 -2.55
N LEU B 72 6.39 -9.30 -2.45
CA LEU B 72 7.80 -9.05 -2.78
C LEU B 72 8.72 -9.72 -1.72
N THR B 73 10.04 -9.66 -1.92
CA THR B 73 11.03 -10.13 -0.93
C THR B 73 10.80 -9.43 0.45
N LEU B 74 10.00 -10.12 1.29
CA LEU B 74 9.53 -9.58 2.59
C LEU B 74 8.88 -10.69 3.41
N ARG B 75 9.12 -10.66 4.74
CA ARG B 75 8.44 -11.54 5.69
C ARG B 75 7.09 -10.90 6.08
N GLY C 1 -9.87 22.79 -4.79
CA GLY C 1 -10.97 21.84 -4.52
C GLY C 1 -11.89 22.34 -3.42
N SER C 2 -11.36 22.41 -2.19
CA SER C 2 -12.14 22.79 -1.00
C SER C 2 -11.25 23.59 -0.01
N GLU C 3 -10.36 24.43 -0.59
CA GLU C 3 -9.41 25.30 0.15
C GLU C 3 -10.09 26.63 0.60
N SER C 4 -11.42 26.71 0.47
CA SER C 4 -12.23 27.87 0.88
C SER C 4 -12.72 27.74 2.35
N ASP C 5 -12.22 26.71 3.07
CA ASP C 5 -12.59 26.39 4.46
C ASP C 5 -12.21 27.55 5.44
N SER C 6 -13.06 27.78 6.47
CA SER C 6 -12.82 28.85 7.47
C SER C 6 -13.69 28.59 8.73
N GLY C 7 -13.02 28.44 9.90
CA GLY C 7 -13.69 28.15 11.17
C GLY C 7 -12.94 28.71 12.38
N MET C 8 -13.56 28.61 13.57
CA MET C 8 -13.04 29.12 14.86
C MET C 8 -12.40 27.98 15.69
N ALA C 9 -11.34 28.32 16.45
CA ALA C 9 -10.54 27.36 17.26
C ALA C 9 -9.93 26.27 16.36
N SER C 10 -9.40 26.71 15.21
CA SER C 10 -8.89 25.84 14.13
C SER C 10 -7.62 25.06 14.54
N GLN C 11 -7.00 25.42 15.69
CA GLN C 11 -5.84 24.67 16.24
C GLN C 11 -6.33 23.33 16.84
N ALA C 12 -7.55 23.35 17.40
CA ALA C 12 -8.19 22.15 17.98
C ALA C 12 -8.67 21.22 16.87
N ASP C 13 -9.25 21.82 15.82
CA ASP C 13 -9.66 21.08 14.61
C ASP C 13 -8.45 20.48 13.91
N GLN C 14 -7.34 21.26 13.89
CA GLN C 14 -6.06 20.87 13.26
C GLN C 14 -5.63 19.44 13.66
N LYS C 15 -5.48 19.23 14.97
CA LYS C 15 -4.92 17.98 15.53
C LYS C 15 -5.86 16.78 15.37
N GLU C 16 -7.16 16.99 15.59
CA GLU C 16 -8.20 15.96 15.37
C GLU C 16 -8.19 15.49 13.90
N GLU C 17 -8.24 16.47 12.98
CA GLU C 17 -8.25 16.21 11.54
C GLU C 17 -6.90 15.64 11.06
N GLU C 18 -5.82 15.95 11.81
CA GLU C 18 -4.49 15.36 11.60
C GLU C 18 -4.58 13.85 11.79
N LEU C 19 -5.11 13.46 12.98
CA LEU C 19 -5.29 12.05 13.36
C LEU C 19 -6.23 11.33 12.38
N LEU C 20 -7.29 12.04 11.96
CA LEU C 20 -8.29 11.55 10.99
C LEU C 20 -7.63 11.36 9.61
N LEU C 21 -6.69 12.26 9.26
CA LEU C 21 -5.95 12.22 7.98
C LEU C 21 -4.93 11.07 7.97
N PHE C 22 -4.29 10.85 9.12
CA PHE C 22 -3.38 9.71 9.32
C PHE C 22 -4.17 8.40 9.24
N TRP C 23 -5.40 8.46 9.74
CA TRP C 23 -6.34 7.36 9.62
C TRP C 23 -6.84 7.24 8.16
N THR C 24 -6.97 8.38 7.42
CA THR C 24 -7.35 8.35 5.98
C THR C 24 -6.24 7.66 5.17
N TYR C 25 -4.98 7.82 5.64
CA TYR C 25 -3.84 7.08 5.12
C TYR C 25 -3.99 5.57 5.39
N ILE C 26 -3.96 5.18 6.69
CA ILE C 26 -3.94 3.77 7.12
C ILE C 26 -5.23 3.01 6.70
N GLN C 27 -6.35 3.76 6.55
CA GLN C 27 -7.63 3.18 6.15
C GLN C 27 -7.61 2.86 4.65
N ALA C 28 -7.28 3.87 3.85
CA ALA C 28 -7.22 3.76 2.36
C ALA C 28 -6.05 2.88 1.91
N MET C 29 -5.06 2.73 2.78
CA MET C 29 -3.88 1.89 2.56
C MET C 29 -4.26 0.42 2.80
N LEU C 30 -4.70 0.10 4.04
CA LEU C 30 -4.99 -1.31 4.47
C LEU C 30 -6.30 -1.86 3.87
N THR C 31 -7.16 -0.97 3.30
CA THR C 31 -8.44 -1.40 2.66
C THR C 31 -8.18 -2.30 1.43
N ASN C 32 -6.93 -2.27 0.92
CA ASN C 32 -6.44 -3.19 -0.15
C ASN C 32 -5.13 -3.85 0.28
N LEU C 33 -4.27 -3.08 0.96
CA LEU C 33 -2.95 -3.51 1.45
C LEU C 33 -3.11 -4.10 2.88
N GLU C 34 -3.98 -5.10 2.99
CA GLU C 34 -4.40 -5.71 4.28
C GLU C 34 -3.37 -6.77 4.78
N SER C 35 -2.10 -6.35 4.91
CA SER C 35 -0.96 -7.22 5.32
C SER C 35 0.31 -6.36 5.47
N LEU C 36 0.59 -5.85 6.69
CA LEU C 36 1.85 -5.06 6.92
C LEU C 36 2.24 -5.00 8.40
N SER C 37 3.55 -4.81 8.66
CA SER C 37 4.08 -4.59 10.01
C SER C 37 3.76 -3.17 10.51
N LEU C 38 3.81 -3.02 11.85
CA LEU C 38 3.76 -1.72 12.56
C LEU C 38 4.89 -0.80 12.07
N ASP C 39 6.09 -1.37 11.89
CA ASP C 39 7.30 -0.63 11.44
C ASP C 39 7.02 0.22 10.18
N ARG C 40 6.31 -0.40 9.21
CA ARG C 40 5.98 0.24 7.93
C ARG C 40 5.14 1.51 8.15
N ILE C 41 3.93 1.31 8.70
CA ILE C 41 2.94 2.40 8.87
C ILE C 41 3.40 3.46 9.90
N TYR C 42 4.30 3.06 10.82
CA TYR C 42 5.01 4.00 11.71
C TYR C 42 5.87 4.95 10.87
N ASN C 43 6.75 4.37 10.02
CA ASN C 43 7.66 5.15 9.12
C ASN C 43 6.86 6.06 8.16
N MET C 44 5.72 5.53 7.68
CA MET C 44 4.78 6.27 6.81
C MET C 44 4.26 7.52 7.53
N LEU C 45 3.52 7.30 8.64
CA LEU C 45 2.95 8.40 9.45
C LEU C 45 4.03 9.39 9.96
N ARG C 46 5.25 8.88 10.21
CA ARG C 46 6.40 9.71 10.61
C ARG C 46 6.78 10.70 9.51
N MET C 47 6.99 10.21 8.27
CA MET C 47 7.33 11.10 7.15
C MET C 47 6.21 12.14 6.93
N PHE C 48 4.93 11.69 6.98
CA PHE C 48 3.75 12.57 6.78
C PHE C 48 3.66 13.69 7.86
N VAL C 49 3.97 13.31 9.12
CA VAL C 49 3.84 14.22 10.28
C VAL C 49 4.99 15.26 10.31
N VAL C 50 6.21 14.85 9.86
CA VAL C 50 7.40 15.73 9.87
C VAL C 50 7.54 16.57 8.58
N THR C 51 6.94 16.12 7.47
CA THR C 51 6.97 16.87 6.19
C THR C 51 6.07 18.11 6.26
N GLY C 52 5.11 18.07 7.19
CA GLY C 52 4.19 19.16 7.42
C GLY C 52 4.33 19.74 8.82
N PRO C 53 3.53 20.79 9.19
CA PRO C 53 3.45 21.30 10.59
C PRO C 53 2.60 20.37 11.50
N ALA C 54 2.03 19.32 10.86
CA ALA C 54 1.20 18.29 11.46
C ALA C 54 1.72 17.82 12.82
N LEU C 55 1.10 18.33 13.92
CA LEU C 55 1.38 17.91 15.32
C LEU C 55 2.87 18.09 15.73
N ALA C 56 3.65 18.82 14.88
CA ALA C 56 5.15 18.77 14.88
C ALA C 56 5.63 17.35 14.46
N GLU C 57 5.43 16.37 15.35
CA GLU C 57 5.73 14.96 15.10
C GLU C 57 5.02 14.12 16.16
N ILE C 58 4.33 13.07 15.72
CA ILE C 58 3.77 12.02 16.59
C ILE C 58 4.86 11.03 16.99
N ASP C 59 4.65 10.40 18.12
CA ASP C 59 5.63 9.48 18.73
C ASP C 59 5.04 8.05 18.77
N LEU C 60 5.88 7.07 19.17
CA LEU C 60 5.46 5.67 19.39
C LEU C 60 4.21 5.55 20.27
N GLN C 61 4.14 6.36 21.33
CA GLN C 61 3.01 6.39 22.27
C GLN C 61 1.68 6.75 21.55
N GLU C 62 1.72 7.78 20.67
CA GLU C 62 0.55 8.20 19.82
C GLU C 62 0.18 7.07 18.84
N LEU C 63 1.18 6.68 18.06
CA LEU C 63 1.10 5.66 16.98
C LEU C 63 0.49 4.32 17.52
N GLN C 64 1.20 3.73 18.48
CA GLN C 64 0.82 2.49 19.17
C GLN C 64 -0.55 2.64 19.85
N GLY C 65 -0.75 3.76 20.59
CA GLY C 65 -2.04 4.04 21.24
C GLY C 65 -3.22 4.14 20.27
N TYR C 66 -2.93 4.66 19.07
CA TYR C 66 -3.94 4.91 18.02
C TYR C 66 -4.40 3.58 17.41
N LEU C 67 -3.42 2.78 17.00
CA LEU C 67 -3.61 1.42 16.47
C LEU C 67 -4.27 0.51 17.51
N GLN C 68 -3.85 0.69 18.78
CA GLN C 68 -4.40 -0.03 19.92
C GLN C 68 -5.90 0.23 19.99
N LYS C 69 -6.30 1.53 19.97
CA LYS C 69 -7.72 1.93 20.01
C LYS C 69 -8.48 1.26 18.85
N LYS C 70 -7.95 1.37 17.63
CA LYS C 70 -8.55 0.73 16.43
C LYS C 70 -8.78 -0.80 16.62
N VAL C 71 -7.81 -1.49 17.25
CA VAL C 71 -7.93 -2.93 17.59
C VAL C 71 -8.98 -3.16 18.72
N ARG C 72 -9.03 -2.23 19.71
CA ARG C 72 -9.98 -2.32 20.85
C ARG C 72 -11.44 -2.11 20.38
N ASP C 73 -11.61 -1.20 19.42
CA ASP C 73 -12.90 -0.84 18.80
C ASP C 73 -13.26 -1.81 17.65
N GLN C 74 -12.36 -2.80 17.39
CA GLN C 74 -12.53 -3.88 16.39
C GLN C 74 -12.54 -3.32 14.94
N GLN C 75 -12.07 -2.08 14.81
CA GLN C 75 -11.96 -1.33 13.54
C GLN C 75 -10.68 -1.74 12.77
N LEU C 76 -9.79 -2.49 13.44
CA LEU C 76 -8.51 -2.96 12.86
C LEU C 76 -8.17 -4.33 13.48
N VAL C 77 -7.60 -5.24 12.66
CA VAL C 77 -7.17 -6.58 13.11
C VAL C 77 -5.64 -6.62 13.23
N TYR C 78 -5.16 -6.90 14.44
CA TYR C 78 -3.74 -7.15 14.75
C TYR C 78 -3.50 -8.66 14.76
N SER C 79 -2.77 -9.15 13.76
CA SER C 79 -2.37 -10.56 13.68
C SER C 79 -1.04 -10.75 14.45
N ALA C 80 -0.14 -11.63 13.98
CA ALA C 80 1.18 -11.85 14.61
C ALA C 80 2.11 -10.65 14.34
N GLY C 81 1.86 -9.54 15.07
CA GLY C 81 2.70 -8.34 14.98
C GLY C 81 2.50 -7.54 13.71
N VAL C 82 1.42 -7.84 12.97
CA VAL C 82 1.08 -7.14 11.72
C VAL C 82 -0.35 -6.62 11.78
N TYR C 83 -0.59 -5.48 11.14
CA TYR C 83 -1.93 -4.90 11.01
C TYR C 83 -2.52 -5.22 9.64
N ARG C 84 -3.86 -5.33 9.64
CA ARG C 84 -4.69 -5.50 8.43
C ARG C 84 -6.13 -5.06 8.73
N LEU C 85 -6.79 -4.41 7.75
CA LEU C 85 -8.22 -4.07 7.89
C LEU C 85 -9.12 -5.27 7.51
N PRO C 86 -10.13 -5.63 8.37
CA PRO C 86 -11.14 -6.64 8.03
C PRO C 86 -12.18 -6.09 7.03
N LYS C 87 -12.70 -6.97 6.17
CA LYS C 87 -13.77 -6.64 5.19
C LYS C 87 -15.16 -6.96 5.78
N ASN C 88 -15.17 -7.91 6.74
CA ASN C 88 -16.37 -8.27 7.51
C ASN C 88 -16.14 -7.89 8.99
N CYS C 89 -17.23 -7.53 9.68
CA CYS C 89 -17.22 -7.25 11.12
C CYS C 89 -17.32 -8.55 11.93
N SER C 90 -17.07 -8.45 13.24
CA SER C 90 -17.10 -9.59 14.18
C SER C 90 -16.01 -10.63 13.79
N GLY A 1 -6.15 -31.07 -12.25
CA GLY A 1 -5.83 -31.00 -10.80
C GLY A 1 -6.62 -29.92 -10.10
N MET A 2 -6.16 -28.67 -10.24
CA MET A 2 -6.84 -27.52 -9.67
C MET A 2 -6.41 -26.25 -10.43
N GLN A 3 -6.80 -25.11 -9.86
CA GLN A 3 -6.45 -23.78 -10.33
C GLN A 3 -6.12 -22.92 -9.11
N ILE A 4 -5.37 -21.83 -9.30
CA ILE A 4 -5.07 -20.87 -8.23
C ILE A 4 -5.26 -19.42 -8.72
N PHE A 5 -5.35 -18.51 -7.76
CA PHE A 5 -5.42 -17.07 -7.96
C PHE A 5 -4.21 -16.45 -7.28
N VAL A 6 -3.19 -16.07 -8.04
CA VAL A 6 -2.02 -15.38 -7.47
C VAL A 6 -2.27 -13.87 -7.54
N ASP A 7 -2.78 -13.33 -6.43
CA ASP A 7 -3.02 -11.89 -6.27
C ASP A 7 -1.68 -11.14 -6.21
N THR A 8 -1.27 -10.60 -7.36
CA THR A 8 -0.03 -9.85 -7.50
C THR A 8 -0.29 -8.38 -7.16
N VAL A 9 0.21 -7.96 -5.98
CA VAL A 9 0.17 -6.58 -5.53
C VAL A 9 1.55 -5.92 -5.71
N GLN A 10 1.55 -4.82 -6.46
CA GLN A 10 2.75 -3.98 -6.65
C GLN A 10 2.58 -2.75 -5.76
N TRP A 11 2.94 -2.94 -4.49
CA TRP A 11 3.00 -1.89 -3.48
C TRP A 11 4.44 -1.46 -3.38
N LYS A 12 4.76 -0.29 -3.96
CA LYS A 12 6.17 0.08 -4.21
C LYS A 12 6.35 1.59 -4.40
N THR A 13 7.37 2.14 -3.73
CA THR A 13 7.79 3.53 -3.90
C THR A 13 8.60 3.66 -5.21
N ILE A 14 8.02 4.33 -6.22
CA ILE A 14 8.64 4.56 -7.53
C ILE A 14 9.37 5.91 -7.51
N THR A 15 10.40 6.09 -8.34
CA THR A 15 11.07 7.38 -8.53
C THR A 15 10.91 7.82 -10.00
N LEU A 16 10.46 9.07 -10.17
CA LEU A 16 10.31 9.72 -11.51
C LEU A 16 10.79 11.17 -11.40
N GLU A 17 10.94 11.86 -12.52
CA GLU A 17 11.55 13.22 -12.59
C GLU A 17 10.54 14.20 -13.19
N VAL A 18 10.39 15.38 -12.58
CA VAL A 18 9.41 16.41 -13.00
C VAL A 18 10.01 17.84 -12.94
N GLU A 19 9.21 18.81 -13.40
CA GLU A 19 9.57 20.24 -13.37
C GLU A 19 8.74 20.96 -12.31
N PRO A 20 9.27 22.06 -11.69
CA PRO A 20 8.50 22.88 -10.72
C PRO A 20 7.27 23.54 -11.38
N SER A 21 7.45 24.05 -12.60
CA SER A 21 6.39 24.80 -13.33
C SER A 21 5.50 23.85 -14.15
N ASP A 22 5.76 22.53 -14.05
CA ASP A 22 4.92 21.50 -14.70
C ASP A 22 3.66 21.29 -13.85
N THR A 23 2.65 20.62 -14.43
CA THR A 23 1.42 20.25 -13.72
C THR A 23 1.53 18.84 -13.13
N ILE A 24 0.60 18.54 -12.19
CA ILE A 24 0.51 17.23 -11.52
C ILE A 24 -0.11 16.17 -12.47
N GLU A 25 -0.82 16.64 -13.51
CA GLU A 25 -1.46 15.78 -14.54
C GLU A 25 -0.41 14.93 -15.28
N ASN A 26 0.84 15.43 -15.25
CA ASN A 26 2.06 14.72 -15.68
C ASN A 26 2.14 13.38 -14.94
N VAL A 27 2.25 13.47 -13.60
CA VAL A 27 2.40 12.31 -12.71
C VAL A 27 1.18 11.38 -12.83
N LYS A 28 -0.01 12.01 -12.88
CA LYS A 28 -1.30 11.33 -13.05
C LYS A 28 -1.31 10.41 -14.29
N ALA A 29 -0.92 10.99 -15.44
CA ALA A 29 -0.94 10.29 -16.72
C ALA A 29 0.17 9.21 -16.80
N LYS A 30 1.33 9.48 -16.16
CA LYS A 30 2.46 8.54 -16.12
C LYS A 30 2.08 7.25 -15.36
N ILE A 31 1.51 7.41 -14.15
CA ILE A 31 1.08 6.25 -13.32
C ILE A 31 -0.14 5.55 -13.97
N GLN A 32 -0.99 6.32 -14.67
CA GLN A 32 -2.16 5.75 -15.37
C GLN A 32 -1.72 4.91 -16.59
N ASP A 33 -0.64 5.36 -17.26
CA ASP A 33 -0.08 4.69 -18.45
C ASP A 33 0.66 3.40 -18.07
N LYS A 34 1.54 3.56 -17.07
CA LYS A 34 2.47 2.50 -16.63
C LYS A 34 1.80 1.54 -15.64
N GLU A 35 1.32 2.08 -14.51
CA GLU A 35 0.74 1.28 -13.39
C GLU A 35 -0.72 0.92 -13.68
N GLY A 36 -1.38 1.80 -14.45
CA GLY A 36 -2.80 1.64 -14.75
C GLY A 36 -3.70 2.20 -13.65
N ILE A 37 -3.12 3.04 -12.75
CA ILE A 37 -3.87 3.64 -11.62
C ILE A 37 -4.85 4.70 -12.15
N PRO A 38 -6.19 4.50 -11.96
CA PRO A 38 -7.23 5.44 -12.42
C PRO A 38 -7.33 6.69 -11.49
N PRO A 39 -7.08 7.94 -12.02
CA PRO A 39 -7.07 9.21 -11.22
C PRO A 39 -8.36 9.49 -10.45
N ASP A 40 -9.50 9.24 -11.10
CA ASP A 40 -10.84 9.56 -10.57
C ASP A 40 -11.15 8.85 -9.24
N GLN A 41 -10.52 7.68 -9.03
CA GLN A 41 -10.74 6.86 -7.83
C GLN A 41 -9.47 6.73 -6.98
N GLN A 42 -8.49 7.63 -7.18
CA GLN A 42 -7.26 7.67 -6.36
C GLN A 42 -7.22 8.95 -5.51
N ARG A 43 -6.63 8.83 -4.31
CA ARG A 43 -6.43 9.94 -3.38
C ARG A 43 -4.92 10.21 -3.27
N LEU A 44 -4.43 11.13 -4.12
CA LEU A 44 -3.02 11.53 -4.14
C LEU A 44 -2.77 12.51 -2.97
N ILE A 45 -1.92 12.12 -1.99
CA ILE A 45 -1.59 13.00 -0.83
C ILE A 45 -0.06 13.18 -0.68
N PHE A 46 0.35 14.43 -0.47
CA PHE A 46 1.76 14.85 -0.30
C PHE A 46 1.85 15.74 0.95
N ALA A 47 2.53 15.23 1.99
CA ALA A 47 2.80 15.99 3.24
C ALA A 47 1.51 16.49 3.93
N GLY A 48 0.37 15.83 3.62
CA GLY A 48 -0.93 16.19 4.19
C GLY A 48 -1.77 17.14 3.33
N LYS A 49 -1.38 17.33 2.06
CA LYS A 49 -2.13 18.18 1.11
C LYS A 49 -2.51 17.38 -0.16
N GLN A 50 -3.69 17.68 -0.73
CA GLN A 50 -4.25 16.99 -1.90
C GLN A 50 -3.66 17.54 -3.21
N LEU A 51 -3.23 16.61 -4.10
CA LEU A 51 -2.66 16.96 -5.40
C LEU A 51 -3.77 17.02 -6.46
N GLU A 52 -4.09 18.24 -6.91
CA GLU A 52 -5.00 18.46 -8.04
C GLU A 52 -4.18 18.40 -9.34
N ASP A 53 -4.69 17.69 -10.36
CA ASP A 53 -3.91 17.38 -11.59
C ASP A 53 -3.55 18.68 -12.36
N GLY A 54 -4.47 19.65 -12.36
CA GLY A 54 -4.25 20.94 -13.02
C GLY A 54 -3.51 21.96 -12.16
N ARG A 55 -2.90 21.47 -11.05
CA ARG A 55 -2.09 22.30 -10.16
C ARG A 55 -0.60 22.08 -10.54
N THR A 56 0.31 22.94 -10.07
CA THR A 56 1.75 22.81 -10.38
C THR A 56 2.47 22.10 -9.24
N LEU A 57 3.63 21.51 -9.56
CA LEU A 57 4.54 20.91 -8.55
C LEU A 57 4.99 22.01 -7.55
N SER A 58 5.22 23.23 -8.10
CA SER A 58 5.69 24.41 -7.36
C SER A 58 4.66 24.93 -6.36
N ASP A 59 3.36 24.71 -6.66
CA ASP A 59 2.26 25.05 -5.73
C ASP A 59 2.47 24.34 -4.38
N TYR A 60 2.97 23.10 -4.45
CA TYR A 60 3.19 22.24 -3.29
C TYR A 60 4.63 22.35 -2.77
N ASN A 61 5.46 23.20 -3.45
CA ASN A 61 6.89 23.42 -3.10
C ASN A 61 7.68 22.09 -3.19
N ILE A 62 7.30 21.26 -4.19
CA ILE A 62 7.86 19.92 -4.40
C ILE A 62 9.35 20.00 -4.80
N GLN A 63 10.19 19.45 -3.92
CA GLN A 63 11.66 19.45 -4.07
C GLN A 63 12.13 18.03 -4.44
N LYS A 64 13.46 17.83 -4.42
CA LYS A 64 14.06 16.53 -4.72
C LYS A 64 13.82 15.55 -3.56
N GLU A 65 13.60 14.28 -3.95
CA GLU A 65 13.28 13.16 -3.05
C GLU A 65 11.96 13.36 -2.27
N SER A 66 11.03 14.16 -2.82
CA SER A 66 9.70 14.41 -2.21
C SER A 66 8.78 13.18 -2.39
N ALA A 67 8.29 12.62 -1.27
CA ALA A 67 7.46 11.40 -1.27
C ALA A 67 5.96 11.75 -1.28
N LEU A 68 5.21 11.16 -2.22
CA LEU A 68 3.75 11.33 -2.37
C LEU A 68 3.14 9.94 -2.40
N ILE A 69 2.06 9.72 -1.64
CA ILE A 69 1.39 8.40 -1.61
C ILE A 69 0.15 8.43 -2.51
N LEU A 70 -0.01 7.33 -3.26
CA LEU A 70 -1.18 7.08 -4.10
C LEU A 70 -2.13 6.15 -3.34
N LEU A 71 -3.23 6.71 -2.80
CA LEU A 71 -4.26 5.91 -2.11
C LEU A 71 -5.34 5.54 -3.13
N LEU A 72 -6.10 4.50 -2.82
CA LEU A 72 -7.24 4.07 -3.66
C LEU A 72 -8.55 4.59 -3.03
N THR A 73 -9.68 4.49 -3.78
CA THR A 73 -11.05 4.73 -3.29
C THR A 73 -11.28 4.01 -1.95
N LEU A 74 -11.37 4.81 -0.89
CA LEU A 74 -11.55 4.33 0.47
C LEU A 74 -13.05 4.04 0.67
N ARG A 75 -13.83 5.12 0.77
CA ARG A 75 -15.27 5.06 1.10
C ARG A 75 -16.02 6.05 0.18
N GLY B 1 13.71 19.32 -13.27
CA GLY B 1 13.64 20.08 -12.01
C GLY B 1 14.16 19.27 -10.85
N MET B 2 13.40 18.23 -10.49
CA MET B 2 13.68 17.37 -9.32
C MET B 2 13.07 15.99 -9.48
N GLN B 3 13.60 15.00 -8.72
CA GLN B 3 13.18 13.60 -8.83
C GLN B 3 12.40 13.24 -7.58
N ILE B 4 11.18 12.79 -7.73
CA ILE B 4 10.27 12.54 -6.61
C ILE B 4 9.84 11.07 -6.55
N PHE B 5 9.26 10.70 -5.43
CA PHE B 5 8.84 9.33 -5.16
C PHE B 5 7.31 9.27 -5.16
N VAL B 6 6.71 8.40 -5.98
CA VAL B 6 5.27 8.16 -5.93
C VAL B 6 5.05 6.70 -5.50
N ASP B 7 4.57 6.54 -4.26
CA ASP B 7 4.30 5.22 -3.70
C ASP B 7 3.01 4.66 -4.33
N THR B 8 3.20 3.74 -5.28
CA THR B 8 2.14 3.19 -6.14
C THR B 8 1.52 1.94 -5.52
N VAL B 9 0.17 1.83 -5.67
CA VAL B 9 -0.62 0.67 -5.26
C VAL B 9 -1.27 0.04 -6.52
N GLN B 10 -0.78 -1.13 -6.91
CA GLN B 10 -1.40 -1.98 -7.93
C GLN B 10 -1.84 -3.28 -7.25
N TRP B 11 -3.02 -3.77 -7.61
CA TRP B 11 -3.47 -5.12 -7.22
C TRP B 11 -4.10 -5.76 -8.46
N LYS B 12 -3.72 -7.00 -8.72
CA LYS B 12 -4.20 -7.75 -9.89
C LYS B 12 -4.20 -9.24 -9.56
N THR B 13 -5.36 -9.90 -9.69
CA THR B 13 -5.49 -11.33 -9.48
C THR B 13 -5.11 -12.09 -10.77
N ILE B 14 -4.14 -13.03 -10.66
CA ILE B 14 -3.70 -13.87 -11.78
C ILE B 14 -4.36 -15.25 -11.66
N THR B 15 -5.28 -15.59 -12.55
CA THR B 15 -5.92 -16.91 -12.54
C THR B 15 -5.17 -17.87 -13.47
N LEU B 16 -4.65 -18.96 -12.90
CA LEU B 16 -3.95 -20.02 -13.65
C LEU B 16 -4.38 -21.40 -13.14
N GLU B 17 -4.00 -22.45 -13.89
CA GLU B 17 -4.22 -23.86 -13.50
C GLU B 17 -2.89 -24.47 -13.07
N VAL B 18 -2.97 -25.44 -12.16
CA VAL B 18 -1.79 -26.17 -11.65
C VAL B 18 -2.23 -27.58 -11.20
N GLU B 19 -1.26 -28.50 -11.01
CA GLU B 19 -1.54 -29.90 -10.64
C GLU B 19 -1.00 -30.20 -9.23
N PRO B 20 -1.63 -31.18 -8.49
CA PRO B 20 -1.20 -31.57 -7.13
C PRO B 20 0.21 -32.17 -7.08
N SER B 21 0.61 -32.82 -8.19
CA SER B 21 1.91 -33.50 -8.32
C SER B 21 3.05 -32.51 -8.62
N ASP B 22 2.70 -31.29 -9.07
CA ASP B 22 3.69 -30.27 -9.46
C ASP B 22 4.26 -29.58 -8.22
N THR B 23 5.47 -29.01 -8.36
CA THR B 23 6.10 -28.20 -7.32
C THR B 23 5.65 -26.74 -7.41
N ILE B 24 5.78 -26.03 -6.28
CA ILE B 24 5.64 -24.58 -6.20
C ILE B 24 6.71 -23.90 -7.09
N GLU B 25 7.84 -24.63 -7.30
CA GLU B 25 8.94 -24.24 -8.21
C GLU B 25 8.43 -23.82 -9.61
N ASN B 26 7.34 -24.44 -10.07
CA ASN B 26 6.70 -24.10 -11.34
C ASN B 26 6.15 -22.65 -11.31
N VAL B 27 5.49 -22.30 -10.19
CA VAL B 27 4.92 -20.95 -9.98
C VAL B 27 6.05 -19.90 -9.83
N LYS B 28 7.11 -20.29 -9.10
CA LYS B 28 8.36 -19.51 -8.97
C LYS B 28 8.97 -19.20 -10.36
N ALA B 29 9.11 -20.28 -11.15
CA ALA B 29 9.78 -20.23 -12.45
C ALA B 29 8.99 -19.42 -13.48
N LYS B 30 7.63 -19.46 -13.37
CA LYS B 30 6.75 -18.71 -14.29
C LYS B 30 6.67 -17.22 -13.93
N ILE B 31 6.66 -16.86 -12.61
CA ILE B 31 6.66 -15.43 -12.20
C ILE B 31 8.04 -14.79 -12.53
N GLN B 32 9.12 -15.61 -12.47
CA GLN B 32 10.46 -15.22 -12.94
C GLN B 32 10.47 -15.09 -14.48
N ASP B 33 9.88 -16.09 -15.17
CA ASP B 33 9.85 -16.17 -16.64
C ASP B 33 9.17 -14.93 -17.24
N LYS B 34 8.00 -14.63 -16.69
CA LYS B 34 7.15 -13.53 -17.13
C LYS B 34 7.65 -12.19 -16.58
N GLU B 35 7.51 -11.98 -15.26
CA GLU B 35 7.62 -10.65 -14.65
C GLU B 35 9.06 -10.34 -14.19
N GLY B 36 9.95 -11.36 -14.27
CA GLY B 36 11.35 -11.20 -13.86
C GLY B 36 11.50 -11.12 -12.34
N ILE B 37 10.62 -11.82 -11.63
CA ILE B 37 10.59 -11.83 -10.16
C ILE B 37 11.55 -12.90 -9.62
N PRO B 38 12.63 -12.50 -8.87
CA PRO B 38 13.56 -13.47 -8.24
C PRO B 38 12.87 -14.23 -7.07
N PRO B 39 13.03 -15.60 -7.00
CA PRO B 39 12.60 -16.47 -5.86
C PRO B 39 12.93 -15.88 -4.47
N ASP B 40 14.10 -15.26 -4.41
CA ASP B 40 14.68 -14.67 -3.19
C ASP B 40 13.83 -13.51 -2.66
N GLN B 41 13.28 -12.69 -3.58
CA GLN B 41 12.59 -11.43 -3.23
C GLN B 41 11.06 -11.52 -3.36
N GLN B 42 10.54 -12.69 -3.75
CA GLN B 42 9.08 -12.92 -3.75
C GLN B 42 8.63 -13.40 -2.36
N ARG B 43 7.43 -12.99 -1.96
CA ARG B 43 6.82 -13.42 -0.70
C ARG B 43 5.40 -13.89 -1.03
N LEU B 44 5.32 -15.04 -1.70
CA LEU B 44 4.05 -15.64 -2.10
C LEU B 44 3.41 -16.30 -0.86
N ASP B 45 2.44 -15.62 -0.26
CA ASP B 45 1.76 -16.06 0.96
C ASP B 45 0.40 -16.70 0.61
N PHE B 46 0.00 -17.65 1.45
CA PHE B 46 -1.25 -18.41 1.30
C PHE B 46 -1.87 -18.55 2.69
N ALA B 47 -2.91 -17.74 2.98
CA ALA B 47 -3.68 -17.77 4.24
C ALA B 47 -2.79 -17.62 5.52
N GLY B 48 -1.64 -16.92 5.37
CA GLY B 48 -0.69 -16.70 6.48
C GLY B 48 0.45 -17.72 6.53
N LYS B 49 0.69 -18.45 5.41
CA LYS B 49 1.87 -19.32 5.25
C LYS B 49 2.41 -19.21 3.82
N GLN B 50 3.69 -18.86 3.67
CA GLN B 50 4.33 -18.77 2.35
C GLN B 50 4.60 -20.17 1.77
N LEU B 51 4.67 -20.25 0.44
CA LEU B 51 4.95 -21.50 -0.28
C LEU B 51 6.44 -21.53 -0.65
N GLU B 52 7.19 -22.53 -0.14
CA GLU B 52 8.59 -22.78 -0.55
C GLU B 52 8.56 -23.50 -1.91
N ASP B 53 9.36 -23.01 -2.88
CA ASP B 53 9.41 -23.55 -4.25
C ASP B 53 9.81 -25.04 -4.27
N GLY B 54 10.62 -25.43 -3.27
CA GLY B 54 11.07 -26.80 -3.08
C GLY B 54 10.01 -27.75 -2.54
N ARG B 55 8.76 -27.27 -2.40
CA ARG B 55 7.63 -28.07 -1.92
C ARG B 55 6.63 -28.28 -3.05
N THR B 56 5.61 -29.11 -2.79
CA THR B 56 4.62 -29.55 -3.79
C THR B 56 3.28 -28.79 -3.58
N LEU B 57 2.38 -28.80 -4.58
CA LEU B 57 1.00 -28.28 -4.44
C LEU B 57 0.22 -29.16 -3.44
N SER B 58 0.37 -30.50 -3.57
CA SER B 58 -0.24 -31.48 -2.65
C SER B 58 0.36 -31.38 -1.23
N ASP B 59 1.62 -30.91 -1.13
CA ASP B 59 2.32 -30.73 0.18
C ASP B 59 1.54 -29.77 1.10
N TYR B 60 0.84 -28.79 0.52
CA TYR B 60 -0.01 -27.84 1.28
C TYR B 60 -1.50 -28.17 1.06
N ASN B 61 -1.77 -29.12 0.13
CA ASN B 61 -3.11 -29.43 -0.36
C ASN B 61 -3.84 -28.17 -0.85
N ILE B 62 -3.26 -27.52 -1.89
CA ILE B 62 -3.89 -26.37 -2.56
C ILE B 62 -5.27 -26.78 -3.13
N GLN B 63 -6.31 -26.03 -2.74
CA GLN B 63 -7.67 -26.21 -3.28
C GLN B 63 -7.77 -25.55 -4.65
N LYS B 64 -8.70 -26.07 -5.47
CA LYS B 64 -9.08 -25.40 -6.70
C LYS B 64 -9.67 -24.03 -6.34
N GLU B 65 -9.15 -23.00 -7.02
CA GLU B 65 -9.53 -21.62 -6.80
C GLU B 65 -8.99 -21.11 -5.43
N SER B 66 -7.82 -21.67 -4.99
CA SER B 66 -7.01 -21.06 -3.89
C SER B 66 -6.71 -19.57 -4.16
N ALA B 67 -6.68 -18.75 -3.09
CA ALA B 67 -6.29 -17.33 -3.18
C ALA B 67 -4.98 -17.11 -2.41
N LEU B 68 -3.93 -16.69 -3.13
CA LEU B 68 -2.56 -16.54 -2.61
C LEU B 68 -2.05 -15.15 -2.99
N ILE B 69 -1.53 -14.39 -2.03
CA ILE B 69 -1.10 -13.00 -2.28
C ILE B 69 0.44 -12.96 -2.47
N LEU B 70 0.86 -12.55 -3.67
CA LEU B 70 2.28 -12.34 -3.98
C LEU B 70 2.72 -10.95 -3.49
N LEU B 71 3.36 -10.95 -2.32
CA LEU B 71 3.93 -9.75 -1.68
C LEU B 71 5.44 -9.65 -2.03
N LEU B 72 6.02 -8.45 -1.85
CA LEU B 72 7.46 -8.22 -2.08
C LEU B 72 8.29 -8.61 -0.83
N THR B 73 9.60 -8.77 -1.08
CA THR B 73 10.62 -9.12 -0.05
C THR B 73 10.50 -8.32 1.28
N LEU B 74 9.78 -8.92 2.24
CA LEU B 74 9.67 -8.47 3.64
C LEU B 74 8.63 -9.34 4.33
N ARG B 75 7.39 -9.24 3.84
CA ARG B 75 6.20 -9.90 4.40
C ARG B 75 5.05 -9.83 3.38
N GLY C 1 -9.13 24.02 -6.72
CA GLY C 1 -8.73 25.43 -6.95
C GLY C 1 -8.23 26.08 -5.67
N SER C 2 -8.64 27.34 -5.43
CA SER C 2 -8.23 28.11 -4.25
C SER C 2 -8.83 27.51 -2.95
N GLU C 3 -7.96 26.92 -2.11
CA GLU C 3 -8.33 26.42 -0.77
C GLU C 3 -7.10 26.35 0.14
N SER C 4 -7.15 27.06 1.26
CA SER C 4 -6.09 27.09 2.27
C SER C 4 -6.69 26.95 3.68
N ASP C 5 -7.88 27.57 3.87
CA ASP C 5 -8.65 27.55 5.13
C ASP C 5 -7.93 28.34 6.25
N SER C 6 -8.68 28.76 7.26
CA SER C 6 -8.14 29.46 8.44
C SER C 6 -8.72 28.77 9.67
N GLY C 7 -7.84 28.33 10.59
CA GLY C 7 -8.24 27.53 11.74
C GLY C 7 -7.82 28.15 13.05
N MET C 8 -8.76 28.88 13.69
CA MET C 8 -8.62 29.33 15.08
C MET C 8 -9.07 28.19 16.00
N ALA C 9 -8.57 28.17 17.26
CA ALA C 9 -8.73 27.04 18.21
C ALA C 9 -8.00 25.78 17.67
N SER C 10 -6.91 26.03 16.93
CA SER C 10 -6.12 24.99 16.24
C SER C 10 -5.34 24.10 17.22
N GLN C 11 -5.25 24.50 18.50
CA GLN C 11 -4.76 23.63 19.59
C GLN C 11 -5.53 22.31 19.61
N ALA C 12 -6.84 22.40 19.38
CA ALA C 12 -7.73 21.24 19.31
C ALA C 12 -7.77 20.67 17.89
N ASP C 13 -8.02 21.57 16.92
CA ASP C 13 -8.28 21.24 15.51
C ASP C 13 -7.11 20.47 14.86
N GLN C 14 -5.89 21.06 14.93
CA GLN C 14 -4.66 20.51 14.31
C GLN C 14 -4.51 19.00 14.55
N LYS C 15 -4.61 18.62 15.84
CA LYS C 15 -4.27 17.29 16.36
C LYS C 15 -5.28 16.23 15.92
N GLU C 16 -6.57 16.54 16.13
CA GLU C 16 -7.66 15.65 15.69
C GLU C 16 -7.63 15.47 14.16
N GLU C 17 -7.25 16.55 13.42
CA GLU C 17 -7.23 16.53 11.95
C GLU C 17 -6.06 15.68 11.41
N GLU C 18 -4.88 15.80 12.05
CA GLU C 18 -3.67 15.07 11.60
C GLU C 18 -3.71 13.61 12.08
N LEU C 19 -4.43 13.35 13.19
CA LEU C 19 -4.75 11.97 13.64
C LEU C 19 -5.69 11.31 12.63
N LEU C 20 -6.74 12.04 12.24
CA LEU C 20 -7.73 11.57 11.26
C LEU C 20 -7.04 11.37 9.90
N LEU C 21 -6.09 12.27 9.57
CA LEU C 21 -5.33 12.22 8.31
C LEU C 21 -4.45 10.97 8.28
N PHE C 22 -3.77 10.69 9.42
CA PHE C 22 -2.94 9.48 9.58
C PHE C 22 -3.80 8.23 9.40
N TRP C 23 -5.00 8.29 9.98
CA TRP C 23 -5.97 7.22 9.86
C TRP C 23 -6.50 7.12 8.41
N THR C 24 -6.54 8.24 7.67
CA THR C 24 -6.92 8.23 6.23
C THR C 24 -5.83 7.50 5.41
N TYR C 25 -4.55 7.71 5.79
CA TYR C 25 -3.42 6.99 5.16
C TYR C 25 -3.54 5.48 5.41
N ILE C 26 -3.64 5.12 6.71
CA ILE C 26 -3.64 3.70 7.17
C ILE C 26 -4.89 2.95 6.67
N GLN C 27 -6.05 3.62 6.72
CA GLN C 27 -7.31 3.02 6.30
C GLN C 27 -7.27 2.79 4.78
N ALA C 28 -6.98 3.86 4.01
CA ALA C 28 -7.05 3.84 2.51
C ALA C 28 -5.97 2.94 1.90
N MET C 29 -4.83 2.76 2.61
CA MET C 29 -3.81 1.81 2.18
C MET C 29 -4.30 0.38 2.49
N LEU C 30 -4.72 0.10 3.74
CA LEU C 30 -5.19 -1.24 4.19
C LEU C 30 -6.54 -1.66 3.54
N THR C 31 -7.25 -0.69 2.90
CA THR C 31 -8.50 -0.93 2.14
C THR C 31 -8.30 -2.02 1.07
N ASN C 32 -7.07 -2.04 0.53
CA ASN C 32 -6.63 -2.94 -0.56
C ASN C 32 -5.40 -3.76 -0.13
N LEU C 33 -4.49 -3.11 0.63
CA LEU C 33 -3.24 -3.72 1.16
C LEU C 33 -3.52 -4.48 2.49
N GLU C 34 -4.58 -5.28 2.47
CA GLU C 34 -5.02 -6.04 3.63
C GLU C 34 -3.96 -7.12 3.98
N SER C 35 -3.04 -6.71 4.92
CA SER C 35 -2.03 -7.55 5.64
C SER C 35 -0.60 -7.07 5.34
N LEU C 36 -0.19 -5.96 5.98
CA LEU C 36 1.20 -5.42 5.87
C LEU C 36 1.78 -5.18 7.26
N SER C 37 3.10 -5.44 7.41
CA SER C 37 3.84 -5.24 8.65
C SER C 37 3.80 -3.78 9.12
N LEU C 38 3.90 -3.60 10.45
CA LEU C 38 3.91 -2.28 11.11
C LEU C 38 5.10 -1.42 10.63
N ASP C 39 6.16 -2.05 10.12
CA ASP C 39 7.33 -1.35 9.55
C ASP C 39 6.91 -0.35 8.45
N ARG C 40 6.12 -0.87 7.49
CA ARG C 40 5.65 -0.10 6.31
C ARG C 40 4.79 1.10 6.74
N ILE C 41 3.71 0.81 7.50
CA ILE C 41 2.73 1.81 7.94
C ILE C 41 3.37 2.86 8.88
N TYR C 42 4.29 2.42 9.78
CA TYR C 42 5.02 3.34 10.68
C TYR C 42 5.90 4.30 9.86
N ASN C 43 6.63 3.74 8.86
CA ASN C 43 7.53 4.53 7.99
C ASN C 43 6.77 5.61 7.22
N MET C 44 5.57 5.25 6.72
CA MET C 44 4.69 6.22 6.01
C MET C 44 4.24 7.33 6.98
N LEU C 45 3.67 6.93 8.15
CA LEU C 45 3.20 7.87 9.20
C LEU C 45 4.33 8.85 9.61
N ARG C 46 5.55 8.29 9.70
CA ARG C 46 6.75 9.02 10.12
C ARG C 46 7.12 10.08 9.06
N MET C 47 7.06 9.68 7.77
CA MET C 47 7.20 10.61 6.62
C MET C 47 6.20 11.80 6.77
N PHE C 48 4.91 11.47 6.93
CA PHE C 48 3.83 12.48 6.95
C PHE C 48 3.84 13.34 8.23
N VAL C 49 4.44 12.81 9.32
CA VAL C 49 4.54 13.54 10.60
C VAL C 49 5.76 14.48 10.60
N VAL C 50 6.86 14.07 9.92
CA VAL C 50 8.12 14.85 9.91
C VAL C 50 8.10 15.94 8.83
N THR C 51 7.31 15.72 7.75
CA THR C 51 7.21 16.71 6.64
C THR C 51 6.45 17.97 7.07
N GLY C 52 5.65 17.83 8.13
CA GLY C 52 4.94 18.95 8.75
C GLY C 52 5.30 19.09 10.23
N PRO C 53 4.72 20.09 10.97
CA PRO C 53 4.94 20.24 12.43
C PRO C 53 4.05 19.27 13.27
N ALA C 54 3.36 18.35 12.57
CA ALA C 54 2.36 17.41 13.10
C ALA C 54 2.78 16.75 14.41
N LEU C 55 2.07 17.12 15.51
CA LEU C 55 2.21 16.49 16.86
C LEU C 55 3.63 16.62 17.45
N ALA C 56 4.51 17.44 16.82
CA ALA C 56 5.96 17.51 17.14
C ALA C 56 6.63 16.11 17.01
N GLU C 57 6.19 15.38 15.95
CA GLU C 57 6.57 13.98 15.65
C GLU C 57 5.94 12.98 16.65
N ILE C 58 5.26 11.97 16.07
CA ILE C 58 4.68 10.83 16.80
C ILE C 58 5.77 9.91 17.37
N ASP C 59 5.35 9.01 18.25
CA ASP C 59 6.23 8.07 18.96
C ASP C 59 5.70 6.64 18.76
N LEU C 60 6.52 5.64 19.11
CA LEU C 60 6.15 4.21 19.02
C LEU C 60 5.00 3.85 19.97
N GLN C 61 5.01 4.43 21.18
CA GLN C 61 3.93 4.18 22.17
C GLN C 61 2.61 4.72 21.66
N GLU C 62 2.68 5.86 20.95
CA GLU C 62 1.51 6.58 20.43
C GLU C 62 0.97 5.86 19.18
N LEU C 63 1.92 5.31 18.39
CA LEU C 63 1.65 4.55 17.16
C LEU C 63 0.93 3.24 17.52
N GLN C 64 1.61 2.48 18.39
CA GLN C 64 1.15 1.19 18.89
C GLN C 64 -0.18 1.35 19.64
N GLY C 65 -0.26 2.42 20.45
CA GLY C 65 -1.48 2.78 21.19
C GLY C 65 -2.66 3.13 20.28
N TYR C 66 -2.35 3.79 19.14
CA TYR C 66 -3.36 4.14 18.11
C TYR C 66 -3.96 2.85 17.48
N LEU C 67 -3.06 1.99 17.01
CA LEU C 67 -3.39 0.69 16.40
C LEU C 67 -4.03 -0.27 17.40
N GLN C 68 -3.61 -0.15 18.67
CA GLN C 68 -4.20 -0.87 19.81
C GLN C 68 -5.66 -0.50 19.91
N LYS C 69 -5.93 0.82 19.95
CA LYS C 69 -7.28 1.34 20.10
C LYS C 69 -8.18 0.85 18.94
N LYS C 70 -7.61 0.85 17.74
CA LYS C 70 -8.26 0.27 16.55
C LYS C 70 -8.58 -1.24 16.72
N VAL C 71 -7.64 -2.04 17.27
CA VAL C 71 -7.89 -3.48 17.58
C VAL C 71 -9.05 -3.59 18.63
N ARG C 72 -9.01 -2.73 19.65
CA ARG C 72 -10.02 -2.68 20.74
C ARG C 72 -11.35 -2.04 20.26
N ASP C 73 -11.29 -1.31 19.13
CA ASP C 73 -12.47 -0.71 18.47
C ASP C 73 -13.11 -1.73 17.48
N GLN C 74 -12.39 -2.88 17.30
CA GLN C 74 -12.68 -3.94 16.28
C GLN C 74 -12.45 -3.41 14.85
N GLN C 75 -11.77 -2.26 14.77
CA GLN C 75 -11.47 -1.54 13.54
C GLN C 75 -10.26 -2.15 12.81
N LEU C 76 -9.36 -2.78 13.59
CA LEU C 76 -8.14 -3.43 13.09
C LEU C 76 -8.12 -4.91 13.51
N VAL C 77 -7.61 -5.75 12.61
CA VAL C 77 -7.18 -7.12 12.90
C VAL C 77 -5.65 -7.15 12.84
N TYR C 78 -5.04 -7.78 13.85
CA TYR C 78 -3.59 -7.95 13.96
C TYR C 78 -3.27 -9.46 13.81
N SER C 79 -2.63 -9.84 12.70
CA SER C 79 -2.19 -11.22 12.47
C SER C 79 -0.78 -11.38 13.06
N ALA C 80 0.08 -12.23 12.47
CA ALA C 80 1.47 -12.40 12.93
C ALA C 80 2.32 -11.15 12.58
N GLY C 81 2.14 -10.07 13.38
CA GLY C 81 2.95 -8.86 13.26
C GLY C 81 2.59 -8.01 12.03
N VAL C 82 1.42 -8.29 11.42
CA VAL C 82 0.91 -7.53 10.26
C VAL C 82 -0.50 -7.03 10.56
N TYR C 83 -0.79 -5.80 10.13
CA TYR C 83 -2.10 -5.18 10.28
C TYR C 83 -2.93 -5.36 9.01
N ARG C 84 -4.23 -5.56 9.22
CA ARG C 84 -5.22 -5.77 8.14
C ARG C 84 -6.58 -5.28 8.64
N LEU C 85 -7.36 -4.64 7.75
CA LEU C 85 -8.72 -4.21 8.11
C LEU C 85 -9.67 -5.41 7.98
N PRO C 86 -10.53 -5.68 9.02
CA PRO C 86 -11.57 -6.74 8.95
C PRO C 86 -12.51 -6.55 7.75
N LYS C 87 -12.84 -5.26 7.45
CA LYS C 87 -13.71 -4.86 6.32
C LYS C 87 -15.12 -5.46 6.48
N ASN C 88 -15.90 -5.48 5.37
CA ASN C 88 -17.23 -6.16 5.25
C ASN C 88 -18.18 -5.87 6.44
N CYS C 89 -19.19 -6.74 6.63
CA CYS C 89 -20.04 -6.78 7.82
C CYS C 89 -20.13 -8.23 8.32
N SER C 90 -19.68 -8.46 9.55
CA SER C 90 -19.75 -9.78 10.21
C SER C 90 -21.12 -9.91 10.93
N GLY A 1 -6.15 -29.80 -11.73
CA GLY A 1 -6.60 -30.52 -10.50
C GLY A 1 -7.40 -29.59 -9.61
N MET A 2 -6.75 -28.51 -9.16
CA MET A 2 -7.35 -27.47 -8.30
C MET A 2 -6.68 -26.14 -8.60
N GLN A 3 -7.33 -25.02 -8.29
CA GLN A 3 -6.85 -23.69 -8.71
C GLN A 3 -6.26 -22.90 -7.53
N ILE A 4 -5.57 -21.79 -7.86
CA ILE A 4 -5.09 -20.80 -6.88
C ILE A 4 -5.22 -19.38 -7.46
N PHE A 5 -5.19 -18.37 -6.55
CA PHE A 5 -5.28 -16.95 -6.88
C PHE A 5 -4.00 -16.24 -6.42
N VAL A 6 -3.17 -15.79 -7.36
CA VAL A 6 -1.85 -15.20 -7.03
C VAL A 6 -2.02 -13.68 -6.93
N ASP A 7 -2.18 -13.19 -5.70
CA ASP A 7 -2.44 -11.78 -5.40
C ASP A 7 -1.12 -11.00 -5.56
N THR A 8 -0.95 -10.39 -6.74
CA THR A 8 0.27 -9.66 -7.09
C THR A 8 0.10 -8.18 -6.71
N VAL A 9 0.84 -7.76 -5.68
CA VAL A 9 0.82 -6.37 -5.21
C VAL A 9 2.16 -5.69 -5.50
N GLN A 10 2.07 -4.48 -6.05
CA GLN A 10 3.20 -3.56 -6.20
C GLN A 10 3.09 -2.52 -5.09
N TRP A 11 3.76 -2.76 -3.95
CA TRP A 11 3.96 -1.74 -2.94
C TRP A 11 5.40 -1.28 -3.06
N LYS A 12 5.60 -0.09 -3.65
CA LYS A 12 6.94 0.35 -4.08
C LYS A 12 7.00 1.87 -4.28
N THR A 13 8.11 2.48 -3.83
CA THR A 13 8.37 3.90 -4.00
C THR A 13 9.02 4.15 -5.38
N ILE A 14 8.41 5.04 -6.21
CA ILE A 14 8.91 5.35 -7.57
C ILE A 14 9.80 6.59 -7.53
N THR A 15 10.88 6.62 -8.30
CA THR A 15 11.74 7.80 -8.43
C THR A 15 11.59 8.38 -9.84
N LEU A 16 11.17 9.65 -9.91
CA LEU A 16 10.97 10.39 -11.18
C LEU A 16 11.53 11.80 -11.03
N GLU A 17 11.68 12.51 -12.15
CA GLU A 17 11.95 13.95 -12.16
C GLU A 17 10.72 14.71 -12.66
N VAL A 18 10.57 15.93 -12.15
CA VAL A 18 9.50 16.85 -12.54
C VAL A 18 10.01 18.28 -12.30
N GLU A 19 9.35 19.27 -12.90
CA GLU A 19 9.76 20.68 -12.84
C GLU A 19 8.62 21.52 -12.24
N PRO A 20 8.92 22.66 -11.54
CA PRO A 20 7.89 23.49 -10.88
C PRO A 20 6.85 24.06 -11.86
N SER A 21 7.25 24.17 -13.15
CA SER A 21 6.40 24.74 -14.21
C SER A 21 5.36 23.72 -14.76
N ASP A 22 5.52 22.43 -14.42
CA ASP A 22 4.55 21.37 -14.80
C ASP A 22 3.28 21.47 -13.97
N THR A 23 2.20 20.91 -14.50
CA THR A 23 0.95 20.72 -13.75
C THR A 23 0.96 19.38 -13.00
N ILE A 24 0.03 19.25 -12.05
CA ILE A 24 -0.15 18.02 -11.27
C ILE A 24 -0.83 16.92 -12.14
N GLU A 25 -1.61 17.36 -13.16
CA GLU A 25 -2.22 16.45 -14.15
C GLU A 25 -1.11 15.77 -14.99
N ASN A 26 0.02 16.47 -15.17
CA ASN A 26 1.23 15.90 -15.78
C ASN A 26 1.67 14.67 -14.99
N VAL A 27 1.76 14.84 -13.64
CA VAL A 27 2.23 13.79 -12.71
C VAL A 27 1.24 12.59 -12.68
N LYS A 28 -0.10 12.88 -12.66
CA LYS A 28 -1.13 11.81 -12.67
C LYS A 28 -1.07 11.02 -14.00
N ALA A 29 -0.73 11.75 -15.09
CA ALA A 29 -0.57 11.16 -16.43
C ALA A 29 0.73 10.35 -16.53
N LYS A 30 1.79 10.80 -15.82
CA LYS A 30 3.08 10.09 -15.76
C LYS A 30 2.90 8.73 -15.07
N ILE A 31 2.26 8.71 -13.88
CA ILE A 31 2.02 7.47 -13.13
C ILE A 31 1.00 6.57 -13.83
N GLN A 32 0.02 7.18 -14.54
CA GLN A 32 -0.95 6.43 -15.35
C GLN A 32 -0.27 5.72 -16.52
N ASP A 33 0.66 6.43 -17.19
CA ASP A 33 1.36 5.95 -18.38
C ASP A 33 2.38 4.86 -18.02
N LYS A 34 3.16 5.14 -16.96
CA LYS A 34 4.33 4.34 -16.57
C LYS A 34 3.94 3.23 -15.58
N GLU A 35 3.23 3.59 -14.49
CA GLU A 35 2.88 2.61 -13.42
C GLU A 35 1.57 1.88 -13.78
N GLY A 36 0.68 2.55 -14.55
CA GLY A 36 -0.59 1.95 -14.97
C GLY A 36 -1.70 2.11 -13.95
N ILE A 37 -1.64 3.22 -13.19
CA ILE A 37 -2.63 3.54 -12.14
C ILE A 37 -3.76 4.43 -12.73
N PRO A 38 -5.06 3.96 -12.69
CA PRO A 38 -6.22 4.78 -13.14
C PRO A 38 -6.38 6.08 -12.29
N PRO A 39 -6.35 7.31 -12.92
CA PRO A 39 -6.45 8.62 -12.21
C PRO A 39 -7.72 8.75 -11.33
N ASP A 40 -8.80 8.12 -11.80
CA ASP A 40 -10.09 8.02 -11.06
C ASP A 40 -9.92 7.25 -9.73
N GLN A 41 -9.20 6.12 -9.78
CA GLN A 41 -8.92 5.30 -8.59
C GLN A 41 -7.76 5.88 -7.73
N GLN A 42 -7.03 6.83 -8.34
CA GLN A 42 -5.85 7.49 -7.76
C GLN A 42 -6.27 8.70 -6.91
N ARG A 43 -5.59 8.86 -5.76
CA ARG A 43 -5.67 10.07 -4.91
C ARG A 43 -4.29 10.32 -4.25
N LEU A 44 -3.53 11.24 -4.87
CA LEU A 44 -2.17 11.61 -4.43
C LEU A 44 -2.24 12.56 -3.20
N ILE A 45 -1.49 12.23 -2.13
CA ILE A 45 -1.28 13.12 -0.98
C ILE A 45 0.24 13.21 -0.68
N PHE A 46 0.70 14.44 -0.42
CA PHE A 46 2.11 14.79 -0.14
C PHE A 46 2.16 15.60 1.14
N ALA A 47 2.88 15.08 2.15
CA ALA A 47 3.13 15.76 3.44
C ALA A 47 1.81 16.08 4.20
N GLY A 48 0.72 15.38 3.82
CA GLY A 48 -0.61 15.60 4.43
C GLY A 48 -1.49 16.60 3.68
N LYS A 49 -1.11 16.93 2.44
CA LYS A 49 -1.87 17.86 1.57
C LYS A 49 -2.17 17.18 0.22
N GLN A 50 -3.45 17.23 -0.20
CA GLN A 50 -3.92 16.60 -1.45
C GLN A 50 -3.42 17.34 -2.70
N LEU A 51 -3.04 16.58 -3.73
CA LEU A 51 -2.59 17.10 -5.02
C LEU A 51 -3.76 17.08 -6.01
N GLU A 52 -4.44 18.22 -6.18
CA GLU A 52 -5.49 18.35 -7.19
C GLU A 52 -4.85 18.66 -8.55
N ASP A 53 -5.25 17.87 -9.57
CA ASP A 53 -4.56 17.76 -10.88
C ASP A 53 -4.48 19.09 -11.65
N GLY A 54 -5.45 19.98 -11.40
CA GLY A 54 -5.52 21.29 -12.09
C GLY A 54 -4.54 22.33 -11.56
N ARG A 55 -3.77 21.97 -10.51
CA ARG A 55 -2.75 22.84 -9.93
C ARG A 55 -1.41 22.69 -10.68
N THR A 56 -0.42 23.47 -10.24
CA THR A 56 0.97 23.43 -10.72
C THR A 56 1.89 22.86 -9.61
N LEU A 57 3.07 22.30 -9.97
CA LEU A 57 4.07 21.82 -8.99
C LEU A 57 4.57 23.00 -8.10
N SER A 58 4.76 24.17 -8.76
CA SER A 58 5.16 25.42 -8.08
C SER A 58 4.09 25.92 -7.09
N ASP A 59 2.81 25.63 -7.39
CA ASP A 59 1.68 25.99 -6.51
C ASP A 59 1.81 25.30 -5.13
N TYR A 60 2.48 24.13 -5.10
CA TYR A 60 2.74 23.36 -3.87
C TYR A 60 4.16 23.59 -3.33
N ASN A 61 5.00 24.32 -4.13
CA ASN A 61 6.43 24.50 -3.85
C ASN A 61 7.15 23.14 -3.68
N ILE A 62 6.82 22.18 -4.59
CA ILE A 62 7.33 20.79 -4.56
C ILE A 62 8.88 20.78 -4.57
N GLN A 63 9.45 20.08 -3.59
CA GLN A 63 10.90 20.05 -3.36
C GLN A 63 11.53 18.84 -4.06
N LYS A 64 12.86 18.70 -3.95
CA LYS A 64 13.57 17.48 -4.39
C LYS A 64 13.60 16.47 -3.25
N GLU A 65 13.86 15.21 -3.65
CA GLU A 65 13.77 13.98 -2.82
C GLU A 65 12.52 13.94 -1.89
N SER A 66 11.44 14.58 -2.36
CA SER A 66 10.18 14.69 -1.63
C SER A 66 9.40 13.37 -1.72
N ALA A 67 8.88 12.89 -0.58
CA ALA A 67 8.12 11.63 -0.51
C ALA A 67 6.61 11.93 -0.58
N LEU A 68 6.01 11.54 -1.71
CA LEU A 68 4.57 11.62 -1.97
C LEU A 68 4.01 10.19 -1.97
N ILE A 69 2.69 10.03 -1.88
CA ILE A 69 2.06 8.70 -1.98
C ILE A 69 0.75 8.76 -2.79
N LEU A 70 0.61 7.80 -3.70
CA LEU A 70 -0.63 7.51 -4.41
C LEU A 70 -1.45 6.52 -3.59
N LEU A 71 -2.61 6.96 -3.14
CA LEU A 71 -3.58 6.10 -2.46
C LEU A 71 -4.57 5.59 -3.50
N LEU A 72 -4.97 4.32 -3.38
CA LEU A 72 -6.03 3.76 -4.25
C LEU A 72 -7.41 4.08 -3.63
N THR A 73 -8.47 3.96 -4.46
CA THR A 73 -9.89 4.08 -4.05
C THR A 73 -10.17 3.51 -2.63
N LEU A 74 -10.24 4.43 -1.65
CA LEU A 74 -10.78 4.13 -0.31
C LEU A 74 -12.32 4.03 -0.39
N ARG A 75 -12.90 4.88 -1.25
CA ARG A 75 -14.35 4.99 -1.47
C ARG A 75 -14.60 5.84 -2.75
N GLY B 1 14.60 19.10 -13.35
CA GLY B 1 14.12 19.98 -12.25
C GLY B 1 14.45 19.38 -10.90
N MET B 2 13.42 19.06 -10.11
CA MET B 2 13.57 18.36 -8.84
C MET B 2 13.14 16.90 -9.02
N GLN B 3 13.82 15.98 -8.32
CA GLN B 3 13.58 14.54 -8.45
C GLN B 3 12.87 14.05 -7.20
N ILE B 4 11.69 13.45 -7.36
CA ILE B 4 10.79 13.12 -6.24
C ILE B 4 10.53 11.60 -6.18
N PHE B 5 10.08 11.13 -5.00
CA PHE B 5 9.73 9.75 -4.77
C PHE B 5 8.22 9.66 -4.58
N VAL B 6 7.49 9.10 -5.57
CA VAL B 6 6.02 8.94 -5.46
C VAL B 6 5.71 7.47 -5.23
N ASP B 7 5.29 7.12 -4.01
CA ASP B 7 4.98 5.73 -3.63
C ASP B 7 3.71 5.25 -4.34
N THR B 8 3.67 3.95 -4.69
CA THR B 8 2.59 3.37 -5.50
C THR B 8 2.11 2.05 -4.90
N VAL B 9 0.77 1.87 -4.91
CA VAL B 9 0.09 0.62 -4.62
C VAL B 9 -0.64 0.15 -5.90
N GLN B 10 -0.37 -1.10 -6.31
CA GLN B 10 -1.11 -1.73 -7.42
C GLN B 10 -1.35 -3.21 -7.08
N TRP B 11 -2.44 -3.48 -6.35
CA TRP B 11 -2.86 -4.85 -6.01
C TRP B 11 -3.74 -5.40 -7.15
N LYS B 12 -3.46 -6.64 -7.53
CA LYS B 12 -4.19 -7.40 -8.56
C LYS B 12 -4.27 -8.86 -8.11
N THR B 13 -5.30 -9.57 -8.57
CA THR B 13 -5.50 -10.99 -8.27
C THR B 13 -5.41 -11.80 -9.58
N ILE B 14 -4.41 -12.68 -9.64
CA ILE B 14 -4.20 -13.60 -10.78
C ILE B 14 -4.93 -14.91 -10.49
N THR B 15 -5.24 -15.68 -11.52
CA THR B 15 -5.97 -16.95 -11.41
C THR B 15 -5.33 -17.99 -12.34
N LEU B 16 -4.95 -19.14 -11.77
CA LEU B 16 -4.44 -20.29 -12.56
C LEU B 16 -4.97 -21.59 -11.95
N GLU B 17 -4.83 -22.71 -12.70
CA GLU B 17 -5.05 -24.05 -12.17
C GLU B 17 -3.70 -24.76 -12.03
N VAL B 18 -3.57 -25.48 -10.93
CA VAL B 18 -2.40 -26.27 -10.57
C VAL B 18 -2.80 -27.75 -10.39
N GLU B 19 -1.78 -28.62 -10.25
CA GLU B 19 -1.98 -30.05 -9.94
C GLU B 19 -1.42 -30.34 -8.54
N PRO B 20 -2.10 -31.22 -7.76
CA PRO B 20 -1.68 -31.57 -6.38
C PRO B 20 -0.35 -32.33 -6.36
N SER B 21 -0.13 -33.13 -7.42
CA SER B 21 1.05 -34.00 -7.59
C SER B 21 2.28 -33.20 -8.04
N ASP B 22 2.06 -31.98 -8.56
CA ASP B 22 3.13 -31.14 -9.11
C ASP B 22 3.85 -30.39 -8.01
N THR B 23 5.09 -29.99 -8.31
CA THR B 23 5.93 -29.22 -7.40
C THR B 23 5.63 -27.71 -7.51
N ILE B 24 6.14 -26.96 -6.53
CA ILE B 24 6.03 -25.48 -6.48
C ILE B 24 6.92 -24.85 -7.57
N GLU B 25 7.95 -25.62 -8.03
CA GLU B 25 8.86 -25.18 -9.11
C GLU B 25 8.06 -24.84 -10.39
N ASN B 26 6.93 -25.56 -10.60
CA ASN B 26 6.01 -25.30 -11.72
C ASN B 26 5.34 -23.91 -11.57
N VAL B 27 4.90 -23.60 -10.33
CA VAL B 27 4.23 -22.34 -10.01
C VAL B 27 5.20 -21.14 -10.22
N LYS B 28 6.42 -21.26 -9.65
CA LYS B 28 7.43 -20.18 -9.74
C LYS B 28 7.89 -19.99 -11.20
N ALA B 29 8.06 -21.12 -11.92
CA ALA B 29 8.53 -21.11 -13.31
C ALA B 29 7.49 -20.46 -14.23
N LYS B 30 6.20 -20.78 -14.01
CA LYS B 30 5.11 -20.25 -14.85
C LYS B 30 4.88 -18.76 -14.59
N ILE B 31 4.91 -18.32 -13.31
CA ILE B 31 4.69 -16.90 -12.97
C ILE B 31 5.84 -16.04 -13.54
N GLN B 32 7.09 -16.54 -13.46
CA GLN B 32 8.27 -15.86 -14.06
C GLN B 32 8.18 -15.83 -15.61
N ASP B 33 7.86 -17.00 -16.19
CA ASP B 33 7.87 -17.21 -17.66
C ASP B 33 6.80 -16.34 -18.35
N LYS B 34 5.58 -16.47 -17.85
CA LYS B 34 4.39 -15.81 -18.43
C LYS B 34 4.30 -14.35 -17.95
N GLU B 35 4.27 -14.17 -16.62
CA GLU B 35 3.78 -12.92 -15.98
C GLU B 35 4.94 -12.05 -15.50
N GLY B 36 6.18 -12.58 -15.62
CA GLY B 36 7.39 -11.84 -15.26
C GLY B 36 7.53 -11.55 -13.78
N ILE B 37 7.11 -12.54 -12.96
CA ILE B 37 7.22 -12.49 -11.50
C ILE B 37 8.47 -13.29 -11.06
N PRO B 38 9.61 -12.62 -10.68
CA PRO B 38 10.85 -13.29 -10.28
C PRO B 38 10.71 -13.95 -8.87
N PRO B 39 10.68 -15.33 -8.77
CA PRO B 39 10.37 -16.06 -7.50
C PRO B 39 11.33 -15.72 -6.34
N ASP B 40 12.61 -15.58 -6.69
CA ASP B 40 13.68 -15.25 -5.72
C ASP B 40 13.55 -13.80 -5.23
N GLN B 41 13.18 -12.88 -6.14
CA GLN B 41 12.99 -11.45 -5.83
C GLN B 41 11.62 -11.22 -5.14
N GLN B 42 10.76 -12.25 -5.14
CA GLN B 42 9.46 -12.22 -4.44
C GLN B 42 9.49 -13.18 -3.25
N ARG B 43 8.43 -13.10 -2.43
CA ARG B 43 8.15 -14.06 -1.35
C ARG B 43 6.75 -14.58 -1.59
N LEU B 44 6.64 -15.82 -2.09
CA LEU B 44 5.34 -16.45 -2.37
C LEU B 44 4.74 -16.84 -1.02
N ASP B 45 3.81 -16.02 -0.51
CA ASP B 45 3.18 -16.22 0.81
C ASP B 45 1.77 -16.76 0.62
N PHE B 46 1.52 -17.95 1.14
CA PHE B 46 0.24 -18.67 0.99
C PHE B 46 -0.48 -18.71 2.34
N ALA B 47 -1.48 -17.83 2.51
CA ALA B 47 -2.32 -17.77 3.74
C ALA B 47 -1.46 -17.64 5.03
N GLY B 48 -0.26 -17.00 4.91
CA GLY B 48 0.67 -16.83 6.04
C GLY B 48 1.78 -17.90 6.11
N LYS B 49 1.86 -18.82 5.14
CA LYS B 49 2.96 -19.81 5.02
C LYS B 49 3.58 -19.75 3.61
N GLN B 50 4.89 -19.48 3.54
CA GLN B 50 5.59 -19.35 2.26
C GLN B 50 5.85 -20.73 1.62
N LEU B 51 5.84 -20.78 0.28
CA LEU B 51 6.10 -22.02 -0.48
C LEU B 51 7.60 -22.13 -0.81
N GLU B 52 8.25 -23.24 -0.41
CA GLU B 52 9.58 -23.57 -0.90
C GLU B 52 9.42 -24.19 -2.30
N ASP B 53 10.24 -23.74 -3.26
CA ASP B 53 10.12 -24.12 -4.68
C ASP B 53 10.24 -25.65 -4.91
N GLY B 54 11.01 -26.31 -4.04
CA GLY B 54 11.25 -27.75 -4.14
C GLY B 54 10.16 -28.60 -3.52
N ARG B 55 9.14 -27.96 -2.92
CA ARG B 55 8.02 -28.65 -2.29
C ARG B 55 6.99 -29.06 -3.35
N THR B 56 5.96 -29.78 -2.92
CA THR B 56 4.81 -30.15 -3.75
C THR B 56 3.60 -29.29 -3.37
N LEU B 57 2.56 -29.22 -4.23
CA LEU B 57 1.29 -28.58 -3.90
C LEU B 57 0.60 -29.36 -2.74
N SER B 58 0.49 -30.69 -2.90
CA SER B 58 -0.12 -31.58 -1.89
C SER B 58 0.59 -31.53 -0.51
N ASP B 59 1.91 -31.15 -0.53
CA ASP B 59 2.71 -30.93 0.70
C ASP B 59 1.99 -29.95 1.66
N TYR B 60 1.35 -28.94 1.06
CA TYR B 60 0.66 -27.87 1.80
C TYR B 60 -0.85 -28.14 1.92
N ASN B 61 -1.35 -29.16 1.19
CA ASN B 61 -2.80 -29.43 1.08
C ASN B 61 -3.52 -28.20 0.48
N ILE B 62 -3.16 -27.92 -0.78
CA ILE B 62 -3.69 -26.75 -1.53
C ILE B 62 -5.14 -27.02 -1.94
N GLN B 63 -6.04 -26.13 -1.51
CA GLN B 63 -7.46 -26.20 -1.86
C GLN B 63 -7.72 -25.47 -3.18
N LYS B 64 -8.74 -25.93 -3.92
CA LYS B 64 -9.17 -25.26 -5.14
C LYS B 64 -9.65 -23.85 -4.82
N GLU B 65 -9.11 -22.88 -5.57
CA GLU B 65 -9.43 -21.47 -5.40
C GLU B 65 -8.85 -20.95 -4.07
N SER B 66 -7.67 -21.51 -3.66
CA SER B 66 -6.79 -20.87 -2.65
C SER B 66 -6.41 -19.42 -3.06
N ALA B 67 -5.93 -18.64 -2.08
CA ALA B 67 -5.42 -17.28 -2.30
C ALA B 67 -4.04 -17.14 -1.63
N LEU B 68 -3.07 -16.58 -2.36
CA LEU B 68 -1.69 -16.41 -1.90
C LEU B 68 -1.09 -15.11 -2.43
N ILE B 69 -0.53 -14.31 -1.51
CA ILE B 69 -0.05 -12.97 -1.79
C ILE B 69 1.46 -12.99 -2.10
N LEU B 70 1.84 -12.20 -3.08
CA LEU B 70 3.24 -11.93 -3.40
C LEU B 70 3.75 -10.76 -2.54
N LEU B 71 4.72 -11.05 -1.68
CA LEU B 71 5.49 -10.04 -0.94
C LEU B 71 6.78 -9.77 -1.73
N LEU B 72 7.43 -8.63 -1.51
CA LEU B 72 8.69 -8.29 -2.22
C LEU B 72 9.89 -9.02 -1.55
N THR B 73 11.07 -8.95 -2.23
CA THR B 73 12.38 -9.43 -1.71
C THR B 73 12.56 -9.13 -0.20
N LEU B 74 12.69 -10.23 0.59
CA LEU B 74 12.70 -10.25 2.06
C LEU B 74 11.29 -9.98 2.62
N ARG B 75 10.74 -8.81 2.29
CA ARG B 75 9.43 -8.35 2.76
C ARG B 75 8.81 -7.39 1.70
N GLY C 1 -11.98 15.89 -4.95
CA GLY C 1 -13.44 15.63 -5.02
C GLY C 1 -13.98 15.02 -3.74
N SER C 2 -13.50 15.54 -2.59
CA SER C 2 -13.95 15.11 -1.25
C SER C 2 -13.75 16.26 -0.26
N GLU C 3 -14.88 16.83 0.24
CA GLU C 3 -14.85 17.94 1.20
C GLU C 3 -14.66 17.39 2.63
N SER C 4 -13.70 17.98 3.36
CA SER C 4 -13.40 17.64 4.76
C SER C 4 -13.83 18.78 5.71
N ASP C 5 -14.23 19.92 5.11
CA ASP C 5 -14.56 21.16 5.83
C ASP C 5 -13.34 21.64 6.66
N SER C 6 -13.34 21.33 7.97
CA SER C 6 -12.27 21.71 8.93
C SER C 6 -12.76 21.40 10.34
N GLY C 7 -13.94 21.96 10.67
CA GLY C 7 -14.50 21.91 12.02
C GLY C 7 -13.77 22.88 12.94
N MET C 8 -14.07 24.19 12.77
CA MET C 8 -13.29 25.27 13.37
C MET C 8 -13.34 25.27 14.91
N ALA C 9 -12.14 25.22 15.52
CA ALA C 9 -11.92 25.33 16.98
C ALA C 9 -10.76 26.28 17.29
N SER C 10 -9.96 26.61 16.24
CA SER C 10 -8.77 27.49 16.30
C SER C 10 -7.61 26.87 17.14
N GLN C 11 -7.65 25.54 17.39
CA GLN C 11 -6.60 24.82 18.16
C GLN C 11 -6.72 23.28 17.99
N ALA C 12 -7.92 22.73 18.27
CA ALA C 12 -8.17 21.27 18.27
C ALA C 12 -8.23 20.68 16.85
N ASP C 13 -8.37 21.60 15.86
CA ASP C 13 -8.44 21.29 14.42
C ASP C 13 -7.28 20.38 14.01
N GLN C 14 -6.06 20.92 14.17
CA GLN C 14 -4.81 20.29 13.72
C GLN C 14 -4.68 18.84 14.22
N LYS C 15 -5.12 18.60 15.47
CA LYS C 15 -4.95 17.31 16.15
C LYS C 15 -5.82 16.23 15.50
N GLU C 16 -7.16 16.45 15.56
CA GLU C 16 -8.15 15.51 15.03
C GLU C 16 -7.97 15.31 13.52
N GLU C 17 -7.73 16.41 12.80
CA GLU C 17 -7.59 16.38 11.34
C GLU C 17 -6.36 15.55 10.95
N GLU C 18 -5.22 15.74 11.68
CA GLU C 18 -4.02 14.90 11.49
C GLU C 18 -4.33 13.42 11.67
N LEU C 19 -4.97 13.08 12.81
CA LEU C 19 -5.28 11.67 13.16
C LEU C 19 -6.19 11.03 12.09
N LEU C 20 -7.17 11.81 11.63
CA LEU C 20 -8.13 11.40 10.62
C LEU C 20 -7.41 11.23 9.27
N LEU C 21 -6.43 12.11 9.00
CA LEU C 21 -5.67 12.14 7.73
C LEU C 21 -4.63 10.98 7.68
N PHE C 22 -4.04 10.68 8.85
CA PHE C 22 -3.15 9.52 9.05
C PHE C 22 -3.95 8.24 8.80
N TRP C 23 -5.17 8.25 9.35
CA TRP C 23 -6.14 7.18 9.16
C TRP C 23 -6.62 7.11 7.69
N THR C 24 -6.72 8.27 7.01
CA THR C 24 -7.08 8.33 5.57
C THR C 24 -6.00 7.64 4.73
N TYR C 25 -4.71 7.80 5.14
CA TYR C 25 -3.59 7.02 4.57
C TYR C 25 -3.77 5.52 4.79
N ILE C 26 -3.83 5.12 6.08
CA ILE C 26 -3.84 3.70 6.52
C ILE C 26 -5.08 2.96 5.99
N GLN C 27 -6.20 3.68 5.85
CA GLN C 27 -7.47 3.13 5.36
C GLN C 27 -7.37 2.90 3.84
N ALA C 28 -6.91 3.94 3.12
CA ALA C 28 -6.81 3.95 1.64
C ALA C 28 -5.76 2.96 1.12
N MET C 29 -4.74 2.69 1.94
CA MET C 29 -3.77 1.65 1.62
C MET C 29 -4.39 0.28 1.97
N LEU C 30 -4.78 0.05 3.25
CA LEU C 30 -5.23 -1.28 3.74
C LEU C 30 -6.54 -1.79 3.08
N THR C 31 -7.30 -0.90 2.42
CA THR C 31 -8.57 -1.27 1.75
C THR C 31 -8.34 -2.20 0.52
N ASN C 32 -7.10 -2.20 0.04
CA ASN C 32 -6.66 -3.08 -1.08
C ASN C 32 -5.32 -3.75 -0.72
N LEU C 33 -4.40 -2.94 -0.17
CA LEU C 33 -3.06 -3.34 0.34
C LEU C 33 -3.25 -3.95 1.77
N GLU C 34 -4.07 -4.99 1.83
CA GLU C 34 -4.62 -5.59 3.08
C GLU C 34 -3.65 -6.65 3.70
N SER C 35 -2.38 -6.25 3.83
CA SER C 35 -1.28 -7.14 4.30
C SER C 35 -0.03 -6.26 4.60
N LEU C 36 0.02 -5.66 5.81
CA LEU C 36 1.10 -4.71 6.20
C LEU C 36 1.69 -5.03 7.56
N SER C 37 3.02 -4.87 7.68
CA SER C 37 3.72 -4.85 8.95
C SER C 37 3.53 -3.47 9.60
N LEU C 38 3.48 -3.46 10.94
CA LEU C 38 3.35 -2.23 11.75
C LEU C 38 4.53 -1.27 11.52
N ASP C 39 5.71 -1.86 11.23
CA ASP C 39 6.95 -1.11 10.91
C ASP C 39 6.70 -0.13 9.76
N ARG C 40 6.15 -0.68 8.64
CA ARG C 40 5.88 0.07 7.40
C ARG C 40 5.06 1.35 7.68
N ILE C 41 3.90 1.16 8.31
CA ILE C 41 2.91 2.22 8.51
C ILE C 41 3.35 3.20 9.64
N TYR C 42 4.19 2.72 10.60
CA TYR C 42 4.84 3.60 11.60
C TYR C 42 5.75 4.59 10.88
N ASN C 43 6.65 4.05 10.02
CA ASN C 43 7.65 4.86 9.27
C ASN C 43 6.95 5.86 8.33
N MET C 44 5.84 5.43 7.72
CA MET C 44 5.02 6.30 6.85
C MET C 44 4.42 7.46 7.68
N LEU C 45 3.68 7.12 8.75
CA LEU C 45 3.08 8.13 9.67
C LEU C 45 4.15 9.04 10.29
N ARG C 46 5.37 8.49 10.46
CA ARG C 46 6.53 9.21 10.99
C ARG C 46 6.98 10.29 9.98
N MET C 47 7.00 9.91 8.69
CA MET C 47 7.25 10.83 7.56
C MET C 47 6.20 11.97 7.54
N PHE C 48 4.91 11.61 7.60
CA PHE C 48 3.80 12.56 7.46
C PHE C 48 3.69 13.49 8.70
N VAL C 49 4.09 12.99 9.90
CA VAL C 49 4.10 13.79 11.14
C VAL C 49 5.35 14.69 11.19
N VAL C 50 6.50 14.23 10.63
CA VAL C 50 7.75 15.03 10.66
C VAL C 50 7.69 16.19 9.66
N THR C 51 6.96 15.98 8.54
CA THR C 51 6.74 17.03 7.53
C THR C 51 5.68 18.06 7.98
N GLY C 52 4.84 17.65 8.95
CA GLY C 52 3.78 18.48 9.47
C GLY C 52 3.92 18.62 10.99
N PRO C 53 4.54 19.74 11.51
CA PRO C 53 4.80 19.92 12.98
C PRO C 53 3.53 20.05 13.87
N ALA C 54 2.35 19.83 13.27
CA ALA C 54 1.03 19.88 13.94
C ALA C 54 0.97 19.02 15.23
N LEU C 55 1.51 17.79 15.14
CA LEU C 55 1.61 16.85 16.28
C LEU C 55 3.06 16.75 16.82
N ALA C 56 3.96 17.61 16.29
CA ALA C 56 5.41 17.61 16.62
C ALA C 56 6.08 16.27 16.19
N GLU C 57 5.88 15.21 16.98
CA GLU C 57 6.44 13.88 16.68
C GLU C 57 5.70 12.81 17.51
N ILE C 58 4.94 11.94 16.82
CA ILE C 58 4.30 10.77 17.45
C ILE C 58 5.37 9.72 17.81
N ASP C 59 5.03 8.81 18.71
CA ASP C 59 5.98 7.82 19.27
C ASP C 59 5.39 6.41 19.10
N LEU C 60 6.18 5.37 19.40
CA LEU C 60 5.75 3.96 19.33
C LEU C 60 4.50 3.68 20.20
N GLN C 61 4.41 4.32 21.38
CA GLN C 61 3.26 4.14 22.31
C GLN C 61 1.98 4.79 21.75
N GLU C 62 2.13 5.90 21.01
CA GLU C 62 1.01 6.65 20.40
C GLU C 62 0.50 5.92 19.14
N LEU C 63 1.46 5.35 18.39
CA LEU C 63 1.22 4.61 17.14
C LEU C 63 0.54 3.25 17.48
N GLN C 64 1.16 2.52 18.42
CA GLN C 64 0.63 1.28 18.99
C GLN C 64 -0.75 1.52 19.63
N GLY C 65 -0.88 2.67 20.32
CA GLY C 65 -2.16 3.14 20.85
C GLY C 65 -3.24 3.28 19.79
N TYR C 66 -2.86 3.84 18.63
CA TYR C 66 -3.76 4.00 17.48
C TYR C 66 -4.22 2.63 16.96
N LEU C 67 -3.26 1.71 16.80
CA LEU C 67 -3.51 0.34 16.30
C LEU C 67 -4.37 -0.48 17.26
N GLN C 68 -4.03 -0.46 18.56
CA GLN C 68 -4.75 -1.25 19.57
C GLN C 68 -6.18 -0.73 19.71
N LYS C 69 -6.37 0.59 19.51
CA LYS C 69 -7.69 1.19 19.34
C LYS C 69 -8.43 0.50 18.17
N LYS C 70 -7.87 0.60 16.95
CA LYS C 70 -8.48 0.02 15.74
C LYS C 70 -8.78 -1.51 15.87
N VAL C 71 -7.88 -2.27 16.53
CA VAL C 71 -8.06 -3.72 16.71
C VAL C 71 -9.25 -3.99 17.66
N ARG C 72 -9.28 -3.26 18.79
CA ARG C 72 -10.34 -3.39 19.81
C ARG C 72 -11.64 -2.66 19.40
N ASP C 73 -11.57 -1.88 18.31
CA ASP C 73 -12.75 -1.23 17.67
C ASP C 73 -13.33 -2.13 16.54
N GLN C 74 -12.65 -3.29 16.28
CA GLN C 74 -12.97 -4.26 15.18
C GLN C 74 -12.70 -3.67 13.79
N GLN C 75 -11.99 -2.53 13.77
CA GLN C 75 -11.62 -1.78 12.57
C GLN C 75 -10.36 -2.39 11.91
N LEU C 76 -9.51 -3.07 12.72
CA LEU C 76 -8.26 -3.70 12.25
C LEU C 76 -8.20 -5.17 12.72
N VAL C 77 -7.68 -6.06 11.85
CA VAL C 77 -7.35 -7.45 12.18
C VAL C 77 -5.81 -7.60 12.29
N TYR C 78 -5.37 -8.36 13.30
CA TYR C 78 -3.96 -8.64 13.59
C TYR C 78 -3.68 -10.13 13.33
N SER C 79 -2.84 -10.44 12.34
CA SER C 79 -2.35 -11.79 12.07
C SER C 79 -1.02 -11.99 12.83
N ALA C 80 -0.05 -12.75 12.28
CA ALA C 80 1.27 -12.95 12.90
C ALA C 80 2.13 -11.66 12.80
N GLY C 81 1.80 -10.68 13.68
CA GLY C 81 2.57 -9.44 13.79
C GLY C 81 2.34 -8.47 12.64
N VAL C 82 1.26 -8.71 11.86
CA VAL C 82 0.87 -7.83 10.74
C VAL C 82 -0.58 -7.39 10.89
N TYR C 83 -0.86 -6.16 10.44
CA TYR C 83 -2.20 -5.59 10.41
C TYR C 83 -2.80 -5.67 9.01
N ARG C 84 -4.14 -5.80 8.95
CA ARG C 84 -4.89 -5.92 7.70
C ARG C 84 -6.34 -5.47 7.95
N LEU C 85 -6.90 -4.67 7.04
CA LEU C 85 -8.27 -4.14 7.16
C LEU C 85 -9.29 -5.28 6.87
N PRO C 86 -10.18 -5.65 7.86
CA PRO C 86 -11.23 -6.67 7.64
C PRO C 86 -12.20 -6.23 6.51
N LYS C 87 -12.75 -5.00 6.66
CA LYS C 87 -13.73 -4.37 5.74
C LYS C 87 -15.12 -5.02 5.89
N ASN C 88 -15.16 -6.35 5.76
CA ASN C 88 -16.31 -7.16 6.16
C ASN C 88 -16.48 -7.10 7.70
N CYS C 89 -17.66 -6.64 8.16
CA CYS C 89 -18.03 -6.64 9.58
C CYS C 89 -18.32 -8.08 10.04
N SER C 90 -17.26 -8.76 10.47
CA SER C 90 -17.29 -10.17 10.88
C SER C 90 -16.43 -10.32 12.16
N GLY A 1 -5.38 -29.90 -14.13
CA GLY A 1 -5.84 -29.30 -12.85
C GLY A 1 -6.45 -27.93 -13.06
N MET A 2 -6.11 -26.97 -12.19
CA MET A 2 -6.69 -25.62 -12.20
C MET A 2 -5.58 -24.60 -12.44
N GLN A 3 -5.93 -23.46 -13.00
CA GLN A 3 -4.97 -22.45 -13.41
C GLN A 3 -5.15 -21.24 -12.51
N ILE A 4 -4.05 -20.78 -11.89
CA ILE A 4 -4.09 -19.76 -10.84
C ILE A 4 -3.30 -18.53 -11.27
N PHE A 5 -3.65 -17.41 -10.64
CA PHE A 5 -3.00 -16.13 -10.88
C PHE A 5 -2.11 -15.83 -9.68
N VAL A 6 -0.80 -15.70 -9.90
CA VAL A 6 0.12 -15.27 -8.85
C VAL A 6 0.41 -13.79 -9.09
N ASP A 7 -0.41 -12.96 -8.45
CA ASP A 7 -0.40 -11.51 -8.62
C ASP A 7 0.50 -10.88 -7.55
N THR A 8 1.71 -10.49 -7.95
CA THR A 8 2.70 -9.95 -7.02
C THR A 8 2.58 -8.43 -6.91
N VAL A 9 2.59 -7.94 -5.66
CA VAL A 9 2.56 -6.51 -5.35
C VAL A 9 4.01 -5.99 -5.22
N GLN A 10 4.28 -4.89 -5.90
CA GLN A 10 5.58 -4.23 -5.91
C GLN A 10 5.30 -2.74 -5.79
N TRP A 11 5.68 -2.17 -4.64
CA TRP A 11 5.53 -0.73 -4.38
C TRP A 11 6.70 -0.02 -5.06
N LYS A 12 6.40 0.62 -6.19
CA LYS A 12 7.41 1.17 -7.12
C LYS A 12 7.44 2.70 -7.02
N THR A 13 8.54 3.24 -6.44
CA THR A 13 8.76 4.68 -6.36
C THR A 13 9.28 5.20 -7.73
N ILE A 14 8.47 6.03 -8.39
CA ILE A 14 8.75 6.58 -9.74
C ILE A 14 9.41 7.96 -9.59
N THR A 15 10.32 8.32 -10.50
CA THR A 15 10.87 9.67 -10.59
C THR A 15 10.32 10.34 -11.88
N LEU A 16 9.75 11.55 -11.75
CA LEU A 16 9.18 12.32 -12.88
C LEU A 16 9.34 13.82 -12.62
N GLU A 17 9.54 14.62 -13.68
CA GLU A 17 9.61 16.09 -13.58
C GLU A 17 8.22 16.70 -13.78
N VAL A 18 7.97 17.81 -13.09
CA VAL A 18 6.77 18.62 -13.18
C VAL A 18 7.16 20.10 -12.87
N GLU A 19 6.24 21.07 -13.06
CA GLU A 19 6.54 22.50 -12.91
C GLU A 19 5.54 23.17 -11.96
N PRO A 20 5.93 24.25 -11.20
CA PRO A 20 5.05 24.87 -10.18
C PRO A 20 3.83 25.57 -10.79
N SER A 21 3.96 25.96 -12.06
CA SER A 21 2.95 26.75 -12.77
C SER A 21 1.75 25.90 -13.22
N ASP A 22 1.92 24.57 -13.33
CA ASP A 22 0.89 23.69 -13.90
C ASP A 22 0.01 23.10 -12.80
N THR A 23 -1.20 22.68 -13.20
CA THR A 23 -2.17 22.02 -12.32
C THR A 23 -1.80 20.55 -12.08
N ILE A 24 -2.40 19.96 -11.03
CA ILE A 24 -2.16 18.57 -10.60
C ILE A 24 -2.52 17.57 -11.73
N GLU A 25 -3.45 18.02 -12.60
CA GLU A 25 -3.94 17.22 -13.73
C GLU A 25 -2.80 16.80 -14.70
N ASN A 26 -1.68 17.55 -14.66
CA ASN A 26 -0.46 17.23 -15.43
C ASN A 26 0.21 15.95 -14.91
N VAL A 27 0.42 15.91 -13.57
CA VAL A 27 1.02 14.75 -12.88
C VAL A 27 0.11 13.52 -13.12
N LYS A 28 -1.18 13.76 -12.89
CA LYS A 28 -2.28 12.81 -13.11
C LYS A 28 -2.19 12.18 -14.52
N ALA A 29 -2.16 13.06 -15.53
CA ALA A 29 -2.24 12.65 -16.93
C ALA A 29 -0.98 11.93 -17.39
N LYS A 30 0.19 12.32 -16.87
CA LYS A 30 1.46 11.74 -17.29
C LYS A 30 1.69 10.35 -16.68
N ILE A 31 1.33 10.17 -15.39
CA ILE A 31 1.43 8.85 -14.72
C ILE A 31 0.41 7.88 -15.35
N GLN A 32 -0.78 8.43 -15.68
CA GLN A 32 -1.87 7.70 -16.36
C GLN A 32 -1.44 7.26 -17.78
N ASP A 33 -0.83 8.19 -18.53
CA ASP A 33 -0.45 7.98 -19.95
C ASP A 33 0.70 6.99 -20.07
N LYS A 34 1.77 7.26 -19.30
CA LYS A 34 3.03 6.54 -19.41
C LYS A 34 2.99 5.15 -18.75
N GLU A 35 2.27 5.01 -17.61
CA GLU A 35 2.28 3.73 -16.83
C GLU A 35 0.88 3.13 -16.61
N GLY A 36 -0.17 3.80 -17.10
CA GLY A 36 -1.53 3.27 -17.00
C GLY A 36 -2.07 3.26 -15.57
N ILE A 37 -1.57 4.21 -14.75
CA ILE A 37 -1.99 4.35 -13.34
C ILE A 37 -3.34 5.11 -13.29
N PRO A 38 -4.48 4.44 -12.89
CA PRO A 38 -5.85 5.03 -13.01
C PRO A 38 -6.15 6.06 -11.88
N PRO A 39 -6.13 7.40 -12.19
CA PRO A 39 -6.21 8.46 -11.14
C PRO A 39 -7.59 8.57 -10.46
N ASP A 40 -8.65 8.26 -11.20
CA ASP A 40 -10.03 8.24 -10.66
C ASP A 40 -10.18 7.17 -9.58
N GLN A 41 -9.30 6.14 -9.65
CA GLN A 41 -9.25 5.04 -8.67
C GLN A 41 -7.97 5.13 -7.79
N GLN A 42 -7.13 6.16 -8.01
CA GLN A 42 -5.90 6.43 -7.21
C GLN A 42 -6.01 7.81 -6.54
N ARG A 43 -6.23 7.81 -5.22
CA ARG A 43 -6.22 9.04 -4.41
C ARG A 43 -4.75 9.45 -4.10
N LEU A 44 -4.27 10.51 -4.79
CA LEU A 44 -2.90 11.04 -4.62
C LEU A 44 -2.85 11.92 -3.36
N ILE A 45 -1.78 11.78 -2.58
CA ILE A 45 -1.55 12.61 -1.37
C ILE A 45 -0.05 13.02 -1.31
N PHE A 46 0.21 14.21 -0.78
CA PHE A 46 1.56 14.82 -0.69
C PHE A 46 1.78 15.28 0.76
N ALA A 47 2.49 14.45 1.57
CA ALA A 47 2.88 14.80 2.96
C ALA A 47 1.65 15.17 3.84
N GLY A 48 0.51 14.56 3.50
CA GLY A 48 -0.77 14.77 4.20
C GLY A 48 -1.66 15.82 3.55
N LYS A 49 -1.40 16.17 2.27
CA LYS A 49 -2.27 17.08 1.47
C LYS A 49 -2.80 16.33 0.24
N GLN A 50 -4.13 16.08 0.20
CA GLN A 50 -4.79 15.37 -0.92
C GLN A 50 -4.80 16.26 -2.17
N LEU A 51 -4.44 15.68 -3.32
CA LEU A 51 -4.22 16.43 -4.56
C LEU A 51 -5.48 16.44 -5.43
N GLU A 52 -6.01 17.65 -5.67
CA GLU A 52 -7.20 17.89 -6.49
C GLU A 52 -6.76 18.48 -7.84
N ASP A 53 -7.25 17.89 -8.94
CA ASP A 53 -6.76 18.13 -10.33
C ASP A 53 -6.81 19.60 -10.75
N GLY A 54 -7.86 20.31 -10.30
CA GLY A 54 -8.06 21.72 -10.64
C GLY A 54 -7.08 22.67 -9.93
N ARG A 55 -6.39 22.16 -8.90
CA ARG A 55 -5.49 22.95 -8.05
C ARG A 55 -4.07 22.85 -8.62
N THR A 56 -3.15 23.72 -8.17
CA THR A 56 -1.83 23.89 -8.82
C THR A 56 -0.70 23.21 -8.01
N LEU A 57 0.42 22.89 -8.70
CA LEU A 57 1.64 22.33 -8.10
C LEU A 57 2.23 23.32 -7.06
N SER A 58 2.33 24.62 -7.42
CA SER A 58 2.86 25.65 -6.51
C SER A 58 1.93 25.91 -5.30
N ASP A 59 0.61 25.61 -5.46
CA ASP A 59 -0.39 25.79 -4.38
C ASP A 59 -0.04 24.93 -3.15
N TYR A 60 0.58 23.76 -3.38
CA TYR A 60 1.05 22.87 -2.29
C TYR A 60 2.54 23.10 -2.00
N ASN A 61 3.22 23.86 -2.89
CA ASN A 61 4.68 24.08 -2.88
C ASN A 61 5.41 22.74 -3.04
N ILE A 62 5.21 22.11 -4.22
CA ILE A 62 6.01 20.94 -4.63
C ILE A 62 7.46 21.41 -4.90
N GLN A 63 8.31 21.14 -3.92
CA GLN A 63 9.77 21.27 -4.05
C GLN A 63 10.34 20.03 -4.76
N LYS A 64 11.60 20.13 -5.20
CA LYS A 64 12.28 19.04 -5.92
C LYS A 64 12.63 17.89 -4.98
N GLU A 65 12.64 16.67 -5.56
CA GLU A 65 12.87 15.36 -4.88
C GLU A 65 11.88 15.11 -3.72
N SER A 66 10.71 15.77 -3.75
CA SER A 66 9.65 15.59 -2.74
C SER A 66 8.86 14.29 -3.02
N ALA A 67 8.29 13.67 -1.95
CA ALA A 67 7.67 12.34 -2.04
C ALA A 67 6.11 12.42 -2.06
N LEU A 68 5.56 12.16 -3.25
CA LEU A 68 4.12 11.97 -3.48
C LEU A 68 3.85 10.46 -3.33
N ILE A 69 2.65 10.11 -2.87
CA ILE A 69 2.21 8.71 -2.77
C ILE A 69 0.77 8.57 -3.31
N LEU A 70 0.58 7.62 -4.23
CA LEU A 70 -0.73 7.28 -4.80
C LEU A 70 -1.30 6.06 -4.05
N LEU A 71 -2.39 6.29 -3.33
CA LEU A 71 -3.13 5.24 -2.61
C LEU A 71 -4.28 4.80 -3.54
N LEU A 72 -4.60 3.49 -3.58
CA LEU A 72 -5.75 2.99 -4.39
C LEU A 72 -7.07 3.36 -3.68
N THR A 73 -8.21 3.20 -4.41
CA THR A 73 -9.56 3.35 -3.87
C THR A 73 -9.73 2.50 -2.59
N LEU A 74 -9.57 3.18 -1.46
CA LEU A 74 -9.74 2.63 -0.12
C LEU A 74 -11.22 2.29 0.09
N ARG A 75 -12.05 3.34 0.17
CA ARG A 75 -13.53 3.25 0.25
C ARG A 75 -14.13 4.52 -0.41
N GLY B 1 11.87 22.16 -14.76
CA GLY B 1 11.07 22.22 -13.51
C GLY B 1 11.72 21.41 -12.40
N MET B 2 10.90 20.97 -11.42
CA MET B 2 11.38 20.15 -10.29
C MET B 2 10.94 18.70 -10.50
N GLN B 3 11.80 17.74 -10.11
CA GLN B 3 11.56 16.32 -10.35
C GLN B 3 11.38 15.60 -9.02
N ILE B 4 10.24 14.94 -8.88
CA ILE B 4 9.76 14.37 -7.62
C ILE B 4 9.61 12.86 -7.75
N PHE B 5 9.19 12.23 -6.64
CA PHE B 5 9.00 10.78 -6.55
C PHE B 5 7.53 10.47 -6.29
N VAL B 6 6.86 9.75 -7.21
CA VAL B 6 5.46 9.33 -7.02
C VAL B 6 5.45 7.81 -6.78
N ASP B 7 5.19 7.42 -5.53
CA ASP B 7 5.12 6.01 -5.15
C ASP B 7 3.78 5.45 -5.65
N THR B 8 3.87 4.46 -6.54
CA THR B 8 2.71 3.83 -7.19
C THR B 8 2.65 2.34 -6.81
N VAL B 9 1.44 1.79 -6.70
CA VAL B 9 1.25 0.37 -6.42
C VAL B 9 1.22 -0.38 -7.76
N GLN B 10 2.30 -1.11 -8.06
CA GLN B 10 2.45 -1.86 -9.30
C GLN B 10 2.17 -3.33 -9.02
N TRP B 11 1.49 -3.98 -9.95
CA TRP B 11 1.11 -5.40 -9.85
C TRP B 11 1.62 -6.15 -11.07
N LYS B 12 2.06 -7.41 -10.89
CA LYS B 12 2.37 -8.32 -12.01
C LYS B 12 1.59 -9.61 -11.80
N THR B 13 0.51 -9.78 -12.54
CA THR B 13 -0.33 -10.97 -12.46
C THR B 13 0.26 -12.07 -13.36
N ILE B 14 0.75 -13.13 -12.72
CA ILE B 14 1.26 -14.33 -13.42
C ILE B 14 0.08 -15.29 -13.56
N THR B 15 0.14 -16.16 -14.57
CA THR B 15 -0.92 -17.14 -14.83
C THR B 15 -0.27 -18.48 -15.17
N LEU B 16 -0.42 -19.46 -14.25
CA LEU B 16 0.15 -20.82 -14.41
C LEU B 16 -0.97 -21.84 -14.24
N GLU B 17 -0.75 -23.09 -14.66
CA GLU B 17 -1.62 -24.22 -14.33
C GLU B 17 -0.90 -25.08 -13.29
N VAL B 18 -1.67 -25.57 -12.31
CA VAL B 18 -1.15 -26.32 -11.17
C VAL B 18 -2.16 -27.41 -10.79
N GLU B 19 -1.69 -28.42 -10.04
CA GLU B 19 -2.49 -29.59 -9.65
C GLU B 19 -2.93 -29.46 -8.19
N PRO B 20 -4.19 -29.88 -7.86
CA PRO B 20 -4.69 -29.86 -6.47
C PRO B 20 -3.94 -30.86 -5.57
N SER B 21 -3.41 -31.93 -6.21
CA SER B 21 -2.63 -33.00 -5.55
C SER B 21 -1.16 -32.59 -5.33
N ASP B 22 -0.69 -31.55 -6.05
CA ASP B 22 0.73 -31.12 -6.04
C ASP B 22 0.95 -30.17 -4.85
N THR B 23 2.20 -30.02 -4.40
CA THR B 23 2.57 -29.09 -3.29
C THR B 23 2.81 -27.66 -3.79
N ILE B 24 2.80 -26.71 -2.84
CA ILE B 24 3.04 -25.26 -3.09
C ILE B 24 4.49 -25.01 -3.57
N GLU B 25 5.38 -26.01 -3.30
CA GLU B 25 6.76 -25.99 -3.79
C GLU B 25 6.79 -25.87 -5.33
N ASN B 26 5.67 -26.32 -5.98
CA ASN B 26 5.39 -26.13 -7.40
C ASN B 26 5.45 -24.64 -7.75
N VAL B 27 4.60 -23.84 -7.06
CA VAL B 27 4.39 -22.41 -7.33
C VAL B 27 5.68 -21.60 -7.07
N LYS B 28 6.36 -21.91 -5.94
CA LYS B 28 7.64 -21.22 -5.60
C LYS B 28 8.72 -21.58 -6.65
N ALA B 29 8.73 -22.86 -7.10
CA ALA B 29 9.67 -23.35 -8.11
C ALA B 29 9.32 -22.78 -9.49
N LYS B 30 8.02 -22.43 -9.70
CA LYS B 30 7.58 -21.80 -10.96
C LYS B 30 8.19 -20.41 -11.06
N ILE B 31 7.90 -19.53 -10.09
CA ILE B 31 8.41 -18.14 -10.11
C ILE B 31 9.97 -18.11 -10.12
N GLN B 32 10.60 -19.06 -9.40
CA GLN B 32 12.08 -19.22 -9.33
C GLN B 32 12.67 -19.70 -10.68
N ASP B 33 11.98 -20.64 -11.35
CA ASP B 33 12.39 -21.19 -12.65
C ASP B 33 12.23 -20.15 -13.77
N LYS B 34 11.04 -19.56 -13.79
CA LYS B 34 10.53 -18.77 -14.90
C LYS B 34 11.09 -17.34 -14.89
N GLU B 35 11.01 -16.65 -13.73
CA GLU B 35 11.47 -15.24 -13.63
C GLU B 35 12.49 -15.00 -12.50
N GLY B 36 12.91 -16.09 -11.83
CA GLY B 36 14.02 -16.04 -10.88
C GLY B 36 13.73 -15.33 -9.58
N ILE B 37 12.46 -15.40 -9.12
CA ILE B 37 12.08 -14.95 -7.76
C ILE B 37 12.49 -16.05 -6.75
N PRO B 38 13.51 -15.80 -5.86
CA PRO B 38 13.99 -16.80 -4.87
C PRO B 38 12.89 -17.10 -3.80
N PRO B 39 12.65 -18.42 -3.47
CA PRO B 39 11.46 -18.90 -2.71
C PRO B 39 11.33 -18.34 -1.27
N ASP B 40 12.41 -18.46 -0.47
CA ASP B 40 12.46 -17.94 0.92
C ASP B 40 12.44 -16.39 0.91
N GLN B 41 12.97 -15.84 -0.21
CA GLN B 41 13.10 -14.39 -0.44
C GLN B 41 11.77 -13.81 -1.04
N GLN B 42 10.69 -14.60 -1.00
CA GLN B 42 9.32 -14.13 -1.28
C GLN B 42 8.35 -14.76 -0.26
N ARG B 43 7.30 -14.03 0.13
CA ARG B 43 6.22 -14.56 0.98
C ARG B 43 4.88 -14.46 0.21
N LEU B 44 4.37 -15.60 -0.27
CA LEU B 44 3.11 -15.67 -1.01
C LEU B 44 1.92 -15.71 -0.02
N ASP B 45 0.92 -14.84 -0.25
CA ASP B 45 -0.31 -14.71 0.57
C ASP B 45 -1.53 -15.03 -0.31
N PHE B 46 -2.56 -15.65 0.30
CA PHE B 46 -3.85 -15.94 -0.36
C PHE B 46 -4.97 -15.67 0.63
N ALA B 47 -5.65 -14.51 0.48
CA ALA B 47 -6.84 -14.12 1.28
C ALA B 47 -6.56 -14.16 2.82
N GLY B 48 -5.27 -14.03 3.22
CA GLY B 48 -4.85 -14.16 4.61
C GLY B 48 -4.38 -15.56 4.98
N LYS B 49 -3.78 -16.26 4.01
CA LYS B 49 -3.12 -17.57 4.23
C LYS B 49 -1.65 -17.47 3.78
N GLN B 50 -0.73 -17.94 4.65
CA GLN B 50 0.68 -18.12 4.29
C GLN B 50 0.80 -19.45 3.54
N LEU B 51 1.11 -19.39 2.23
CA LEU B 51 1.27 -20.60 1.41
C LEU B 51 2.59 -21.29 1.78
N GLU B 52 2.49 -22.19 2.77
CA GLU B 52 3.59 -23.07 3.20
C GLU B 52 3.99 -23.96 2.02
N ASP B 53 5.25 -23.85 1.60
CA ASP B 53 5.79 -24.55 0.41
C ASP B 53 5.79 -26.08 0.59
N GLY B 54 5.73 -26.53 1.85
CA GLY B 54 5.65 -27.94 2.20
C GLY B 54 4.21 -28.48 2.25
N ARG B 55 3.21 -27.60 2.05
CA ARG B 55 1.78 -27.98 2.04
C ARG B 55 1.33 -28.17 0.59
N THR B 56 0.16 -28.76 0.41
CA THR B 56 -0.40 -29.09 -0.90
C THR B 56 -1.45 -28.02 -1.30
N LEU B 57 -1.71 -27.88 -2.63
CA LEU B 57 -2.74 -26.95 -3.17
C LEU B 57 -4.13 -27.27 -2.55
N SER B 58 -4.43 -28.59 -2.41
CA SER B 58 -5.66 -29.07 -1.75
C SER B 58 -5.79 -28.63 -0.28
N ASP B 59 -4.66 -28.47 0.45
CA ASP B 59 -4.67 -27.98 1.86
C ASP B 59 -5.31 -26.58 1.96
N TYR B 60 -5.21 -25.80 0.87
CA TYR B 60 -5.76 -24.43 0.78
C TYR B 60 -7.01 -24.41 -0.10
N ASN B 61 -7.42 -25.60 -0.63
CA ASN B 61 -8.58 -25.79 -1.52
C ASN B 61 -8.56 -24.77 -2.69
N ILE B 62 -7.40 -24.73 -3.37
CA ILE B 62 -7.13 -23.80 -4.46
C ILE B 62 -7.99 -24.18 -5.69
N GLN B 63 -8.84 -23.23 -6.11
CA GLN B 63 -9.71 -23.42 -7.29
C GLN B 63 -9.14 -22.70 -8.51
N LYS B 64 -9.75 -22.96 -9.68
CA LYS B 64 -9.38 -22.28 -10.92
C LYS B 64 -9.70 -20.79 -10.81
N GLU B 65 -8.77 -20.00 -11.33
CA GLU B 65 -8.74 -18.54 -11.24
C GLU B 65 -8.60 -18.04 -9.78
N SER B 66 -8.02 -18.88 -8.85
CA SER B 66 -7.56 -18.37 -7.53
C SER B 66 -6.44 -17.34 -7.72
N ALA B 67 -6.71 -16.09 -7.30
CA ALA B 67 -5.73 -14.99 -7.37
C ALA B 67 -5.04 -14.82 -5.99
N LEU B 68 -3.76 -15.19 -5.91
CA LEU B 68 -2.94 -15.10 -4.70
C LEU B 68 -2.03 -13.88 -4.82
N ILE B 69 -1.86 -13.13 -3.73
CA ILE B 69 -1.03 -11.91 -3.70
C ILE B 69 0.38 -12.27 -3.19
N LEU B 70 1.37 -12.17 -4.09
CA LEU B 70 2.77 -12.49 -3.76
C LEU B 70 3.48 -11.23 -3.26
N LEU B 71 4.07 -11.34 -2.07
CA LEU B 71 4.93 -10.30 -1.49
C LEU B 71 6.40 -10.75 -1.57
N LEU B 72 7.32 -9.78 -1.48
CA LEU B 72 8.77 -10.02 -1.38
C LEU B 72 9.13 -10.62 0.01
N THR B 73 10.43 -10.92 0.20
CA THR B 73 11.01 -11.36 1.51
C THR B 73 10.44 -10.57 2.71
N LEU B 74 10.09 -11.31 3.78
CA LEU B 74 9.31 -10.80 4.93
C LEU B 74 7.93 -10.25 4.48
N ARG B 75 7.12 -9.87 5.45
CA ARG B 75 5.86 -9.16 5.19
C ARG B 75 6.11 -7.66 5.45
N GLY C 1 -16.62 9.15 9.52
CA GLY C 1 -17.05 7.98 10.32
C GLY C 1 -17.68 8.39 11.64
N SER C 2 -18.51 7.51 12.22
CA SER C 2 -19.15 7.74 13.53
C SER C 2 -18.15 7.46 14.67
N GLU C 3 -18.36 8.14 15.80
CA GLU C 3 -17.46 8.09 16.97
C GLU C 3 -18.26 7.88 18.26
N SER C 4 -17.55 7.84 19.38
CA SER C 4 -18.13 7.82 20.74
C SER C 4 -17.18 8.54 21.70
N ASP C 5 -15.87 8.43 21.42
CA ASP C 5 -14.83 9.20 22.12
C ASP C 5 -14.81 10.64 21.57
N SER C 6 -15.69 11.48 22.13
CA SER C 6 -15.79 12.90 21.79
C SER C 6 -14.79 13.69 22.65
N GLY C 7 -13.76 14.25 21.99
CA GLY C 7 -12.76 15.11 22.65
C GLY C 7 -13.16 16.58 22.62
N MET C 8 -12.20 17.44 22.96
CA MET C 8 -12.40 18.89 23.00
C MET C 8 -12.41 19.49 21.58
N ALA C 9 -13.04 20.65 21.47
CA ALA C 9 -13.25 21.36 20.20
C ALA C 9 -12.03 22.25 19.81
N SER C 10 -10.80 21.73 20.04
CA SER C 10 -9.58 22.47 19.74
C SER C 10 -8.41 21.51 19.42
N GLN C 11 -7.68 21.06 20.47
CA GLN C 11 -6.48 20.22 20.31
C GLN C 11 -6.86 18.82 19.81
N ALA C 12 -8.01 18.31 20.29
CA ALA C 12 -8.48 16.96 20.02
C ALA C 12 -8.84 16.79 18.54
N ASP C 13 -9.29 17.91 17.92
CA ASP C 13 -9.58 17.99 16.47
C ASP C 13 -8.30 17.76 15.65
N GLN C 14 -7.23 18.45 16.05
CA GLN C 14 -5.93 18.47 15.33
C GLN C 14 -5.34 17.06 15.24
N LYS C 15 -5.17 16.45 16.41
CA LYS C 15 -4.58 15.12 16.55
C LYS C 15 -5.47 14.04 15.94
N GLU C 16 -6.80 14.17 16.12
CA GLU C 16 -7.80 13.29 15.45
C GLU C 16 -7.58 13.26 13.94
N GLU C 17 -7.48 14.47 13.33
CA GLU C 17 -7.35 14.63 11.88
C GLU C 17 -6.02 14.08 11.36
N GLU C 18 -4.92 14.38 12.07
CA GLU C 18 -3.58 13.86 11.76
C GLU C 18 -3.58 12.32 11.83
N LEU C 19 -4.12 11.78 12.95
CA LEU C 19 -4.21 10.33 13.21
C LEU C 19 -5.04 9.61 12.14
N LEU C 20 -6.15 10.24 11.74
CA LEU C 20 -7.09 9.68 10.76
C LEU C 20 -6.43 9.74 9.37
N LEU C 21 -5.64 10.80 9.11
CA LEU C 21 -4.88 10.98 7.85
C LEU C 21 -3.80 9.88 7.73
N PHE C 22 -3.12 9.64 8.87
CA PHE C 22 -2.10 8.60 9.01
C PHE C 22 -2.71 7.22 8.86
N TRP C 23 -3.96 7.08 9.33
CA TRP C 23 -4.73 5.86 9.18
C TRP C 23 -5.26 5.73 7.74
N THR C 24 -5.55 6.85 7.07
CA THR C 24 -5.98 6.83 5.65
C THR C 24 -4.80 6.39 4.77
N TYR C 25 -3.58 6.77 5.21
CA TYR C 25 -2.33 6.29 4.63
C TYR C 25 -2.19 4.77 4.81
N ILE C 26 -2.09 4.32 6.10
CA ILE C 26 -1.85 2.91 6.46
C ILE C 26 -2.92 1.99 5.87
N GLN C 27 -4.19 2.40 6.00
CA GLN C 27 -5.35 1.60 5.58
C GLN C 27 -5.32 1.42 4.06
N ALA C 28 -5.20 2.54 3.33
CA ALA C 28 -5.31 2.56 1.85
C ALA C 28 -4.09 1.90 1.17
N MET C 29 -2.93 1.91 1.84
CA MET C 29 -1.75 1.17 1.35
C MET C 29 -1.87 -0.32 1.71
N LEU C 30 -2.45 -0.65 2.89
CA LEU C 30 -2.71 -2.05 3.31
C LEU C 30 -3.94 -2.63 2.56
N THR C 31 -4.70 -1.76 1.87
CA THR C 31 -5.78 -2.18 0.95
C THR C 31 -5.20 -2.92 -0.29
N ASN C 32 -3.87 -2.75 -0.50
CA ASN C 32 -3.13 -3.34 -1.61
C ASN C 32 -2.04 -4.28 -1.07
N LEU C 33 -1.20 -3.71 -0.19
CA LEU C 33 -0.09 -4.39 0.48
C LEU C 33 -0.61 -4.95 1.81
N GLU C 34 -1.58 -5.85 1.71
CA GLU C 34 -2.45 -6.29 2.84
C GLU C 34 -1.75 -7.12 3.96
N SER C 35 -0.41 -7.09 4.05
CA SER C 35 0.37 -7.81 5.08
C SER C 35 1.78 -7.16 5.21
N LEU C 36 1.93 -6.14 6.09
CA LEU C 36 3.22 -5.43 6.30
C LEU C 36 3.53 -5.29 7.80
N SER C 37 4.84 -5.33 8.13
CA SER C 37 5.37 -5.10 9.48
C SER C 37 5.09 -3.66 9.94
N LEU C 38 5.17 -3.45 11.27
CA LEU C 38 5.06 -2.12 11.89
C LEU C 38 6.15 -1.21 11.30
N ASP C 39 7.30 -1.82 10.96
CA ASP C 39 8.45 -1.15 10.29
C ASP C 39 8.01 -0.27 9.10
N ARG C 40 7.28 -0.86 8.14
CA ARG C 40 6.90 -0.19 6.88
C ARG C 40 6.06 1.05 7.18
N ILE C 41 4.94 0.80 7.87
CA ILE C 41 3.92 1.81 8.14
C ILE C 41 4.41 2.88 9.15
N TYR C 42 5.43 2.51 9.99
CA TYR C 42 6.12 3.46 10.87
C TYR C 42 6.93 4.44 10.02
N ASN C 43 7.75 3.88 9.09
CA ASN C 43 8.64 4.70 8.22
C ASN C 43 7.81 5.63 7.31
N MET C 44 6.61 5.13 6.90
CA MET C 44 5.61 5.93 6.19
C MET C 44 5.16 7.12 7.07
N LEU C 45 4.57 6.77 8.22
CA LEU C 45 4.06 7.77 9.20
C LEU C 45 5.12 8.78 9.65
N ARG C 46 6.36 8.31 9.75
CA ARG C 46 7.49 9.13 10.18
C ARG C 46 7.80 10.16 9.10
N MET C 47 7.89 9.70 7.82
CA MET C 47 7.99 10.57 6.63
C MET C 47 6.92 11.69 6.68
N PHE C 48 5.65 11.29 6.84
CA PHE C 48 4.51 12.23 6.79
C PHE C 48 4.42 13.16 8.03
N VAL C 49 4.96 12.70 9.18
CA VAL C 49 4.91 13.48 10.45
C VAL C 49 6.10 14.47 10.53
N VAL C 50 7.23 14.17 9.84
CA VAL C 50 8.42 15.06 9.82
C VAL C 50 8.37 16.06 8.66
N THR C 51 7.63 15.74 7.58
CA THR C 51 7.43 16.67 6.45
C THR C 51 6.56 17.88 6.85
N GLY C 52 5.83 17.71 7.94
CA GLY C 52 4.98 18.77 8.49
C GLY C 52 5.27 19.01 9.96
N PRO C 53 4.66 20.05 10.59
CA PRO C 53 4.76 20.27 12.05
C PRO C 53 3.76 19.39 12.83
N ALA C 54 3.07 18.49 12.07
CA ALA C 54 2.06 17.54 12.53
C ALA C 54 2.48 16.85 13.84
N LEU C 55 1.71 17.14 14.92
CA LEU C 55 1.83 16.48 16.23
C LEU C 55 3.16 16.77 16.95
N ALA C 56 3.96 17.72 16.40
CA ALA C 56 5.33 18.02 16.85
C ALA C 56 6.21 16.76 16.82
N GLU C 57 5.92 15.87 15.83
CA GLU C 57 6.52 14.55 15.66
C GLU C 57 6.06 13.56 16.77
N ILE C 58 5.61 12.38 16.34
CA ILE C 58 5.22 11.25 17.20
C ILE C 58 6.40 10.29 17.46
N ASP C 59 6.17 9.35 18.39
CA ASP C 59 7.19 8.40 18.87
C ASP C 59 6.66 6.96 18.68
N LEU C 60 7.56 5.97 18.94
CA LEU C 60 7.26 4.53 18.89
C LEU C 60 6.09 4.15 19.80
N GLN C 61 6.00 4.79 20.98
CA GLN C 61 4.91 4.54 21.94
C GLN C 61 3.53 4.89 21.32
N GLU C 62 3.49 6.05 20.62
CA GLU C 62 2.26 6.57 19.99
C GLU C 62 1.88 5.68 18.80
N LEU C 63 2.91 5.28 18.04
CA LEU C 63 2.77 4.43 16.85
C LEU C 63 2.24 3.04 17.25
N GLN C 64 3.03 2.32 18.07
CA GLN C 64 2.72 0.95 18.52
C GLN C 64 1.40 0.93 19.32
N GLY C 65 1.10 2.05 20.02
CA GLY C 65 -0.17 2.23 20.71
C GLY C 65 -1.35 2.36 19.74
N TYR C 66 -1.11 3.04 18.60
CA TYR C 66 -2.11 3.20 17.52
C TYR C 66 -2.46 1.81 16.92
N LEU C 67 -1.39 1.03 16.61
CA LEU C 67 -1.53 -0.35 16.12
C LEU C 67 -2.22 -1.25 17.16
N GLN C 68 -1.86 -1.04 18.44
CA GLN C 68 -2.43 -1.79 19.58
C GLN C 68 -3.95 -1.62 19.62
N LYS C 69 -4.41 -0.35 19.60
CA LYS C 69 -5.83 0.00 19.47
C LYS C 69 -6.47 -0.74 18.28
N LYS C 70 -5.83 -0.65 17.09
CA LYS C 70 -6.32 -1.31 15.86
C LYS C 70 -6.44 -2.85 16.03
N VAL C 71 -5.54 -3.46 16.82
CA VAL C 71 -5.60 -4.91 17.13
C VAL C 71 -6.80 -5.20 18.04
N ARG C 72 -7.00 -4.34 19.06
CA ARG C 72 -8.10 -4.49 20.04
C ARG C 72 -9.48 -4.18 19.41
N ASP C 73 -9.45 -3.36 18.33
CA ASP C 73 -10.65 -2.95 17.58
C ASP C 73 -11.04 -4.00 16.51
N GLN C 74 -10.19 -5.07 16.38
CA GLN C 74 -10.24 -6.10 15.30
C GLN C 74 -9.94 -5.48 13.90
N GLN C 75 -9.47 -4.22 13.91
CA GLN C 75 -9.24 -3.42 12.69
C GLN C 75 -7.98 -3.91 11.95
N LEU C 76 -7.04 -4.46 12.75
CA LEU C 76 -5.78 -5.03 12.27
C LEU C 76 -5.52 -6.36 12.98
N VAL C 77 -4.97 -7.29 12.21
CA VAL C 77 -4.59 -8.64 12.63
C VAL C 77 -3.07 -8.70 12.76
N TYR C 78 -2.60 -9.19 13.92
CA TYR C 78 -1.17 -9.33 14.21
C TYR C 78 -0.75 -10.75 13.81
N SER C 79 0.02 -10.86 12.73
CA SER C 79 0.65 -12.12 12.29
C SER C 79 2.02 -12.25 13.00
N ALA C 80 3.02 -12.89 12.37
CA ALA C 80 4.37 -13.05 12.95
C ALA C 80 5.12 -11.69 12.97
N GLY C 81 4.75 -10.82 13.94
CA GLY C 81 5.38 -9.51 14.13
C GLY C 81 5.05 -8.52 13.02
N VAL C 82 3.95 -8.77 12.29
CA VAL C 82 3.47 -7.88 11.22
C VAL C 82 1.97 -7.59 11.38
N TYR C 83 1.52 -6.51 10.77
CA TYR C 83 0.12 -6.08 10.78
C TYR C 83 -0.53 -6.28 9.40
N ARG C 84 -1.77 -6.80 9.42
CA ARG C 84 -2.51 -7.18 8.21
C ARG C 84 -3.97 -6.73 8.33
N LEU C 85 -4.53 -6.14 7.25
CA LEU C 85 -5.96 -5.79 7.22
C LEU C 85 -6.81 -7.03 6.90
N PRO C 86 -7.86 -7.33 7.73
CA PRO C 86 -8.98 -8.19 7.30
C PRO C 86 -9.62 -7.63 6.01
N LYS C 87 -9.15 -8.11 4.85
CA LYS C 87 -9.67 -7.69 3.54
C LYS C 87 -11.16 -8.07 3.38
N ASN C 88 -11.91 -7.16 2.77
CA ASN C 88 -13.38 -7.26 2.67
C ASN C 88 -13.81 -7.74 1.28
N CYS C 89 -12.87 -7.68 0.31
CA CYS C 89 -13.09 -8.08 -1.08
C CYS C 89 -13.51 -9.56 -1.17
N SER C 90 -12.70 -10.43 -0.52
CA SER C 90 -12.96 -11.87 -0.43
C SER C 90 -12.46 -12.38 0.95
N GLY A 1 -7.23 -29.74 -10.41
CA GLY A 1 -7.82 -30.27 -9.16
C GLY A 1 -8.56 -29.18 -8.41
N MET A 2 -7.92 -28.01 -8.30
CA MET A 2 -8.49 -26.83 -7.65
C MET A 2 -7.83 -25.55 -8.22
N GLN A 3 -8.58 -24.44 -8.22
CA GLN A 3 -8.07 -23.15 -8.72
C GLN A 3 -7.32 -22.45 -7.57
N ILE A 4 -6.31 -21.63 -7.89
CA ILE A 4 -5.67 -20.75 -6.89
C ILE A 4 -5.52 -19.33 -7.43
N PHE A 5 -5.37 -18.39 -6.50
CA PHE A 5 -5.22 -16.96 -6.79
C PHE A 5 -3.87 -16.49 -6.24
N VAL A 6 -2.88 -16.26 -7.13
CA VAL A 6 -1.55 -15.78 -6.72
C VAL A 6 -1.58 -14.24 -6.71
N ASP A 7 -1.84 -13.69 -5.53
CA ASP A 7 -2.06 -12.27 -5.29
C ASP A 7 -0.75 -11.47 -5.31
N THR A 8 -0.49 -10.80 -6.43
CA THR A 8 0.75 -10.06 -6.70
C THR A 8 0.52 -8.56 -6.48
N VAL A 9 1.28 -7.97 -5.54
CA VAL A 9 1.22 -6.53 -5.21
C VAL A 9 2.55 -5.86 -5.60
N GLN A 10 2.47 -4.67 -6.23
CA GLN A 10 3.66 -3.91 -6.66
C GLN A 10 3.63 -2.50 -6.01
N TRP A 11 4.09 -2.44 -4.75
CA TRP A 11 4.23 -1.19 -3.97
C TRP A 11 5.69 -0.74 -4.04
N LYS A 12 5.92 0.44 -4.63
CA LYS A 12 7.26 0.89 -5.04
C LYS A 12 7.29 2.41 -5.30
N THR A 13 8.30 3.13 -4.74
CA THR A 13 8.56 4.53 -5.11
C THR A 13 9.23 4.57 -6.49
N ILE A 14 8.80 5.53 -7.33
CA ILE A 14 9.29 5.72 -8.70
C ILE A 14 10.01 7.07 -8.75
N THR A 15 11.30 7.09 -9.10
CA THR A 15 12.07 8.32 -9.16
C THR A 15 11.92 8.97 -10.55
N LEU A 16 11.43 10.22 -10.57
CA LEU A 16 11.20 11.00 -11.80
C LEU A 16 11.69 12.43 -11.58
N GLU A 17 11.81 13.18 -12.67
CA GLU A 17 12.02 14.63 -12.62
C GLU A 17 10.70 15.33 -12.97
N VAL A 18 10.54 16.54 -12.42
CA VAL A 18 9.35 17.38 -12.65
C VAL A 18 9.74 18.88 -12.59
N GLU A 19 8.93 19.74 -13.26
CA GLU A 19 9.17 21.18 -13.39
C GLU A 19 8.21 21.97 -12.48
N PRO A 20 8.66 23.11 -11.87
CA PRO A 20 7.79 23.96 -11.02
C PRO A 20 6.68 24.60 -11.87
N SER A 21 7.02 24.93 -13.12
CA SER A 21 6.13 25.61 -14.07
C SER A 21 5.05 24.66 -14.65
N ASP A 22 5.19 23.34 -14.39
CA ASP A 22 4.26 22.31 -14.86
C ASP A 22 3.07 22.18 -13.90
N THR A 23 1.98 21.54 -14.36
CA THR A 23 0.82 21.22 -13.52
C THR A 23 0.93 19.81 -12.94
N ILE A 24 0.16 19.58 -11.87
CA ILE A 24 0.06 18.31 -11.16
C ILE A 24 -0.54 17.21 -12.08
N GLU A 25 -1.37 17.66 -13.06
CA GLU A 25 -2.03 16.80 -14.04
C GLU A 25 -1.01 16.13 -14.99
N ASN A 26 0.19 16.73 -15.10
CA ASN A 26 1.29 16.17 -15.91
C ASN A 26 1.90 14.97 -15.17
N VAL A 27 1.99 15.08 -13.83
CA VAL A 27 2.42 13.98 -12.95
C VAL A 27 1.37 12.84 -13.00
N LYS A 28 0.09 13.25 -12.92
CA LYS A 28 -1.08 12.37 -13.07
C LYS A 28 -1.04 11.64 -14.42
N ALA A 29 -0.74 12.39 -15.49
CA ALA A 29 -0.79 11.87 -16.87
C ALA A 29 0.38 10.92 -17.16
N LYS A 30 1.57 11.20 -16.58
CA LYS A 30 2.77 10.37 -16.79
C LYS A 30 2.67 9.05 -15.99
N ILE A 31 2.07 9.09 -14.78
CA ILE A 31 1.79 7.84 -14.03
C ILE A 31 0.57 7.10 -14.65
N GLN A 32 -0.33 7.85 -15.31
CA GLN A 32 -1.43 7.26 -16.11
C GLN A 32 -0.86 6.57 -17.36
N ASP A 33 0.21 7.16 -17.91
CA ASP A 33 0.89 6.66 -19.12
C ASP A 33 1.69 5.39 -18.78
N LYS A 34 2.47 5.46 -17.70
CA LYS A 34 3.41 4.40 -17.30
C LYS A 34 2.70 3.33 -16.44
N GLU A 35 2.17 3.75 -15.28
CA GLU A 35 1.58 2.84 -14.27
C GLU A 35 0.16 2.41 -14.71
N GLY A 36 -0.53 3.30 -15.43
CA GLY A 36 -1.91 3.07 -15.88
C GLY A 36 -2.95 3.62 -14.90
N ILE A 37 -2.53 4.50 -13.98
CA ILE A 37 -3.37 5.04 -12.90
C ILE A 37 -4.41 6.06 -13.43
N PRO A 38 -5.75 5.75 -13.35
CA PRO A 38 -6.81 6.74 -13.62
C PRO A 38 -6.88 7.77 -12.47
N PRO A 39 -7.08 9.11 -12.78
CA PRO A 39 -7.21 10.18 -11.74
C PRO A 39 -8.33 9.89 -10.71
N ASP A 40 -9.35 9.17 -11.18
CA ASP A 40 -10.50 8.71 -10.36
C ASP A 40 -10.01 7.77 -9.24
N GLN A 41 -9.15 6.81 -9.63
CA GLN A 41 -8.62 5.76 -8.73
C GLN A 41 -7.39 6.27 -7.94
N GLN A 42 -6.86 7.43 -8.39
CA GLN A 42 -5.72 8.12 -7.79
C GLN A 42 -6.17 8.98 -6.59
N ARG A 43 -5.42 8.88 -5.48
CA ARG A 43 -5.53 9.79 -4.34
C ARG A 43 -4.10 10.28 -4.02
N LEU A 44 -3.68 11.36 -4.70
CA LEU A 44 -2.31 11.89 -4.62
C LEU A 44 -2.09 12.63 -3.28
N ILE A 45 -1.16 12.09 -2.44
CA ILE A 45 -0.77 12.73 -1.17
C ILE A 45 0.69 13.24 -1.28
N PHE A 46 0.90 14.48 -0.80
CA PHE A 46 2.24 15.07 -0.63
C PHE A 46 2.35 15.59 0.80
N ALA A 47 3.08 14.85 1.66
CA ALA A 47 3.46 15.29 3.03
C ALA A 47 2.25 15.49 3.95
N GLY A 48 1.07 14.98 3.51
CA GLY A 48 -0.19 15.19 4.20
C GLY A 48 -1.00 16.39 3.68
N LYS A 49 -0.70 16.79 2.44
CA LYS A 49 -1.42 17.85 1.71
C LYS A 49 -1.89 17.27 0.37
N GLN A 50 -3.13 17.54 -0.02
CA GLN A 50 -3.72 16.99 -1.25
C GLN A 50 -3.43 17.91 -2.42
N LEU A 51 -2.87 17.34 -3.49
CA LEU A 51 -2.50 18.08 -4.69
C LEU A 51 -3.70 18.09 -5.65
N GLU A 52 -4.27 19.29 -5.86
CA GLU A 52 -5.36 19.49 -6.82
C GLU A 52 -4.82 19.24 -8.24
N ASP A 53 -5.54 18.40 -8.98
CA ASP A 53 -5.10 17.81 -10.26
C ASP A 53 -4.61 18.88 -11.26
N GLY A 54 -5.42 19.91 -11.48
CA GLY A 54 -5.11 20.95 -12.48
C GLY A 54 -4.37 22.15 -11.90
N ARG A 55 -3.78 22.00 -10.70
CA ARG A 55 -3.03 23.07 -10.03
C ARG A 55 -1.54 22.94 -10.41
N THR A 56 -0.65 23.86 -10.01
CA THR A 56 0.74 23.90 -10.51
C THR A 56 1.73 23.44 -9.40
N LEU A 57 2.86 22.82 -9.81
CA LEU A 57 3.93 22.36 -8.86
C LEU A 57 4.44 23.57 -8.02
N SER A 58 4.64 24.72 -8.71
CA SER A 58 5.20 25.95 -8.12
C SER A 58 4.31 26.56 -7.04
N ASP A 59 2.98 26.37 -7.17
CA ASP A 59 2.02 26.86 -6.16
C ASP A 59 2.33 26.26 -4.78
N TYR A 60 2.75 24.98 -4.79
CA TYR A 60 3.07 24.26 -3.55
C TYR A 60 4.54 24.47 -3.15
N ASN A 61 5.34 25.12 -4.06
CA ASN A 61 6.79 25.31 -3.89
C ASN A 61 7.48 23.92 -3.77
N ILE A 62 7.12 23.03 -4.70
CA ILE A 62 7.56 21.62 -4.68
C ILE A 62 9.07 21.51 -4.91
N GLN A 63 9.77 21.11 -3.85
CA GLN A 63 11.21 20.93 -3.83
C GLN A 63 11.61 19.56 -4.42
N LYS A 64 12.92 19.34 -4.46
CA LYS A 64 13.51 18.08 -4.95
C LYS A 64 13.45 16.98 -3.88
N GLU A 65 13.66 15.72 -4.33
CA GLU A 65 13.68 14.49 -3.51
C GLU A 65 12.49 14.36 -2.53
N SER A 66 11.34 14.93 -2.94
CA SER A 66 10.10 14.86 -2.16
C SER A 66 9.43 13.47 -2.34
N ALA A 67 9.15 12.80 -1.21
CA ALA A 67 8.48 11.48 -1.21
C ALA A 67 6.96 11.68 -1.18
N LEU A 68 6.30 11.35 -2.30
CA LEU A 68 4.84 11.36 -2.43
C LEU A 68 4.31 9.95 -2.26
N ILE A 69 3.01 9.83 -2.03
CA ILE A 69 2.36 8.51 -1.94
C ILE A 69 1.00 8.57 -2.67
N LEU A 70 0.81 7.63 -3.59
CA LEU A 70 -0.45 7.46 -4.31
C LEU A 70 -1.28 6.37 -3.63
N LEU A 71 -2.47 6.75 -3.17
CA LEU A 71 -3.43 5.80 -2.62
C LEU A 71 -4.35 5.38 -3.77
N LEU A 72 -4.36 4.08 -4.09
CA LEU A 72 -5.31 3.52 -5.07
C LEU A 72 -6.73 3.55 -4.47
N THR A 73 -7.77 3.42 -5.35
CA THR A 73 -9.18 3.21 -4.94
C THR A 73 -9.30 2.38 -3.64
N LEU A 74 -9.57 3.11 -2.54
CA LEU A 74 -9.71 2.56 -1.19
C LEU A 74 -10.96 1.66 -1.12
N ARG A 75 -12.10 2.20 -1.54
CA ARG A 75 -13.39 1.47 -1.53
C ARG A 75 -13.72 0.91 -2.94
N GLY B 1 14.16 22.00 -13.19
CA GLY B 1 13.28 22.17 -12.01
C GLY B 1 13.78 21.41 -10.81
N MET B 2 13.22 20.21 -10.60
CA MET B 2 13.57 19.33 -9.47
C MET B 2 13.24 17.87 -9.82
N GLN B 3 13.34 17.01 -8.82
CA GLN B 3 13.08 15.56 -8.94
C GLN B 3 12.25 15.11 -7.74
N ILE B 4 11.45 14.05 -7.89
CA ILE B 4 10.60 13.52 -6.80
C ILE B 4 10.54 11.97 -6.83
N PHE B 5 10.06 11.38 -5.72
CA PHE B 5 9.86 9.91 -5.61
C PHE B 5 8.35 9.66 -5.37
N VAL B 6 7.61 9.16 -6.38
CA VAL B 6 6.15 8.92 -6.24
C VAL B 6 5.91 7.45 -5.90
N ASP B 7 5.38 7.16 -4.71
CA ASP B 7 5.00 5.80 -4.34
C ASP B 7 3.77 5.38 -5.14
N THR B 8 3.86 4.20 -5.75
CA THR B 8 2.84 3.64 -6.64
C THR B 8 2.58 2.20 -6.19
N VAL B 9 1.29 1.82 -6.08
CA VAL B 9 0.91 0.44 -5.80
C VAL B 9 -0.06 -0.08 -6.87
N GLN B 10 0.37 -1.15 -7.55
CA GLN B 10 -0.44 -1.86 -8.54
C GLN B 10 -0.75 -3.27 -7.99
N TRP B 11 -2.00 -3.48 -7.57
CA TRP B 11 -2.50 -4.80 -7.19
C TRP B 11 -2.92 -5.57 -8.45
N LYS B 12 -2.75 -6.90 -8.41
CA LYS B 12 -3.25 -7.81 -9.44
C LYS B 12 -3.34 -9.22 -8.83
N THR B 13 -4.31 -10.00 -9.28
CA THR B 13 -4.49 -11.39 -8.81
C THR B 13 -4.33 -12.32 -10.02
N ILE B 14 -3.40 -13.28 -9.92
CA ILE B 14 -3.11 -14.23 -11.02
C ILE B 14 -3.94 -15.51 -10.78
N THR B 15 -4.95 -15.73 -11.61
CA THR B 15 -5.85 -16.88 -11.46
C THR B 15 -5.33 -18.04 -12.32
N LEU B 16 -5.13 -19.21 -11.69
CA LEU B 16 -4.73 -20.43 -12.43
C LEU B 16 -5.44 -21.66 -11.85
N GLU B 17 -5.41 -22.74 -12.64
CA GLU B 17 -5.84 -24.09 -12.22
C GLU B 17 -4.57 -24.84 -11.79
N VAL B 18 -4.65 -25.69 -10.76
CA VAL B 18 -3.48 -26.50 -10.33
C VAL B 18 -3.94 -27.85 -9.73
N GLU B 19 -2.99 -28.81 -9.63
CA GLU B 19 -3.27 -30.15 -9.09
C GLU B 19 -2.63 -30.29 -7.69
N PRO B 20 -3.25 -31.09 -6.78
CA PRO B 20 -2.65 -31.44 -5.46
C PRO B 20 -1.26 -32.10 -5.60
N SER B 21 -1.12 -32.98 -6.58
CA SER B 21 0.12 -33.75 -6.81
C SER B 21 1.18 -32.92 -7.56
N ASP B 22 0.80 -31.71 -8.06
CA ASP B 22 1.76 -30.79 -8.70
C ASP B 22 2.72 -30.25 -7.63
N THR B 23 3.92 -29.92 -8.06
CA THR B 23 4.89 -29.19 -7.22
C THR B 23 4.65 -27.69 -7.35
N ILE B 24 5.26 -26.93 -6.44
CA ILE B 24 5.16 -25.46 -6.45
C ILE B 24 5.99 -24.86 -7.62
N GLU B 25 6.97 -25.65 -8.12
CA GLU B 25 7.89 -25.24 -9.20
C GLU B 25 7.13 -24.84 -10.47
N ASN B 26 5.93 -25.42 -10.66
CA ASN B 26 5.03 -25.06 -11.76
C ASN B 26 4.60 -23.60 -11.61
N VAL B 27 4.02 -23.28 -10.44
CA VAL B 27 3.48 -21.93 -10.13
C VAL B 27 4.62 -20.86 -10.18
N LYS B 28 5.82 -21.25 -9.65
CA LYS B 28 7.00 -20.37 -9.63
C LYS B 28 7.44 -20.07 -11.08
N ALA B 29 7.42 -21.11 -11.94
CA ALA B 29 7.82 -20.99 -13.34
C ALA B 29 6.79 -20.20 -14.15
N LYS B 30 5.50 -20.24 -13.71
CA LYS B 30 4.42 -19.47 -14.36
C LYS B 30 4.63 -17.97 -14.13
N ILE B 31 4.83 -17.57 -12.86
CA ILE B 31 5.05 -16.14 -12.53
C ILE B 31 6.44 -15.67 -13.01
N GLN B 32 7.42 -16.59 -13.07
CA GLN B 32 8.77 -16.31 -13.58
C GLN B 32 8.70 -16.05 -15.10
N ASP B 33 7.86 -16.83 -15.80
CA ASP B 33 7.67 -16.73 -17.26
C ASP B 33 6.94 -15.42 -17.61
N LYS B 34 5.80 -15.20 -16.94
CA LYS B 34 4.85 -14.13 -17.30
C LYS B 34 5.22 -12.80 -16.64
N GLU B 35 5.43 -12.83 -15.31
CA GLU B 35 5.69 -11.62 -14.52
C GLU B 35 7.20 -11.29 -14.47
N GLY B 36 8.05 -12.31 -14.77
CA GLY B 36 9.51 -12.11 -14.82
C GLY B 36 10.17 -12.08 -13.44
N ILE B 37 9.48 -12.63 -12.43
CA ILE B 37 9.93 -12.62 -11.02
C ILE B 37 10.97 -13.75 -10.78
N PRO B 38 12.24 -13.40 -10.39
CA PRO B 38 13.30 -14.40 -10.07
C PRO B 38 12.90 -15.32 -8.89
N PRO B 39 12.91 -16.69 -9.04
CA PRO B 39 12.64 -17.66 -7.94
C PRO B 39 13.41 -17.38 -6.63
N ASP B 40 14.67 -16.99 -6.79
CA ASP B 40 15.58 -16.63 -5.66
C ASP B 40 15.07 -15.39 -4.91
N GLN B 41 14.45 -14.44 -5.65
CA GLN B 41 13.89 -13.19 -5.10
C GLN B 41 12.35 -13.25 -5.00
N GLN B 42 11.82 -14.48 -5.04
CA GLN B 42 10.37 -14.77 -5.05
C GLN B 42 9.92 -15.25 -3.66
N ARG B 43 9.15 -14.40 -2.97
CA ARG B 43 8.45 -14.79 -1.74
C ARG B 43 7.02 -15.23 -2.07
N LEU B 44 6.86 -16.48 -2.51
CA LEU B 44 5.53 -17.09 -2.68
C LEU B 44 5.02 -17.49 -1.28
N ASP B 45 4.16 -16.65 -0.71
CA ASP B 45 3.66 -16.80 0.67
C ASP B 45 2.17 -17.16 0.63
N PHE B 46 1.85 -18.31 1.23
CA PHE B 46 0.48 -18.84 1.31
C PHE B 46 0.01 -18.73 2.77
N ALA B 47 -0.88 -17.76 3.04
CA ALA B 47 -1.57 -17.62 4.34
C ALA B 47 -0.60 -17.57 5.56
N GLY B 48 0.62 -17.06 5.33
CA GLY B 48 1.65 -16.96 6.39
C GLY B 48 2.63 -18.12 6.45
N LYS B 49 2.72 -18.91 5.36
CA LYS B 49 3.71 -20.00 5.22
C LYS B 49 4.20 -20.07 3.75
N GLN B 50 5.52 -19.95 3.56
CA GLN B 50 6.16 -19.97 2.23
C GLN B 50 6.09 -21.36 1.58
N LEU B 51 6.23 -21.37 0.25
CA LEU B 51 6.12 -22.58 -0.58
C LEU B 51 7.48 -22.99 -1.15
N GLU B 52 7.95 -24.18 -0.76
CA GLU B 52 9.16 -24.81 -1.34
C GLU B 52 8.82 -25.35 -2.74
N ASP B 53 9.61 -24.95 -3.75
CA ASP B 53 9.32 -25.25 -5.17
C ASP B 53 9.30 -26.76 -5.45
N GLY B 54 10.14 -27.52 -4.74
CA GLY B 54 10.22 -28.97 -4.90
C GLY B 54 9.21 -29.74 -4.05
N ARG B 55 8.25 -29.04 -3.41
CA ARG B 55 7.20 -29.67 -2.59
C ARG B 55 5.85 -29.52 -3.31
N THR B 56 4.84 -30.32 -2.90
CA THR B 56 3.56 -30.41 -3.62
C THR B 56 2.50 -29.51 -2.98
N LEU B 57 1.48 -29.16 -3.78
CA LEU B 57 0.31 -28.39 -3.36
C LEU B 57 -0.42 -29.13 -2.19
N SER B 58 -0.46 -30.48 -2.30
CA SER B 58 -1.21 -31.34 -1.37
C SER B 58 -0.69 -31.25 0.05
N ASP B 59 0.65 -31.15 0.19
CA ASP B 59 1.33 -31.03 1.51
C ASP B 59 0.83 -29.78 2.27
N TYR B 60 0.45 -28.74 1.51
CA TYR B 60 0.00 -27.45 2.08
C TYR B 60 -1.52 -27.45 2.30
N ASN B 61 -2.23 -28.45 1.73
CA ASN B 61 -3.71 -28.55 1.81
C ASN B 61 -4.35 -27.33 1.11
N ILE B 62 -3.91 -27.13 -0.14
CA ILE B 62 -4.34 -26.03 -1.00
C ILE B 62 -5.81 -26.24 -1.41
N GLN B 63 -6.69 -25.33 -0.95
CA GLN B 63 -8.10 -25.32 -1.32
C GLN B 63 -8.32 -24.56 -2.64
N LYS B 64 -9.42 -24.89 -3.34
CA LYS B 64 -9.86 -24.14 -4.50
C LYS B 64 -10.14 -22.70 -4.10
N GLU B 65 -9.84 -21.74 -5.00
CA GLU B 65 -9.87 -20.30 -4.76
C GLU B 65 -9.12 -19.88 -3.47
N SER B 66 -8.06 -20.67 -3.09
CA SER B 66 -7.11 -20.23 -2.05
C SER B 66 -6.36 -18.96 -2.51
N ALA B 67 -6.40 -17.92 -1.68
CA ALA B 67 -5.63 -16.69 -1.91
C ALA B 67 -4.26 -16.80 -1.23
N LEU B 68 -3.20 -16.53 -2.01
CA LEU B 68 -1.81 -16.62 -1.55
C LEU B 68 -0.99 -15.52 -2.21
N ILE B 69 -0.29 -14.71 -1.40
CA ILE B 69 0.30 -13.46 -1.86
C ILE B 69 1.77 -13.68 -2.26
N LEU B 70 2.09 -13.24 -3.47
CA LEU B 70 3.44 -13.29 -4.01
C LEU B 70 4.11 -11.93 -3.83
N LEU B 71 4.99 -11.86 -2.83
CA LEU B 71 5.81 -10.68 -2.52
C LEU B 71 7.21 -10.86 -3.14
N LEU B 72 7.93 -9.73 -3.28
CA LEU B 72 9.36 -9.75 -3.69
C LEU B 72 10.24 -10.18 -2.49
N THR B 73 11.53 -10.40 -2.77
CA THR B 73 12.58 -10.70 -1.78
C THR B 73 12.54 -9.81 -0.49
N LEU B 74 11.96 -10.36 0.59
CA LEU B 74 12.18 -9.87 1.98
C LEU B 74 12.97 -10.98 2.71
N ARG B 75 12.26 -11.99 3.23
CA ARG B 75 12.84 -13.29 3.65
C ARG B 75 11.67 -14.26 3.90
N GLY C 1 -14.76 13.81 1.15
CA GLY C 1 -15.15 12.37 1.18
C GLY C 1 -14.53 11.63 2.35
N SER C 2 -14.28 12.35 3.45
CA SER C 2 -13.59 11.81 4.64
C SER C 2 -14.22 12.40 5.92
N GLU C 3 -15.50 12.77 5.86
CA GLU C 3 -16.22 13.49 6.93
C GLU C 3 -17.62 12.86 7.11
N SER C 4 -17.76 11.94 8.07
CA SER C 4 -19.02 11.21 8.29
C SER C 4 -19.19 10.81 9.77
N ASP C 5 -18.28 11.28 10.64
CA ASP C 5 -18.36 11.07 12.10
C ASP C 5 -19.05 12.30 12.73
N SER C 6 -20.32 12.12 13.14
CA SER C 6 -21.14 13.19 13.75
C SER C 6 -20.67 13.47 15.19
N GLY C 7 -19.71 14.38 15.33
CA GLY C 7 -19.19 14.78 16.64
C GLY C 7 -18.22 15.95 16.54
N MET C 8 -16.90 15.64 16.62
CA MET C 8 -15.79 16.63 16.62
C MET C 8 -15.76 17.52 17.90
N ALA C 9 -14.56 17.72 18.45
CA ALA C 9 -14.35 18.42 19.74
C ALA C 9 -14.26 19.95 19.54
N SER C 10 -13.04 20.55 19.65
CA SER C 10 -12.84 22.00 19.46
C SER C 10 -11.38 22.29 19.05
N GLN C 11 -10.44 22.17 20.01
CA GLN C 11 -8.99 22.36 19.76
C GLN C 11 -8.40 21.05 19.19
N ALA C 12 -9.05 19.94 19.55
CA ALA C 12 -8.69 18.59 19.13
C ALA C 12 -9.05 18.34 17.65
N ASP C 13 -9.84 19.26 17.03
CA ASP C 13 -10.35 19.11 15.66
C ASP C 13 -9.22 18.80 14.65
N GLN C 14 -8.12 19.58 14.73
CA GLN C 14 -6.94 19.41 13.89
C GLN C 14 -6.39 17.97 13.98
N LYS C 15 -6.34 17.50 15.22
CA LYS C 15 -5.68 16.25 15.61
C LYS C 15 -6.47 15.03 15.16
N GLU C 16 -7.77 15.03 15.47
CA GLU C 16 -8.69 13.95 15.06
C GLU C 16 -8.84 13.91 13.52
N GLU C 17 -8.73 15.10 12.87
CA GLU C 17 -8.76 15.20 11.42
C GLU C 17 -7.44 14.65 10.81
N GLU C 18 -6.31 14.83 11.54
CA GLU C 18 -5.03 14.21 11.18
C GLU C 18 -5.13 12.69 11.34
N LEU C 19 -5.83 12.23 12.40
CA LEU C 19 -6.02 10.81 12.71
C LEU C 19 -6.94 10.15 11.67
N LEU C 20 -7.94 10.90 11.18
CA LEU C 20 -8.86 10.42 10.13
C LEU C 20 -8.09 10.38 8.80
N LEU C 21 -7.23 11.40 8.58
CA LEU C 21 -6.33 11.45 7.41
C LEU C 21 -5.33 10.29 7.46
N PHE C 22 -4.84 9.96 8.69
CA PHE C 22 -3.91 8.87 8.90
C PHE C 22 -4.60 7.56 8.61
N TRP C 23 -5.90 7.48 8.98
CA TRP C 23 -6.71 6.31 8.68
C TRP C 23 -6.93 6.20 7.16
N THR C 24 -7.04 7.35 6.47
CA THR C 24 -7.12 7.40 5.00
C THR C 24 -5.85 6.78 4.37
N TYR C 25 -4.67 7.12 4.93
CA TYR C 25 -3.37 6.60 4.44
C TYR C 25 -3.25 5.08 4.68
N ILE C 26 -3.40 4.68 5.96
CA ILE C 26 -3.21 3.28 6.39
C ILE C 26 -4.21 2.37 5.70
N GLN C 27 -5.50 2.76 5.76
CA GLN C 27 -6.60 1.93 5.25
C GLN C 27 -6.41 1.66 3.75
N ALA C 28 -6.00 2.71 2.99
CA ALA C 28 -5.85 2.63 1.52
C ALA C 28 -4.59 1.85 1.12
N MET C 29 -3.51 1.98 1.90
CA MET C 29 -2.25 1.28 1.63
C MET C 29 -2.35 -0.20 2.08
N LEU C 30 -3.18 -0.47 3.12
CA LEU C 30 -3.49 -1.83 3.63
C LEU C 30 -4.54 -2.52 2.74
N THR C 31 -5.36 -1.71 2.04
CA THR C 31 -6.35 -2.18 1.06
C THR C 31 -5.67 -2.92 -0.13
N ASN C 32 -4.35 -2.71 -0.27
CA ASN C 32 -3.50 -3.45 -1.22
C ASN C 32 -2.53 -4.35 -0.41
N LEU C 33 -1.82 -3.74 0.56
CA LEU C 33 -0.79 -4.41 1.38
C LEU C 33 -1.35 -4.87 2.73
N GLU C 34 -2.33 -5.76 2.73
CA GLU C 34 -2.86 -6.31 4.00
C GLU C 34 -1.97 -7.47 4.52
N SER C 35 -0.75 -7.05 4.97
CA SER C 35 0.30 -7.88 5.61
C SER C 35 1.55 -7.00 5.81
N LEU C 36 1.69 -6.35 6.98
CA LEU C 36 2.88 -5.53 7.28
C LEU C 36 3.06 -5.25 8.78
N SER C 37 4.33 -5.16 9.19
CA SER C 37 4.70 -4.91 10.56
C SER C 37 4.40 -3.45 10.96
N LEU C 38 4.25 -3.24 12.27
CA LEU C 38 3.99 -1.90 12.86
C LEU C 38 5.07 -0.86 12.45
N ASP C 39 6.29 -1.34 12.13
CA ASP C 39 7.40 -0.47 11.66
C ASP C 39 6.99 0.39 10.45
N ARG C 40 6.47 -0.26 9.39
CA ARG C 40 6.13 0.40 8.10
C ARG C 40 5.09 1.51 8.29
N ILE C 41 3.98 1.13 8.96
CA ILE C 41 2.84 2.02 9.19
C ILE C 41 3.22 3.17 10.15
N TYR C 42 4.03 2.85 11.19
CA TYR C 42 4.59 3.87 12.10
C TYR C 42 5.37 4.91 11.30
N ASN C 43 6.28 4.43 10.41
CA ASN C 43 7.16 5.29 9.60
C ASN C 43 6.36 6.17 8.63
N MET C 44 5.21 5.65 8.13
CA MET C 44 4.27 6.46 7.32
C MET C 44 3.68 7.62 8.15
N LEU C 45 3.03 7.28 9.27
CA LEU C 45 2.39 8.29 10.16
C LEU C 45 3.44 9.30 10.67
N ARG C 46 4.65 8.80 10.88
CA ARG C 46 5.81 9.58 11.33
C ARG C 46 6.28 10.52 10.20
N MET C 47 6.23 10.04 8.95
CA MET C 47 6.53 10.84 7.74
C MET C 47 5.60 12.08 7.66
N PHE C 48 4.27 11.83 7.64
CA PHE C 48 3.28 12.93 7.54
C PHE C 48 3.30 13.84 8.79
N VAL C 49 3.71 13.26 9.95
CA VAL C 49 3.96 14.02 11.19
C VAL C 49 5.22 14.92 11.05
N VAL C 50 6.31 14.37 10.48
CA VAL C 50 7.64 15.03 10.52
C VAL C 50 7.76 16.10 9.42
N THR C 51 6.91 15.97 8.39
CA THR C 51 6.88 16.93 7.26
C THR C 51 6.20 18.26 7.64
N GLY C 52 5.40 18.24 8.70
CA GLY C 52 4.62 19.42 9.13
C GLY C 52 4.49 19.53 10.65
N PRO C 53 3.52 20.34 11.17
CA PRO C 53 3.27 20.49 12.62
C PRO C 53 2.34 19.40 13.19
N ALA C 54 1.96 18.43 12.31
CA ALA C 54 1.00 17.36 12.60
C ALA C 54 1.31 16.64 13.94
N LEU C 55 0.48 16.95 14.95
CA LEU C 55 0.49 16.30 16.29
C LEU C 55 1.73 16.66 17.14
N ALA C 56 2.67 17.47 16.58
CA ALA C 56 3.95 17.83 17.24
C ALA C 56 4.75 16.57 17.67
N GLU C 57 4.78 15.59 16.75
CA GLU C 57 5.43 14.27 16.91
C GLU C 57 4.64 13.30 17.81
N ILE C 58 4.29 12.14 17.23
CA ILE C 58 3.77 10.96 17.96
C ILE C 58 4.83 9.85 17.98
N ASP C 59 4.72 9.00 18.98
CA ASP C 59 5.76 8.00 19.32
C ASP C 59 5.14 6.60 19.33
N LEU C 60 5.93 5.60 19.80
CA LEU C 60 5.47 4.20 19.97
C LEU C 60 4.13 4.13 20.69
N GLN C 61 4.01 4.88 21.79
CA GLN C 61 2.84 4.85 22.67
C GLN C 61 1.54 5.23 21.93
N GLU C 62 1.53 6.45 21.37
CA GLU C 62 0.35 7.01 20.67
C GLU C 62 0.01 6.21 19.39
N LEU C 63 1.05 5.74 18.70
CA LEU C 63 0.92 4.91 17.49
C LEU C 63 0.25 3.55 17.85
N GLN C 64 0.81 2.92 18.88
CA GLN C 64 0.33 1.64 19.44
C GLN C 64 -1.13 1.76 19.90
N GLY C 65 -1.45 2.89 20.54
CA GLY C 65 -2.81 3.21 20.98
C GLY C 65 -3.79 3.34 19.84
N TYR C 66 -3.32 3.94 18.72
CA TYR C 66 -4.08 4.05 17.47
C TYR C 66 -4.46 2.64 16.95
N LEU C 67 -3.43 1.78 16.81
CA LEU C 67 -3.62 0.39 16.36
C LEU C 67 -4.53 -0.39 17.31
N GLN C 68 -4.28 -0.22 18.62
CA GLN C 68 -5.03 -0.87 19.71
C GLN C 68 -6.52 -0.54 19.57
N LYS C 69 -6.82 0.74 19.28
CA LYS C 69 -8.18 1.21 19.13
C LYS C 69 -8.82 0.53 17.92
N LYS C 70 -8.17 0.62 16.73
CA LYS C 70 -8.68 -0.02 15.50
C LYS C 70 -8.91 -1.56 15.67
N VAL C 71 -8.03 -2.24 16.43
CA VAL C 71 -8.15 -3.69 16.71
C VAL C 71 -9.40 -3.95 17.56
N ARG C 72 -9.57 -3.16 18.65
CA ARG C 72 -10.73 -3.30 19.56
C ARG C 72 -12.03 -2.73 18.97
N ASP C 73 -11.90 -1.94 17.88
CA ASP C 73 -13.04 -1.42 17.08
C ASP C 73 -13.44 -2.42 15.97
N GLN C 74 -12.73 -3.58 15.91
CA GLN C 74 -12.96 -4.68 14.92
C GLN C 74 -12.77 -4.16 13.48
N GLN C 75 -11.84 -3.22 13.34
CA GLN C 75 -11.52 -2.52 12.09
C GLN C 75 -10.05 -2.82 11.66
N LEU C 76 -9.36 -3.63 12.48
CA LEU C 76 -7.97 -4.05 12.24
C LEU C 76 -7.88 -5.55 12.64
N VAL C 77 -7.08 -6.32 11.90
CA VAL C 77 -6.70 -7.68 12.28
C VAL C 77 -5.23 -7.67 12.74
N TYR C 78 -5.01 -8.02 14.01
CA TYR C 78 -3.66 -8.25 14.55
C TYR C 78 -3.37 -9.75 14.42
N SER C 79 -2.50 -10.09 13.48
CA SER C 79 -1.98 -11.45 13.31
C SER C 79 -0.81 -11.67 14.28
N ALA C 80 0.08 -12.63 14.00
CA ALA C 80 1.22 -12.94 14.91
C ALA C 80 2.27 -11.80 14.91
N GLY C 81 1.95 -10.70 15.63
CA GLY C 81 2.86 -9.57 15.78
C GLY C 81 2.95 -8.72 14.52
N VAL C 82 1.97 -8.87 13.64
CA VAL C 82 1.94 -8.18 12.35
C VAL C 82 0.50 -7.68 12.07
N TYR C 83 0.37 -6.44 11.57
CA TYR C 83 -0.93 -5.79 11.36
C TYR C 83 -1.38 -5.95 9.91
N ARG C 84 -2.71 -6.14 9.73
CA ARG C 84 -3.31 -6.25 8.41
C ARG C 84 -4.81 -5.97 8.50
N LEU C 85 -5.39 -5.37 7.46
CA LEU C 85 -6.85 -5.12 7.42
C LEU C 85 -7.63 -6.37 6.93
N PRO C 86 -8.86 -6.59 7.49
CA PRO C 86 -9.78 -7.66 7.01
C PRO C 86 -10.52 -7.28 5.69
N LYS C 87 -9.77 -6.77 4.71
CA LYS C 87 -10.35 -6.27 3.43
C LYS C 87 -10.48 -7.40 2.39
N ASN C 88 -9.75 -8.52 2.61
CA ASN C 88 -9.89 -9.73 1.77
C ASN C 88 -11.28 -10.36 1.96
N CYS C 89 -11.90 -10.11 3.14
CA CYS C 89 -13.27 -10.53 3.45
C CYS C 89 -14.26 -9.93 2.44
N SER C 90 -13.94 -8.70 1.97
CA SER C 90 -14.64 -7.98 0.91
C SER C 90 -16.08 -7.58 1.37
N GLY A 1 -5.80 -29.55 -14.17
CA GLY A 1 -6.20 -29.81 -12.76
C GLY A 1 -7.08 -28.68 -12.25
N MET A 2 -6.43 -27.60 -11.79
CA MET A 2 -7.11 -26.41 -11.26
C MET A 2 -6.19 -25.20 -11.40
N GLN A 3 -6.80 -24.03 -11.55
CA GLN A 3 -6.06 -22.76 -11.73
C GLN A 3 -5.91 -22.01 -10.40
N ILE A 4 -4.99 -21.04 -10.37
CA ILE A 4 -4.77 -20.12 -9.22
C ILE A 4 -4.56 -18.68 -9.74
N PHE A 5 -4.89 -17.68 -8.89
CA PHE A 5 -4.61 -16.26 -9.15
C PHE A 5 -3.61 -15.79 -8.07
N VAL A 6 -2.34 -15.68 -8.46
CA VAL A 6 -1.26 -15.27 -7.54
C VAL A 6 -1.10 -13.74 -7.57
N ASP A 7 -1.78 -13.05 -6.63
CA ASP A 7 -1.79 -11.59 -6.59
C ASP A 7 -0.49 -11.09 -5.96
N THR A 8 0.48 -10.71 -6.81
CA THR A 8 1.73 -10.12 -6.34
C THR A 8 1.59 -8.59 -6.35
N VAL A 9 1.77 -7.97 -5.17
CA VAL A 9 1.56 -6.53 -5.00
C VAL A 9 2.90 -5.81 -5.19
N GLN A 10 2.87 -4.74 -5.98
CA GLN A 10 4.06 -4.00 -6.40
C GLN A 10 3.98 -2.56 -5.87
N TRP A 11 4.41 -2.40 -4.62
CA TRP A 11 4.50 -1.11 -3.93
C TRP A 11 5.97 -0.68 -3.85
N LYS A 12 6.33 0.30 -4.69
CA LYS A 12 7.69 0.87 -4.79
C LYS A 12 7.60 2.38 -4.92
N THR A 13 8.61 3.09 -4.41
CA THR A 13 8.71 4.55 -4.55
C THR A 13 9.60 4.89 -5.77
N ILE A 14 8.99 5.56 -6.76
CA ILE A 14 9.65 5.91 -8.04
C ILE A 14 10.18 7.35 -7.97
N THR A 15 11.05 7.72 -8.92
CA THR A 15 11.54 9.10 -9.08
C THR A 15 11.18 9.61 -10.49
N LEU A 16 10.57 10.80 -10.57
CA LEU A 16 10.24 11.47 -11.85
C LEU A 16 10.32 13.00 -11.67
N GLU A 17 10.61 13.74 -12.76
CA GLU A 17 10.60 15.22 -12.72
C GLU A 17 9.21 15.73 -13.13
N VAL A 18 8.82 16.86 -12.52
CA VAL A 18 7.57 17.56 -12.84
C VAL A 18 7.85 19.08 -12.95
N GLU A 19 6.89 19.86 -13.50
CA GLU A 19 7.06 21.31 -13.71
C GLU A 19 6.17 22.08 -12.72
N PRO A 20 6.65 23.27 -12.24
CA PRO A 20 5.91 24.09 -11.25
C PRO A 20 4.61 24.67 -11.82
N SER A 21 4.65 25.02 -13.12
CA SER A 21 3.56 25.73 -13.80
C SER A 21 2.42 24.77 -14.20
N ASP A 22 2.67 23.45 -14.11
CA ASP A 22 1.72 22.42 -14.53
C ASP A 22 0.69 22.16 -13.43
N THR A 23 -0.44 21.56 -13.83
CA THR A 23 -1.43 21.06 -12.87
C THR A 23 -1.02 19.68 -12.36
N ILE A 24 -1.61 19.31 -11.22
CA ILE A 24 -1.39 18.02 -10.56
C ILE A 24 -1.94 16.87 -11.44
N GLU A 25 -2.93 17.21 -12.31
CA GLU A 25 -3.53 16.25 -13.24
C GLU A 25 -2.52 15.79 -14.30
N ASN A 26 -1.46 16.61 -14.52
CA ASN A 26 -0.31 16.22 -15.36
C ASN A 26 0.39 15.02 -14.72
N VAL A 27 0.70 15.13 -13.40
CA VAL A 27 1.37 14.05 -12.61
C VAL A 27 0.49 12.78 -12.62
N LYS A 28 -0.82 13.00 -12.43
CA LYS A 28 -1.86 11.97 -12.49
C LYS A 28 -1.80 11.21 -13.84
N ALA A 29 -1.70 11.99 -14.93
CA ALA A 29 -1.63 11.48 -16.30
C ALA A 29 -0.28 10.80 -16.59
N LYS A 30 0.80 11.26 -15.91
CA LYS A 30 2.16 10.69 -16.11
C LYS A 30 2.25 9.28 -15.52
N ILE A 31 1.80 9.13 -14.26
CA ILE A 31 1.80 7.82 -13.57
C ILE A 31 0.74 6.88 -14.19
N GLN A 32 -0.32 7.46 -14.77
CA GLN A 32 -1.29 6.74 -15.60
C GLN A 32 -0.63 6.24 -16.92
N ASP A 33 0.24 7.10 -17.49
CA ASP A 33 0.97 6.82 -18.75
C ASP A 33 2.04 5.74 -18.54
N LYS A 34 2.75 5.85 -17.41
CA LYS A 34 3.93 5.04 -17.11
C LYS A 34 3.55 3.73 -16.38
N GLU A 35 2.92 3.85 -15.19
CA GLU A 35 2.56 2.67 -14.36
C GLU A 35 1.21 2.10 -14.79
N GLY A 36 0.29 2.99 -15.19
CA GLY A 36 -1.09 2.60 -15.51
C GLY A 36 -2.00 2.64 -14.31
N ILE A 37 -1.74 3.60 -13.40
CA ILE A 37 -2.57 3.82 -12.20
C ILE A 37 -3.85 4.58 -12.64
N PRO A 38 -5.08 4.02 -12.36
CA PRO A 38 -6.35 4.66 -12.77
C PRO A 38 -6.56 6.06 -12.10
N PRO A 39 -6.68 7.16 -12.92
CA PRO A 39 -6.78 8.57 -12.44
C PRO A 39 -7.89 8.80 -11.39
N ASP A 40 -9.08 8.31 -11.72
CA ASP A 40 -10.30 8.54 -10.90
C ASP A 40 -10.39 7.54 -9.73
N GLN A 41 -9.42 6.60 -9.65
CA GLN A 41 -9.33 5.62 -8.54
C GLN A 41 -8.05 5.83 -7.72
N GLN A 42 -7.30 6.93 -7.98
CA GLN A 42 -6.05 7.26 -7.27
C GLN A 42 -6.19 8.60 -6.51
N ARG A 43 -5.36 8.76 -5.46
CA ARG A 43 -5.40 9.91 -4.55
C ARG A 43 -3.95 10.37 -4.31
N LEU A 44 -3.59 11.53 -4.86
CA LEU A 44 -2.24 12.10 -4.74
C LEU A 44 -2.15 12.92 -3.44
N ILE A 45 -1.24 12.50 -2.53
CA ILE A 45 -0.98 13.23 -1.27
C ILE A 45 0.54 13.49 -1.10
N PHE A 46 0.88 14.67 -0.59
CA PHE A 46 2.26 15.05 -0.21
C PHE A 46 2.30 15.14 1.33
N ALA A 47 3.30 15.83 1.88
CA ALA A 47 3.50 15.99 3.35
C ALA A 47 2.24 16.50 4.09
N GLY A 48 1.28 15.57 4.30
CA GLY A 48 -0.05 15.88 4.82
C GLY A 48 -0.84 16.85 3.97
N LYS A 49 -0.62 16.80 2.64
CA LYS A 49 -1.23 17.77 1.71
C LYS A 49 -2.12 17.05 0.68
N GLN A 50 -3.34 17.59 0.45
CA GLN A 50 -4.30 17.03 -0.52
C GLN A 50 -4.12 17.70 -1.90
N LEU A 51 -3.53 16.96 -2.83
CA LEU A 51 -3.23 17.44 -4.19
C LEU A 51 -4.48 17.30 -5.07
N GLU A 52 -5.27 18.39 -5.10
CA GLU A 52 -6.38 18.55 -6.05
C GLU A 52 -5.81 18.53 -7.48
N ASP A 53 -6.27 17.55 -8.30
CA ASP A 53 -5.68 17.29 -9.62
C ASP A 53 -5.82 18.51 -10.56
N GLY A 54 -6.91 19.28 -10.38
CA GLY A 54 -7.14 20.52 -11.13
C GLY A 54 -6.50 21.75 -10.49
N ARG A 55 -5.45 21.57 -9.67
CA ARG A 55 -4.70 22.66 -9.02
C ARG A 55 -3.21 22.56 -9.42
N THR A 56 -2.35 23.56 -9.10
CA THR A 56 -0.99 23.66 -9.69
C THR A 56 0.11 23.15 -8.73
N LEU A 57 1.23 22.58 -9.29
CA LEU A 57 2.40 22.11 -8.48
C LEU A 57 2.98 23.25 -7.61
N SER A 58 3.21 24.41 -8.26
CA SER A 58 3.86 25.57 -7.61
C SER A 58 3.00 26.16 -6.50
N ASP A 59 1.67 26.05 -6.68
CA ASP A 59 0.70 26.52 -5.68
C ASP A 59 0.95 25.85 -4.31
N TYR A 60 1.35 24.57 -4.34
CA TYR A 60 1.65 23.80 -3.12
C TYR A 60 3.14 23.95 -2.72
N ASN A 61 3.95 24.45 -3.67
CA ASN A 61 5.42 24.47 -3.58
C ASN A 61 5.99 23.03 -3.52
N ILE A 62 5.79 22.28 -4.62
CA ILE A 62 6.51 21.03 -4.86
C ILE A 62 8.00 21.36 -5.12
N GLN A 63 8.85 20.92 -4.20
CA GLN A 63 10.31 21.09 -4.31
C GLN A 63 10.97 19.79 -4.79
N LYS A 64 12.30 19.85 -5.04
CA LYS A 64 13.07 18.73 -5.57
C LYS A 64 13.27 17.64 -4.49
N GLU A 65 13.15 16.37 -4.92
CA GLU A 65 13.19 15.17 -4.05
C GLU A 65 12.10 15.18 -2.94
N SER A 66 10.95 15.79 -3.24
CA SER A 66 9.80 15.79 -2.30
C SER A 66 8.96 14.50 -2.50
N ALA A 67 8.47 13.89 -1.40
CA ALA A 67 7.81 12.55 -1.45
C ALA A 67 6.27 12.68 -1.44
N LEU A 68 5.65 12.14 -2.50
CA LEU A 68 4.20 12.04 -2.68
C LEU A 68 3.78 10.57 -2.57
N ILE A 69 2.77 10.28 -1.75
CA ILE A 69 2.16 8.95 -1.66
C ILE A 69 0.93 8.86 -2.58
N LEU A 70 0.79 7.70 -3.26
CA LEU A 70 -0.37 7.39 -4.09
C LEU A 70 -1.26 6.36 -3.40
N LEU A 71 -2.43 6.83 -2.97
CA LEU A 71 -3.47 6.01 -2.36
C LEU A 71 -4.48 5.62 -3.44
N LEU A 72 -4.60 4.32 -3.74
CA LEU A 72 -5.70 3.83 -4.59
C LEU A 72 -7.01 3.81 -3.78
N THR A 73 -8.14 3.57 -4.49
CA THR A 73 -9.50 3.51 -3.93
C THR A 73 -9.57 2.93 -2.48
N LEU A 74 -9.65 3.85 -1.50
CA LEU A 74 -9.72 3.53 -0.06
C LEU A 74 -11.00 2.73 0.23
N ARG A 75 -12.13 3.32 -0.20
CA ARG A 75 -13.46 2.76 0.01
C ARG A 75 -14.12 2.57 -1.39
N GLY B 1 12.08 21.44 -14.44
CA GLY B 1 11.46 21.83 -13.15
C GLY B 1 12.20 21.22 -11.97
N MET B 2 11.52 20.32 -11.25
CA MET B 2 12.04 19.69 -10.03
C MET B 2 11.52 18.27 -9.90
N GLN B 3 12.33 17.41 -9.27
CA GLN B 3 12.05 15.98 -9.19
C GLN B 3 11.27 15.67 -7.92
N ILE B 4 10.49 14.61 -7.97
CA ILE B 4 9.74 14.10 -6.82
C ILE B 4 9.75 12.57 -6.83
N PHE B 5 9.39 12.01 -5.68
CA PHE B 5 9.21 10.58 -5.51
C PHE B 5 7.72 10.28 -5.47
N VAL B 6 7.27 9.23 -6.17
CA VAL B 6 5.86 8.79 -6.13
C VAL B 6 5.76 7.34 -5.63
N ASP B 7 5.28 7.21 -4.40
CA ASP B 7 4.96 5.93 -3.77
C ASP B 7 3.79 5.27 -4.51
N THR B 8 4.12 4.37 -5.45
CA THR B 8 3.14 3.71 -6.34
C THR B 8 2.84 2.29 -5.83
N VAL B 9 1.56 1.87 -5.92
CA VAL B 9 1.15 0.47 -5.72
C VAL B 9 0.31 -0.01 -6.90
N GLN B 10 0.76 -1.09 -7.52
CA GLN B 10 0.13 -1.74 -8.68
C GLN B 10 -0.02 -3.24 -8.38
N TRP B 11 -1.23 -3.78 -8.58
CA TRP B 11 -1.51 -5.22 -8.44
C TRP B 11 -1.06 -5.95 -9.71
N LYS B 12 -0.51 -7.16 -9.54
CA LYS B 12 -0.17 -8.07 -10.66
C LYS B 12 -0.70 -9.46 -10.32
N THR B 13 -1.96 -9.72 -10.71
CA THR B 13 -2.62 -11.01 -10.54
C THR B 13 -2.11 -11.99 -11.61
N ILE B 14 -1.30 -12.98 -11.18
CA ILE B 14 -0.69 -13.94 -12.08
C ILE B 14 -1.63 -15.14 -12.19
N THR B 15 -2.35 -15.24 -13.31
CA THR B 15 -3.32 -16.31 -13.53
C THR B 15 -2.61 -17.48 -14.19
N LEU B 16 -2.47 -18.57 -13.45
CA LEU B 16 -1.80 -19.81 -13.94
C LEU B 16 -2.73 -21.00 -13.74
N GLU B 17 -2.46 -22.13 -14.42
CA GLU B 17 -3.10 -23.41 -14.11
C GLU B 17 -2.01 -24.36 -13.60
N VAL B 18 -2.36 -25.14 -12.58
CA VAL B 18 -1.45 -26.08 -11.94
C VAL B 18 -2.16 -27.44 -11.70
N GLU B 19 -1.39 -28.46 -11.29
CA GLU B 19 -1.91 -29.81 -11.03
C GLU B 19 -1.78 -30.14 -9.53
N PRO B 20 -2.68 -31.02 -8.99
CA PRO B 20 -2.68 -31.38 -7.55
C PRO B 20 -1.42 -32.16 -7.14
N SER B 21 -0.95 -33.03 -8.03
CA SER B 21 0.18 -33.92 -7.74
C SER B 21 1.53 -33.19 -7.93
N ASP B 22 1.49 -31.96 -8.48
CA ASP B 22 2.67 -31.11 -8.59
C ASP B 22 3.03 -30.53 -7.23
N THR B 23 4.31 -30.31 -7.03
CA THR B 23 4.83 -29.66 -5.82
C THR B 23 4.79 -28.13 -5.96
N ILE B 24 5.03 -27.43 -4.84
CA ILE B 24 5.06 -25.97 -4.79
C ILE B 24 6.35 -25.44 -5.49
N GLU B 25 7.34 -26.34 -5.68
CA GLU B 25 8.57 -26.03 -6.43
C GLU B 25 8.23 -25.66 -7.91
N ASN B 26 7.14 -26.24 -8.43
CA ASN B 26 6.61 -25.89 -9.75
C ASN B 26 6.15 -24.42 -9.75
N VAL B 27 5.38 -24.04 -8.72
CA VAL B 27 4.81 -22.69 -8.60
C VAL B 27 5.92 -21.62 -8.48
N LYS B 28 6.96 -21.90 -7.64
CA LYS B 28 8.11 -20.99 -7.46
C LYS B 28 8.91 -20.87 -8.78
N ALA B 29 9.02 -22.01 -9.51
CA ALA B 29 9.72 -22.06 -10.79
C ALA B 29 8.95 -21.28 -11.88
N LYS B 30 7.59 -21.29 -11.81
CA LYS B 30 6.76 -20.56 -12.78
C LYS B 30 6.86 -19.05 -12.54
N ILE B 31 6.73 -18.61 -11.28
CA ILE B 31 6.80 -17.17 -10.94
C ILE B 31 8.23 -16.61 -11.17
N GLN B 32 9.28 -17.46 -10.99
CA GLN B 32 10.67 -17.09 -11.30
C GLN B 32 10.90 -16.99 -12.83
N ASP B 33 10.45 -18.02 -13.56
CA ASP B 33 10.64 -18.13 -15.02
C ASP B 33 9.95 -16.97 -15.75
N LYS B 34 8.70 -16.76 -15.38
CA LYS B 34 7.81 -15.79 -16.05
C LYS B 34 8.03 -14.38 -15.48
N GLU B 35 7.88 -14.24 -14.14
CA GLU B 35 7.78 -12.90 -13.50
C GLU B 35 9.14 -12.46 -12.91
N GLY B 36 10.04 -13.43 -12.65
CA GLY B 36 11.34 -13.14 -12.06
C GLY B 36 11.32 -13.08 -10.54
N ILE B 37 10.23 -13.58 -9.92
CA ILE B 37 10.08 -13.59 -8.45
C ILE B 37 11.05 -14.63 -7.83
N PRO B 38 12.03 -14.18 -6.96
CA PRO B 38 13.02 -15.08 -6.33
C PRO B 38 12.34 -16.13 -5.41
N PRO B 39 12.56 -17.46 -5.66
CA PRO B 39 11.92 -18.56 -4.90
C PRO B 39 12.21 -18.51 -3.38
N ASP B 40 13.45 -18.14 -3.04
CA ASP B 40 13.92 -18.05 -1.65
C ASP B 40 13.16 -16.99 -0.83
N GLN B 41 12.69 -15.91 -1.50
CA GLN B 41 11.90 -14.85 -0.84
C GLN B 41 10.42 -14.88 -1.33
N GLN B 42 9.96 -16.07 -1.74
CA GLN B 42 8.53 -16.33 -2.02
C GLN B 42 7.75 -16.33 -0.68
N ARG B 43 7.41 -15.14 -0.20
CA ARG B 43 6.54 -14.95 0.97
C ARG B 43 5.12 -14.75 0.45
N LEU B 44 4.18 -15.53 0.93
CA LEU B 44 2.79 -15.49 0.47
C LEU B 44 1.83 -15.66 1.66
N ASP B 45 0.63 -15.12 1.50
CA ASP B 45 -0.51 -15.42 2.36
C ASP B 45 -1.60 -16.00 1.46
N PHE B 46 -1.85 -17.30 1.62
CA PHE B 46 -2.92 -18.02 0.93
C PHE B 46 -4.01 -18.34 1.95
N ALA B 47 -5.08 -17.52 1.95
CA ALA B 47 -6.22 -17.63 2.91
C ALA B 47 -5.74 -17.83 4.39
N GLY B 48 -4.58 -17.23 4.74
CA GLY B 48 -3.96 -17.40 6.07
C GLY B 48 -2.98 -18.58 6.16
N LYS B 49 -2.40 -18.99 5.02
CA LYS B 49 -1.42 -20.11 4.94
C LYS B 49 -0.17 -19.66 4.17
N GLN B 50 0.83 -20.56 4.17
CA GLN B 50 1.97 -20.54 3.26
C GLN B 50 1.92 -21.82 2.42
N LEU B 51 2.13 -21.74 1.09
CA LEU B 51 2.43 -22.94 0.30
C LEU B 51 3.92 -23.22 0.46
N GLU B 52 4.23 -24.12 1.40
CA GLU B 52 5.60 -24.51 1.72
C GLU B 52 6.18 -25.40 0.60
N ASP B 53 7.40 -25.06 0.18
CA ASP B 53 8.12 -25.63 -0.98
C ASP B 53 8.01 -27.17 -1.07
N GLY B 54 8.22 -27.81 0.09
CA GLY B 54 8.31 -29.27 0.18
C GLY B 54 6.98 -30.00 0.20
N ARG B 55 5.88 -29.33 -0.19
CA ARG B 55 4.57 -29.97 -0.32
C ARG B 55 4.04 -29.90 -1.75
N THR B 56 2.90 -30.58 -1.97
CA THR B 56 2.14 -30.55 -3.23
C THR B 56 0.99 -29.54 -3.13
N LEU B 57 0.31 -29.32 -4.26
CA LEU B 57 -0.92 -28.52 -4.33
C LEU B 57 -2.09 -29.29 -3.64
N SER B 58 -2.09 -30.62 -3.79
CA SER B 58 -3.13 -31.52 -3.22
C SER B 58 -3.06 -31.51 -1.68
N ASP B 59 -1.84 -31.30 -1.13
CA ASP B 59 -1.60 -31.16 0.33
C ASP B 59 -2.48 -30.05 0.94
N TYR B 60 -2.73 -29.00 0.14
CA TYR B 60 -3.49 -27.81 0.57
C TYR B 60 -4.93 -27.86 0.02
N ASN B 61 -5.23 -28.92 -0.78
CA ASN B 61 -6.53 -29.11 -1.45
C ASN B 61 -6.91 -27.83 -2.23
N ILE B 62 -5.91 -27.34 -3.00
CA ILE B 62 -5.99 -26.09 -3.80
C ILE B 62 -7.22 -26.09 -4.72
N GLN B 63 -8.11 -25.11 -4.51
CA GLN B 63 -9.32 -24.94 -5.32
C GLN B 63 -9.00 -24.28 -6.66
N LYS B 64 -9.80 -24.62 -7.69
CA LYS B 64 -9.73 -23.91 -8.95
C LYS B 64 -10.15 -22.47 -8.71
N GLU B 65 -9.28 -21.54 -9.14
CA GLU B 65 -9.48 -20.10 -8.96
C GLU B 65 -9.27 -19.73 -7.48
N SER B 66 -8.30 -20.44 -6.82
CA SER B 66 -7.70 -19.96 -5.56
C SER B 66 -7.20 -18.50 -5.69
N ALA B 67 -7.27 -17.73 -4.59
CA ALA B 67 -6.79 -16.34 -4.54
C ALA B 67 -5.88 -16.14 -3.32
N LEU B 68 -4.67 -15.62 -3.55
CA LEU B 68 -3.68 -15.35 -2.49
C LEU B 68 -2.88 -14.09 -2.80
N ILE B 69 -2.31 -13.45 -1.75
CA ILE B 69 -1.42 -12.29 -1.93
C ILE B 69 0.05 -12.70 -1.67
N LEU B 70 0.84 -12.72 -2.75
CA LEU B 70 2.27 -13.01 -2.70
C LEU B 70 3.04 -11.67 -2.74
N LEU B 71 4.11 -11.59 -1.96
CA LEU B 71 4.99 -10.42 -1.91
C LEU B 71 6.45 -10.89 -1.80
N LEU B 72 7.34 -10.18 -2.49
CA LEU B 72 8.77 -10.50 -2.51
C LEU B 72 9.40 -10.06 -1.18
N THR B 73 9.52 -11.01 -0.24
CA THR B 73 9.95 -10.74 1.15
C THR B 73 10.70 -11.97 1.71
N LEU B 74 11.72 -11.72 2.55
CA LEU B 74 12.55 -12.77 3.16
C LEU B 74 11.91 -13.22 4.49
N ARG B 75 12.04 -14.51 4.85
CA ARG B 75 11.44 -15.06 6.08
C ARG B 75 12.35 -14.70 7.29
N GLY C 1 3.06 25.70 1.11
CA GLY C 1 1.80 24.91 1.00
C GLY C 1 0.55 25.78 1.07
N SER C 2 -0.60 25.14 1.26
CA SER C 2 -1.92 25.80 1.29
C SER C 2 -2.28 26.25 2.73
N GLU C 3 -1.75 27.45 3.10
CA GLU C 3 -2.06 28.18 4.36
C GLU C 3 -1.42 27.52 5.61
N SER C 4 -1.95 26.33 6.00
CA SER C 4 -1.60 25.58 7.25
C SER C 4 -2.33 26.19 8.46
N ASP C 5 -2.12 27.50 8.71
CA ASP C 5 -2.68 28.20 9.88
C ASP C 5 -4.13 28.61 9.61
N SER C 6 -5.05 27.64 9.73
CA SER C 6 -6.49 27.83 9.48
C SER C 6 -7.26 26.64 10.05
N GLY C 7 -8.10 26.89 11.07
CA GLY C 7 -8.95 25.87 11.67
C GLY C 7 -9.07 26.05 13.17
N MET C 8 -9.64 27.20 13.59
CA MET C 8 -10.02 27.49 14.99
C MET C 8 -8.82 27.39 15.97
N ALA C 9 -8.66 26.25 16.69
CA ALA C 9 -7.55 26.03 17.64
C ALA C 9 -6.24 25.80 16.88
N SER C 10 -6.37 25.09 15.73
CA SER C 10 -5.25 24.63 14.90
C SER C 10 -4.32 23.73 15.75
N GLN C 11 -4.96 22.93 16.62
CA GLN C 11 -4.27 22.06 17.59
C GLN C 11 -5.22 20.92 17.99
N ALA C 12 -6.30 21.27 18.71
CA ALA C 12 -7.28 20.30 19.24
C ALA C 12 -8.07 19.63 18.11
N ASP C 13 -8.51 20.45 17.18
CA ASP C 13 -9.20 20.05 15.94
C ASP C 13 -8.25 19.37 14.97
N GLN C 14 -7.08 20.04 14.77
CA GLN C 14 -6.01 19.58 13.87
C GLN C 14 -5.72 18.10 14.12
N LYS C 15 -5.32 17.76 15.37
CA LYS C 15 -4.80 16.44 15.70
C LYS C 15 -5.83 15.34 15.42
N GLU C 16 -7.08 15.61 15.79
CA GLU C 16 -8.20 14.68 15.58
C GLU C 16 -8.39 14.35 14.08
N GLU C 17 -8.61 15.40 13.28
CA GLU C 17 -8.91 15.26 11.84
C GLU C 17 -7.64 14.80 11.07
N GLU C 18 -6.48 15.04 11.68
CA GLU C 18 -5.17 14.67 11.13
C GLU C 18 -4.84 13.21 11.48
N LEU C 19 -5.39 12.71 12.61
CA LEU C 19 -5.34 11.28 12.94
C LEU C 19 -6.24 10.52 11.97
N LEU C 20 -7.37 11.15 11.61
CA LEU C 20 -8.26 10.64 10.54
C LEU C 20 -7.50 10.63 9.19
N LEU C 21 -6.69 11.69 8.93
CA LEU C 21 -5.79 11.77 7.75
C LEU C 21 -4.74 10.63 7.76
N PHE C 22 -4.18 10.32 8.96
CA PHE C 22 -3.22 9.22 9.12
C PHE C 22 -3.90 7.87 8.86
N TRP C 23 -5.18 7.78 9.23
CA TRP C 23 -6.01 6.62 8.92
C TRP C 23 -6.36 6.59 7.42
N THR C 24 -6.45 7.77 6.78
CA THR C 24 -6.68 7.88 5.33
C THR C 24 -5.47 7.29 4.58
N TYR C 25 -4.26 7.51 5.13
CA TYR C 25 -3.03 6.87 4.62
C TYR C 25 -3.11 5.35 4.78
N ILE C 26 -3.11 4.91 6.07
CA ILE C 26 -2.92 3.50 6.43
C ILE C 26 -4.03 2.60 5.84
N GLN C 27 -5.26 3.12 5.79
CA GLN C 27 -6.41 2.37 5.26
C GLN C 27 -6.29 2.21 3.73
N ALA C 28 -6.02 3.33 3.03
CA ALA C 28 -5.99 3.36 1.55
C ALA C 28 -4.74 2.67 0.97
N MET C 29 -3.67 2.58 1.76
CA MET C 29 -2.45 1.88 1.35
C MET C 29 -2.54 0.39 1.70
N LEU C 30 -2.93 0.04 2.96
CA LEU C 30 -3.05 -1.38 3.41
C LEU C 30 -4.23 -2.12 2.73
N THR C 31 -5.19 -1.38 2.13
CA THR C 31 -6.29 -2.02 1.37
C THR C 31 -5.75 -2.63 0.05
N ASN C 32 -4.58 -2.11 -0.39
CA ASN C 32 -3.85 -2.64 -1.55
C ASN C 32 -2.73 -3.60 -1.10
N LEU C 33 -1.75 -3.07 -0.34
CA LEU C 33 -0.59 -3.84 0.12
C LEU C 33 -0.81 -4.37 1.54
N GLU C 34 -1.82 -5.25 1.65
CA GLU C 34 -2.20 -5.88 2.91
C GLU C 34 -1.18 -6.98 3.35
N SER C 35 -0.06 -6.50 3.93
CA SER C 35 1.02 -7.30 4.58
C SER C 35 2.29 -6.43 4.73
N LEU C 36 2.36 -5.69 5.86
CA LEU C 36 3.56 -4.87 6.20
C LEU C 36 3.94 -5.09 7.65
N SER C 37 5.24 -5.13 7.96
CA SER C 37 5.73 -4.98 9.34
C SER C 37 5.48 -3.52 9.79
N LEU C 38 5.47 -3.30 11.12
CA LEU C 38 5.20 -1.96 11.72
C LEU C 38 6.19 -0.90 11.18
N ASP C 39 7.43 -1.33 10.85
CA ASP C 39 8.52 -0.46 10.32
C ASP C 39 8.07 0.43 9.15
N ARG C 40 7.19 -0.10 8.27
CA ARG C 40 6.76 0.59 7.04
C ARG C 40 5.83 1.77 7.40
N ILE C 41 4.65 1.43 7.94
CA ILE C 41 3.63 2.43 8.32
C ILE C 41 4.14 3.39 9.43
N TYR C 42 5.14 2.92 10.23
CA TYR C 42 5.87 3.77 11.18
C TYR C 42 6.66 4.84 10.43
N ASN C 43 7.59 4.39 9.54
CA ASN C 43 8.48 5.25 8.75
C ASN C 43 7.68 6.30 7.94
N MET C 44 6.51 5.87 7.45
CA MET C 44 5.62 6.72 6.63
C MET C 44 4.92 7.78 7.48
N LEU C 45 4.24 7.37 8.58
CA LEU C 45 3.59 8.33 9.52
C LEU C 45 4.64 9.31 10.11
N ARG C 46 5.84 8.76 10.35
CA ARG C 46 6.99 9.51 10.89
C ARG C 46 7.48 10.55 9.86
N MET C 47 7.46 10.17 8.56
CA MET C 47 7.75 11.10 7.46
C MET C 47 6.77 12.27 7.50
N PHE C 48 5.45 11.96 7.44
CA PHE C 48 4.38 12.97 7.38
C PHE C 48 4.43 13.94 8.58
N VAL C 49 4.72 13.40 9.79
CA VAL C 49 4.80 14.23 11.01
C VAL C 49 6.02 15.17 10.98
N VAL C 50 7.21 14.68 10.56
CA VAL C 50 8.43 15.52 10.56
C VAL C 50 8.44 16.53 9.39
N THR C 51 7.85 16.15 8.24
CA THR C 51 7.92 16.95 7.00
C THR C 51 7.05 18.21 7.07
N GLY C 52 6.02 18.15 7.91
CA GLY C 52 5.06 19.24 8.08
C GLY C 52 4.80 19.57 9.55
N PRO C 53 3.67 20.26 9.88
CA PRO C 53 3.28 20.55 11.28
C PRO C 53 2.51 19.38 11.93
N ALA C 54 2.39 18.27 11.17
CA ALA C 54 1.54 17.13 11.51
C ALA C 54 1.89 16.54 12.88
N LEU C 55 1.07 16.93 13.90
CA LEU C 55 1.20 16.52 15.31
C LEU C 55 2.52 16.99 15.97
N ALA C 56 3.34 17.75 15.21
CA ALA C 56 4.72 18.14 15.61
C ALA C 56 5.56 16.92 16.10
N GLU C 57 5.68 15.93 15.20
CA GLU C 57 6.47 14.69 15.39
C GLU C 57 5.90 13.77 16.50
N ILE C 58 5.43 12.58 16.08
CA ILE C 58 5.03 11.48 16.98
C ILE C 58 6.14 10.44 17.05
N ASP C 59 6.09 9.61 18.10
CA ASP C 59 7.10 8.57 18.36
C ASP C 59 6.41 7.20 18.47
N LEU C 60 7.17 6.16 18.89
CA LEU C 60 6.67 4.77 18.97
C LEU C 60 5.48 4.61 19.93
N GLN C 61 5.36 5.49 20.96
CA GLN C 61 4.19 5.49 21.88
C GLN C 61 2.89 5.66 21.09
N GLU C 62 2.90 6.73 20.30
CA GLU C 62 1.76 7.22 19.55
C GLU C 62 1.47 6.26 18.39
N LEU C 63 2.56 5.80 17.75
CA LEU C 63 2.51 4.92 16.57
C LEU C 63 1.97 3.53 16.97
N GLN C 64 2.71 2.83 17.86
CA GLN C 64 2.32 1.51 18.39
C GLN C 64 0.92 1.57 19.02
N GLY C 65 0.63 2.66 19.75
CA GLY C 65 -0.68 2.90 20.35
C GLY C 65 -1.79 3.06 19.32
N TYR C 66 -1.45 3.66 18.16
CA TYR C 66 -2.39 3.84 17.03
C TYR C 66 -2.77 2.46 16.43
N LEU C 67 -1.73 1.64 16.12
CA LEU C 67 -1.92 0.27 15.59
C LEU C 67 -2.71 -0.59 16.58
N GLN C 68 -2.26 -0.53 17.84
CA GLN C 68 -2.89 -1.20 18.99
C GLN C 68 -4.38 -0.88 19.05
N LYS C 69 -4.72 0.42 18.89
CA LYS C 69 -6.11 0.88 18.85
C LYS C 69 -6.87 0.19 17.71
N LYS C 70 -6.37 0.31 16.47
CA LYS C 70 -7.02 -0.31 15.30
C LYS C 70 -7.19 -1.85 15.43
N VAL C 71 -6.26 -2.53 16.14
CA VAL C 71 -6.35 -3.98 16.40
C VAL C 71 -7.47 -4.27 17.44
N ARG C 72 -7.47 -3.47 18.52
CA ARG C 72 -8.48 -3.57 19.60
C ARG C 72 -9.88 -3.17 19.09
N ASP C 73 -9.91 -2.36 18.01
CA ASP C 73 -11.15 -1.89 17.37
C ASP C 73 -11.65 -2.89 16.28
N GLN C 74 -10.93 -4.04 16.13
CA GLN C 74 -11.19 -5.10 15.09
C GLN C 74 -11.04 -4.53 13.65
N GLN C 75 -10.43 -3.35 13.55
CA GLN C 75 -10.31 -2.56 12.32
C GLN C 75 -9.04 -2.94 11.53
N LEU C 76 -8.10 -3.59 12.22
CA LEU C 76 -6.78 -3.95 11.66
C LEU C 76 -6.35 -5.28 12.32
N VAL C 77 -5.83 -6.25 11.54
CA VAL C 77 -5.35 -7.53 12.09
C VAL C 77 -3.82 -7.57 12.11
N TYR C 78 -3.33 -8.32 13.11
CA TYR C 78 -1.92 -8.48 13.42
C TYR C 78 -1.56 -9.95 13.19
N SER C 79 -0.80 -10.21 12.13
CA SER C 79 -0.31 -11.56 11.80
C SER C 79 1.00 -11.79 12.60
N ALA C 80 1.97 -12.55 12.07
CA ALA C 80 3.25 -12.77 12.75
C ALA C 80 4.13 -11.49 12.71
N GLY C 81 3.77 -10.52 13.60
CA GLY C 81 4.55 -9.28 13.75
C GLY C 81 4.33 -8.29 12.61
N VAL C 82 3.27 -8.50 11.79
CA VAL C 82 2.94 -7.63 10.67
C VAL C 82 1.47 -7.21 10.72
N TYR C 83 1.20 -5.98 10.28
CA TYR C 83 -0.14 -5.44 10.18
C TYR C 83 -0.70 -5.53 8.76
N ARG C 84 -2.02 -5.79 8.68
CA ARG C 84 -2.79 -5.72 7.42
C ARG C 84 -4.28 -5.60 7.73
N LEU C 85 -5.06 -5.09 6.76
CA LEU C 85 -6.50 -4.86 6.96
C LEU C 85 -7.31 -6.16 6.75
N PRO C 86 -8.26 -6.49 7.68
CA PRO C 86 -9.20 -7.61 7.50
C PRO C 86 -10.31 -7.25 6.51
N LYS C 87 -10.30 -7.89 5.34
CA LYS C 87 -11.34 -7.73 4.32
C LYS C 87 -12.36 -8.88 4.39
N ASN C 88 -11.99 -9.95 5.13
CA ASN C 88 -12.80 -11.16 5.25
C ASN C 88 -12.36 -12.00 6.47
N CYS C 89 -11.05 -12.36 6.49
CA CYS C 89 -10.45 -13.34 7.42
C CYS C 89 -11.12 -14.74 7.31
N SER C 90 -10.60 -15.70 8.11
CA SER C 90 -11.03 -17.12 8.09
C SER C 90 -10.88 -17.69 6.65
N GLY A 1 -7.46 -30.16 -11.56
CA GLY A 1 -7.22 -29.91 -10.12
C GLY A 1 -8.08 -28.77 -9.59
N MET A 2 -7.46 -27.85 -8.84
CA MET A 2 -8.15 -26.74 -8.16
C MET A 2 -7.51 -25.41 -8.60
N GLN A 3 -8.27 -24.32 -8.48
CA GLN A 3 -7.82 -22.99 -8.95
C GLN A 3 -7.08 -22.26 -7.82
N ILE A 4 -6.38 -21.19 -8.19
CA ILE A 4 -5.71 -20.27 -7.27
C ILE A 4 -5.89 -18.81 -7.74
N PHE A 5 -5.99 -17.86 -6.77
CA PHE A 5 -5.86 -16.43 -7.04
C PHE A 5 -4.53 -15.95 -6.41
N VAL A 6 -3.53 -15.63 -7.25
CA VAL A 6 -2.21 -15.20 -6.76
C VAL A 6 -2.12 -13.67 -6.88
N ASP A 7 -2.03 -13.02 -5.73
CA ASP A 7 -2.12 -11.56 -5.61
C ASP A 7 -0.73 -10.97 -5.79
N THR A 8 -0.49 -10.47 -7.01
CA THR A 8 0.81 -9.97 -7.42
C THR A 8 0.86 -8.45 -7.17
N VAL A 9 1.76 -8.02 -6.27
CA VAL A 9 1.83 -6.64 -5.77
C VAL A 9 3.28 -6.10 -5.82
N GLN A 10 3.40 -4.82 -6.19
CA GLN A 10 4.68 -4.08 -6.19
C GLN A 10 4.47 -2.71 -5.53
N TRP A 11 4.56 -2.68 -4.19
CA TRP A 11 4.55 -1.44 -3.39
C TRP A 11 6.01 -0.97 -3.18
N LYS A 12 6.37 0.10 -3.91
CA LYS A 12 7.76 0.58 -4.01
C LYS A 12 7.78 2.04 -4.53
N THR A 13 8.86 2.78 -4.20
CA THR A 13 9.08 4.18 -4.60
C THR A 13 9.50 4.28 -6.09
N ILE A 14 8.94 5.28 -6.82
CA ILE A 14 9.34 5.62 -8.21
C ILE A 14 10.09 6.96 -8.19
N THR A 15 11.40 6.94 -8.48
CA THR A 15 12.17 8.18 -8.63
C THR A 15 12.00 8.74 -10.05
N LEU A 16 11.39 9.92 -10.16
CA LEU A 16 11.23 10.61 -11.47
C LEU A 16 11.34 12.14 -11.31
N GLU A 17 11.73 12.82 -12.39
CA GLU A 17 11.93 14.28 -12.43
C GLU A 17 10.66 14.94 -12.96
N VAL A 18 10.27 16.04 -12.32
CA VAL A 18 9.11 16.84 -12.74
C VAL A 18 9.48 18.35 -12.76
N GLU A 19 8.67 19.15 -13.47
CA GLU A 19 8.90 20.59 -13.66
C GLU A 19 8.02 21.40 -12.70
N PRO A 20 8.56 22.48 -12.06
CA PRO A 20 7.81 23.33 -11.12
C PRO A 20 6.65 24.07 -11.79
N SER A 21 6.85 24.45 -13.06
CA SER A 21 5.88 25.27 -13.82
C SER A 21 4.89 24.38 -14.61
N ASP A 22 5.04 23.04 -14.52
CA ASP A 22 4.13 22.09 -15.19
C ASP A 22 2.97 21.73 -14.22
N THR A 23 1.90 21.13 -14.75
CA THR A 23 0.76 20.66 -13.92
C THR A 23 1.02 19.28 -13.32
N ILE A 24 0.24 18.96 -12.27
CA ILE A 24 0.23 17.64 -11.58
C ILE A 24 -0.20 16.52 -12.55
N GLU A 25 -0.98 16.94 -13.58
CA GLU A 25 -1.34 16.16 -14.76
C GLU A 25 -0.11 15.41 -15.33
N ASN A 26 1.06 16.09 -15.34
CA ASN A 26 2.35 15.49 -15.72
C ASN A 26 2.61 14.21 -14.90
N VAL A 27 2.66 14.37 -13.56
CA VAL A 27 3.03 13.29 -12.62
C VAL A 27 2.09 12.09 -12.78
N LYS A 28 0.77 12.38 -12.71
CA LYS A 28 -0.26 11.32 -12.73
C LYS A 28 -0.34 10.63 -14.12
N ALA A 29 -0.03 11.38 -15.20
CA ALA A 29 0.00 10.82 -16.56
C ALA A 29 1.23 9.93 -16.78
N LYS A 30 2.37 10.29 -16.14
CA LYS A 30 3.62 9.52 -16.25
C LYS A 30 3.53 8.20 -15.47
N ILE A 31 2.90 8.23 -14.28
CA ILE A 31 2.72 7.00 -13.48
C ILE A 31 1.60 6.11 -14.11
N GLN A 32 0.61 6.76 -14.79
CA GLN A 32 -0.39 6.03 -15.60
C GLN A 32 0.25 5.41 -16.87
N ASP A 33 1.24 6.14 -17.42
CA ASP A 33 1.97 5.72 -18.64
C ASP A 33 2.85 4.50 -18.35
N LYS A 34 3.63 4.60 -17.27
CA LYS A 34 4.63 3.61 -16.91
C LYS A 34 4.03 2.48 -16.04
N GLU A 35 3.47 2.83 -14.86
CA GLU A 35 2.99 1.82 -13.87
C GLU A 35 1.53 1.40 -14.16
N GLY A 36 0.83 2.17 -15.02
CA GLY A 36 -0.56 1.84 -15.41
C GLY A 36 -1.59 2.17 -14.34
N ILE A 37 -1.34 3.25 -13.58
CA ILE A 37 -2.17 3.66 -12.45
C ILE A 37 -3.32 4.58 -12.92
N PRO A 38 -4.61 4.24 -12.64
CA PRO A 38 -5.76 5.11 -13.00
C PRO A 38 -5.95 6.26 -11.96
N PRO A 39 -5.57 7.54 -12.31
CA PRO A 39 -5.50 8.68 -11.33
C PRO A 39 -6.87 9.07 -10.76
N ASP A 40 -7.90 8.78 -11.55
CA ASP A 40 -9.33 8.95 -11.17
C ASP A 40 -9.63 8.26 -9.83
N GLN A 41 -9.10 7.04 -9.67
CA GLN A 41 -9.32 6.20 -8.48
C GLN A 41 -8.02 6.05 -7.67
N GLN A 42 -7.13 7.06 -7.82
CA GLN A 42 -5.81 7.11 -7.15
C GLN A 42 -5.64 8.46 -6.41
N ARG A 43 -5.49 8.36 -5.09
CA ARG A 43 -5.22 9.48 -4.18
C ARG A 43 -3.69 9.78 -4.18
N LEU A 44 -3.28 10.78 -4.96
CA LEU A 44 -1.91 11.32 -4.91
C LEU A 44 -1.84 12.28 -3.71
N ILE A 45 -1.03 11.95 -2.67
CA ILE A 45 -0.94 12.81 -1.46
C ILE A 45 0.52 13.22 -1.19
N PHE A 46 0.70 14.49 -0.79
CA PHE A 46 1.97 15.09 -0.39
C PHE A 46 1.79 15.73 0.98
N ALA A 47 2.27 15.04 2.03
CA ALA A 47 2.35 15.62 3.40
C ALA A 47 0.97 16.11 3.91
N GLY A 48 -0.09 15.42 3.48
CA GLY A 48 -1.48 15.77 3.88
C GLY A 48 -2.23 16.63 2.87
N LYS A 49 -1.64 16.85 1.69
CA LYS A 49 -2.29 17.58 0.58
C LYS A 49 -2.52 16.64 -0.61
N GLN A 50 -3.79 16.34 -0.92
CA GLN A 50 -4.13 15.54 -2.10
C GLN A 50 -3.93 16.40 -3.36
N LEU A 51 -2.90 16.04 -4.14
CA LEU A 51 -2.51 16.77 -5.33
C LEU A 51 -3.53 16.56 -6.44
N GLU A 52 -4.39 17.56 -6.64
CA GLU A 52 -5.42 17.52 -7.67
C GLU A 52 -4.76 17.92 -9.01
N ASP A 53 -4.96 17.08 -10.02
CA ASP A 53 -4.19 17.05 -11.30
C ASP A 53 -4.21 18.39 -12.07
N GLY A 54 -5.29 19.16 -11.89
CA GLY A 54 -5.47 20.44 -12.55
C GLY A 54 -4.54 21.53 -12.05
N ARG A 55 -3.94 21.35 -10.85
CA ARG A 55 -3.07 22.36 -10.23
C ARG A 55 -1.63 22.22 -10.77
N THR A 56 -0.76 23.15 -10.37
CA THR A 56 0.65 23.18 -10.77
C THR A 56 1.52 22.53 -9.66
N LEU A 57 2.76 22.09 -9.99
CA LEU A 57 3.72 21.58 -8.99
C LEU A 57 4.09 22.70 -7.98
N SER A 58 4.49 23.86 -8.51
CA SER A 58 4.91 25.01 -7.68
C SER A 58 3.76 25.57 -6.84
N ASP A 59 2.51 25.30 -7.28
CA ASP A 59 1.29 25.63 -6.53
C ASP A 59 1.30 25.00 -5.12
N TYR A 60 1.91 23.80 -5.02
CA TYR A 60 2.04 23.07 -3.75
C TYR A 60 3.44 23.26 -3.13
N ASN A 61 4.34 23.97 -3.85
CA ASN A 61 5.76 24.09 -3.47
C ASN A 61 6.40 22.69 -3.42
N ILE A 62 6.43 22.03 -4.58
CA ILE A 62 7.05 20.70 -4.72
C ILE A 62 8.57 20.87 -4.77
N GLN A 63 9.24 20.46 -3.68
CA GLN A 63 10.71 20.52 -3.58
C GLN A 63 11.33 19.26 -4.22
N LYS A 64 12.66 19.13 -4.08
CA LYS A 64 13.38 17.96 -4.58
C LYS A 64 13.27 16.81 -3.56
N GLU A 65 13.27 15.57 -4.10
CA GLU A 65 13.18 14.32 -3.33
C GLU A 65 11.88 14.23 -2.48
N SER A 66 10.81 14.93 -2.95
CA SER A 66 9.49 14.91 -2.28
C SER A 66 8.91 13.49 -2.28
N ALA A 67 8.75 12.90 -1.09
CA ALA A 67 8.24 11.53 -0.94
C ALA A 67 6.70 11.54 -0.90
N LEU A 68 6.07 11.36 -2.07
CA LEU A 68 4.61 11.32 -2.22
C LEU A 68 4.12 9.89 -2.05
N ILE A 69 2.84 9.75 -1.71
CA ILE A 69 2.22 8.43 -1.49
C ILE A 69 0.97 8.28 -2.38
N LEU A 70 0.92 7.16 -3.10
CA LEU A 70 -0.20 6.78 -3.96
C LEU A 70 -1.09 5.77 -3.24
N LEU A 71 -2.25 6.25 -2.78
CA LEU A 71 -3.28 5.42 -2.18
C LEU A 71 -4.34 5.11 -3.26
N LEU A 72 -4.48 3.85 -3.68
CA LEU A 72 -5.51 3.47 -4.66
C LEU A 72 -6.91 3.46 -3.98
N THR A 73 -7.98 3.38 -4.80
CA THR A 73 -9.42 3.57 -4.43
C THR A 73 -9.78 3.17 -2.97
N LEU A 74 -10.16 4.18 -2.17
CA LEU A 74 -10.55 3.99 -0.76
C LEU A 74 -11.36 5.23 -0.30
N ARG A 75 -10.65 6.33 0.01
CA ARG A 75 -11.26 7.62 0.41
C ARG A 75 -10.84 8.71 -0.59
N GLY B 1 13.18 19.99 -13.65
CA GLY B 1 13.21 20.95 -12.54
C GLY B 1 13.77 20.34 -11.29
N MET B 2 12.96 19.52 -10.62
CA MET B 2 13.35 18.82 -9.39
C MET B 2 12.93 17.36 -9.45
N GLN B 3 13.52 16.54 -8.57
CA GLN B 3 13.26 15.10 -8.53
C GLN B 3 12.18 14.84 -7.47
N ILE B 4 11.42 13.76 -7.62
CA ILE B 4 10.39 13.37 -6.64
C ILE B 4 10.32 11.85 -6.53
N PHE B 5 9.99 11.39 -5.32
CA PHE B 5 9.85 9.98 -5.01
C PHE B 5 8.35 9.66 -4.86
N VAL B 6 7.73 9.09 -5.90
CA VAL B 6 6.27 8.83 -5.91
C VAL B 6 6.06 7.33 -5.60
N ASP B 7 5.66 7.03 -4.35
CA ASP B 7 5.57 5.63 -3.87
C ASP B 7 4.22 5.04 -4.32
N THR B 8 4.26 3.91 -5.02
CA THR B 8 3.08 3.30 -5.65
C THR B 8 2.89 1.87 -5.15
N VAL B 9 1.62 1.47 -5.01
CA VAL B 9 1.26 0.06 -4.90
C VAL B 9 0.59 -0.38 -6.22
N GLN B 10 1.31 -1.21 -6.98
CA GLN B 10 0.81 -1.81 -8.22
C GLN B 10 0.29 -3.21 -7.87
N TRP B 11 -0.98 -3.27 -7.47
CA TRP B 11 -1.68 -4.51 -7.08
C TRP B 11 -2.52 -5.02 -8.25
N LYS B 12 -2.53 -6.35 -8.40
CA LYS B 12 -3.48 -7.05 -9.28
C LYS B 12 -3.57 -8.54 -8.87
N THR B 13 -4.74 -9.14 -9.08
CA THR B 13 -4.99 -10.56 -8.80
C THR B 13 -4.96 -11.36 -10.11
N ILE B 14 -4.15 -12.42 -10.13
CA ILE B 14 -4.01 -13.32 -11.30
C ILE B 14 -4.72 -14.63 -10.96
N THR B 15 -5.49 -15.18 -11.89
CA THR B 15 -6.22 -16.43 -11.65
C THR B 15 -5.61 -17.55 -12.51
N LEU B 16 -5.21 -18.64 -11.86
CA LEU B 16 -4.63 -19.82 -12.54
C LEU B 16 -5.28 -21.11 -12.01
N GLU B 17 -5.02 -22.24 -12.70
CA GLU B 17 -5.39 -23.59 -12.22
C GLU B 17 -4.11 -24.35 -11.91
N VAL B 18 -4.16 -25.18 -10.87
CA VAL B 18 -3.07 -26.09 -10.51
C VAL B 18 -3.68 -27.44 -10.03
N GLU B 19 -2.83 -28.40 -9.61
CA GLU B 19 -3.26 -29.69 -9.05
C GLU B 19 -2.53 -29.92 -7.70
N PRO B 20 -3.17 -30.65 -6.72
CA PRO B 20 -2.55 -30.94 -5.40
C PRO B 20 -1.21 -31.67 -5.53
N SER B 21 -1.13 -32.55 -6.55
CA SER B 21 0.03 -33.41 -6.78
C SER B 21 1.19 -32.64 -7.44
N ASP B 22 0.94 -31.39 -7.87
CA ASP B 22 1.96 -30.52 -8.47
C ASP B 22 2.80 -29.86 -7.39
N THR B 23 3.86 -29.21 -7.83
CA THR B 23 4.78 -28.44 -6.98
C THR B 23 4.64 -26.94 -7.23
N ILE B 24 5.03 -26.17 -6.20
CA ILE B 24 5.03 -24.70 -6.18
C ILE B 24 5.94 -24.12 -7.29
N GLU B 25 6.94 -24.94 -7.73
CA GLU B 25 7.87 -24.57 -8.83
C GLU B 25 7.10 -24.17 -10.09
N ASN B 26 5.95 -24.83 -10.32
CA ASN B 26 5.05 -24.54 -11.45
C ASN B 26 4.42 -23.15 -11.29
N VAL B 27 3.91 -22.86 -10.08
CA VAL B 27 3.21 -21.61 -9.77
C VAL B 27 4.16 -20.39 -9.94
N LYS B 28 5.39 -20.53 -9.38
CA LYS B 28 6.42 -19.47 -9.48
C LYS B 28 6.93 -19.32 -10.92
N ALA B 29 7.05 -20.45 -11.65
CA ALA B 29 7.46 -20.46 -13.07
C ALA B 29 6.41 -19.77 -13.94
N LYS B 30 5.12 -19.93 -13.58
CA LYS B 30 3.99 -19.34 -14.33
C LYS B 30 3.85 -17.83 -14.08
N ILE B 31 4.11 -17.35 -12.82
CA ILE B 31 4.11 -15.89 -12.57
C ILE B 31 5.33 -15.25 -13.28
N GLN B 32 6.47 -16.00 -13.34
CA GLN B 32 7.66 -15.59 -14.13
C GLN B 32 7.36 -15.58 -15.64
N ASP B 33 6.61 -16.59 -16.08
CA ASP B 33 6.29 -16.85 -17.51
C ASP B 33 5.39 -15.76 -18.08
N LYS B 34 4.29 -15.50 -17.37
CA LYS B 34 3.23 -14.59 -17.82
C LYS B 34 3.50 -13.16 -17.36
N GLU B 35 3.72 -12.99 -16.04
CA GLU B 35 3.78 -11.65 -15.42
C GLU B 35 5.21 -11.11 -15.41
N GLY B 36 6.19 -11.96 -15.78
CA GLY B 36 7.61 -11.57 -15.80
C GLY B 36 8.19 -11.29 -14.43
N ILE B 37 7.63 -11.97 -13.43
CA ILE B 37 7.99 -11.80 -12.02
C ILE B 37 9.21 -12.67 -11.64
N PRO B 38 10.29 -12.08 -11.05
CA PRO B 38 11.42 -12.86 -10.52
C PRO B 38 10.98 -13.73 -9.30
N PRO B 39 10.88 -15.08 -9.48
CA PRO B 39 10.19 -16.00 -8.52
C PRO B 39 10.82 -16.05 -7.11
N ASP B 40 12.16 -16.05 -7.08
CA ASP B 40 12.94 -16.17 -5.84
C ASP B 40 13.07 -14.80 -5.13
N GLN B 41 13.06 -13.73 -5.94
CA GLN B 41 13.15 -12.32 -5.46
C GLN B 41 11.80 -11.87 -4.87
N GLN B 42 10.71 -12.57 -5.24
CA GLN B 42 9.36 -12.32 -4.70
C GLN B 42 8.89 -13.58 -3.96
N ARG B 43 9.02 -13.60 -2.61
CA ARG B 43 8.62 -14.76 -1.79
C ARG B 43 7.09 -14.77 -1.63
N LEU B 44 6.44 -15.67 -2.37
CA LEU B 44 4.99 -15.87 -2.34
C LEU B 44 4.59 -16.41 -0.94
N ASP B 45 3.63 -15.73 -0.29
CA ASP B 45 3.12 -16.06 1.06
C ASP B 45 1.65 -16.53 0.99
N PHE B 46 1.25 -17.39 1.94
CA PHE B 46 -0.11 -17.94 2.04
C PHE B 46 -0.51 -18.04 3.52
N ALA B 47 -1.42 -17.14 3.94
CA ALA B 47 -2.03 -17.14 5.29
C ALA B 47 -0.98 -16.92 6.42
N GLY B 48 0.15 -16.29 6.07
CA GLY B 48 1.24 -16.02 7.03
C GLY B 48 2.34 -17.09 7.00
N LYS B 49 2.26 -18.03 6.05
CA LYS B 49 3.30 -19.05 5.81
C LYS B 49 3.64 -19.05 4.32
N GLN B 50 4.90 -18.72 3.98
CA GLN B 50 5.32 -18.65 2.57
C GLN B 50 5.40 -20.06 1.95
N LEU B 51 5.21 -20.12 0.62
CA LEU B 51 5.28 -21.37 -0.16
C LEU B 51 6.73 -21.61 -0.54
N GLU B 52 7.36 -22.63 0.06
CA GLU B 52 8.68 -23.10 -0.35
C GLU B 52 8.64 -23.47 -1.86
N ASP B 53 9.62 -22.99 -2.62
CA ASP B 53 9.62 -23.01 -4.10
C ASP B 53 9.56 -24.44 -4.67
N GLY B 54 10.15 -25.40 -3.93
CA GLY B 54 10.20 -26.80 -4.37
C GLY B 54 9.17 -27.68 -3.66
N ARG B 55 8.21 -27.07 -2.96
CA ARG B 55 7.23 -27.79 -2.11
C ARG B 55 6.03 -28.25 -2.96
N THR B 56 5.09 -29.01 -2.38
CA THR B 56 3.90 -29.52 -3.08
C THR B 56 2.65 -28.68 -2.70
N LEU B 57 1.65 -28.59 -3.61
CA LEU B 57 0.38 -27.88 -3.35
C LEU B 57 -0.40 -28.57 -2.21
N SER B 58 -0.42 -29.92 -2.26
CA SER B 58 -1.12 -30.75 -1.26
C SER B 58 -0.45 -30.68 0.12
N ASP B 59 0.87 -30.36 0.14
CA ASP B 59 1.63 -30.16 1.39
C ASP B 59 1.01 -29.04 2.26
N TYR B 60 0.38 -28.06 1.60
CA TYR B 60 -0.29 -26.93 2.26
C TYR B 60 -1.82 -27.17 2.31
N ASN B 61 -2.25 -28.23 1.61
CA ASN B 61 -3.66 -28.51 1.29
C ASN B 61 -4.33 -27.27 0.70
N ILE B 62 -3.76 -26.81 -0.42
CA ILE B 62 -4.29 -25.67 -1.17
C ILE B 62 -5.59 -26.06 -1.89
N GLN B 63 -6.66 -25.34 -1.54
CA GLN B 63 -7.99 -25.54 -2.15
C GLN B 63 -8.23 -24.48 -3.23
N LYS B 64 -9.22 -24.79 -4.10
CA LYS B 64 -9.62 -23.91 -5.19
C LYS B 64 -9.94 -22.51 -4.67
N GLU B 65 -9.49 -21.51 -5.43
CA GLU B 65 -9.68 -20.08 -5.16
C GLU B 65 -8.85 -19.59 -3.96
N SER B 66 -7.84 -20.38 -3.52
CA SER B 66 -6.88 -19.93 -2.48
C SER B 66 -6.29 -18.56 -2.83
N ALA B 67 -6.39 -17.59 -1.91
CA ALA B 67 -5.84 -16.24 -2.11
C ALA B 67 -4.49 -16.11 -1.39
N LEU B 68 -3.41 -16.04 -2.17
CA LEU B 68 -2.02 -15.96 -1.67
C LEU B 68 -1.44 -14.61 -2.12
N ILE B 69 -0.52 -14.00 -1.37
CA ILE B 69 0.04 -12.67 -1.75
C ILE B 69 1.56 -12.75 -1.94
N LEU B 70 2.07 -12.05 -2.96
CA LEU B 70 3.53 -11.86 -3.13
C LEU B 70 4.09 -10.92 -2.05
N LEU B 71 5.21 -11.33 -1.43
CA LEU B 71 6.05 -10.44 -0.60
C LEU B 71 7.36 -10.18 -1.37
N LEU B 72 7.95 -8.98 -1.20
CA LEU B 72 9.28 -8.66 -1.76
C LEU B 72 10.36 -9.45 -0.99
N THR B 73 11.53 -9.69 -1.65
CA THR B 73 12.64 -10.50 -1.12
C THR B 73 12.88 -10.35 0.41
N LEU B 74 12.20 -11.22 1.17
CA LEU B 74 12.31 -11.34 2.62
C LEU B 74 11.94 -12.78 3.01
N ARG B 75 12.84 -13.41 3.77
CA ARG B 75 12.68 -14.79 4.27
C ARG B 75 12.51 -14.75 5.81
N GLY C 1 -21.30 11.30 -2.70
CA GLY C 1 -20.40 11.14 -1.55
C GLY C 1 -21.08 11.43 -0.23
N SER C 2 -20.33 11.97 0.74
CA SER C 2 -20.83 12.34 2.07
C SER C 2 -19.84 13.31 2.76
N GLU C 3 -20.21 14.60 2.80
CA GLU C 3 -19.46 15.64 3.52
C GLU C 3 -20.02 15.77 4.95
N SER C 4 -19.12 15.77 5.94
CA SER C 4 -19.49 15.96 7.35
C SER C 4 -19.70 17.45 7.66
N ASP C 5 -18.89 18.29 6.97
CA ASP C 5 -18.83 19.75 7.17
C ASP C 5 -18.31 20.07 8.59
N SER C 6 -17.00 20.31 8.68
CA SER C 6 -16.32 20.63 9.93
C SER C 6 -16.41 22.14 10.22
N GLY C 7 -15.97 22.53 11.43
CA GLY C 7 -16.15 23.89 11.95
C GLY C 7 -17.07 23.86 13.15
N MET C 8 -16.61 23.18 14.21
CA MET C 8 -17.40 22.96 15.43
C MET C 8 -16.62 23.48 16.66
N ALA C 9 -15.59 22.73 17.08
CA ALA C 9 -14.83 23.00 18.32
C ALA C 9 -13.58 23.89 18.05
N SER C 10 -13.16 23.96 16.77
CA SER C 10 -12.00 24.75 16.28
C SER C 10 -10.63 24.17 16.77
N GLN C 11 -10.65 22.97 17.37
CA GLN C 11 -9.44 22.33 17.91
C GLN C 11 -9.56 20.80 17.78
N ALA C 12 -10.66 20.26 18.34
CA ALA C 12 -11.00 18.82 18.24
C ALA C 12 -11.05 18.37 16.78
N ASP C 13 -11.51 19.30 15.93
CA ASP C 13 -11.60 19.13 14.47
C ASP C 13 -10.22 18.82 13.88
N GLN C 14 -9.22 19.65 14.25
CA GLN C 14 -7.86 19.64 13.66
C GLN C 14 -7.18 18.28 13.91
N LYS C 15 -7.05 17.96 15.21
CA LYS C 15 -6.36 16.75 15.68
C LYS C 15 -7.06 15.47 15.21
N GLU C 16 -8.41 15.48 15.23
CA GLU C 16 -9.25 14.39 14.69
C GLU C 16 -8.92 14.13 13.23
N GLU C 17 -8.88 15.20 12.43
CA GLU C 17 -8.65 15.10 10.99
C GLU C 17 -7.19 14.77 10.68
N GLU C 18 -6.26 15.07 11.62
CA GLU C 18 -4.88 14.57 11.55
C GLU C 18 -4.90 13.06 11.67
N LEU C 19 -5.64 12.56 12.68
CA LEU C 19 -5.79 11.10 12.93
C LEU C 19 -6.57 10.43 11.80
N LEU C 20 -7.54 11.15 11.22
CA LEU C 20 -8.38 10.64 10.12
C LEU C 20 -7.51 10.53 8.86
N LEU C 21 -6.59 11.49 8.70
CA LEU C 21 -5.61 11.51 7.60
C LEU C 21 -4.61 10.33 7.78
N PHE C 22 -4.05 10.19 9.00
CA PHE C 22 -3.14 9.07 9.36
C PHE C 22 -3.82 7.73 9.09
N TRP C 23 -5.12 7.70 9.42
CA TRP C 23 -5.96 6.55 9.19
C TRP C 23 -6.15 6.32 7.69
N THR C 24 -6.35 7.39 6.89
CA THR C 24 -6.52 7.26 5.43
C THR C 24 -5.23 6.70 4.78
N TYR C 25 -4.08 7.10 5.33
CA TYR C 25 -2.77 6.58 4.89
C TYR C 25 -2.69 5.07 5.13
N ILE C 26 -2.80 4.67 6.41
CA ILE C 26 -2.68 3.25 6.82
C ILE C 26 -3.80 2.39 6.19
N GLN C 27 -5.01 2.97 6.09
CA GLN C 27 -6.20 2.26 5.61
C GLN C 27 -6.05 1.95 4.13
N ALA C 28 -5.78 3.01 3.35
CA ALA C 28 -5.76 2.92 1.88
C ALA C 28 -4.52 2.18 1.36
N MET C 29 -3.40 2.21 2.12
CA MET C 29 -2.24 1.37 1.80
C MET C 29 -2.62 -0.11 2.09
N LEU C 30 -3.15 -0.39 3.30
CA LEU C 30 -3.59 -1.75 3.69
C LEU C 30 -4.84 -2.24 2.90
N THR C 31 -5.51 -1.32 2.19
CA THR C 31 -6.63 -1.64 1.28
C THR C 31 -6.12 -2.30 -0.01
N ASN C 32 -4.84 -2.08 -0.32
CA ASN C 32 -4.15 -2.74 -1.43
C ASN C 32 -3.15 -3.75 -0.87
N LEU C 33 -2.09 -3.25 -0.21
CA LEU C 33 -1.00 -4.07 0.34
C LEU C 33 -1.39 -4.54 1.74
N GLU C 34 -2.39 -5.42 1.76
CA GLU C 34 -2.92 -6.01 2.99
C GLU C 34 -1.95 -7.07 3.58
N SER C 35 -0.89 -6.55 4.25
CA SER C 35 0.10 -7.24 5.12
C SER C 35 1.38 -6.40 5.17
N LEU C 36 1.74 -5.92 6.38
CA LEU C 36 2.97 -5.15 6.65
C LEU C 36 3.27 -5.14 8.15
N SER C 37 4.53 -4.86 8.53
CA SER C 37 4.91 -4.73 9.93
C SER C 37 4.54 -3.33 10.44
N LEU C 38 4.38 -3.23 11.77
CA LEU C 38 4.12 -1.96 12.49
C LEU C 38 5.25 -0.95 12.25
N ASP C 39 6.48 -1.47 12.09
CA ASP C 39 7.71 -0.66 11.87
C ASP C 39 7.58 0.20 10.57
N ARG C 40 7.02 -0.44 9.51
CA ARG C 40 6.84 0.20 8.20
C ARG C 40 5.91 1.41 8.30
N ILE C 41 4.66 1.15 8.76
CA ILE C 41 3.63 2.20 8.88
C ILE C 41 3.95 3.21 10.01
N TYR C 42 4.80 2.79 10.97
CA TYR C 42 5.38 3.70 11.98
C TYR C 42 6.20 4.78 11.25
N ASN C 43 7.16 4.33 10.40
CA ASN C 43 8.02 5.23 9.62
C ASN C 43 7.17 6.12 8.66
N MET C 44 6.09 5.55 8.11
CA MET C 44 5.12 6.30 7.27
C MET C 44 4.49 7.45 8.08
N LEU C 45 3.79 7.08 9.18
CA LEU C 45 3.16 8.06 10.12
C LEU C 45 4.17 9.11 10.63
N ARG C 46 5.43 8.70 10.79
CA ARG C 46 6.54 9.58 11.22
C ARG C 46 6.82 10.66 10.16
N MET C 47 6.93 10.23 8.88
CA MET C 47 6.99 11.13 7.71
C MET C 47 5.82 12.16 7.76
N PHE C 48 4.60 11.66 7.98
CA PHE C 48 3.39 12.51 7.94
C PHE C 48 3.24 13.41 9.21
N VAL C 49 3.81 12.97 10.36
CA VAL C 49 3.73 13.74 11.63
C VAL C 49 4.92 14.72 11.77
N VAL C 50 6.00 14.52 10.98
CA VAL C 50 7.13 15.49 10.93
C VAL C 50 6.85 16.59 9.88
N THR C 51 6.20 16.21 8.75
CA THR C 51 5.89 17.17 7.67
C THR C 51 4.88 18.25 8.13
N GLY C 52 4.05 17.88 9.11
CA GLY C 52 3.16 18.81 9.79
C GLY C 52 3.46 18.87 11.27
N PRO C 53 2.81 19.76 12.06
CA PRO C 53 2.87 19.71 13.54
C PRO C 53 2.10 18.49 14.08
N ALA C 54 1.02 18.15 13.35
CA ALA C 54 0.01 17.14 13.70
C ALA C 54 -0.39 17.14 15.20
N LEU C 55 0.36 16.38 16.04
CA LEU C 55 0.09 16.24 17.49
C LEU C 55 1.40 16.52 18.28
N ALA C 56 2.20 17.50 17.79
CA ALA C 56 3.51 17.88 18.38
C ALA C 56 4.49 16.68 18.42
N GLU C 57 4.38 15.85 17.34
CA GLU C 57 5.03 14.53 17.20
C GLU C 57 4.31 13.47 18.07
N ILE C 58 3.88 12.37 17.40
CA ILE C 58 3.31 11.17 18.06
C ILE C 58 4.46 10.27 18.57
N ASP C 59 4.11 9.23 19.33
CA ASP C 59 5.08 8.35 20.01
C ASP C 59 4.77 6.87 19.69
N LEU C 60 5.64 5.95 20.16
CA LEU C 60 5.44 4.49 20.05
C LEU C 60 4.15 4.03 20.75
N GLN C 61 3.90 4.53 21.98
CA GLN C 61 2.68 4.19 22.75
C GLN C 61 1.42 4.65 21.99
N GLU C 62 1.56 5.78 21.27
CA GLU C 62 0.48 6.40 20.51
C GLU C 62 0.24 5.62 19.20
N LEU C 63 1.37 5.16 18.60
CA LEU C 63 1.38 4.42 17.33
C LEU C 63 0.78 3.01 17.56
N GLN C 64 1.46 2.24 18.44
CA GLN C 64 1.02 0.92 18.87
C GLN C 64 -0.42 0.97 19.42
N GLY C 65 -0.69 1.97 20.29
CA GLY C 65 -2.04 2.22 20.83
C GLY C 65 -3.09 2.40 19.75
N TYR C 66 -2.73 3.15 18.70
CA TYR C 66 -3.58 3.40 17.51
C TYR C 66 -3.94 2.08 16.82
N LEU C 67 -2.90 1.30 16.48
CA LEU C 67 -3.01 0.04 15.73
C LEU C 67 -3.80 -1.02 16.52
N GLN C 68 -3.42 -1.22 17.79
CA GLN C 68 -4.04 -2.21 18.67
C GLN C 68 -5.50 -1.84 18.94
N LYS C 69 -5.81 -0.52 18.94
CA LYS C 69 -7.20 -0.04 19.00
C LYS C 69 -7.94 -0.57 17.76
N LYS C 70 -7.41 -0.27 16.55
CA LYS C 70 -8.00 -0.75 15.28
C LYS C 70 -8.21 -2.29 15.25
N VAL C 71 -7.25 -3.04 15.82
CA VAL C 71 -7.35 -4.51 15.90
C VAL C 71 -8.52 -4.91 16.83
N ARG C 72 -8.58 -4.27 18.00
CA ARG C 72 -9.64 -4.52 19.02
C ARG C 72 -10.96 -3.80 18.68
N ASP C 73 -10.94 -3.00 17.61
CA ASP C 73 -12.12 -2.31 17.04
C ASP C 73 -12.79 -3.17 15.94
N GLN C 74 -12.22 -4.39 15.71
CA GLN C 74 -12.59 -5.33 14.63
C GLN C 74 -12.32 -4.76 13.23
N GLN C 75 -11.57 -3.64 13.19
CA GLN C 75 -11.28 -2.90 11.96
C GLN C 75 -10.08 -3.53 11.22
N LEU C 76 -9.14 -4.08 12.00
CA LEU C 76 -7.81 -4.52 11.55
C LEU C 76 -7.51 -5.91 12.14
N VAL C 77 -6.84 -6.78 11.37
CA VAL C 77 -6.37 -8.08 11.87
C VAL C 77 -4.84 -8.04 12.08
N TYR C 78 -4.39 -8.87 13.03
CA TYR C 78 -2.99 -8.96 13.46
C TYR C 78 -2.52 -10.40 13.23
N SER C 79 -1.62 -10.58 12.24
CA SER C 79 -1.01 -11.89 11.96
C SER C 79 0.22 -12.05 12.89
N ALA C 80 1.26 -12.77 12.47
CA ALA C 80 2.47 -12.97 13.30
C ALA C 80 3.31 -11.67 13.37
N GLY C 81 2.82 -10.71 14.19
CA GLY C 81 3.55 -9.46 14.46
C GLY C 81 3.41 -8.45 13.34
N VAL C 82 2.44 -8.67 12.42
CA VAL C 82 2.16 -7.77 11.29
C VAL C 82 0.67 -7.43 11.22
N TYR C 83 0.36 -6.26 10.66
CA TYR C 83 -1.03 -5.79 10.50
C TYR C 83 -1.50 -5.98 9.04
N ARG C 84 -2.78 -6.34 8.90
CA ARG C 84 -3.47 -6.51 7.62
C ARG C 84 -4.94 -6.09 7.78
N LEU C 85 -5.48 -5.34 6.82
CA LEU C 85 -6.91 -4.96 6.85
C LEU C 85 -7.78 -6.04 6.17
N PRO C 86 -8.85 -6.51 6.86
CA PRO C 86 -9.89 -7.34 6.25
C PRO C 86 -10.93 -6.46 5.51
N LYS C 87 -11.33 -6.89 4.31
CA LYS C 87 -12.26 -6.12 3.46
C LYS C 87 -13.70 -6.21 3.98
N ASN C 88 -13.95 -7.25 4.79
CA ASN C 88 -15.07 -7.31 5.74
C ASN C 88 -14.47 -7.17 7.16
N CYS C 89 -14.85 -6.13 7.91
CA CYS C 89 -14.24 -5.83 9.22
C CYS C 89 -14.65 -6.85 10.29
N SER C 90 -13.97 -8.02 10.26
CA SER C 90 -14.20 -9.15 11.16
C SER C 90 -12.89 -9.98 11.19
N GLY A 1 -4.94 -31.10 -12.34
CA GLY A 1 -4.86 -30.74 -10.91
C GLY A 1 -5.89 -29.69 -10.55
N MET A 2 -5.43 -28.42 -10.47
CA MET A 2 -6.26 -27.27 -10.03
C MET A 2 -5.74 -25.97 -10.65
N GLN A 3 -6.39 -24.84 -10.29
CA GLN A 3 -6.04 -23.50 -10.78
C GLN A 3 -6.04 -22.54 -9.59
N ILE A 4 -5.02 -21.69 -9.47
CA ILE A 4 -4.84 -20.78 -8.31
C ILE A 4 -4.82 -19.33 -8.81
N PHE A 5 -5.14 -18.39 -7.90
CA PHE A 5 -4.97 -16.96 -8.12
C PHE A 5 -3.64 -16.51 -7.51
N VAL A 6 -2.78 -15.81 -8.26
CA VAL A 6 -1.55 -15.20 -7.69
C VAL A 6 -1.73 -13.67 -7.68
N ASP A 7 -1.95 -13.14 -6.47
CA ASP A 7 -2.16 -11.73 -6.20
C ASP A 7 -0.82 -11.00 -6.20
N THR A 8 -0.53 -10.34 -7.31
CA THR A 8 0.64 -9.50 -7.46
C THR A 8 0.29 -8.08 -6.98
N VAL A 9 0.74 -7.75 -5.76
CA VAL A 9 0.62 -6.41 -5.20
C VAL A 9 1.97 -5.68 -5.34
N GLN A 10 1.92 -4.58 -6.08
CA GLN A 10 3.05 -3.68 -6.28
C GLN A 10 2.93 -2.55 -5.25
N TRP A 11 3.66 -2.71 -4.16
CA TRP A 11 3.80 -1.71 -3.10
C TRP A 11 5.27 -1.34 -3.05
N LYS A 12 5.63 -0.21 -3.69
CA LYS A 12 7.06 0.15 -3.85
C LYS A 12 7.30 1.60 -4.26
N THR A 13 8.50 2.09 -3.93
CA THR A 13 8.95 3.45 -4.26
C THR A 13 9.37 3.55 -5.74
N ILE A 14 8.85 4.56 -6.46
CA ILE A 14 9.20 4.85 -7.87
C ILE A 14 9.96 6.17 -7.94
N THR A 15 11.25 6.14 -8.27
CA THR A 15 12.03 7.35 -8.48
C THR A 15 11.80 7.84 -9.93
N LEU A 16 11.27 9.07 -10.08
CA LEU A 16 11.00 9.66 -11.41
C LEU A 16 11.26 11.17 -11.40
N GLU A 17 11.59 11.71 -12.58
CA GLU A 17 11.86 13.14 -12.79
C GLU A 17 10.51 13.87 -13.01
N VAL A 18 10.40 15.10 -12.48
CA VAL A 18 9.19 15.93 -12.61
C VAL A 18 9.58 17.42 -12.59
N GLU A 19 8.73 18.28 -13.19
CA GLU A 19 9.02 19.72 -13.36
C GLU A 19 8.11 20.55 -12.44
N PRO A 20 8.62 21.72 -11.93
CA PRO A 20 7.83 22.64 -11.08
C PRO A 20 6.62 23.23 -11.82
N SER A 21 6.80 23.47 -13.13
CA SER A 21 5.77 24.08 -14.00
C SER A 21 4.68 23.06 -14.40
N ASP A 22 4.92 21.75 -14.15
CA ASP A 22 3.95 20.70 -14.48
C ASP A 22 2.75 20.80 -13.56
N THR A 23 1.60 20.37 -14.07
CA THR A 23 0.42 20.14 -13.25
C THR A 23 0.49 18.75 -12.59
N ILE A 24 -0.30 18.58 -11.53
CA ILE A 24 -0.42 17.31 -10.81
C ILE A 24 -1.08 16.24 -11.72
N GLU A 25 -1.90 16.72 -12.68
CA GLU A 25 -2.59 15.86 -13.66
C GLU A 25 -1.59 15.09 -14.53
N ASN A 26 -0.34 15.61 -14.61
CA ASN A 26 0.76 14.88 -15.24
C ASN A 26 1.01 13.58 -14.45
N VAL A 27 1.36 13.72 -13.15
CA VAL A 27 1.67 12.57 -12.25
C VAL A 27 0.47 11.56 -12.20
N LYS A 28 -0.75 12.12 -12.23
CA LYS A 28 -2.01 11.37 -12.36
C LYS A 28 -2.02 10.48 -13.63
N ALA A 29 -1.75 11.11 -14.78
CA ALA A 29 -1.70 10.44 -16.09
C ALA A 29 -0.49 9.48 -16.22
N LYS A 30 0.58 9.76 -15.44
CA LYS A 30 1.81 8.95 -15.39
C LYS A 30 1.51 7.61 -14.70
N ILE A 31 0.95 7.64 -13.47
CA ILE A 31 0.58 6.40 -12.74
C ILE A 31 -0.54 5.64 -13.47
N GLN A 32 -1.40 6.42 -14.19
CA GLN A 32 -2.47 5.86 -15.04
C GLN A 32 -1.85 5.14 -16.26
N ASP A 33 -0.73 5.68 -16.77
CA ASP A 33 0.04 5.06 -17.87
C ASP A 33 0.72 3.77 -17.39
N LYS A 34 1.32 3.86 -16.20
CA LYS A 34 2.15 2.77 -15.62
C LYS A 34 1.28 1.68 -14.97
N GLU A 35 0.66 1.99 -13.83
CA GLU A 35 -0.15 1.02 -13.03
C GLU A 35 -1.57 0.86 -13.60
N GLY A 36 -2.06 1.88 -14.31
CA GLY A 36 -3.42 1.86 -14.86
C GLY A 36 -4.50 2.25 -13.86
N ILE A 37 -4.09 3.02 -12.83
CA ILE A 37 -4.98 3.48 -11.74
C ILE A 37 -5.91 4.60 -12.28
N PRO A 38 -7.27 4.46 -12.16
CA PRO A 38 -8.25 5.50 -12.60
C PRO A 38 -8.07 6.83 -11.82
N PRO A 39 -8.10 8.01 -12.54
CA PRO A 39 -8.02 9.38 -11.93
C PRO A 39 -8.98 9.60 -10.75
N ASP A 40 -10.22 9.15 -10.95
CA ASP A 40 -11.31 9.27 -9.95
C ASP A 40 -11.10 8.32 -8.75
N GLN A 41 -10.40 7.19 -8.98
CA GLN A 41 -10.22 6.13 -7.96
C GLN A 41 -8.83 6.17 -7.30
N GLN A 42 -8.20 7.36 -7.27
CA GLN A 42 -6.92 7.58 -6.58
C GLN A 42 -6.96 8.83 -5.67
N ARG A 43 -5.97 8.88 -4.76
CA ARG A 43 -5.77 9.98 -3.81
C ARG A 43 -4.25 10.23 -3.71
N LEU A 44 -3.72 11.25 -4.39
CA LEU A 44 -2.27 11.58 -4.31
C LEU A 44 -2.04 12.47 -3.10
N ILE A 45 -1.01 12.18 -2.29
CA ILE A 45 -0.65 13.00 -1.12
C ILE A 45 0.88 13.22 -1.09
N PHE A 46 1.29 14.45 -0.75
CA PHE A 46 2.66 14.91 -0.85
C PHE A 46 3.02 15.64 0.45
N ALA A 47 3.75 14.96 1.35
CA ALA A 47 4.17 15.52 2.65
C ALA A 47 2.96 16.08 3.44
N GLY A 48 1.84 15.32 3.38
CA GLY A 48 0.60 15.69 4.05
C GLY A 48 -0.39 16.52 3.23
N LYS A 49 -0.01 16.89 1.98
CA LYS A 49 -0.89 17.70 1.10
C LYS A 49 -1.65 16.81 0.13
N GLN A 50 -2.98 16.86 0.21
CA GLN A 50 -3.86 16.13 -0.72
C GLN A 50 -4.00 16.95 -2.00
N LEU A 51 -3.49 16.39 -3.11
CA LEU A 51 -3.23 17.11 -4.34
C LEU A 51 -4.47 17.17 -5.25
N GLU A 52 -4.84 18.40 -5.66
CA GLU A 52 -5.77 18.61 -6.77
C GLU A 52 -5.01 18.36 -8.06
N ASP A 53 -5.54 17.50 -8.93
CA ASP A 53 -4.92 17.17 -10.23
C ASP A 53 -4.84 18.42 -11.14
N GLY A 54 -5.78 19.35 -10.93
CA GLY A 54 -5.80 20.64 -11.64
C GLY A 54 -4.80 21.67 -11.11
N ARG A 55 -4.04 21.33 -10.06
CA ARG A 55 -3.04 22.23 -9.44
C ARG A 55 -1.66 21.99 -10.08
N THR A 56 -0.66 22.78 -9.65
CA THR A 56 0.72 22.70 -10.18
C THR A 56 1.63 22.06 -9.12
N LEU A 57 2.78 21.48 -9.55
CA LEU A 57 3.82 20.95 -8.65
C LEU A 57 4.33 22.09 -7.73
N SER A 58 4.75 23.20 -8.36
CA SER A 58 5.31 24.38 -7.66
C SER A 58 4.29 25.02 -6.70
N ASP A 59 2.98 24.78 -6.94
CA ASP A 59 1.88 25.24 -6.07
C ASP A 59 2.02 24.67 -4.64
N TYR A 60 2.56 23.45 -4.56
CA TYR A 60 2.79 22.76 -3.28
C TYR A 60 4.25 22.88 -2.84
N ASN A 61 5.10 23.51 -3.69
CA ASN A 61 6.55 23.64 -3.47
C ASN A 61 7.22 22.25 -3.40
N ILE A 62 7.19 21.55 -4.53
CA ILE A 62 7.82 20.23 -4.68
C ILE A 62 9.33 20.41 -4.86
N GLN A 63 10.07 20.06 -3.80
CA GLN A 63 11.55 20.00 -3.84
C GLN A 63 12.00 18.63 -4.37
N LYS A 64 13.30 18.39 -4.38
CA LYS A 64 13.90 17.17 -4.89
C LYS A 64 14.07 16.13 -3.78
N GLU A 65 14.10 14.85 -4.18
CA GLU A 65 14.13 13.68 -3.29
C GLU A 65 12.93 13.70 -2.31
N SER A 66 11.74 14.06 -2.82
CA SER A 66 10.52 14.21 -2.00
C SER A 66 9.61 12.97 -2.13
N ALA A 67 9.19 12.42 -0.97
CA ALA A 67 8.38 11.21 -0.91
C ALA A 67 6.88 11.53 -1.07
N LEU A 68 6.38 11.28 -2.28
CA LEU A 68 4.95 11.35 -2.64
C LEU A 68 4.36 9.96 -2.33
N ILE A 69 3.28 9.89 -1.54
CA ILE A 69 2.55 8.63 -1.33
C ILE A 69 1.34 8.61 -2.28
N LEU A 70 1.25 7.52 -3.04
CA LEU A 70 0.14 7.31 -3.97
C LEU A 70 -0.88 6.38 -3.31
N LEU A 71 -1.99 6.97 -2.87
CA LEU A 71 -3.12 6.24 -2.30
C LEU A 71 -4.16 6.00 -3.40
N LEU A 72 -5.07 5.07 -3.15
CA LEU A 72 -6.27 4.85 -3.98
C LEU A 72 -7.52 5.13 -3.14
N THR A 73 -8.71 5.08 -3.79
CA THR A 73 -9.99 5.24 -3.09
C THR A 73 -10.13 4.27 -1.90
N LEU A 74 -10.19 4.85 -0.69
CA LEU A 74 -10.43 4.13 0.58
C LEU A 74 -11.92 3.73 0.71
N ARG A 75 -12.76 4.44 -0.08
CA ARG A 75 -14.22 4.23 -0.13
C ARG A 75 -14.68 4.43 -1.60
N GLY B 1 12.82 19.12 -13.27
CA GLY B 1 13.51 20.07 -12.36
C GLY B 1 14.01 19.38 -11.10
N MET B 2 13.21 18.42 -10.62
CA MET B 2 13.52 17.64 -9.41
C MET B 2 13.02 16.20 -9.61
N GLN B 3 13.71 15.24 -8.97
CA GLN B 3 13.37 13.82 -9.07
C GLN B 3 12.79 13.39 -7.72
N ILE B 4 11.58 12.84 -7.74
CA ILE B 4 10.81 12.50 -6.52
C ILE B 4 10.56 11.00 -6.43
N PHE B 5 10.13 10.55 -5.25
CA PHE B 5 9.90 9.15 -4.94
C PHE B 5 8.40 8.93 -4.71
N VAL B 6 7.69 8.39 -5.71
CA VAL B 6 6.24 8.11 -5.60
C VAL B 6 6.03 6.65 -5.21
N ASP B 7 5.67 6.42 -3.94
CA ASP B 7 5.44 5.08 -3.42
C ASP B 7 4.04 4.62 -3.89
N THR B 8 4.06 3.74 -4.90
CA THR B 8 2.87 3.32 -5.65
C THR B 8 2.23 2.06 -5.04
N VAL B 9 0.88 2.03 -5.14
CA VAL B 9 0.02 0.91 -4.74
C VAL B 9 -0.79 0.42 -5.95
N GLN B 10 -0.63 -0.85 -6.34
CA GLN B 10 -1.62 -1.55 -7.20
C GLN B 10 -1.72 -3.02 -6.74
N TRP B 11 -2.90 -3.61 -6.92
CA TRP B 11 -3.15 -5.05 -6.63
C TRP B 11 -3.74 -5.66 -7.90
N LYS B 12 -3.24 -6.83 -8.26
CA LYS B 12 -3.67 -7.55 -9.48
C LYS B 12 -3.77 -9.04 -9.17
N THR B 13 -4.95 -9.62 -9.45
CA THR B 13 -5.16 -11.07 -9.33
C THR B 13 -4.93 -11.73 -10.70
N ILE B 14 -3.92 -12.60 -10.77
CA ILE B 14 -3.63 -13.42 -11.97
C ILE B 14 -4.15 -14.84 -11.74
N THR B 15 -4.29 -15.61 -12.81
CA THR B 15 -4.72 -17.02 -12.78
C THR B 15 -3.65 -17.90 -13.44
N LEU B 16 -3.31 -19.00 -12.75
CA LEU B 16 -2.45 -20.07 -13.28
C LEU B 16 -3.09 -21.43 -12.96
N GLU B 17 -2.62 -22.48 -13.62
CA GLU B 17 -2.97 -23.88 -13.30
C GLU B 17 -1.70 -24.61 -12.84
N VAL B 18 -1.88 -25.61 -12.00
CA VAL B 18 -0.76 -26.44 -11.52
C VAL B 18 -1.26 -27.83 -11.06
N GLU B 19 -0.34 -28.75 -10.76
CA GLU B 19 -0.66 -30.12 -10.30
C GLU B 19 -0.30 -30.29 -8.81
N PRO B 20 -1.01 -31.18 -8.07
CA PRO B 20 -0.75 -31.42 -6.64
C PRO B 20 0.64 -32.07 -6.38
N SER B 21 1.05 -32.97 -7.30
CA SER B 21 2.33 -33.70 -7.17
C SER B 21 3.51 -32.86 -7.65
N ASP B 22 3.21 -31.69 -8.27
CA ASP B 22 4.23 -30.74 -8.73
C ASP B 22 4.87 -30.03 -7.54
N THR B 23 6.06 -29.48 -7.77
CA THR B 23 6.75 -28.64 -6.79
C THR B 23 6.40 -27.16 -7.01
N ILE B 24 6.70 -26.36 -5.96
CA ILE B 24 6.49 -24.91 -5.97
C ILE B 24 7.52 -24.22 -6.92
N GLU B 25 8.63 -24.95 -7.20
CA GLU B 25 9.67 -24.47 -8.13
C GLU B 25 9.09 -24.31 -9.55
N ASN B 26 8.08 -25.13 -9.89
CA ASN B 26 7.35 -25.06 -11.17
C ASN B 26 6.50 -23.79 -11.21
N VAL B 27 5.85 -23.48 -10.06
CA VAL B 27 4.99 -22.29 -9.90
C VAL B 27 5.83 -21.01 -10.10
N LYS B 28 6.97 -20.93 -9.36
CA LYS B 28 7.87 -19.76 -9.42
C LYS B 28 8.49 -19.62 -10.83
N ALA B 29 8.84 -20.78 -11.45
CA ALA B 29 9.45 -20.83 -12.78
C ALA B 29 8.48 -20.33 -13.86
N LYS B 30 7.19 -20.74 -13.75
CA LYS B 30 6.18 -20.45 -14.78
C LYS B 30 5.67 -19.02 -14.68
N ILE B 31 5.56 -18.46 -13.45
CA ILE B 31 5.19 -17.04 -13.27
C ILE B 31 6.37 -16.13 -13.69
N GLN B 32 7.62 -16.64 -13.53
CA GLN B 32 8.83 -15.98 -14.06
C GLN B 32 8.88 -16.07 -15.60
N ASP B 33 8.42 -17.21 -16.14
CA ASP B 33 8.42 -17.50 -17.58
C ASP B 33 7.40 -16.64 -18.34
N LYS B 34 6.21 -16.52 -17.75
CA LYS B 34 5.07 -15.83 -18.37
C LYS B 34 5.03 -14.34 -17.97
N GLU B 35 4.94 -14.07 -16.65
CA GLU B 35 4.68 -12.71 -16.13
C GLU B 35 5.99 -11.96 -15.82
N GLY B 36 7.11 -12.71 -15.75
CA GLY B 36 8.41 -12.14 -15.38
C GLY B 36 8.52 -11.82 -13.90
N ILE B 37 7.88 -12.67 -13.07
CA ILE B 37 7.91 -12.57 -11.61
C ILE B 37 9.15 -13.31 -11.06
N PRO B 38 10.17 -12.59 -10.53
CA PRO B 38 11.32 -13.22 -9.86
C PRO B 38 10.92 -13.67 -8.43
N PRO B 39 10.98 -15.00 -8.11
CA PRO B 39 10.55 -15.55 -6.78
C PRO B 39 11.29 -14.94 -5.57
N ASP B 40 12.57 -14.66 -5.77
CA ASP B 40 13.42 -14.06 -4.73
C ASP B 40 13.06 -12.57 -4.56
N GLN B 41 12.57 -11.93 -5.63
CA GLN B 41 12.17 -10.50 -5.62
C GLN B 41 10.69 -10.35 -5.17
N GLN B 42 9.91 -11.44 -5.32
CA GLN B 42 8.50 -11.50 -4.89
C GLN B 42 8.25 -12.87 -4.24
N ARG B 43 8.18 -12.86 -2.89
CA ARG B 43 8.00 -14.10 -2.09
C ARG B 43 6.54 -14.55 -2.14
N LEU B 44 6.35 -15.85 -2.46
CA LEU B 44 5.01 -16.46 -2.59
C LEU B 44 4.54 -16.92 -1.20
N ASP B 45 3.35 -16.47 -0.79
CA ASP B 45 2.76 -16.80 0.52
C ASP B 45 1.32 -17.30 0.32
N PHE B 46 0.94 -18.26 1.15
CA PHE B 46 -0.39 -18.85 1.18
C PHE B 46 -0.91 -18.76 2.62
N ALA B 47 -1.81 -17.80 2.89
CA ALA B 47 -2.54 -17.64 4.19
C ALA B 47 -1.60 -17.69 5.43
N GLY B 48 -0.38 -17.12 5.26
CA GLY B 48 0.61 -17.05 6.35
C GLY B 48 1.63 -18.19 6.33
N LYS B 49 1.74 -18.91 5.20
CA LYS B 49 2.76 -19.97 5.01
C LYS B 49 3.62 -19.62 3.79
N GLN B 50 4.93 -19.45 4.01
CA GLN B 50 5.90 -19.24 2.93
C GLN B 50 6.01 -20.54 2.10
N LEU B 51 6.04 -20.39 0.79
CA LEU B 51 6.11 -21.53 -0.13
C LEU B 51 7.57 -21.80 -0.51
N GLU B 52 8.12 -22.86 0.09
CA GLU B 52 9.45 -23.38 -0.24
C GLU B 52 9.39 -24.01 -1.65
N ASP B 53 10.34 -23.65 -2.53
CA ASP B 53 10.31 -24.07 -3.95
C ASP B 53 10.52 -25.60 -4.08
N GLY B 54 11.21 -26.18 -3.08
CA GLY B 54 11.42 -27.62 -3.00
C GLY B 54 10.27 -28.38 -2.34
N ARG B 55 9.15 -27.67 -2.04
CA ARG B 55 7.94 -28.26 -1.45
C ARG B 55 6.95 -28.57 -2.59
N THR B 56 5.89 -29.36 -2.31
CA THR B 56 4.83 -29.64 -3.32
C THR B 56 3.55 -28.83 -3.03
N LEU B 57 2.65 -28.80 -4.02
CA LEU B 57 1.35 -28.13 -3.92
C LEU B 57 0.45 -28.91 -2.93
N SER B 58 0.49 -30.25 -3.03
CA SER B 58 -0.31 -31.15 -2.18
C SER B 58 0.16 -31.12 -0.73
N ASP B 59 1.46 -30.75 -0.52
CA ASP B 59 2.04 -30.62 0.83
C ASP B 59 1.30 -29.55 1.64
N TYR B 60 0.78 -28.53 0.94
CA TYR B 60 0.01 -27.42 1.54
C TYR B 60 -1.51 -27.61 1.29
N ASN B 61 -1.90 -28.75 0.65
CA ASN B 61 -3.33 -29.07 0.31
C ASN B 61 -3.95 -27.99 -0.65
N ILE B 62 -3.06 -27.36 -1.46
CA ILE B 62 -3.43 -26.29 -2.42
C ILE B 62 -4.48 -26.79 -3.43
N GLN B 63 -5.56 -26.01 -3.58
CA GLN B 63 -6.73 -26.40 -4.38
C GLN B 63 -7.16 -25.27 -5.34
N LYS B 64 -8.15 -25.61 -6.19
CA LYS B 64 -8.71 -24.67 -7.15
C LYS B 64 -9.30 -23.46 -6.43
N GLU B 65 -9.07 -22.31 -7.07
CA GLU B 65 -9.45 -20.96 -6.63
C GLU B 65 -8.88 -20.60 -5.24
N SER B 66 -7.78 -21.27 -4.79
CA SER B 66 -7.01 -20.78 -3.63
C SER B 66 -6.31 -19.44 -3.99
N ALA B 67 -6.26 -18.50 -3.03
CA ALA B 67 -5.67 -17.15 -3.23
C ALA B 67 -4.26 -17.07 -2.61
N LEU B 68 -3.26 -17.08 -3.48
CA LEU B 68 -1.84 -17.02 -3.16
C LEU B 68 -1.39 -15.57 -3.31
N ILE B 69 -0.88 -14.92 -2.25
CA ILE B 69 -0.45 -13.50 -2.35
C ILE B 69 1.08 -13.44 -2.48
N LEU B 70 1.54 -12.48 -3.28
CA LEU B 70 2.97 -12.19 -3.48
C LEU B 70 3.34 -10.95 -2.65
N LEU B 71 4.31 -11.11 -1.76
CA LEU B 71 4.93 -10.00 -1.03
C LEU B 71 6.23 -9.60 -1.77
N LEU B 72 6.71 -8.37 -1.55
CA LEU B 72 8.00 -7.91 -2.14
C LEU B 72 9.20 -8.65 -1.47
N THR B 73 10.39 -8.55 -2.11
CA THR B 73 11.64 -9.23 -1.66
C THR B 73 11.92 -9.04 -0.14
N LEU B 74 11.44 -10.03 0.64
CA LEU B 74 11.69 -10.17 2.08
C LEU B 74 11.15 -11.54 2.50
N ARG B 75 12.07 -12.46 2.86
CA ARG B 75 11.71 -13.79 3.36
C ARG B 75 12.09 -13.85 4.86
N GLY C 1 -7.01 21.94 -1.48
CA GLY C 1 -5.75 22.48 -0.94
C GLY C 1 -5.72 24.00 -1.02
N SER C 2 -6.76 24.66 -0.48
CA SER C 2 -6.81 26.11 -0.27
C SER C 2 -6.78 26.44 1.24
N GLU C 3 -6.60 25.39 2.08
CA GLU C 3 -6.57 25.50 3.55
C GLU C 3 -5.35 26.32 4.01
N SER C 4 -5.57 27.16 5.04
CA SER C 4 -4.55 28.04 5.62
C SER C 4 -4.61 28.00 7.15
N ASP C 5 -5.85 27.84 7.69
CA ASP C 5 -6.17 27.82 9.12
C ASP C 5 -5.97 29.23 9.75
N SER C 6 -7.03 29.73 10.41
CA SER C 6 -7.01 31.04 11.10
C SER C 6 -7.76 30.96 12.44
N GLY C 7 -8.03 29.72 12.90
CA GLY C 7 -8.79 29.49 14.13
C GLY C 7 -7.95 29.68 15.39
N MET C 8 -8.59 30.15 16.46
CA MET C 8 -7.94 30.27 17.78
C MET C 8 -8.11 28.94 18.52
N ALA C 9 -7.10 28.55 19.33
CA ALA C 9 -7.05 27.25 20.04
C ALA C 9 -6.91 26.08 19.03
N SER C 10 -6.31 26.42 17.85
CA SER C 10 -6.07 25.49 16.73
C SER C 10 -5.10 24.36 17.08
N GLN C 11 -4.36 24.52 18.20
CA GLN C 11 -3.46 23.47 18.73
C GLN C 11 -4.26 22.18 18.99
N ALA C 12 -5.48 22.33 19.52
CA ALA C 12 -6.40 21.21 19.78
C ALA C 12 -6.86 20.54 18.49
N ASP C 13 -7.27 21.39 17.53
CA ASP C 13 -7.83 20.95 16.23
C ASP C 13 -6.81 20.16 15.42
N GLN C 14 -5.60 20.75 15.24
CA GLN C 14 -4.58 20.25 14.30
C GLN C 14 -4.16 18.82 14.64
N LYS C 15 -4.24 18.44 15.94
CA LYS C 15 -3.88 17.10 16.42
C LYS C 15 -4.76 16.06 15.74
N GLU C 16 -6.08 16.18 15.97
CA GLU C 16 -7.09 15.29 15.41
C GLU C 16 -7.08 15.34 13.88
N GLU C 17 -6.95 16.56 13.31
CA GLU C 17 -6.99 16.75 11.84
C GLU C 17 -5.83 16.01 11.17
N GLU C 18 -4.67 16.11 11.82
CA GLU C 18 -3.44 15.47 11.37
C GLU C 18 -3.56 13.95 11.47
N LEU C 19 -4.13 13.48 12.60
CA LEU C 19 -4.35 12.05 12.88
C LEU C 19 -5.41 11.48 11.93
N LEU C 20 -6.31 12.34 11.45
CA LEU C 20 -7.38 11.96 10.51
C LEU C 20 -6.76 11.86 9.11
N LEU C 21 -5.77 12.72 8.82
CA LEU C 21 -4.98 12.69 7.57
C LEU C 21 -4.06 11.45 7.57
N PHE C 22 -3.53 11.13 8.78
CA PHE C 22 -2.73 9.92 9.03
C PHE C 22 -3.62 8.68 8.87
N TRP C 23 -4.86 8.83 9.34
CA TRP C 23 -5.89 7.80 9.22
C TRP C 23 -6.26 7.62 7.75
N THR C 24 -6.31 8.73 6.97
CA THR C 24 -6.57 8.72 5.52
C THR C 24 -5.46 7.94 4.78
N TYR C 25 -4.20 8.08 5.26
CA TYR C 25 -3.09 7.22 4.80
C TYR C 25 -3.43 5.75 5.02
N ILE C 26 -3.64 5.39 6.31
CA ILE C 26 -3.79 3.99 6.74
C ILE C 26 -5.06 3.33 6.12
N GLN C 27 -6.10 4.15 5.88
CA GLN C 27 -7.33 3.71 5.21
C GLN C 27 -7.03 3.35 3.77
N ALA C 28 -6.55 4.36 3.03
CA ALA C 28 -6.37 4.31 1.58
C ALA C 28 -5.22 3.39 1.16
N MET C 29 -4.31 3.11 2.10
CA MET C 29 -3.22 2.17 1.88
C MET C 29 -3.74 0.73 2.18
N LEU C 30 -4.25 0.47 3.42
CA LEU C 30 -4.68 -0.91 3.87
C LEU C 30 -5.94 -1.42 3.14
N THR C 31 -6.69 -0.50 2.48
CA THR C 31 -7.92 -0.86 1.72
C THR C 31 -7.58 -1.74 0.49
N ASN C 32 -6.31 -1.65 0.05
CA ASN C 32 -5.74 -2.47 -1.03
C ASN C 32 -4.65 -3.39 -0.45
N LEU C 33 -3.76 -2.77 0.36
CA LEU C 33 -2.60 -3.43 1.00
C LEU C 33 -3.06 -4.16 2.28
N GLU C 34 -3.97 -5.11 2.07
CA GLU C 34 -4.70 -5.81 3.13
C GLU C 34 -3.88 -6.97 3.79
N SER C 35 -2.59 -6.69 4.08
CA SER C 35 -1.59 -7.67 4.59
C SER C 35 -0.21 -6.98 4.76
N LEU C 36 0.04 -6.34 5.94
CA LEU C 36 1.39 -5.78 6.24
C LEU C 36 1.55 -5.44 7.73
N SER C 37 2.81 -5.46 8.15
CA SER C 37 3.19 -5.20 9.53
C SER C 37 2.88 -3.74 9.92
N LEU C 38 2.62 -3.56 11.21
CA LEU C 38 2.53 -2.24 11.88
C LEU C 38 3.72 -1.32 11.53
N ASP C 39 4.89 -1.93 11.29
CA ASP C 39 6.14 -1.25 10.92
C ASP C 39 5.97 -0.41 9.62
N ARG C 40 5.21 -0.93 8.64
CA ARG C 40 4.95 -0.23 7.35
C ARG C 40 4.22 1.11 7.58
N ILE C 41 3.04 1.02 8.23
CA ILE C 41 2.18 2.19 8.47
C ILE C 41 2.84 3.15 9.49
N TYR C 42 3.71 2.59 10.39
CA TYR C 42 4.53 3.38 11.31
C TYR C 42 5.50 4.24 10.50
N ASN C 43 6.19 3.62 9.51
CA ASN C 43 7.20 4.32 8.68
C ASN C 43 6.56 5.42 7.82
N MET C 44 5.32 5.15 7.33
CA MET C 44 4.52 6.16 6.61
C MET C 44 4.24 7.37 7.54
N LEU C 45 3.53 7.09 8.66
CA LEU C 45 3.14 8.11 9.65
C LEU C 45 4.37 8.87 10.20
N ARG C 46 5.50 8.15 10.37
CA ARG C 46 6.75 8.69 10.90
C ARG C 46 7.38 9.69 9.92
N MET C 47 7.44 9.30 8.62
CA MET C 47 7.88 10.19 7.53
C MET C 47 7.06 11.50 7.56
N PHE C 48 5.73 11.36 7.46
CA PHE C 48 4.82 12.51 7.31
C PHE C 48 4.64 13.30 8.63
N VAL C 49 5.01 12.70 9.78
CA VAL C 49 4.96 13.40 11.09
C VAL C 49 6.22 14.27 11.27
N VAL C 50 7.39 13.75 10.85
CA VAL C 50 8.68 14.42 11.08
C VAL C 50 8.96 15.50 10.02
N THR C 51 8.44 15.30 8.79
CA THR C 51 8.71 16.23 7.67
C THR C 51 7.95 17.55 7.80
N GLY C 52 6.89 17.52 8.62
CA GLY C 52 6.07 18.70 8.91
C GLY C 52 5.97 18.96 10.41
N PRO C 53 5.14 19.95 10.85
CA PRO C 53 4.95 20.28 12.29
C PRO C 53 3.93 19.35 13.00
N ALA C 54 3.48 18.31 12.25
CA ALA C 54 2.52 17.30 12.69
C ALA C 54 2.87 16.73 14.07
N LEU C 55 2.18 17.24 15.13
CA LEU C 55 2.34 16.77 16.53
C LEU C 55 3.83 16.81 17.00
N ALA C 56 4.66 17.62 16.30
CA ALA C 56 6.14 17.57 16.40
C ALA C 56 6.67 16.20 15.93
N GLU C 57 6.58 15.18 16.81
CA GLU C 57 7.08 13.80 16.54
C GLU C 57 6.26 12.84 17.41
N ILE C 58 5.44 11.98 16.77
CA ILE C 58 4.74 10.87 17.46
C ILE C 58 5.74 9.75 17.83
N ASP C 59 5.29 8.89 18.74
CA ASP C 59 6.13 7.82 19.35
C ASP C 59 5.44 6.45 19.17
N LEU C 60 6.15 5.36 19.54
CA LEU C 60 5.61 3.99 19.46
C LEU C 60 4.36 3.80 20.32
N GLN C 61 4.30 4.38 21.55
CA GLN C 61 3.13 4.24 22.44
C GLN C 61 1.93 5.09 21.95
N GLU C 62 2.23 6.17 21.19
CA GLU C 62 1.21 6.99 20.49
C GLU C 62 0.59 6.18 19.34
N LEU C 63 1.48 5.52 18.58
CA LEU C 63 1.14 4.74 17.39
C LEU C 63 0.37 3.47 17.81
N GLN C 64 0.88 2.85 18.87
CA GLN C 64 0.31 1.66 19.50
C GLN C 64 -1.07 1.98 20.09
N GLY C 65 -1.14 3.15 20.73
CA GLY C 65 -2.41 3.70 21.23
C GLY C 65 -3.43 3.97 20.13
N TYR C 66 -2.94 4.41 18.96
CA TYR C 66 -3.78 4.69 17.78
C TYR C 66 -4.37 3.39 17.21
N LEU C 67 -3.50 2.37 17.06
CA LEU C 67 -3.89 1.03 16.60
C LEU C 67 -4.80 0.33 17.62
N GLN C 68 -4.51 0.57 18.91
CA GLN C 68 -5.33 0.06 20.03
C GLN C 68 -6.75 0.59 19.88
N LYS C 69 -6.85 1.91 19.58
CA LYS C 69 -8.12 2.57 19.31
C LYS C 69 -8.84 1.86 18.16
N LYS C 70 -8.20 1.78 16.98
CA LYS C 70 -8.81 1.21 15.78
C LYS C 70 -9.21 -0.29 15.93
N VAL C 71 -8.48 -1.05 16.75
CA VAL C 71 -8.82 -2.46 17.03
C VAL C 71 -10.07 -2.52 17.94
N ARG C 72 -10.08 -1.71 19.02
CA ARG C 72 -11.21 -1.64 19.96
C ARG C 72 -12.40 -0.81 19.41
N ASP C 73 -12.16 -0.13 18.27
CA ASP C 73 -13.19 0.63 17.50
C ASP C 73 -13.88 -0.31 16.47
N GLN C 74 -13.44 -1.61 16.45
CA GLN C 74 -13.93 -2.66 15.50
C GLN C 74 -13.56 -2.32 14.03
N GLN C 75 -12.55 -1.47 13.88
CA GLN C 75 -12.20 -0.82 12.61
C GLN C 75 -10.98 -1.50 11.95
N LEU C 76 -10.14 -2.16 12.75
CA LEU C 76 -8.87 -2.78 12.30
C LEU C 76 -8.97 -4.31 12.49
N VAL C 77 -8.39 -5.08 11.55
CA VAL C 77 -8.22 -6.53 11.68
C VAL C 77 -6.75 -6.83 11.98
N TYR C 78 -6.52 -7.50 13.12
CA TYR C 78 -5.22 -7.99 13.54
C TYR C 78 -5.15 -9.49 13.18
N SER C 79 -4.35 -9.82 12.16
CA SER C 79 -4.03 -11.21 11.82
C SER C 79 -2.89 -11.71 12.74
N ALA C 80 -2.07 -12.69 12.29
CA ALA C 80 -0.99 -13.29 13.11
C ALA C 80 0.19 -12.31 13.32
N GLY C 81 -0.02 -11.29 14.19
CA GLY C 81 1.00 -10.28 14.47
C GLY C 81 1.27 -9.39 13.27
N VAL C 82 0.22 -9.19 12.47
CA VAL C 82 0.26 -8.39 11.23
C VAL C 82 -1.10 -7.68 11.03
N TYR C 83 -1.08 -6.42 10.54
CA TYR C 83 -2.31 -5.59 10.44
C TYR C 83 -2.87 -5.56 9.02
N ARG C 84 -4.20 -5.38 8.95
CA ARG C 84 -4.93 -5.18 7.69
C ARG C 84 -6.31 -4.60 7.99
N LEU C 85 -6.93 -3.95 6.99
CA LEU C 85 -8.32 -3.45 7.16
C LEU C 85 -9.36 -4.48 6.68
N PRO C 86 -10.54 -4.55 7.37
CA PRO C 86 -11.72 -5.26 6.87
C PRO C 86 -12.40 -4.47 5.73
N LYS C 87 -13.16 -5.17 4.89
CA LYS C 87 -13.92 -4.55 3.79
C LYS C 87 -15.22 -3.93 4.34
N ASN C 88 -15.66 -4.45 5.50
CA ASN C 88 -16.87 -4.01 6.23
C ASN C 88 -16.75 -4.39 7.72
N CYS C 89 -17.17 -3.47 8.60
CA CYS C 89 -17.25 -3.73 10.05
C CYS C 89 -18.58 -4.46 10.40
N SER C 90 -19.59 -4.24 9.54
CA SER C 90 -20.90 -4.93 9.60
C SER C 90 -21.53 -4.88 8.18
N GLY A 1 -6.64 -30.47 -10.27
CA GLY A 1 -7.47 -29.95 -11.38
C GLY A 1 -8.23 -28.72 -10.95
N MET A 2 -7.58 -27.87 -10.14
CA MET A 2 -8.22 -26.68 -9.54
C MET A 2 -7.27 -25.49 -9.66
N GLN A 3 -7.85 -24.31 -9.83
CA GLN A 3 -7.11 -23.10 -10.21
C GLN A 3 -6.56 -22.35 -8.98
N ILE A 4 -5.61 -21.45 -9.23
CA ILE A 4 -5.16 -20.45 -8.26
C ILE A 4 -5.06 -19.08 -8.99
N PHE A 5 -5.27 -18.00 -8.23
CA PHE A 5 -5.06 -16.63 -8.70
C PHE A 5 -3.83 -16.06 -7.94
N VAL A 6 -2.72 -15.83 -8.65
CA VAL A 6 -1.53 -15.20 -8.09
C VAL A 6 -1.66 -13.68 -8.29
N ASP A 7 -2.10 -13.00 -7.23
CA ASP A 7 -2.32 -11.55 -7.23
C ASP A 7 -0.98 -10.86 -7.00
N THR A 8 -0.38 -10.38 -8.09
CA THR A 8 0.93 -9.74 -8.05
C THR A 8 0.74 -8.23 -7.88
N VAL A 9 1.28 -7.69 -6.76
CA VAL A 9 1.13 -6.27 -6.39
C VAL A 9 2.48 -5.54 -6.53
N GLN A 10 2.42 -4.27 -6.96
CA GLN A 10 3.63 -3.45 -7.18
C GLN A 10 3.57 -2.16 -6.34
N TRP A 11 4.08 -2.26 -5.12
CA TRP A 11 4.35 -1.13 -4.23
C TRP A 11 5.81 -0.70 -4.45
N LYS A 12 6.01 0.47 -5.06
CA LYS A 12 7.34 0.94 -5.48
C LYS A 12 7.36 2.46 -5.58
N THR A 13 8.47 3.06 -5.13
CA THR A 13 8.72 4.49 -5.24
C THR A 13 9.26 4.83 -6.65
N ILE A 14 8.57 5.72 -7.36
CA ILE A 14 9.00 6.21 -8.69
C ILE A 14 9.78 7.51 -8.51
N THR A 15 11.07 7.49 -8.81
CA THR A 15 11.87 8.70 -8.86
C THR A 15 11.71 9.36 -10.24
N LEU A 16 11.09 10.53 -10.26
CA LEU A 16 10.92 11.33 -11.49
C LEU A 16 11.31 12.78 -11.20
N GLU A 17 11.46 13.60 -12.25
CA GLU A 17 11.75 15.04 -12.10
C GLU A 17 10.54 15.86 -12.57
N VAL A 18 10.29 16.95 -11.86
CA VAL A 18 9.33 18.00 -12.24
C VAL A 18 10.00 19.37 -12.11
N GLU A 19 9.28 20.43 -12.47
CA GLU A 19 9.74 21.82 -12.28
C GLU A 19 8.65 22.60 -11.55
N PRO A 20 8.97 23.71 -10.83
CA PRO A 20 7.95 24.54 -10.14
C PRO A 20 6.92 25.11 -11.12
N SER A 21 7.35 25.36 -12.38
CA SER A 21 6.47 25.90 -13.44
C SER A 21 5.48 24.83 -13.96
N ASP A 22 5.81 23.52 -13.75
CA ASP A 22 4.95 22.40 -14.19
C ASP A 22 3.64 22.38 -13.41
N THR A 23 2.60 21.82 -14.02
CA THR A 23 1.34 21.53 -13.32
C THR A 23 1.34 20.10 -12.79
N ILE A 24 0.45 19.87 -11.82
CA ILE A 24 0.27 18.57 -11.17
C ILE A 24 -0.37 17.55 -12.16
N GLU A 25 -1.12 18.09 -13.17
CA GLU A 25 -1.77 17.30 -14.22
C GLU A 25 -0.75 16.52 -15.05
N ASN A 26 0.51 17.03 -15.07
CA ASN A 26 1.65 16.31 -15.66
C ASN A 26 1.85 14.98 -14.94
N VAL A 27 2.08 15.05 -13.61
CA VAL A 27 2.32 13.86 -12.75
C VAL A 27 1.14 12.88 -12.88
N LYS A 28 -0.08 13.45 -12.75
CA LYS A 28 -1.37 12.75 -12.89
C LYS A 28 -1.44 11.97 -14.22
N ALA A 29 -1.11 12.65 -15.33
CA ALA A 29 -1.21 12.08 -16.68
C ALA A 29 -0.10 11.06 -16.95
N LYS A 30 1.07 11.23 -16.30
CA LYS A 30 2.22 10.31 -16.47
C LYS A 30 1.92 8.95 -15.81
N ILE A 31 1.43 9.00 -14.56
CA ILE A 31 1.05 7.78 -13.83
C ILE A 31 -0.23 7.15 -14.43
N GLN A 32 -1.14 8.01 -14.95
CA GLN A 32 -2.36 7.55 -15.65
C GLN A 32 -2.01 6.84 -16.99
N ASP A 33 -0.97 7.36 -17.67
CA ASP A 33 -0.50 6.84 -18.96
C ASP A 33 0.18 5.47 -18.77
N LYS A 34 1.13 5.44 -17.84
CA LYS A 34 2.02 4.29 -17.61
C LYS A 34 1.34 3.23 -16.74
N GLU A 35 0.91 3.63 -15.53
CA GLU A 35 0.29 2.70 -14.55
C GLU A 35 -1.14 2.34 -14.96
N GLY A 36 -1.80 3.27 -15.68
CA GLY A 36 -3.18 3.10 -16.09
C GLY A 36 -4.16 3.38 -14.96
N ILE A 37 -3.74 4.24 -14.01
CA ILE A 37 -4.55 4.61 -12.84
C ILE A 37 -5.44 5.84 -13.16
N PRO A 38 -6.81 5.67 -13.18
CA PRO A 38 -7.74 6.81 -13.38
C PRO A 38 -7.64 7.83 -12.23
N PRO A 39 -7.58 9.17 -12.50
CA PRO A 39 -7.76 10.25 -11.47
C PRO A 39 -8.99 10.02 -10.57
N ASP A 40 -10.01 9.39 -11.17
CA ASP A 40 -11.23 8.91 -10.48
C ASP A 40 -10.87 8.01 -9.26
N GLN A 41 -9.94 7.08 -9.52
CA GLN A 41 -9.51 6.04 -8.55
C GLN A 41 -8.18 6.42 -7.85
N GLN A 42 -7.62 7.57 -8.26
CA GLN A 42 -6.32 8.10 -7.81
C GLN A 42 -6.53 9.11 -6.67
N ARG A 43 -6.15 8.68 -5.46
CA ARG A 43 -6.19 9.50 -4.24
C ARG A 43 -4.73 9.83 -3.87
N LEU A 44 -4.12 10.75 -4.63
CA LEU A 44 -2.71 11.13 -4.47
C LEU A 44 -2.59 12.20 -3.36
N ILE A 45 -1.90 11.85 -2.27
CA ILE A 45 -1.70 12.76 -1.12
C ILE A 45 -0.19 13.01 -0.90
N PHE A 46 0.15 14.26 -0.61
CA PHE A 46 1.51 14.73 -0.38
C PHE A 46 1.54 15.57 0.91
N ALA A 47 2.33 15.11 1.91
CA ALA A 47 2.57 15.85 3.17
C ALA A 47 1.27 16.15 3.96
N GLY A 48 0.22 15.34 3.70
CA GLY A 48 -1.08 15.51 4.35
C GLY A 48 -2.05 16.37 3.56
N LYS A 49 -1.70 16.65 2.29
CA LYS A 49 -2.50 17.52 1.43
C LYS A 49 -2.64 16.88 0.04
N GLN A 50 -3.90 16.73 -0.41
CA GLN A 50 -4.22 16.13 -1.72
C GLN A 50 -3.88 17.14 -2.83
N LEU A 51 -3.15 16.66 -3.83
CA LEU A 51 -2.72 17.48 -4.95
C LEU A 51 -3.78 17.46 -6.04
N GLU A 52 -4.47 18.58 -6.15
CA GLU A 52 -5.41 18.84 -7.25
C GLU A 52 -4.60 19.06 -8.53
N ASP A 53 -4.90 18.27 -9.58
CA ASP A 53 -4.11 18.24 -10.83
C ASP A 53 -4.14 19.60 -11.57
N GLY A 54 -5.17 20.41 -11.30
CA GLY A 54 -5.32 21.75 -11.85
C GLY A 54 -4.38 22.79 -11.24
N ARG A 55 -3.57 22.39 -10.23
CA ARG A 55 -2.61 23.27 -9.57
C ARG A 55 -1.24 23.11 -10.21
N THR A 56 -0.29 23.89 -9.72
CA THR A 56 1.09 23.92 -10.18
C THR A 56 1.99 23.38 -9.05
N LEU A 57 3.21 22.89 -9.39
CA LEU A 57 4.18 22.39 -8.39
C LEU A 57 4.59 23.55 -7.44
N SER A 58 4.72 24.76 -8.02
CA SER A 58 5.03 25.99 -7.28
C SER A 58 3.93 26.36 -6.25
N ASP A 59 2.64 26.03 -6.58
CA ASP A 59 1.50 26.25 -5.67
C ASP A 59 1.70 25.51 -4.33
N TYR A 60 2.44 24.40 -4.36
CA TYR A 60 2.70 23.57 -3.17
C TYR A 60 4.12 23.79 -2.64
N ASN A 61 4.91 24.62 -3.34
CA ASN A 61 6.32 24.92 -2.99
C ASN A 61 7.16 23.62 -2.93
N ILE A 62 6.93 22.76 -3.96
CA ILE A 62 7.53 21.41 -4.06
C ILE A 62 9.07 21.48 -4.10
N GLN A 63 9.68 20.90 -3.07
CA GLN A 63 11.14 20.80 -2.92
C GLN A 63 11.68 19.59 -3.68
N LYS A 64 13.00 19.38 -3.60
CA LYS A 64 13.67 18.25 -4.23
C LYS A 64 13.48 17.00 -3.35
N GLU A 65 13.22 15.86 -4.01
CA GLU A 65 13.02 14.54 -3.39
C GLU A 65 11.78 14.51 -2.47
N SER A 66 10.76 15.33 -2.81
CA SER A 66 9.46 15.36 -2.12
C SER A 66 8.80 13.97 -2.13
N ALA A 67 8.26 13.50 -0.99
CA ALA A 67 7.66 12.15 -0.90
C ALA A 67 6.11 12.22 -0.98
N LEU A 68 5.55 11.68 -2.07
CA LEU A 68 4.10 11.71 -2.36
C LEU A 68 3.60 10.27 -2.41
N ILE A 69 2.57 9.96 -1.62
CA ILE A 69 2.00 8.60 -1.60
C ILE A 69 0.76 8.55 -2.49
N LEU A 70 0.75 7.57 -3.39
CA LEU A 70 -0.42 7.24 -4.20
C LEU A 70 -1.29 6.25 -3.41
N LEU A 71 -2.50 6.69 -3.06
CA LEU A 71 -3.53 5.81 -2.49
C LEU A 71 -4.50 5.48 -3.62
N LEU A 72 -4.75 4.20 -3.89
CA LEU A 72 -5.81 3.80 -4.84
C LEU A 72 -7.17 3.84 -4.14
N THR A 73 -8.25 3.68 -4.92
CA THR A 73 -9.62 3.45 -4.40
C THR A 73 -9.63 2.53 -3.17
N LEU A 74 -9.66 3.17 -1.99
CA LEU A 74 -9.98 2.52 -0.72
C LEU A 74 -11.46 2.12 -0.80
N ARG A 75 -12.28 3.15 -1.03
CA ARG A 75 -13.72 3.07 -1.31
C ARG A 75 -14.22 4.51 -1.58
N GLY B 1 14.61 20.82 -13.43
CA GLY B 1 13.82 21.07 -12.20
C GLY B 1 14.25 20.17 -11.04
N MET B 2 13.33 19.97 -10.07
CA MET B 2 13.62 19.22 -8.83
C MET B 2 13.02 17.84 -8.91
N GLN B 3 13.57 16.90 -8.13
CA GLN B 3 13.13 15.50 -8.15
C GLN B 3 11.93 15.32 -7.20
N ILE B 4 11.18 14.25 -7.40
CA ILE B 4 10.09 13.83 -6.51
C ILE B 4 10.01 12.29 -6.51
N PHE B 5 9.58 11.75 -5.37
CA PHE B 5 9.43 10.31 -5.15
C PHE B 5 7.93 9.99 -5.02
N VAL B 6 7.31 9.44 -6.08
CA VAL B 6 5.87 9.12 -6.07
C VAL B 6 5.68 7.62 -5.81
N ASP B 7 5.35 7.28 -4.57
CA ASP B 7 5.13 5.89 -4.13
C ASP B 7 3.85 5.35 -4.80
N THR B 8 4.03 4.62 -5.91
CA THR B 8 2.92 4.08 -6.72
C THR B 8 2.57 2.67 -6.23
N VAL B 9 1.27 2.32 -6.26
CA VAL B 9 0.80 0.95 -5.97
C VAL B 9 0.06 0.40 -7.21
N GLN B 10 0.27 -0.90 -7.49
CA GLN B 10 -0.47 -1.63 -8.54
C GLN B 10 -0.98 -2.97 -8.01
N TRP B 11 -1.99 -3.49 -8.70
CA TRP B 11 -2.53 -4.83 -8.49
C TRP B 11 -2.76 -5.45 -9.87
N LYS B 12 -2.33 -6.69 -10.01
CA LYS B 12 -2.53 -7.52 -11.22
C LYS B 12 -2.85 -8.94 -10.74
N THR B 13 -3.65 -9.70 -11.52
CA THR B 13 -4.00 -11.08 -11.17
C THR B 13 -3.53 -12.02 -12.29
N ILE B 14 -2.88 -13.11 -11.87
CA ILE B 14 -2.40 -14.18 -12.76
C ILE B 14 -3.27 -15.42 -12.48
N THR B 15 -3.91 -15.99 -13.50
CA THR B 15 -4.68 -17.22 -13.32
C THR B 15 -3.90 -18.42 -13.87
N LEU B 16 -3.74 -19.44 -13.03
CA LEU B 16 -3.11 -20.73 -13.40
C LEU B 16 -4.00 -21.85 -12.87
N GLU B 17 -3.72 -23.11 -13.27
CA GLU B 17 -4.35 -24.29 -12.66
C GLU B 17 -3.28 -25.24 -12.14
N VAL B 18 -3.57 -25.91 -11.03
CA VAL B 18 -2.63 -26.82 -10.38
C VAL B 18 -3.34 -28.15 -10.00
N GLU B 19 -2.54 -29.15 -9.56
CA GLU B 19 -3.05 -30.46 -9.10
C GLU B 19 -2.76 -30.60 -7.60
N PRO B 20 -3.60 -31.39 -6.86
CA PRO B 20 -3.39 -31.63 -5.41
C PRO B 20 -2.11 -32.43 -5.14
N SER B 21 -1.75 -33.31 -6.09
CA SER B 21 -0.57 -34.19 -6.00
C SER B 21 0.76 -33.46 -6.28
N ASP B 22 0.68 -32.24 -6.85
CA ASP B 22 1.87 -31.42 -7.16
C ASP B 22 2.43 -30.81 -5.89
N THR B 23 3.70 -30.41 -5.95
CA THR B 23 4.36 -29.64 -4.91
C THR B 23 4.27 -28.14 -5.20
N ILE B 24 4.48 -27.34 -4.15
CA ILE B 24 4.50 -25.88 -4.22
C ILE B 24 5.69 -25.37 -5.06
N GLU B 25 6.76 -26.19 -5.09
CA GLU B 25 8.00 -25.85 -5.80
C GLU B 25 7.75 -25.64 -7.30
N ASN B 26 6.76 -26.39 -7.83
CA ASN B 26 6.27 -26.26 -9.20
C ASN B 26 5.66 -24.86 -9.41
N VAL B 27 4.82 -24.45 -8.45
CA VAL B 27 4.07 -23.18 -8.50
C VAL B 27 5.03 -21.98 -8.45
N LYS B 28 5.99 -22.00 -7.49
CA LYS B 28 6.97 -20.91 -7.34
C LYS B 28 7.95 -20.88 -8.53
N ALA B 29 8.30 -22.08 -9.06
CA ALA B 29 9.14 -22.20 -10.25
C ALA B 29 8.49 -21.55 -11.48
N LYS B 30 7.19 -21.84 -11.69
CA LYS B 30 6.46 -21.37 -12.88
C LYS B 30 6.16 -19.86 -12.79
N ILE B 31 5.76 -19.34 -11.61
CA ILE B 31 5.53 -17.88 -11.45
C ILE B 31 6.85 -17.12 -11.66
N GLN B 32 7.96 -17.67 -11.10
CA GLN B 32 9.33 -17.15 -11.30
C GLN B 32 9.70 -17.11 -12.78
N ASP B 33 9.35 -18.19 -13.50
CA ASP B 33 9.61 -18.35 -14.94
C ASP B 33 8.84 -17.31 -15.76
N LYS B 34 7.53 -17.23 -15.50
CA LYS B 34 6.60 -16.39 -16.29
C LYS B 34 6.91 -14.90 -16.12
N GLU B 35 6.78 -14.38 -14.89
CA GLU B 35 6.99 -12.94 -14.63
C GLU B 35 8.49 -12.59 -14.51
N GLY B 36 9.22 -13.39 -13.74
CA GLY B 36 10.60 -13.06 -13.36
C GLY B 36 10.68 -12.64 -11.89
N ILE B 37 9.84 -13.30 -11.09
CA ILE B 37 9.64 -13.03 -9.64
C ILE B 37 10.33 -14.14 -8.79
N PRO B 38 11.56 -13.88 -8.24
CA PRO B 38 12.24 -14.82 -7.31
C PRO B 38 11.43 -15.01 -6.00
N PRO B 39 10.92 -16.24 -5.67
CA PRO B 39 10.14 -16.52 -4.41
C PRO B 39 10.97 -16.26 -3.14
N ASP B 40 12.28 -16.27 -3.32
CA ASP B 40 13.26 -15.89 -2.30
C ASP B 40 13.03 -14.42 -1.89
N GLN B 41 12.89 -13.56 -2.91
CA GLN B 41 12.72 -12.10 -2.77
C GLN B 41 11.22 -11.71 -2.84
N GLN B 42 10.34 -12.69 -3.08
CA GLN B 42 8.88 -12.49 -3.10
C GLN B 42 8.22 -13.53 -2.17
N ARG B 43 7.84 -13.09 -0.97
CA ARG B 43 7.16 -13.97 0.00
C ARG B 43 5.68 -14.08 -0.37
N LEU B 44 5.25 -15.29 -0.80
CA LEU B 44 3.88 -15.55 -1.21
C LEU B 44 2.98 -15.66 0.03
N ASP B 45 1.77 -15.09 -0.06
CA ASP B 45 0.77 -15.11 1.02
C ASP B 45 -0.50 -15.72 0.49
N PHE B 46 -0.88 -16.89 1.02
CA PHE B 46 -2.00 -17.67 0.48
C PHE B 46 -3.17 -17.62 1.47
N ALA B 47 -4.13 -16.71 1.20
CA ALA B 47 -5.26 -16.41 2.13
C ALA B 47 -4.77 -16.18 3.59
N GLY B 48 -3.56 -15.62 3.75
CA GLY B 48 -2.93 -15.43 5.07
C GLY B 48 -1.98 -16.57 5.48
N LYS B 49 -1.53 -17.39 4.51
CA LYS B 49 -0.50 -18.43 4.74
C LYS B 49 0.83 -18.00 4.10
N GLN B 50 1.88 -18.78 4.35
CA GLN B 50 3.15 -18.70 3.62
C GLN B 50 3.54 -20.14 3.26
N LEU B 51 3.83 -20.38 1.98
CA LEU B 51 3.98 -21.73 1.42
C LEU B 51 5.43 -22.22 1.56
N GLU B 52 5.61 -23.49 1.94
CA GLU B 52 6.92 -24.18 1.85
C GLU B 52 6.99 -24.83 0.46
N ASP B 53 8.07 -24.56 -0.30
CA ASP B 53 8.19 -25.05 -1.70
C ASP B 53 8.22 -26.59 -1.73
N GLY B 54 8.84 -27.20 -0.71
CA GLY B 54 8.90 -28.66 -0.58
C GLY B 54 7.68 -29.24 0.11
N ARG B 55 6.55 -28.50 0.12
CA ARG B 55 5.26 -28.99 0.62
C ARG B 55 4.36 -29.30 -0.59
N THR B 56 3.17 -29.88 -0.37
CA THR B 56 2.27 -30.35 -1.44
C THR B 56 0.94 -29.55 -1.40
N LEU B 57 0.29 -29.35 -2.58
CA LEU B 57 -0.98 -28.58 -2.70
C LEU B 57 -2.09 -29.18 -1.82
N SER B 58 -2.20 -30.53 -1.82
CA SER B 58 -3.21 -31.26 -1.04
C SER B 58 -3.10 -30.97 0.48
N ASP B 59 -1.87 -30.77 0.97
CA ASP B 59 -1.59 -30.41 2.38
C ASP B 59 -2.29 -29.07 2.76
N TYR B 60 -2.46 -28.18 1.76
CA TYR B 60 -3.08 -26.87 1.98
C TYR B 60 -4.59 -26.89 1.61
N ASN B 61 -5.07 -28.04 1.07
CA ASN B 61 -6.50 -28.21 0.67
C ASN B 61 -6.94 -27.08 -0.26
N ILE B 62 -6.21 -26.98 -1.38
CA ILE B 62 -6.34 -25.87 -2.35
C ILE B 62 -7.70 -25.91 -3.06
N GLN B 63 -8.52 -24.88 -2.82
CA GLN B 63 -9.78 -24.71 -3.53
C GLN B 63 -9.50 -24.05 -4.88
N LYS B 64 -10.34 -24.39 -5.87
CA LYS B 64 -10.27 -23.74 -7.18
C LYS B 64 -10.45 -22.23 -7.02
N GLU B 65 -9.53 -21.46 -7.64
CA GLU B 65 -9.58 -20.01 -7.68
C GLU B 65 -9.18 -19.39 -6.33
N SER B 66 -8.42 -20.16 -5.49
CA SER B 66 -7.74 -19.60 -4.30
C SER B 66 -6.91 -18.34 -4.65
N ALA B 67 -7.13 -17.23 -3.94
CA ALA B 67 -6.35 -15.99 -4.13
C ALA B 67 -5.03 -16.05 -3.31
N LEU B 68 -3.96 -15.54 -3.92
CA LEU B 68 -2.59 -15.69 -3.43
C LEU B 68 -1.80 -14.41 -3.77
N ILE B 69 -1.49 -13.58 -2.77
CA ILE B 69 -0.86 -12.26 -3.02
C ILE B 69 0.68 -12.36 -2.88
N LEU B 70 1.38 -11.96 -3.94
CA LEU B 70 2.85 -11.81 -3.93
C LEU B 70 3.27 -10.60 -3.10
N LEU B 71 3.82 -10.85 -1.92
CA LEU B 71 4.42 -9.82 -1.07
C LEU B 71 5.92 -9.78 -1.33
N LEU B 72 6.57 -8.64 -1.06
CA LEU B 72 8.01 -8.44 -1.32
C LEU B 72 8.84 -9.22 -0.27
N THR B 73 10.19 -9.25 -0.44
CA THR B 73 11.15 -9.79 0.54
C THR B 73 10.84 -9.34 2.00
N LEU B 74 11.37 -10.09 2.97
CA LEU B 74 10.85 -10.18 4.36
C LEU B 74 9.32 -10.42 4.36
N ARG B 75 8.52 -9.36 4.16
CA ARG B 75 7.05 -9.48 4.01
C ARG B 75 6.49 -8.11 3.53
N GLY C 1 -13.04 12.19 0.39
CA GLY C 1 -12.21 12.26 1.62
C GLY C 1 -11.97 13.71 2.06
N SER C 2 -13.07 14.48 2.17
CA SER C 2 -13.02 15.89 2.60
C SER C 2 -13.01 15.98 4.13
N GLU C 3 -11.79 16.06 4.72
CA GLU C 3 -11.62 16.41 6.13
C GLU C 3 -11.88 17.92 6.26
N SER C 4 -13.01 18.28 6.90
CA SER C 4 -13.51 19.68 6.96
C SER C 4 -14.84 19.73 7.73
N ASP C 5 -15.73 18.76 7.44
CA ASP C 5 -17.07 18.65 8.04
C ASP C 5 -16.97 18.47 9.56
N SER C 6 -17.16 19.58 10.29
CA SER C 6 -17.12 19.60 11.76
C SER C 6 -17.78 20.90 12.27
N GLY C 7 -19.08 20.81 12.62
CA GLY C 7 -19.79 21.94 13.23
C GLY C 7 -19.41 22.12 14.69
N MET C 8 -19.52 21.01 15.45
CA MET C 8 -19.08 20.94 16.86
C MET C 8 -17.63 20.46 16.94
N ALA C 9 -17.13 20.27 18.19
CA ALA C 9 -15.81 19.66 18.47
C ALA C 9 -14.65 20.53 17.91
N SER C 10 -14.81 21.85 18.05
CA SER C 10 -13.92 22.87 17.46
C SER C 10 -12.44 22.79 17.94
N GLN C 11 -12.16 22.03 19.02
CA GLN C 11 -10.78 21.79 19.51
C GLN C 11 -10.37 20.32 19.30
N ALA C 12 -11.38 19.43 19.34
CA ALA C 12 -11.18 17.96 19.32
C ALA C 12 -11.09 17.39 17.90
N ASP C 13 -11.59 18.17 16.91
CA ASP C 13 -11.78 17.69 15.53
C ASP C 13 -10.43 17.31 14.88
N GLN C 14 -9.43 18.23 14.96
CA GLN C 14 -8.12 18.06 14.28
C GLN C 14 -7.44 16.73 14.64
N LYS C 15 -7.71 16.26 15.87
CA LYS C 15 -7.16 15.02 16.40
C LYS C 15 -7.61 13.83 15.54
N GLU C 16 -8.94 13.61 15.50
CA GLU C 16 -9.54 12.49 14.77
C GLU C 16 -9.41 12.68 13.25
N GLU C 17 -9.37 13.95 12.78
CA GLU C 17 -9.27 14.27 11.35
C GLU C 17 -7.91 13.80 10.81
N GLU C 18 -6.85 14.15 11.57
CA GLU C 18 -5.47 13.79 11.23
C GLU C 18 -5.25 12.27 11.41
N LEU C 19 -5.88 11.69 12.46
CA LEU C 19 -5.83 10.24 12.72
C LEU C 19 -6.57 9.44 11.63
N LEU C 20 -7.66 10.02 11.11
CA LEU C 20 -8.48 9.40 10.05
C LEU C 20 -7.66 9.44 8.76
N LEU C 21 -6.97 10.58 8.54
CA LEU C 21 -6.08 10.78 7.39
C LEU C 21 -4.92 9.77 7.41
N PHE C 22 -4.29 9.61 8.61
CA PHE C 22 -3.23 8.62 8.84
C PHE C 22 -3.73 7.22 8.52
N TRP C 23 -4.92 6.93 9.04
CA TRP C 23 -5.60 5.67 8.85
C TRP C 23 -6.04 5.50 7.38
N THR C 24 -6.26 6.61 6.65
CA THR C 24 -6.57 6.57 5.21
C THR C 24 -5.32 6.09 4.44
N TYR C 25 -4.11 6.58 4.86
CA TYR C 25 -2.82 6.11 4.29
C TYR C 25 -2.65 4.61 4.50
N ILE C 26 -2.69 4.19 5.79
CA ILE C 26 -2.36 2.82 6.21
C ILE C 26 -3.38 1.82 5.65
N GLN C 27 -4.67 2.19 5.73
CA GLN C 27 -5.77 1.32 5.28
C GLN C 27 -5.70 1.13 3.76
N ALA C 28 -5.54 2.25 3.00
CA ALA C 28 -5.55 2.23 1.52
C ALA C 28 -4.31 1.55 0.93
N MET C 29 -3.15 1.65 1.62
CA MET C 29 -1.94 0.92 1.20
C MET C 29 -2.13 -0.58 1.52
N LEU C 30 -2.66 -0.90 2.71
CA LEU C 30 -2.96 -2.29 3.14
C LEU C 30 -4.18 -2.89 2.39
N THR C 31 -4.90 -2.05 1.64
CA THR C 31 -6.00 -2.48 0.73
C THR C 31 -5.43 -3.07 -0.59
N ASN C 32 -4.15 -2.80 -0.89
CA ASN C 32 -3.47 -3.29 -2.11
C ASN C 32 -2.25 -4.19 -1.73
N LEU C 33 -1.36 -3.64 -0.88
CA LEU C 33 -0.23 -4.40 -0.29
C LEU C 33 -0.65 -4.81 1.12
N GLU C 34 -1.39 -5.92 1.22
CA GLU C 34 -1.79 -6.51 2.53
C GLU C 34 -0.57 -7.15 3.27
N SER C 35 0.40 -6.29 3.66
CA SER C 35 1.53 -6.54 4.58
C SER C 35 2.50 -5.35 4.48
N LEU C 36 3.02 -4.95 5.64
CA LEU C 36 4.07 -3.94 5.77
C LEU C 36 4.79 -4.12 7.10
N SER C 37 6.09 -3.90 7.10
CA SER C 37 6.86 -3.77 8.31
C SER C 37 6.68 -2.34 8.83
N LEU C 38 6.65 -2.20 10.16
CA LEU C 38 6.29 -0.93 10.82
C LEU C 38 7.22 0.23 10.42
N ASP C 39 8.50 -0.04 10.07
CA ASP C 39 9.45 1.03 9.66
C ASP C 39 8.88 1.90 8.51
N ARG C 40 8.19 1.25 7.56
CA ARG C 40 7.64 1.89 6.34
C ARG C 40 6.52 2.89 6.73
N ILE C 41 5.48 2.31 7.35
CA ILE C 41 4.26 3.03 7.75
C ILE C 41 4.58 4.08 8.83
N TYR C 42 5.56 3.78 9.69
CA TYR C 42 6.05 4.71 10.73
C TYR C 42 6.77 5.91 10.09
N ASN C 43 7.66 5.65 9.10
CA ASN C 43 8.39 6.73 8.38
C ASN C 43 7.41 7.68 7.69
N MET C 44 6.36 7.09 7.08
CA MET C 44 5.30 7.88 6.42
C MET C 44 4.52 8.72 7.46
N LEU C 45 3.95 8.06 8.51
CA LEU C 45 3.17 8.76 9.57
C LEU C 45 4.01 9.88 10.23
N ARG C 46 5.33 9.61 10.36
CA ARG C 46 6.33 10.57 10.85
C ARG C 46 6.35 11.83 9.98
N MET C 47 6.57 11.62 8.66
CA MET C 47 6.66 12.71 7.68
C MET C 47 5.36 13.54 7.68
N PHE C 48 4.21 12.85 7.65
CA PHE C 48 2.88 13.48 7.62
C PHE C 48 2.58 14.27 8.91
N VAL C 49 2.99 13.74 10.08
CA VAL C 49 2.72 14.40 11.37
C VAL C 49 3.68 15.61 11.59
N VAL C 50 4.92 15.52 11.04
CA VAL C 50 5.93 16.58 11.25
C VAL C 50 5.81 17.73 10.22
N THR C 51 5.26 17.42 9.01
CA THR C 51 5.11 18.44 7.92
C THR C 51 4.10 19.55 8.30
N GLY C 52 3.19 19.21 9.21
CA GLY C 52 2.20 20.16 9.73
C GLY C 52 2.22 20.18 11.25
N PRO C 53 1.47 21.12 11.91
CA PRO C 53 1.29 21.07 13.39
C PRO C 53 0.62 19.75 13.83
N ALA C 54 -0.25 19.23 12.94
CA ALA C 54 -0.95 17.93 13.02
C ALA C 54 -1.39 17.51 14.45
N LEU C 55 -0.49 16.81 15.17
CA LEU C 55 -0.80 16.18 16.49
C LEU C 55 0.35 16.38 17.49
N ALA C 56 1.14 17.46 17.26
CA ALA C 56 2.34 17.79 18.07
C ALA C 56 3.40 16.66 18.02
N GLU C 57 3.46 15.99 16.84
CA GLU C 57 4.33 14.83 16.55
C GLU C 57 3.92 13.61 17.39
N ILE C 58 3.38 12.55 16.73
CA ILE C 58 3.08 11.28 17.38
C ILE C 58 4.38 10.51 17.68
N ASP C 59 4.30 9.67 18.71
CA ASP C 59 5.46 8.95 19.26
C ASP C 59 5.36 7.46 18.88
N LEU C 60 6.38 6.66 19.25
CA LEU C 60 6.42 5.21 19.00
C LEU C 60 5.26 4.49 19.73
N GLN C 61 5.13 4.72 21.06
CA GLN C 61 4.06 4.05 21.86
C GLN C 61 2.65 4.55 21.43
N GLU C 62 2.61 5.78 20.87
CA GLU C 62 1.37 6.38 20.34
C GLU C 62 0.94 5.60 19.07
N LEU C 63 1.86 5.52 18.11
CA LEU C 63 1.69 4.92 16.78
C LEU C 63 1.44 3.38 16.91
N GLN C 64 2.34 2.70 17.65
CA GLN C 64 2.19 1.29 18.01
C GLN C 64 0.89 1.05 18.77
N GLY C 65 0.54 2.01 19.66
CA GLY C 65 -0.78 2.03 20.32
C GLY C 65 -1.96 2.01 19.34
N TYR C 66 -1.86 2.83 18.28
CA TYR C 66 -2.89 2.95 17.22
C TYR C 66 -3.06 1.60 16.50
N LEU C 67 -1.92 1.01 16.15
CA LEU C 67 -1.82 -0.26 15.42
C LEU C 67 -2.32 -1.45 16.26
N GLN C 68 -1.89 -1.52 17.53
CA GLN C 68 -2.27 -2.61 18.44
C GLN C 68 -3.76 -2.50 18.77
N LYS C 69 -4.29 -1.26 18.73
CA LYS C 69 -5.73 -1.02 18.84
C LYS C 69 -6.44 -1.65 17.65
N LYS C 70 -5.96 -1.34 16.41
CA LYS C 70 -6.53 -1.91 15.17
C LYS C 70 -6.49 -3.46 15.18
N VAL C 71 -5.41 -4.04 15.74
CA VAL C 71 -5.29 -5.51 15.93
C VAL C 71 -6.36 -6.03 16.93
N ARG C 72 -6.53 -5.28 18.03
CA ARG C 72 -7.54 -5.58 19.09
C ARG C 72 -8.96 -5.11 18.69
N ASP C 73 -9.06 -4.37 17.57
CA ASP C 73 -10.34 -3.96 16.94
C ASP C 73 -10.81 -5.06 15.96
N GLN C 74 -9.94 -6.09 15.77
CA GLN C 74 -10.11 -7.19 14.78
C GLN C 74 -10.07 -6.65 13.33
N GLN C 75 -9.65 -5.39 13.17
CA GLN C 75 -9.51 -4.71 11.87
C GLN C 75 -8.22 -5.17 11.17
N LEU C 76 -7.17 -5.35 11.97
CA LEU C 76 -5.79 -5.53 11.48
C LEU C 76 -5.19 -6.81 12.09
N VAL C 77 -4.47 -7.57 11.27
CA VAL C 77 -3.82 -8.82 11.66
C VAL C 77 -2.29 -8.64 11.70
N TYR C 78 -1.67 -9.14 12.76
CA TYR C 78 -0.20 -9.17 12.89
C TYR C 78 0.30 -10.52 12.35
N SER C 79 1.09 -10.48 11.26
CA SER C 79 1.66 -11.68 10.64
C SER C 79 3.03 -11.98 11.30
N ALA C 80 4.06 -12.39 10.50
CA ALA C 80 5.41 -12.64 11.02
C ALA C 80 6.14 -11.32 11.31
N GLY C 81 5.70 -10.65 12.39
CA GLY C 81 6.32 -9.40 12.85
C GLY C 81 5.98 -8.19 12.00
N VAL C 82 4.88 -8.30 11.22
CA VAL C 82 4.41 -7.22 10.33
C VAL C 82 2.90 -7.03 10.48
N TYR C 83 2.37 -5.90 9.99
CA TYR C 83 0.92 -5.63 10.01
C TYR C 83 0.34 -5.85 8.60
N ARG C 84 -0.88 -6.44 8.53
CA ARG C 84 -1.59 -6.70 7.27
C ARG C 84 -3.10 -6.68 7.52
N LEU C 85 -3.86 -5.96 6.68
CA LEU C 85 -5.32 -5.98 6.78
C LEU C 85 -5.85 -7.31 6.18
N PRO C 86 -6.83 -7.99 6.87
CA PRO C 86 -7.56 -9.16 6.31
C PRO C 86 -8.10 -8.86 4.89
N LYS C 87 -9.18 -8.05 4.82
CA LYS C 87 -9.83 -7.59 3.58
C LYS C 87 -10.90 -6.54 3.96
N ASN C 88 -10.48 -5.27 4.08
CA ASN C 88 -11.42 -4.17 4.34
C ASN C 88 -12.16 -3.83 3.04
N CYS C 89 -11.39 -3.54 1.96
CA CYS C 89 -11.89 -3.16 0.60
C CYS C 89 -12.94 -2.02 0.61
N SER C 90 -13.11 -1.37 1.76
CA SER C 90 -14.21 -0.44 2.05
C SER C 90 -14.11 0.03 3.52
N GLY A 1 -7.23 -30.03 -11.07
CA GLY A 1 -6.94 -29.62 -9.68
C GLY A 1 -7.70 -28.38 -9.25
N MET A 2 -7.09 -27.56 -8.39
CA MET A 2 -7.76 -26.38 -7.80
C MET A 2 -7.23 -25.10 -8.45
N GLN A 3 -8.11 -24.11 -8.59
CA GLN A 3 -7.79 -22.87 -9.30
C GLN A 3 -7.50 -21.78 -8.28
N ILE A 4 -6.28 -21.21 -8.32
CA ILE A 4 -5.80 -20.31 -7.27
C ILE A 4 -5.54 -18.92 -7.85
N PHE A 5 -5.45 -17.94 -6.95
CA PHE A 5 -5.24 -16.55 -7.31
C PHE A 5 -3.86 -16.13 -6.82
N VAL A 6 -2.98 -15.74 -7.75
CA VAL A 6 -1.66 -15.20 -7.36
C VAL A 6 -1.79 -13.67 -7.38
N ASP A 7 -2.16 -13.14 -6.19
CA ASP A 7 -2.38 -11.72 -5.97
C ASP A 7 -1.05 -10.99 -5.77
N THR A 8 -0.55 -10.34 -6.82
CA THR A 8 0.72 -9.63 -6.77
C THR A 8 0.47 -8.13 -6.55
N VAL A 9 0.88 -7.63 -5.37
CA VAL A 9 0.77 -6.21 -5.04
C VAL A 9 2.09 -5.51 -5.38
N GLN A 10 2.00 -4.43 -6.16
CA GLN A 10 3.15 -3.60 -6.53
C GLN A 10 3.02 -2.27 -5.78
N TRP A 11 3.44 -2.30 -4.50
CA TRP A 11 3.47 -1.13 -3.60
C TRP A 11 4.95 -0.81 -3.33
N LYS A 12 5.45 0.24 -4.01
CA LYS A 12 6.88 0.61 -3.99
C LYS A 12 7.10 2.04 -4.50
N THR A 13 8.24 2.59 -4.09
CA THR A 13 8.69 3.94 -4.41
C THR A 13 9.21 4.02 -5.86
N ILE A 14 8.57 4.89 -6.66
CA ILE A 14 9.00 5.23 -8.03
C ILE A 14 9.87 6.49 -7.94
N THR A 15 11.16 6.37 -8.26
CA THR A 15 12.08 7.51 -8.22
C THR A 15 12.18 8.17 -9.60
N LEU A 16 11.48 9.29 -9.76
CA LEU A 16 11.42 10.03 -11.03
C LEU A 16 11.94 11.46 -10.82
N GLU A 17 12.12 12.21 -11.90
CA GLU A 17 12.44 13.65 -11.83
C GLU A 17 11.41 14.41 -12.65
N VAL A 18 10.80 15.40 -12.02
CA VAL A 18 9.74 16.21 -12.63
C VAL A 18 10.15 17.69 -12.62
N GLU A 19 9.41 18.55 -13.35
CA GLU A 19 9.73 19.99 -13.42
C GLU A 19 8.80 20.77 -12.48
N PRO A 20 9.29 21.92 -11.93
CA PRO A 20 8.45 22.84 -11.13
C PRO A 20 7.27 23.38 -11.95
N SER A 21 7.53 23.61 -13.25
CA SER A 21 6.57 24.23 -14.18
C SER A 21 5.51 23.23 -14.70
N ASP A 22 5.70 21.92 -14.45
CA ASP A 22 4.73 20.88 -14.92
C ASP A 22 3.51 20.83 -14.00
N THR A 23 2.44 20.18 -14.47
CA THR A 23 1.23 19.92 -13.67
C THR A 23 1.33 18.57 -12.94
N ILE A 24 0.48 18.41 -11.90
CA ILE A 24 0.34 17.17 -11.13
C ILE A 24 -0.22 16.03 -12.01
N GLU A 25 -0.96 16.40 -13.09
CA GLU A 25 -1.51 15.43 -14.06
C GLU A 25 -0.39 14.66 -14.79
N ASN A 26 0.85 15.21 -14.77
CA ASN A 26 2.04 14.53 -15.29
C ASN A 26 2.45 13.35 -14.38
N VAL A 27 2.39 13.56 -13.05
CA VAL A 27 2.69 12.50 -12.06
C VAL A 27 1.60 11.40 -12.14
N LYS A 28 0.33 11.86 -12.27
CA LYS A 28 -0.82 11.00 -12.60
C LYS A 28 -0.54 10.15 -13.86
N ALA A 29 -0.10 10.85 -14.92
CA ALA A 29 0.16 10.25 -16.23
C ALA A 29 1.28 9.22 -16.14
N LYS A 30 2.30 9.51 -15.30
CA LYS A 30 3.46 8.63 -15.14
C LYS A 30 3.15 7.37 -14.32
N ILE A 31 2.27 7.46 -13.30
CA ILE A 31 1.86 6.25 -12.54
C ILE A 31 0.94 5.37 -13.42
N GLN A 32 0.15 6.03 -14.28
CA GLN A 32 -0.69 5.39 -15.32
C GLN A 32 0.20 4.77 -16.44
N ASP A 33 1.32 5.44 -16.73
CA ASP A 33 2.26 5.06 -17.80
C ASP A 33 3.12 3.85 -17.42
N LYS A 34 3.61 3.87 -16.18
CA LYS A 34 4.55 2.86 -15.67
C LYS A 34 3.78 1.63 -15.12
N GLU A 35 2.81 1.86 -14.22
CA GLU A 35 2.15 0.78 -13.45
C GLU A 35 0.72 0.50 -13.93
N GLY A 36 0.21 1.37 -14.83
CA GLY A 36 -1.16 1.22 -15.38
C GLY A 36 -2.26 1.74 -14.46
N ILE A 37 -1.87 2.46 -13.39
CA ILE A 37 -2.78 2.91 -12.31
C ILE A 37 -3.84 3.89 -12.85
N PRO A 38 -5.18 3.62 -12.60
CA PRO A 38 -6.27 4.55 -12.96
C PRO A 38 -6.23 5.87 -12.15
N PRO A 39 -6.14 7.07 -12.82
CA PRO A 39 -6.40 8.41 -12.20
C PRO A 39 -7.71 8.46 -11.38
N ASP A 40 -8.70 7.71 -11.86
CA ASP A 40 -10.01 7.54 -11.20
C ASP A 40 -9.86 6.96 -9.78
N GLN A 41 -8.88 6.06 -9.60
CA GLN A 41 -8.63 5.39 -8.30
C GLN A 41 -7.46 6.05 -7.52
N GLN A 42 -6.87 7.10 -8.13
CA GLN A 42 -5.74 7.85 -7.56
C GLN A 42 -6.22 8.79 -6.44
N ARG A 43 -5.64 8.61 -5.24
CA ARG A 43 -5.75 9.56 -4.13
C ARG A 43 -4.31 9.91 -3.69
N LEU A 44 -3.67 10.79 -4.47
CA LEU A 44 -2.26 11.17 -4.28
C LEU A 44 -2.16 12.19 -3.13
N ILE A 45 -1.45 11.83 -2.06
CA ILE A 45 -1.17 12.72 -0.92
C ILE A 45 0.33 13.09 -0.92
N PHE A 46 0.62 14.35 -0.63
CA PHE A 46 1.97 14.90 -0.59
C PHE A 46 2.23 15.47 0.80
N ALA A 47 2.96 14.70 1.65
CA ALA A 47 3.41 15.16 2.99
C ALA A 47 2.22 15.58 3.89
N GLY A 48 1.03 14.98 3.62
CA GLY A 48 -0.21 15.29 4.36
C GLY A 48 -1.10 16.33 3.68
N LYS A 49 -0.81 16.64 2.42
CA LYS A 49 -1.60 17.61 1.62
C LYS A 49 -2.04 16.98 0.29
N GLN A 50 -3.34 17.03 0.00
CA GLN A 50 -3.96 16.32 -1.13
C GLN A 50 -3.73 17.09 -2.44
N LEU A 51 -3.31 16.36 -3.48
CA LEU A 51 -2.94 16.91 -4.79
C LEU A 51 -4.12 16.87 -5.76
N GLU A 52 -4.56 18.06 -6.20
CA GLU A 52 -5.45 18.18 -7.36
C GLU A 52 -4.58 18.14 -8.63
N ASP A 53 -4.95 17.27 -9.60
CA ASP A 53 -4.14 16.99 -10.81
C ASP A 53 -3.99 18.24 -11.71
N GLY A 54 -4.95 19.16 -11.59
CA GLY A 54 -4.95 20.41 -12.34
C GLY A 54 -3.90 21.41 -11.89
N ARG A 55 -3.33 21.19 -10.69
CA ARG A 55 -2.38 22.12 -10.08
C ARG A 55 -0.98 21.89 -10.67
N THR A 56 -0.05 22.77 -10.32
CA THR A 56 1.35 22.69 -10.74
C THR A 56 2.19 22.06 -9.60
N LEU A 57 3.38 21.53 -9.93
CA LEU A 57 4.35 21.02 -8.91
C LEU A 57 4.76 22.17 -7.97
N SER A 58 5.14 23.31 -8.59
CA SER A 58 5.57 24.53 -7.88
C SER A 58 4.41 25.17 -7.09
N ASP A 59 3.16 24.87 -7.47
CA ASP A 59 1.94 25.31 -6.73
C ASP A 59 2.04 24.84 -5.26
N TYR A 60 2.58 23.62 -5.06
CA TYR A 60 2.72 23.02 -3.73
C TYR A 60 4.17 23.19 -3.18
N ASN A 61 5.06 23.84 -3.98
CA ASN A 61 6.50 23.95 -3.65
C ASN A 61 7.13 22.54 -3.52
N ILE A 62 6.73 21.63 -4.43
CA ILE A 62 7.27 20.25 -4.49
C ILE A 62 8.76 20.29 -4.83
N GLN A 63 9.58 19.92 -3.84
CA GLN A 63 11.05 20.01 -3.94
C GLN A 63 11.65 18.65 -4.35
N LYS A 64 12.99 18.58 -4.35
CA LYS A 64 13.73 17.35 -4.65
C LYS A 64 13.67 16.37 -3.48
N GLU A 65 13.67 15.06 -3.85
CA GLU A 65 13.61 13.93 -2.92
C GLU A 65 12.37 13.96 -1.99
N SER A 66 11.28 14.61 -2.46
CA SER A 66 10.00 14.65 -1.75
C SER A 66 9.32 13.28 -1.79
N ALA A 67 8.80 12.81 -0.65
CA ALA A 67 8.12 11.51 -0.56
C ALA A 67 6.59 11.68 -0.64
N LEU A 68 6.02 11.17 -1.73
CA LEU A 68 4.58 11.17 -2.00
C LEU A 68 4.04 9.76 -1.74
N ILE A 69 2.76 9.65 -1.40
CA ILE A 69 2.10 8.36 -1.19
C ILE A 69 0.85 8.30 -2.08
N LEU A 70 0.68 7.16 -2.75
CA LEU A 70 -0.53 6.85 -3.50
C LEU A 70 -1.48 6.02 -2.64
N LEU A 71 -2.66 6.56 -2.37
CA LEU A 71 -3.79 5.81 -1.81
C LEU A 71 -4.68 5.40 -2.98
N LEU A 72 -5.15 4.14 -2.98
CA LEU A 72 -6.16 3.70 -3.96
C LEU A 72 -7.56 4.06 -3.41
N THR A 73 -8.57 4.14 -4.31
CA THR A 73 -10.01 4.26 -3.94
C THR A 73 -10.36 3.45 -2.67
N LEU A 74 -10.66 4.20 -1.60
CA LEU A 74 -11.06 3.67 -0.30
C LEU A 74 -12.46 3.03 -0.36
N ARG A 75 -13.45 3.79 -0.85
CA ARG A 75 -14.84 3.33 -0.97
C ARG A 75 -15.28 3.38 -2.45
N GLY B 1 14.77 19.40 -13.54
CA GLY B 1 13.96 19.85 -12.39
C GLY B 1 14.38 19.22 -11.08
N MET B 2 13.39 18.81 -10.28
CA MET B 2 13.62 18.21 -8.96
C MET B 2 13.09 16.77 -8.98
N GLN B 3 13.78 15.89 -8.25
CA GLN B 3 13.43 14.46 -8.20
C GLN B 3 12.40 14.24 -7.10
N ILE B 4 11.62 13.16 -7.22
CA ILE B 4 10.56 12.83 -6.24
C ILE B 4 10.38 11.31 -6.17
N PHE B 5 9.93 10.87 -5.00
CA PHE B 5 9.72 9.47 -4.67
C PHE B 5 8.21 9.25 -4.53
N VAL B 6 7.55 8.73 -5.56
CA VAL B 6 6.08 8.51 -5.51
C VAL B 6 5.81 7.04 -5.21
N ASP B 7 5.40 6.76 -3.96
CA ASP B 7 5.20 5.37 -3.50
C ASP B 7 3.83 4.90 -4.01
N THR B 8 3.86 4.14 -5.10
CA THR B 8 2.65 3.74 -5.84
C THR B 8 2.23 2.32 -5.49
N VAL B 9 0.91 2.07 -5.39
CA VAL B 9 0.37 0.71 -5.27
C VAL B 9 -0.58 0.37 -6.42
N GLN B 10 -0.34 -0.81 -6.99
CA GLN B 10 -1.27 -1.47 -7.90
C GLN B 10 -1.33 -2.96 -7.50
N TRP B 11 -2.36 -3.31 -6.72
CA TRP B 11 -2.69 -4.71 -6.39
C TRP B 11 -3.28 -5.35 -7.64
N LYS B 12 -2.75 -6.50 -7.99
CA LYS B 12 -3.08 -7.23 -9.23
C LYS B 12 -3.35 -8.70 -8.87
N THR B 13 -4.13 -9.40 -9.70
CA THR B 13 -4.55 -10.79 -9.43
C THR B 13 -4.40 -11.65 -10.71
N ILE B 14 -3.62 -12.74 -10.60
CA ILE B 14 -3.55 -13.81 -11.61
C ILE B 14 -4.51 -14.92 -11.17
N THR B 15 -5.04 -15.68 -12.13
CA THR B 15 -5.95 -16.80 -11.86
C THR B 15 -5.52 -17.99 -12.73
N LEU B 16 -5.05 -19.03 -12.07
CA LEU B 16 -4.53 -20.26 -12.73
C LEU B 16 -5.21 -21.47 -12.12
N GLU B 17 -5.06 -22.65 -12.76
CA GLU B 17 -5.35 -23.93 -12.11
C GLU B 17 -4.02 -24.63 -11.84
N VAL B 18 -3.97 -25.39 -10.74
CA VAL B 18 -2.75 -26.09 -10.32
C VAL B 18 -3.13 -27.41 -9.63
N GLU B 19 -2.15 -28.32 -9.48
CA GLU B 19 -2.35 -29.65 -8.90
C GLU B 19 -1.72 -29.70 -7.50
N PRO B 20 -2.25 -30.56 -6.60
CA PRO B 20 -1.63 -30.79 -5.27
C PRO B 20 -0.24 -31.44 -5.39
N SER B 21 -0.09 -32.31 -6.41
CA SER B 21 1.15 -33.06 -6.67
C SER B 21 2.24 -32.17 -7.30
N ASP B 22 1.85 -30.98 -7.82
CA ASP B 22 2.79 -30.03 -8.40
C ASP B 22 3.63 -29.42 -7.30
N THR B 23 4.88 -29.12 -7.62
CA THR B 23 5.75 -28.30 -6.80
C THR B 23 5.52 -26.81 -7.10
N ILE B 24 6.07 -25.94 -6.25
CA ILE B 24 5.94 -24.48 -6.37
C ILE B 24 6.82 -23.98 -7.55
N GLU B 25 7.78 -24.85 -7.98
CA GLU B 25 8.62 -24.59 -9.15
C GLU B 25 7.76 -24.36 -10.41
N ASN B 26 6.60 -25.06 -10.48
CA ASN B 26 5.62 -24.91 -11.57
C ASN B 26 5.04 -23.49 -11.56
N VAL B 27 4.70 -23.01 -10.36
CA VAL B 27 4.04 -21.71 -10.17
C VAL B 27 5.01 -20.55 -10.51
N LYS B 28 6.28 -20.63 -10.03
CA LYS B 28 7.30 -19.60 -10.35
C LYS B 28 7.69 -19.65 -11.85
N ALA B 29 7.72 -20.88 -12.41
CA ALA B 29 8.08 -21.10 -13.82
C ALA B 29 7.04 -20.49 -14.76
N LYS B 30 5.75 -20.66 -14.40
CA LYS B 30 4.65 -20.15 -15.22
C LYS B 30 4.52 -18.62 -15.08
N ILE B 31 4.67 -18.06 -13.85
CA ILE B 31 4.61 -16.58 -13.68
C ILE B 31 5.82 -15.89 -14.37
N GLN B 32 6.95 -16.63 -14.51
CA GLN B 32 8.09 -16.16 -15.34
C GLN B 32 7.76 -16.28 -16.84
N ASP B 33 7.14 -17.41 -17.23
CA ASP B 33 6.81 -17.71 -18.64
C ASP B 33 5.80 -16.72 -19.22
N LYS B 34 4.87 -16.29 -18.35
CA LYS B 34 3.75 -15.41 -18.73
C LYS B 34 4.08 -13.93 -18.42
N GLU B 35 4.52 -13.65 -17.17
CA GLU B 35 4.68 -12.26 -16.67
C GLU B 35 6.16 -11.80 -16.69
N GLY B 36 7.09 -12.77 -16.64
CA GLY B 36 8.54 -12.48 -16.62
C GLY B 36 9.10 -12.29 -15.22
N ILE B 37 8.33 -12.72 -14.20
CA ILE B 37 8.68 -12.55 -12.78
C ILE B 37 9.79 -13.57 -12.39
N PRO B 38 10.97 -13.08 -11.89
CA PRO B 38 12.13 -13.94 -11.52
C PRO B 38 11.87 -14.74 -10.23
N PRO B 39 12.02 -16.12 -10.23
CA PRO B 39 11.87 -16.98 -9.03
C PRO B 39 12.71 -16.54 -7.82
N ASP B 40 13.98 -16.26 -8.09
CA ASP B 40 14.97 -15.85 -7.07
C ASP B 40 14.62 -14.47 -6.49
N GLN B 41 13.92 -13.64 -7.29
CA GLN B 41 13.55 -12.26 -6.93
C GLN B 41 12.02 -12.13 -6.68
N GLN B 42 11.33 -13.28 -6.49
CA GLN B 42 9.92 -13.31 -6.06
C GLN B 42 9.83 -13.98 -4.68
N ARG B 43 9.03 -13.38 -3.79
CA ARG B 43 8.67 -13.96 -2.50
C ARG B 43 7.14 -14.19 -2.49
N LEU B 44 6.71 -15.35 -3.02
CA LEU B 44 5.29 -15.72 -3.05
C LEU B 44 4.86 -16.13 -1.62
N ASP B 45 4.03 -15.31 -0.97
CA ASP B 45 3.56 -15.55 0.40
C ASP B 45 2.16 -16.16 0.37
N PHE B 46 1.95 -17.15 1.25
CA PHE B 46 0.68 -17.86 1.43
C PHE B 46 0.38 -17.97 2.93
N ALA B 47 -0.61 -17.17 3.39
CA ALA B 47 -1.14 -17.20 4.77
C ALA B 47 -0.06 -16.83 5.82
N GLY B 48 0.92 -16.02 5.41
CA GLY B 48 2.03 -15.60 6.29
C GLY B 48 3.25 -16.50 6.17
N LYS B 49 3.20 -17.47 5.25
CA LYS B 49 4.31 -18.41 5.00
C LYS B 49 4.64 -18.44 3.49
N GLN B 50 5.88 -18.03 3.15
CA GLN B 50 6.37 -18.04 1.76
C GLN B 50 6.55 -19.48 1.24
N LEU B 51 6.39 -19.64 -0.08
CA LEU B 51 6.33 -20.94 -0.75
C LEU B 51 7.71 -21.37 -1.27
N GLU B 52 8.26 -22.43 -0.65
CA GLU B 52 9.54 -23.03 -1.07
C GLU B 52 9.38 -23.66 -2.47
N ASP B 53 10.25 -23.27 -3.42
CA ASP B 53 10.18 -23.68 -4.85
C ASP B 53 10.18 -25.23 -5.03
N GLY B 54 10.87 -25.93 -4.10
CA GLY B 54 10.95 -27.39 -4.12
C GLY B 54 9.94 -28.08 -3.22
N ARG B 55 8.85 -27.38 -2.87
CA ARG B 55 7.76 -27.90 -2.04
C ARG B 55 6.49 -28.08 -2.90
N THR B 56 5.54 -28.92 -2.48
CA THR B 56 4.30 -29.17 -3.24
C THR B 56 3.16 -28.28 -2.75
N LEU B 57 2.14 -28.11 -3.62
CA LEU B 57 0.90 -27.38 -3.29
C LEU B 57 0.15 -28.13 -2.16
N SER B 58 0.18 -29.47 -2.22
CA SER B 58 -0.48 -30.34 -1.21
C SER B 58 0.17 -30.22 0.17
N ASP B 59 1.49 -29.94 0.18
CA ASP B 59 2.27 -29.75 1.42
C ASP B 59 1.73 -28.56 2.24
N TYR B 60 1.15 -27.58 1.54
CA TYR B 60 0.57 -26.37 2.17
C TYR B 60 -0.96 -26.52 2.31
N ASN B 61 -1.50 -27.59 1.69
CA ASN B 61 -2.95 -27.86 1.56
C ASN B 61 -3.67 -26.64 0.94
N ILE B 62 -3.20 -26.28 -0.26
CA ILE B 62 -3.74 -25.17 -1.07
C ILE B 62 -5.21 -25.45 -1.45
N GLN B 63 -6.13 -24.60 -0.95
CA GLN B 63 -7.57 -24.73 -1.24
C GLN B 63 -7.92 -24.05 -2.58
N LYS B 64 -9.02 -24.54 -3.18
CA LYS B 64 -9.55 -23.95 -4.41
C LYS B 64 -10.01 -22.52 -4.13
N GLU B 65 -9.58 -21.62 -5.03
CA GLU B 65 -9.84 -20.18 -4.96
C GLU B 65 -9.12 -19.51 -3.77
N SER B 66 -8.03 -20.16 -3.27
CA SER B 66 -7.15 -19.49 -2.27
C SER B 66 -6.45 -18.26 -2.90
N ALA B 67 -6.30 -17.20 -2.09
CA ALA B 67 -5.56 -16.00 -2.48
C ALA B 67 -4.15 -16.06 -1.87
N LEU B 68 -3.13 -15.90 -2.74
CA LEU B 68 -1.71 -16.00 -2.37
C LEU B 68 -1.05 -14.68 -2.77
N ILE B 69 -0.40 -14.00 -1.82
CA ILE B 69 0.13 -12.64 -2.06
C ILE B 69 1.60 -12.71 -2.50
N LEU B 70 1.76 -12.57 -3.82
CA LEU B 70 3.07 -12.57 -4.49
C LEU B 70 3.76 -11.21 -4.29
N LEU B 71 4.78 -11.24 -3.43
CA LEU B 71 5.70 -10.12 -3.20
C LEU B 71 6.97 -10.35 -4.04
N LEU B 72 7.75 -9.28 -4.24
CA LEU B 72 9.10 -9.36 -4.84
C LEU B 72 10.12 -9.63 -3.73
N THR B 73 11.41 -9.81 -4.12
CA THR B 73 12.55 -9.99 -3.19
C THR B 73 12.44 -9.14 -1.89
N LEU B 74 12.61 -9.82 -0.73
CA LEU B 74 12.19 -9.35 0.60
C LEU B 74 10.64 -9.22 0.62
N ARG B 75 10.13 -8.02 0.30
CA ARG B 75 8.68 -7.76 0.12
C ARG B 75 8.55 -6.75 -1.06
N GLY C 1 -10.46 19.09 -5.50
CA GLY C 1 -9.74 17.89 -4.99
C GLY C 1 -10.48 17.23 -3.84
N SER C 2 -9.72 16.75 -2.84
CA SER C 2 -10.29 16.08 -1.66
C SER C 2 -10.79 17.14 -0.64
N GLU C 3 -12.03 17.62 -0.87
CA GLU C 3 -12.76 18.51 0.06
C GLU C 3 -13.45 17.67 1.15
N SER C 4 -13.58 18.24 2.36
CA SER C 4 -14.23 17.57 3.50
C SER C 4 -14.36 18.55 4.66
N ASP C 5 -13.20 19.15 5.04
CA ASP C 5 -13.08 20.13 6.15
C ASP C 5 -13.42 19.51 7.52
N SER C 6 -13.58 20.35 8.55
CA SER C 6 -13.90 19.93 9.92
C SER C 6 -14.64 21.06 10.67
N GLY C 7 -14.81 20.92 12.00
CA GLY C 7 -15.43 21.96 12.83
C GLY C 7 -14.45 23.05 13.26
N MET C 8 -14.84 23.82 14.31
CA MET C 8 -14.03 24.95 14.82
C MET C 8 -13.60 24.72 16.28
N ALA C 9 -12.28 24.84 16.52
CA ALA C 9 -11.64 24.73 17.85
C ALA C 9 -10.15 25.12 17.73
N SER C 10 -9.56 24.76 16.56
CA SER C 10 -8.16 25.02 16.17
C SER C 10 -7.21 23.98 16.79
N GLN C 11 -7.01 24.02 18.11
CA GLN C 11 -6.01 23.15 18.79
C GLN C 11 -6.53 21.71 18.94
N ALA C 12 -7.70 21.60 19.58
CA ALA C 12 -8.38 20.30 19.77
C ALA C 12 -8.86 19.74 18.42
N ASP C 13 -9.05 20.64 17.43
CA ASP C 13 -9.57 20.28 16.11
C ASP C 13 -8.45 19.74 15.20
N GLN C 14 -7.30 20.46 15.14
CA GLN C 14 -6.18 20.13 14.22
C GLN C 14 -5.69 18.69 14.43
N LYS C 15 -5.47 18.30 15.71
CA LYS C 15 -4.98 16.98 16.09
C LYS C 15 -5.95 15.88 15.60
N GLU C 16 -7.26 16.11 15.80
CA GLU C 16 -8.32 15.21 15.32
C GLU C 16 -8.29 15.07 13.79
N GLU C 17 -8.11 16.22 13.09
CA GLU C 17 -8.05 16.25 11.63
C GLU C 17 -6.89 15.37 11.14
N GLU C 18 -5.77 15.46 11.87
CA GLU C 18 -4.55 14.70 11.55
C GLU C 18 -4.74 13.22 11.81
N LEU C 19 -5.35 12.85 12.95
CA LEU C 19 -5.53 11.43 13.34
C LEU C 19 -6.54 10.74 12.42
N LEU C 20 -7.55 11.50 11.98
CA LEU C 20 -8.57 11.04 11.04
C LEU C 20 -7.94 10.93 9.65
N LEU C 21 -7.03 11.88 9.32
CA LEU C 21 -6.26 11.84 8.06
C LEU C 21 -5.30 10.65 8.07
N PHE C 22 -4.71 10.38 9.25
CA PHE C 22 -3.79 9.26 9.47
C PHE C 22 -4.54 7.94 9.26
N TRP C 23 -5.78 7.94 9.76
CA TRP C 23 -6.71 6.84 9.55
C TRP C 23 -7.11 6.75 8.07
N THR C 24 -7.26 7.89 7.37
CA THR C 24 -7.57 7.92 5.91
C THR C 24 -6.41 7.26 5.11
N TYR C 25 -5.17 7.50 5.56
CA TYR C 25 -3.97 6.91 4.95
C TYR C 25 -3.97 5.40 5.13
N ILE C 26 -3.98 4.98 6.41
CA ILE C 26 -3.87 3.56 6.80
C ILE C 26 -5.09 2.75 6.32
N GLN C 27 -6.29 3.36 6.32
CA GLN C 27 -7.55 2.69 5.94
C GLN C 27 -7.53 2.37 4.43
N ALA C 28 -7.27 3.41 3.60
CA ALA C 28 -7.23 3.28 2.12
C ALA C 28 -6.04 2.44 1.67
N MET C 29 -4.98 2.43 2.50
CA MET C 29 -3.80 1.59 2.33
C MET C 29 -4.16 0.11 2.60
N LEU C 30 -4.91 -0.13 3.69
CA LEU C 30 -5.36 -1.48 4.11
C LEU C 30 -6.49 -2.02 3.22
N THR C 31 -7.16 -1.09 2.51
CA THR C 31 -8.22 -1.41 1.53
C THR C 31 -7.64 -2.07 0.27
N ASN C 32 -6.36 -1.80 0.00
CA ASN C 32 -5.65 -2.38 -1.16
C ASN C 32 -4.63 -3.41 -0.64
N LEU C 33 -3.73 -2.93 0.25
CA LEU C 33 -2.75 -3.75 1.01
C LEU C 33 -3.48 -4.39 2.19
N GLU C 34 -4.22 -5.44 1.95
CA GLU C 34 -4.89 -6.22 3.02
C GLU C 34 -3.89 -7.17 3.77
N SER C 35 -2.68 -6.62 4.07
CA SER C 35 -1.59 -7.29 4.82
C SER C 35 -0.33 -6.39 4.81
N LEU C 36 0.12 -5.97 6.00
CA LEU C 36 1.35 -5.16 6.16
C LEU C 36 1.82 -5.13 7.62
N SER C 37 3.09 -4.77 7.82
CA SER C 37 3.67 -4.60 9.16
C SER C 37 3.40 -3.17 9.68
N LEU C 38 3.38 -3.01 11.03
CA LEU C 38 3.22 -1.70 11.73
C LEU C 38 4.29 -0.68 11.24
N ASP C 39 5.47 -1.22 10.86
CA ASP C 39 6.59 -0.44 10.30
C ASP C 39 6.14 0.56 9.22
N ARG C 40 5.52 0.04 8.13
CA ARG C 40 5.12 0.83 6.95
C ARG C 40 4.26 2.06 7.34
N ILE C 41 3.21 1.79 8.13
CA ILE C 41 2.21 2.80 8.50
C ILE C 41 2.77 3.78 9.56
N TYR C 42 3.71 3.31 10.42
CA TYR C 42 4.41 4.18 11.39
C TYR C 42 5.33 5.15 10.62
N ASN C 43 6.02 4.61 9.58
CA ASN C 43 6.99 5.38 8.79
C ASN C 43 6.30 6.54 8.07
N MET C 44 5.18 6.21 7.38
CA MET C 44 4.42 7.23 6.65
C MET C 44 3.79 8.24 7.63
N LEU C 45 3.15 7.75 8.73
CA LEU C 45 2.51 8.63 9.75
C LEU C 45 3.55 9.59 10.39
N ARG C 46 4.77 9.07 10.59
CA ARG C 46 5.89 9.83 11.17
C ARG C 46 6.35 10.92 10.18
N MET C 47 6.31 10.59 8.87
CA MET C 47 6.61 11.55 7.79
C MET C 47 5.58 12.71 7.79
N PHE C 48 4.28 12.35 7.80
CA PHE C 48 3.17 13.33 7.78
C PHE C 48 3.19 14.24 9.03
N VAL C 49 3.55 13.66 10.18
CA VAL C 49 3.58 14.38 11.46
C VAL C 49 4.81 15.33 11.54
N VAL C 50 5.98 14.91 10.98
CA VAL C 50 7.20 15.75 11.00
C VAL C 50 7.11 16.91 9.99
N THR C 51 6.45 16.66 8.84
CA THR C 51 6.35 17.65 7.75
C THR C 51 5.46 18.85 8.12
N GLY C 52 4.58 18.67 9.10
CA GLY C 52 3.66 19.73 9.55
C GLY C 52 3.64 19.89 11.06
N PRO C 53 2.74 20.80 11.60
CA PRO C 53 2.60 21.01 13.07
C PRO C 53 1.80 19.87 13.76
N ALA C 54 0.99 19.19 12.91
CA ALA C 54 0.09 18.04 13.24
C ALA C 54 -0.40 17.96 14.71
N LEU C 55 0.38 17.28 15.57
CA LEU C 55 0.08 17.14 17.02
C LEU C 55 1.39 17.05 17.82
N ALA C 56 2.44 17.72 17.27
CA ALA C 56 3.79 17.82 17.87
C ALA C 56 4.47 16.43 18.01
N GLU C 57 4.43 15.67 16.90
CA GLU C 57 5.15 14.38 16.72
C GLU C 57 4.52 13.24 17.54
N ILE C 58 4.06 12.19 16.81
CA ILE C 58 3.55 10.93 17.39
C ILE C 58 4.66 10.17 18.15
N ASP C 59 4.27 9.08 18.80
CA ASP C 59 5.21 8.21 19.55
C ASP C 59 4.73 6.76 19.45
N LEU C 60 5.63 5.78 19.70
CA LEU C 60 5.34 4.34 19.53
C LEU C 60 4.14 3.88 20.39
N GLN C 61 4.12 4.21 21.70
CA GLN C 61 2.99 3.77 22.57
C GLN C 61 1.65 4.42 22.15
N GLU C 62 1.72 5.63 21.57
CA GLU C 62 0.53 6.35 21.09
C GLU C 62 0.05 5.76 19.74
N LEU C 63 1.02 5.33 18.92
CA LEU C 63 0.78 4.87 17.55
C LEU C 63 0.35 3.40 17.58
N GLN C 64 1.15 2.53 18.24
CA GLN C 64 0.73 1.18 18.65
C GLN C 64 -0.63 1.26 19.37
N GLY C 65 -0.78 2.30 20.24
CA GLY C 65 -2.06 2.64 20.87
C GLY C 65 -3.21 2.82 19.87
N TYR C 66 -2.94 3.55 18.77
CA TYR C 66 -3.92 3.77 17.69
C TYR C 66 -4.35 2.42 17.04
N LEU C 67 -3.34 1.60 16.66
CA LEU C 67 -3.58 0.28 16.01
C LEU C 67 -4.36 -0.68 16.93
N GLN C 68 -3.87 -0.81 18.17
CA GLN C 68 -4.43 -1.74 19.16
C GLN C 68 -5.85 -1.32 19.52
N LYS C 69 -6.12 0.02 19.48
CA LYS C 69 -7.47 0.55 19.67
C LYS C 69 -8.35 0.00 18.54
N LYS C 70 -7.93 0.24 17.27
CA LYS C 70 -8.68 -0.22 16.10
C LYS C 70 -8.96 -1.75 16.13
N VAL C 71 -7.97 -2.56 16.58
CA VAL C 71 -8.11 -4.03 16.67
C VAL C 71 -9.14 -4.41 17.77
N ARG C 72 -9.02 -3.77 18.94
CA ARG C 72 -9.91 -4.03 20.10
C ARG C 72 -11.30 -3.33 19.91
N ASP C 73 -11.41 -2.45 18.89
CA ASP C 73 -12.67 -1.84 18.42
C ASP C 73 -13.32 -2.68 17.28
N GLN C 74 -12.59 -3.74 16.83
CA GLN C 74 -12.97 -4.63 15.68
C GLN C 74 -12.95 -3.89 14.33
N GLN C 75 -12.32 -2.72 14.31
CA GLN C 75 -12.18 -1.87 13.12
C GLN C 75 -10.94 -2.30 12.29
N LEU C 76 -10.08 -3.16 12.88
CA LEU C 76 -8.82 -3.61 12.24
C LEU C 76 -8.50 -5.04 12.71
N VAL C 77 -7.80 -5.83 11.85
CA VAL C 77 -7.35 -7.19 12.15
C VAL C 77 -5.82 -7.21 12.41
N TYR C 78 -5.39 -8.06 13.35
CA TYR C 78 -3.97 -8.31 13.66
C TYR C 78 -3.70 -9.81 13.46
N SER C 79 -2.82 -10.14 12.49
CA SER C 79 -2.40 -11.51 12.23
C SER C 79 -1.13 -11.79 13.07
N ALA C 80 -0.19 -12.58 12.54
CA ALA C 80 1.09 -12.84 13.22
C ALA C 80 2.00 -11.59 13.14
N GLY C 81 1.69 -10.60 13.99
CA GLY C 81 2.53 -9.41 14.13
C GLY C 81 2.41 -8.45 12.95
N VAL C 82 1.31 -8.55 12.19
CA VAL C 82 1.01 -7.65 11.07
C VAL C 82 -0.44 -7.17 11.13
N TYR C 83 -0.69 -5.95 10.62
CA TYR C 83 -2.03 -5.37 10.55
C TYR C 83 -2.62 -5.49 9.14
N ARG C 84 -3.95 -5.65 9.10
CA ARG C 84 -4.72 -5.72 7.85
C ARG C 84 -6.19 -5.40 8.14
N LEU C 85 -6.89 -4.75 7.19
CA LEU C 85 -8.32 -4.42 7.38
C LEU C 85 -9.19 -5.65 7.08
N PRO C 86 -10.26 -5.91 7.90
CA PRO C 86 -11.26 -6.94 7.56
C PRO C 86 -12.12 -6.50 6.37
N LYS C 87 -12.21 -7.39 5.37
CA LYS C 87 -13.01 -7.16 4.15
C LYS C 87 -13.50 -8.50 3.61
N ASN C 88 -14.61 -8.48 2.87
CA ASN C 88 -15.22 -9.70 2.30
C ASN C 88 -14.32 -10.32 1.21
N CYS C 89 -14.55 -11.60 0.94
CA CYS C 89 -13.79 -12.38 -0.05
C CYS C 89 -14.55 -13.69 -0.35
N SER C 90 -14.88 -14.43 0.72
CA SER C 90 -15.51 -15.74 0.65
C SER C 90 -16.21 -16.02 2.00
N GLY A 1 -7.96 -28.74 -9.44
CA GLY A 1 -8.86 -29.01 -8.31
C GLY A 1 -9.50 -27.75 -7.80
N MET A 2 -8.71 -26.66 -7.78
CA MET A 2 -9.16 -25.34 -7.32
C MET A 2 -8.29 -24.25 -7.96
N GLN A 3 -8.89 -23.10 -8.22
CA GLN A 3 -8.20 -21.96 -8.84
C GLN A 3 -7.68 -21.02 -7.74
N ILE A 4 -6.66 -20.24 -8.05
CA ILE A 4 -6.12 -19.20 -7.16
C ILE A 4 -6.08 -17.86 -7.92
N PHE A 5 -6.18 -16.74 -7.18
CA PHE A 5 -5.90 -15.42 -7.71
C PHE A 5 -4.55 -14.97 -7.12
N VAL A 6 -3.52 -14.83 -7.97
CA VAL A 6 -2.15 -14.59 -7.49
C VAL A 6 -1.80 -13.12 -7.74
N ASP A 7 -1.68 -12.37 -6.65
CA ASP A 7 -1.63 -10.92 -6.65
C ASP A 7 -0.18 -10.42 -6.75
N THR A 8 0.19 -9.96 -7.93
CA THR A 8 1.52 -9.40 -8.19
C THR A 8 1.48 -7.90 -7.88
N VAL A 9 2.14 -7.50 -6.78
CA VAL A 9 2.23 -6.09 -6.34
C VAL A 9 3.70 -5.66 -6.32
N GLN A 10 3.94 -4.43 -6.82
CA GLN A 10 5.27 -3.82 -6.91
C GLN A 10 5.22 -2.40 -6.32
N TRP A 11 6.00 -2.16 -5.24
CA TRP A 11 6.15 -0.82 -4.65
C TRP A 11 7.56 -0.32 -4.94
N LYS A 12 7.69 0.77 -5.71
CA LYS A 12 9.01 1.22 -6.21
C LYS A 12 9.05 2.75 -6.36
N THR A 13 10.09 3.36 -5.78
CA THR A 13 10.26 4.80 -5.73
C THR A 13 11.01 5.29 -6.98
N ILE A 14 10.32 6.10 -7.82
CA ILE A 14 10.88 6.70 -9.04
C ILE A 14 11.45 8.08 -8.70
N THR A 15 12.39 8.57 -9.52
CA THR A 15 12.95 9.92 -9.40
C THR A 15 12.66 10.67 -10.71
N LEU A 16 11.97 11.80 -10.60
CA LEU A 16 11.57 12.62 -11.77
C LEU A 16 11.77 14.10 -11.47
N GLU A 17 11.78 14.93 -12.52
CA GLU A 17 11.75 16.39 -12.40
C GLU A 17 10.38 16.91 -12.83
N VAL A 18 9.87 17.85 -12.04
CA VAL A 18 8.64 18.58 -12.30
C VAL A 18 8.87 20.07 -11.93
N GLU A 19 8.00 20.98 -12.39
CA GLU A 19 8.17 22.44 -12.14
C GLU A 19 6.99 22.96 -11.28
N PRO A 20 7.22 24.00 -10.41
CA PRO A 20 6.18 24.50 -9.47
C PRO A 20 4.98 25.14 -10.20
N SER A 21 5.23 25.65 -11.41
CA SER A 21 4.23 26.32 -12.24
C SER A 21 3.37 25.32 -13.04
N ASP A 22 3.85 24.05 -13.15
CA ASP A 22 3.09 22.97 -13.82
C ASP A 22 1.89 22.57 -12.97
N THR A 23 0.90 21.93 -13.61
CA THR A 23 -0.24 21.33 -12.91
C THR A 23 0.07 19.89 -12.53
N ILE A 24 -0.69 19.39 -11.56
CA ILE A 24 -0.60 18.01 -11.05
C ILE A 24 -1.12 17.03 -12.12
N GLU A 25 -2.01 17.52 -13.03
CA GLU A 25 -2.67 16.72 -14.06
C GLU A 25 -1.66 16.08 -15.02
N ASN A 26 -0.45 16.69 -15.10
CA ASN A 26 0.67 16.17 -15.88
C ASN A 26 1.12 14.83 -15.30
N VAL A 27 1.42 14.85 -13.98
CA VAL A 27 1.82 13.66 -13.22
C VAL A 27 0.72 12.60 -13.27
N LYS A 28 -0.53 13.05 -13.04
CA LYS A 28 -1.76 12.23 -13.03
C LYS A 28 -1.97 11.53 -14.39
N ALA A 29 -1.78 12.28 -15.49
CA ALA A 29 -2.02 11.78 -16.85
C ALA A 29 -0.95 10.76 -17.24
N LYS A 30 0.32 11.03 -16.84
CA LYS A 30 1.44 10.11 -17.10
C LYS A 30 1.25 8.79 -16.35
N ILE A 31 0.98 8.85 -15.03
CA ILE A 31 0.85 7.63 -14.21
C ILE A 31 -0.42 6.83 -14.61
N GLN A 32 -1.49 7.54 -15.09
CA GLN A 32 -2.65 6.88 -15.71
C GLN A 32 -2.23 6.17 -17.02
N ASP A 33 -1.44 6.86 -17.85
CA ASP A 33 -1.05 6.38 -19.20
C ASP A 33 -0.18 5.13 -19.09
N LYS A 34 0.80 5.19 -18.18
CA LYS A 34 1.83 4.15 -18.03
C LYS A 34 1.33 2.99 -17.14
N GLU A 35 0.80 3.33 -15.95
CA GLU A 35 0.52 2.37 -14.87
C GLU A 35 -0.98 2.03 -14.76
N GLY A 36 -1.81 2.71 -15.56
CA GLY A 36 -3.24 2.38 -15.69
C GLY A 36 -4.08 2.75 -14.49
N ILE A 37 -3.67 3.80 -13.75
CA ILE A 37 -4.39 4.29 -12.55
C ILE A 37 -5.22 5.58 -12.88
N PRO A 38 -6.59 5.45 -13.06
CA PRO A 38 -7.47 6.62 -13.29
C PRO A 38 -7.55 7.54 -12.06
N PRO A 39 -7.69 8.91 -12.23
CA PRO A 39 -7.70 9.93 -11.12
C PRO A 39 -8.61 9.54 -9.93
N ASP A 40 -9.78 8.97 -10.24
CA ASP A 40 -10.76 8.50 -9.25
C ASP A 40 -10.22 7.32 -8.40
N GLN A 41 -9.48 6.38 -9.04
CA GLN A 41 -8.86 5.23 -8.34
C GLN A 41 -7.51 5.62 -7.69
N GLN A 42 -6.92 6.67 -8.25
CA GLN A 42 -5.60 7.21 -7.88
C GLN A 42 -5.72 8.00 -6.57
N ARG A 43 -4.84 7.70 -5.61
CA ARG A 43 -4.80 8.37 -4.30
C ARG A 43 -3.35 8.76 -3.98
N LEU A 44 -2.82 9.77 -4.70
CA LEU A 44 -1.46 10.29 -4.46
C LEU A 44 -1.49 11.32 -3.31
N ILE A 45 -0.62 11.10 -2.31
CA ILE A 45 -0.50 11.97 -1.14
C ILE A 45 0.97 12.44 -0.99
N PHE A 46 1.13 13.72 -0.64
CA PHE A 46 2.42 14.41 -0.57
C PHE A 46 2.54 15.08 0.81
N ALA A 47 3.20 14.38 1.76
CA ALA A 47 3.42 14.87 3.15
C ALA A 47 2.08 15.26 3.82
N GLY A 48 1.03 14.47 3.53
CA GLY A 48 -0.33 14.70 4.06
C GLY A 48 -1.27 15.48 3.13
N LYS A 49 -0.76 15.91 1.96
CA LYS A 49 -1.54 16.70 0.98
C LYS A 49 -1.95 15.83 -0.23
N GLN A 50 -3.26 15.60 -0.40
CA GLN A 50 -3.81 14.78 -1.49
C GLN A 50 -3.96 15.67 -2.73
N LEU A 51 -3.18 15.38 -3.77
CA LEU A 51 -3.00 16.29 -4.89
C LEU A 51 -4.22 16.25 -5.83
N GLU A 52 -4.94 17.37 -5.89
CA GLU A 52 -6.04 17.56 -6.84
C GLU A 52 -5.37 17.95 -8.18
N ASP A 53 -5.76 17.26 -9.26
CA ASP A 53 -5.00 17.29 -10.54
C ASP A 53 -5.00 18.68 -11.21
N GLY A 54 -6.05 19.47 -10.92
CA GLY A 54 -6.17 20.83 -11.44
C GLY A 54 -5.46 21.88 -10.59
N ARG A 55 -4.63 21.42 -9.63
CA ARG A 55 -3.78 22.31 -8.83
C ARG A 55 -2.40 22.40 -9.47
N THR A 56 -1.52 23.26 -8.94
CA THR A 56 -0.11 23.33 -9.35
C THR A 56 0.74 22.59 -8.32
N LEU A 57 2.02 22.38 -8.67
CA LEU A 57 3.00 21.79 -7.76
C LEU A 57 3.31 22.80 -6.63
N SER A 58 3.33 24.11 -6.98
CA SER A 58 3.59 25.22 -6.03
C SER A 58 2.43 25.37 -5.03
N ASP A 59 1.21 24.96 -5.46
CA ASP A 59 0.00 24.95 -4.60
C ASP A 59 0.23 24.15 -3.30
N TYR A 60 1.13 23.16 -3.37
CA TYR A 60 1.48 22.29 -2.23
C TYR A 60 2.90 22.55 -1.69
N ASN A 61 3.61 23.55 -2.27
CA ASN A 61 5.02 23.89 -1.88
C ASN A 61 5.97 22.70 -2.20
N ILE A 62 5.64 21.97 -3.27
CA ILE A 62 6.44 20.85 -3.79
C ILE A 62 7.80 21.36 -4.28
N GLN A 63 8.86 20.91 -3.61
CA GLN A 63 10.26 21.35 -3.84
C GLN A 63 11.14 20.12 -4.17
N LYS A 64 12.46 20.34 -4.36
CA LYS A 64 13.37 19.28 -4.85
C LYS A 64 13.60 18.20 -3.79
N GLU A 65 13.66 16.95 -4.29
CA GLU A 65 13.88 15.73 -3.52
C GLU A 65 12.80 15.52 -2.44
N SER A 66 11.58 15.98 -2.76
CA SER A 66 10.40 15.84 -1.89
C SER A 66 9.76 14.45 -2.13
N ALA A 67 9.33 13.77 -1.05
CA ALA A 67 8.85 12.37 -1.10
C ALA A 67 7.32 12.29 -1.25
N LEU A 68 6.89 11.89 -2.45
CA LEU A 68 5.48 11.65 -2.79
C LEU A 68 5.23 10.14 -2.62
N ILE A 69 4.13 9.74 -1.98
CA ILE A 69 3.71 8.32 -1.94
C ILE A 69 2.39 8.19 -2.70
N LEU A 70 2.37 7.27 -3.68
CA LEU A 70 1.16 6.89 -4.41
C LEU A 70 0.45 5.75 -3.66
N LEU A 71 -0.83 5.97 -3.40
CA LEU A 71 -1.75 4.97 -2.83
C LEU A 71 -2.82 4.67 -3.90
N LEU A 72 -3.48 3.52 -3.82
CA LEU A 72 -4.54 3.13 -4.77
C LEU A 72 -5.89 3.01 -4.01
N THR A 73 -6.99 2.86 -4.79
CA THR A 73 -8.34 2.51 -4.31
C THR A 73 -8.33 1.57 -3.08
N LEU A 74 -8.67 2.14 -1.90
CA LEU A 74 -8.79 1.38 -0.63
C LEU A 74 -10.04 0.48 -0.61
N ARG A 75 -11.12 0.95 -1.26
CA ARG A 75 -12.41 0.20 -1.34
C ARG A 75 -12.83 0.02 -2.82
N GLY B 1 13.44 21.72 -13.66
CA GLY B 1 12.60 22.01 -12.47
C GLY B 1 13.18 21.42 -11.20
N MET B 2 12.32 21.15 -10.22
CA MET B 2 12.70 20.49 -8.98
C MET B 2 12.35 19.00 -9.03
N GLN B 3 13.17 18.20 -8.37
CA GLN B 3 13.04 16.74 -8.40
C GLN B 3 12.06 16.29 -7.32
N ILE B 4 11.41 15.16 -7.55
CA ILE B 4 10.63 14.46 -6.52
C ILE B 4 10.81 12.96 -6.66
N PHE B 5 10.54 12.25 -5.56
CA PHE B 5 10.61 10.79 -5.51
C PHE B 5 9.19 10.25 -5.33
N VAL B 6 8.62 9.58 -6.36
CA VAL B 6 7.23 9.07 -6.28
C VAL B 6 7.24 7.54 -6.05
N ASP B 7 6.88 7.13 -4.82
CA ASP B 7 6.84 5.72 -4.44
C ASP B 7 5.51 5.13 -4.92
N THR B 8 5.56 4.45 -6.07
CA THR B 8 4.36 4.04 -6.81
C THR B 8 3.98 2.57 -6.52
N VAL B 9 2.65 2.36 -6.33
CA VAL B 9 2.03 1.05 -6.15
C VAL B 9 1.50 0.52 -7.51
N GLN B 10 1.84 -0.73 -7.85
CA GLN B 10 1.27 -1.43 -9.02
C GLN B 10 0.76 -2.81 -8.57
N TRP B 11 -0.56 -2.87 -8.34
CA TRP B 11 -1.28 -4.08 -7.88
C TRP B 11 -2.00 -4.70 -9.07
N LYS B 12 -1.77 -5.99 -9.29
CA LYS B 12 -2.36 -6.75 -10.42
C LYS B 12 -2.75 -8.16 -9.95
N THR B 13 -4.06 -8.41 -9.85
CA THR B 13 -4.60 -9.73 -9.50
C THR B 13 -4.63 -10.64 -10.74
N ILE B 14 -3.75 -11.67 -10.74
CA ILE B 14 -3.65 -12.66 -11.85
C ILE B 14 -4.51 -13.90 -11.47
N THR B 15 -4.75 -14.82 -12.41
CA THR B 15 -5.54 -16.04 -12.15
C THR B 15 -4.81 -17.29 -12.69
N LEU B 16 -4.83 -18.37 -11.90
CA LEU B 16 -4.34 -19.70 -12.32
C LEU B 16 -5.27 -20.78 -11.73
N GLU B 17 -5.13 -22.02 -12.23
CA GLU B 17 -5.89 -23.19 -11.73
C GLU B 17 -4.85 -24.26 -11.34
N VAL B 18 -4.98 -24.86 -10.15
CA VAL B 18 -3.95 -25.77 -9.60
C VAL B 18 -4.60 -27.00 -8.91
N GLU B 19 -3.80 -28.04 -8.68
CA GLU B 19 -4.27 -29.30 -8.05
C GLU B 19 -3.80 -29.35 -6.59
N PRO B 20 -4.56 -30.05 -5.69
CA PRO B 20 -4.17 -30.21 -4.28
C PRO B 20 -2.89 -31.07 -4.12
N SER B 21 -2.72 -32.06 -5.00
CA SER B 21 -1.58 -32.99 -4.96
C SER B 21 -0.30 -32.35 -5.48
N ASP B 22 -0.41 -31.19 -6.20
CA ASP B 22 0.76 -30.49 -6.76
C ASP B 22 1.59 -29.90 -5.63
N THR B 23 2.90 -29.82 -5.85
CA THR B 23 3.81 -29.08 -4.99
C THR B 23 3.72 -27.58 -5.28
N ILE B 24 4.19 -26.78 -4.33
CA ILE B 24 4.33 -25.33 -4.48
C ILE B 24 5.36 -25.03 -5.59
N GLU B 25 6.32 -25.98 -5.75
CA GLU B 25 7.30 -26.03 -6.84
C GLU B 25 6.65 -25.72 -8.21
N ASN B 26 5.47 -26.33 -8.47
CA ASN B 26 4.69 -26.06 -9.69
C ASN B 26 4.38 -24.57 -9.82
N VAL B 27 3.77 -23.99 -8.76
CA VAL B 27 3.30 -22.59 -8.73
C VAL B 27 4.47 -21.60 -9.01
N LYS B 28 5.57 -21.75 -8.24
CA LYS B 28 6.77 -20.91 -8.39
C LYS B 28 7.46 -21.13 -9.76
N ALA B 29 7.38 -22.36 -10.29
CA ALA B 29 7.95 -22.69 -11.61
C ALA B 29 7.09 -22.13 -12.75
N LYS B 30 5.77 -21.93 -12.50
CA LYS B 30 4.84 -21.33 -13.48
C LYS B 30 5.09 -19.82 -13.58
N ILE B 31 5.13 -19.14 -12.41
CA ILE B 31 5.39 -17.68 -12.38
C ILE B 31 6.85 -17.36 -12.83
N GLN B 32 7.78 -18.33 -12.63
CA GLN B 32 9.15 -18.27 -13.19
C GLN B 32 9.15 -18.48 -14.72
N ASP B 33 8.32 -19.45 -15.19
CA ASP B 33 8.19 -19.75 -16.64
C ASP B 33 7.69 -18.51 -17.39
N LYS B 34 6.61 -17.92 -16.84
CA LYS B 34 5.92 -16.78 -17.45
C LYS B 34 6.71 -15.47 -17.23
N GLU B 35 6.76 -14.99 -15.98
CA GLU B 35 7.27 -13.64 -15.63
C GLU B 35 8.74 -13.67 -15.20
N GLY B 36 9.30 -14.87 -14.97
CA GLY B 36 10.70 -15.00 -14.57
C GLY B 36 10.94 -14.65 -13.11
N ILE B 37 9.93 -14.91 -12.25
CA ILE B 37 10.00 -14.59 -10.81
C ILE B 37 10.90 -15.64 -10.09
N PRO B 38 12.12 -15.23 -9.58
CA PRO B 38 13.11 -16.15 -8.97
C PRO B 38 12.65 -16.65 -7.58
N PRO B 39 12.54 -18.02 -7.35
CA PRO B 39 12.18 -18.62 -6.02
C PRO B 39 13.11 -18.18 -4.89
N ASP B 40 14.35 -17.89 -5.29
CA ASP B 40 15.41 -17.35 -4.43
C ASP B 40 14.98 -16.02 -3.78
N GLN B 41 14.40 -15.14 -4.62
CA GLN B 41 14.05 -13.77 -4.24
C GLN B 41 12.52 -13.58 -4.13
N GLN B 42 11.83 -14.71 -3.96
CA GLN B 42 10.37 -14.79 -4.01
C GLN B 42 9.80 -14.86 -2.59
N ARG B 43 9.32 -13.73 -2.08
CA ARG B 43 8.61 -13.68 -0.80
C ARG B 43 7.12 -13.94 -1.05
N LEU B 44 6.71 -15.20 -0.93
CA LEU B 44 5.29 -15.56 -1.04
C LEU B 44 4.60 -15.20 0.27
N ASP B 45 3.35 -14.73 0.19
CA ASP B 45 2.53 -14.42 1.38
C ASP B 45 1.10 -14.85 1.08
N PHE B 46 0.60 -15.76 1.90
CA PHE B 46 -0.74 -16.34 1.77
C PHE B 46 -1.39 -16.33 3.15
N ALA B 47 -2.27 -15.33 3.38
CA ALA B 47 -2.87 -15.04 4.70
C ALA B 47 -1.76 -14.93 5.79
N GLY B 48 -0.57 -14.44 5.38
CA GLY B 48 0.58 -14.27 6.29
C GLY B 48 1.56 -15.45 6.32
N LYS B 49 1.32 -16.50 5.49
CA LYS B 49 2.18 -17.71 5.43
C LYS B 49 2.93 -17.76 4.09
N GLN B 50 4.26 -17.92 4.13
CA GLN B 50 5.07 -18.19 2.92
C GLN B 50 4.90 -19.68 2.55
N LEU B 51 4.73 -19.95 1.25
CA LEU B 51 4.58 -21.31 0.73
C LEU B 51 5.97 -21.84 0.35
N GLU B 52 6.52 -22.71 1.20
CA GLU B 52 7.79 -23.43 0.93
C GLU B 52 7.58 -24.37 -0.27
N ASP B 53 8.51 -24.32 -1.25
CA ASP B 53 8.38 -24.97 -2.57
C ASP B 53 8.25 -26.51 -2.49
N GLY B 54 8.84 -27.10 -1.43
CA GLY B 54 8.80 -28.55 -1.22
C GLY B 54 7.52 -29.04 -0.54
N ARG B 55 6.56 -28.11 -0.29
CA ARG B 55 5.23 -28.43 0.28
C ARG B 55 4.25 -28.64 -0.87
N THR B 56 3.01 -29.01 -0.54
CA THR B 56 1.91 -29.14 -1.53
C THR B 56 0.85 -28.06 -1.31
N LEU B 57 -0.07 -27.95 -2.28
CA LEU B 57 -1.26 -27.11 -2.18
C LEU B 57 -2.20 -27.68 -1.08
N SER B 58 -2.29 -29.02 -1.02
CA SER B 58 -3.10 -29.75 -0.01
C SER B 58 -2.55 -29.47 1.40
N ASP B 59 -1.21 -29.40 1.51
CA ASP B 59 -0.50 -29.12 2.78
C ASP B 59 -0.94 -27.76 3.39
N TYR B 60 -1.45 -26.85 2.53
CA TYR B 60 -1.91 -25.51 2.95
C TYR B 60 -3.44 -25.34 2.84
N ASN B 61 -4.15 -26.41 2.42
CA ASN B 61 -5.63 -26.40 2.30
C ASN B 61 -6.08 -25.20 1.42
N ILE B 62 -5.53 -25.16 0.20
CA ILE B 62 -5.78 -24.08 -0.77
C ILE B 62 -7.23 -24.16 -1.28
N GLN B 63 -8.01 -23.11 -1.02
CA GLN B 63 -9.40 -22.98 -1.52
C GLN B 63 -9.40 -22.34 -2.92
N LYS B 64 -10.41 -22.68 -3.74
CA LYS B 64 -10.66 -21.99 -5.01
C LYS B 64 -10.86 -20.51 -4.73
N GLU B 65 -10.39 -19.67 -5.66
CA GLU B 65 -10.41 -18.22 -5.60
C GLU B 65 -9.75 -17.65 -4.31
N SER B 66 -8.81 -18.43 -3.69
CA SER B 66 -7.94 -17.91 -2.61
C SER B 66 -7.05 -16.75 -3.13
N ALA B 67 -6.89 -15.69 -2.33
CA ALA B 67 -6.00 -14.56 -2.66
C ALA B 67 -4.57 -14.86 -2.14
N LEU B 68 -3.59 -14.81 -3.04
CA LEU B 68 -2.21 -15.23 -2.76
C LEU B 68 -1.25 -14.18 -3.32
N ILE B 69 -0.57 -13.39 -2.47
CA ILE B 69 0.21 -12.23 -2.94
C ILE B 69 1.71 -12.60 -3.06
N LEU B 70 2.34 -12.06 -4.12
CA LEU B 70 3.78 -12.19 -4.40
C LEU B 70 4.48 -10.85 -4.11
N LEU B 71 5.34 -10.87 -3.09
CA LEU B 71 6.26 -9.76 -2.77
C LEU B 71 7.70 -10.17 -3.16
N LEU B 72 8.58 -9.16 -3.32
CA LEU B 72 10.03 -9.39 -3.45
C LEU B 72 10.62 -9.75 -2.06
N THR B 73 11.76 -10.49 -2.09
CA THR B 73 12.45 -11.04 -0.90
C THR B 73 12.53 -10.03 0.29
N LEU B 74 11.83 -10.39 1.38
CA LEU B 74 11.62 -9.53 2.56
C LEU B 74 10.93 -10.39 3.64
N ARG B 75 10.80 -9.85 4.87
CA ARG B 75 10.06 -10.52 5.96
C ARG B 75 9.00 -9.54 6.51
N GLY C 1 -12.31 18.19 -7.67
CA GLY C 1 -11.80 17.69 -6.38
C GLY C 1 -12.13 18.64 -5.25
N SER C 2 -13.41 19.04 -5.16
CA SER C 2 -13.92 19.95 -4.13
C SER C 2 -14.67 19.15 -3.06
N GLU C 3 -14.00 18.94 -1.92
CA GLU C 3 -14.57 18.20 -0.77
C GLU C 3 -14.00 18.76 0.54
N SER C 4 -14.88 18.86 1.55
CA SER C 4 -14.57 19.40 2.90
C SER C 4 -15.83 19.33 3.77
N ASP C 5 -17.00 19.53 3.11
CA ASP C 5 -18.34 19.45 3.70
C ASP C 5 -18.55 20.54 4.78
N SER C 6 -18.15 20.24 6.03
CA SER C 6 -18.42 21.10 7.20
C SER C 6 -17.20 21.16 8.13
N GLY C 7 -17.37 21.87 9.25
CA GLY C 7 -16.38 21.97 10.32
C GLY C 7 -17.08 22.34 11.61
N MET C 8 -17.20 21.36 12.52
CA MET C 8 -18.08 21.48 13.71
C MET C 8 -17.37 22.16 14.90
N ALA C 9 -16.05 21.98 14.97
CA ALA C 9 -15.22 22.47 16.08
C ALA C 9 -13.76 22.57 15.60
N SER C 10 -13.32 23.80 15.29
CA SER C 10 -11.95 24.14 14.87
C SER C 10 -10.97 24.01 16.06
N GLN C 11 -10.74 22.75 16.42
CA GLN C 11 -9.95 22.28 17.57
C GLN C 11 -9.99 20.75 17.54
N ALA C 12 -11.23 20.24 17.37
CA ALA C 12 -11.55 18.80 17.41
C ALA C 12 -11.35 18.12 16.03
N ASP C 13 -11.94 18.76 14.98
CA ASP C 13 -12.06 18.19 13.63
C ASP C 13 -10.69 17.70 13.10
N GLN C 14 -9.76 18.68 12.95
CA GLN C 14 -8.40 18.49 12.40
C GLN C 14 -7.67 17.27 12.99
N LYS C 15 -7.59 17.15 14.35
CA LYS C 15 -6.83 16.06 15.02
C LYS C 15 -7.37 14.67 14.62
N GLU C 16 -8.69 14.51 14.88
CA GLU C 16 -9.48 13.34 14.44
C GLU C 16 -9.25 13.01 12.96
N GLU C 17 -9.22 14.07 12.13
CA GLU C 17 -9.03 13.94 10.69
C GLU C 17 -7.59 13.52 10.36
N GLU C 18 -6.59 13.91 11.22
CA GLU C 18 -5.19 13.46 11.07
C GLU C 18 -5.12 11.96 11.29
N LEU C 19 -5.82 11.49 12.35
CA LEU C 19 -5.93 10.07 12.69
C LEU C 19 -6.52 9.27 11.52
N LEU C 20 -7.63 9.82 10.99
CA LEU C 20 -8.36 9.25 9.84
C LEU C 20 -7.50 9.35 8.56
N LEU C 21 -6.63 10.37 8.49
CA LEU C 21 -5.70 10.60 7.37
C LEU C 21 -4.52 9.62 7.43
N PHE C 22 -4.11 9.26 8.66
CA PHE C 22 -3.12 8.21 8.90
C PHE C 22 -3.71 6.86 8.57
N TRP C 23 -5.04 6.73 8.78
CA TRP C 23 -5.78 5.55 8.36
C TRP C 23 -5.99 5.55 6.83
N THR C 24 -6.13 6.74 6.22
CA THR C 24 -6.23 6.85 4.74
C THR C 24 -4.89 6.44 4.13
N TYR C 25 -3.78 6.74 4.85
CA TYR C 25 -2.46 6.24 4.50
C TYR C 25 -2.44 4.71 4.57
N ILE C 26 -2.58 4.17 5.80
CA ILE C 26 -2.30 2.76 6.08
C ILE C 26 -3.29 1.82 5.35
N GLN C 27 -4.53 2.27 5.14
CA GLN C 27 -5.55 1.47 4.44
C GLN C 27 -5.30 1.47 2.92
N ALA C 28 -5.20 2.68 2.33
CA ALA C 28 -5.09 2.85 0.86
C ALA C 28 -3.74 2.38 0.33
N MET C 29 -2.76 2.28 1.22
CA MET C 29 -1.47 1.66 0.90
C MET C 29 -1.57 0.12 1.09
N LEU C 30 -2.02 -0.38 2.28
CA LEU C 30 -2.01 -1.84 2.61
C LEU C 30 -3.01 -2.65 1.75
N THR C 31 -3.98 -1.98 1.09
CA THR C 31 -4.92 -2.66 0.17
C THR C 31 -4.17 -3.22 -1.06
N ASN C 32 -2.94 -2.70 -1.27
CA ASN C 32 -1.98 -3.21 -2.26
C ASN C 32 -0.79 -3.91 -1.54
N LEU C 33 -0.30 -3.24 -0.49
CA LEU C 33 1.01 -3.52 0.14
C LEU C 33 0.89 -4.42 1.38
N GLU C 34 -0.15 -5.25 1.44
CA GLU C 34 -0.52 -6.03 2.65
C GLU C 34 0.55 -7.09 3.05
N SER C 35 1.64 -6.59 3.66
CA SER C 35 2.83 -7.39 4.09
C SER C 35 3.82 -6.49 4.87
N LEU C 36 3.36 -5.35 5.43
CA LEU C 36 4.27 -4.29 5.96
C LEU C 36 4.30 -4.31 7.48
N SER C 37 5.49 -4.56 8.03
CA SER C 37 5.73 -4.58 9.48
C SER C 37 5.52 -3.20 10.10
N LEU C 38 5.36 -3.20 11.44
CA LEU C 38 5.17 -2.00 12.28
C LEU C 38 6.32 -1.00 12.04
N ASP C 39 7.57 -1.52 11.99
CA ASP C 39 8.80 -0.70 11.87
C ASP C 39 8.75 0.25 10.64
N ARG C 40 8.31 -0.32 9.50
CA ARG C 40 8.26 0.38 8.20
C ARG C 40 7.28 1.55 8.26
N ILE C 41 6.00 1.19 8.56
CA ILE C 41 4.89 2.14 8.64
C ILE C 41 5.08 3.11 9.83
N TYR C 42 5.92 2.70 10.81
CA TYR C 42 6.34 3.57 11.93
C TYR C 42 7.17 4.72 11.38
N ASN C 43 8.28 4.41 10.68
CA ASN C 43 9.16 5.44 10.06
C ASN C 43 8.38 6.36 9.11
N MET C 44 7.43 5.75 8.37
CA MET C 44 6.54 6.49 7.45
C MET C 44 5.64 7.48 8.20
N LEU C 45 4.82 6.99 9.16
CA LEU C 45 3.90 7.84 9.96
C LEU C 45 4.65 8.89 10.79
N ARG C 46 5.88 8.54 11.21
CA ARG C 46 6.81 9.46 11.88
C ARG C 46 7.10 10.66 10.96
N MET C 47 7.54 10.37 9.71
CA MET C 47 7.73 11.41 8.67
C MET C 47 6.46 12.28 8.56
N PHE C 48 5.31 11.64 8.29
CA PHE C 48 4.00 12.32 8.06
C PHE C 48 3.55 13.21 9.26
N VAL C 49 3.89 12.79 10.50
CA VAL C 49 3.43 13.49 11.73
C VAL C 49 4.42 14.61 12.16
N VAL C 50 5.73 14.44 11.86
CA VAL C 50 6.77 15.43 12.24
C VAL C 50 6.84 16.57 11.22
N THR C 51 6.45 16.27 9.96
CA THR C 51 6.38 17.27 8.89
C THR C 51 5.31 18.32 9.18
N GLY C 52 4.32 17.92 10.00
CA GLY C 52 3.23 18.81 10.42
C GLY C 52 3.25 19.06 11.92
N PRO C 53 2.42 20.01 12.44
CA PRO C 53 2.18 20.16 13.91
C PRO C 53 1.09 19.18 14.42
N ALA C 54 0.63 18.30 13.50
CA ALA C 54 -0.41 17.28 13.71
C ALA C 54 -0.15 16.47 14.98
N LEU C 55 -1.06 16.66 15.97
CA LEU C 55 -1.12 15.86 17.22
C LEU C 55 0.11 16.10 18.13
N ALA C 56 0.95 17.10 17.75
CA ALA C 56 2.26 17.39 18.38
C ALA C 56 3.17 16.13 18.38
N GLU C 57 3.10 15.38 17.24
CA GLU C 57 3.83 14.10 17.00
C GLU C 57 3.22 12.93 17.79
N ILE C 58 2.85 11.84 17.08
CA ILE C 58 2.40 10.58 17.70
C ILE C 58 3.59 9.82 18.32
N ASP C 59 3.27 8.97 19.28
CA ASP C 59 4.22 8.14 20.02
C ASP C 59 4.03 6.67 19.61
N LEU C 60 4.94 5.81 20.10
CA LEU C 60 4.88 4.34 19.95
C LEU C 60 3.54 3.78 20.42
N GLN C 61 3.11 4.16 21.65
CA GLN C 61 1.85 3.65 22.23
C GLN C 61 0.62 4.17 21.47
N GLU C 62 0.74 5.37 20.88
CA GLU C 62 -0.32 5.99 20.06
C GLU C 62 -0.53 5.18 18.76
N LEU C 63 0.58 4.96 18.05
CA LEU C 63 0.59 4.23 16.77
C LEU C 63 0.25 2.75 16.97
N GLN C 64 0.98 2.08 17.87
CA GLN C 64 0.77 0.68 18.22
C GLN C 64 -0.66 0.46 18.75
N GLY C 65 -1.13 1.40 19.58
CA GLY C 65 -2.53 1.43 20.06
C GLY C 65 -3.55 1.58 18.93
N TYR C 66 -3.22 2.42 17.93
CA TYR C 66 -4.08 2.66 16.74
C TYR C 66 -4.24 1.36 15.92
N LEU C 67 -3.09 0.68 15.73
CA LEU C 67 -2.98 -0.57 14.98
C LEU C 67 -3.65 -1.73 15.71
N GLN C 68 -3.43 -1.77 17.04
CA GLN C 68 -4.01 -2.78 17.93
C GLN C 68 -5.53 -2.71 17.86
N LYS C 69 -6.04 -1.47 17.96
CA LYS C 69 -7.47 -1.17 17.84
C LYS C 69 -8.00 -1.66 16.49
N LYS C 70 -7.30 -1.28 15.41
CA LYS C 70 -7.64 -1.62 14.03
C LYS C 70 -7.72 -3.14 13.78
N VAL C 71 -6.77 -3.89 14.35
CA VAL C 71 -6.71 -5.35 14.25
C VAL C 71 -7.85 -6.01 15.07
N ARG C 72 -8.11 -5.44 16.26
CA ARG C 72 -9.23 -5.88 17.13
C ARG C 72 -10.58 -5.29 16.64
N ASP C 73 -10.51 -4.34 15.68
CA ASP C 73 -11.70 -3.77 14.99
C ASP C 73 -12.04 -4.67 13.77
N GLN C 74 -11.19 -5.70 13.54
CA GLN C 74 -11.35 -6.75 12.50
C GLN C 74 -11.17 -6.21 11.06
N GLN C 75 -10.65 -4.98 10.92
CA GLN C 75 -10.44 -4.32 9.61
C GLN C 75 -8.95 -4.20 9.29
N LEU C 76 -8.11 -4.84 10.11
CA LEU C 76 -6.67 -5.01 9.86
C LEU C 76 -6.29 -6.39 10.43
N VAL C 77 -5.39 -7.10 9.76
CA VAL C 77 -4.86 -8.39 10.22
C VAL C 77 -3.37 -8.24 10.58
N TYR C 78 -3.03 -8.63 11.80
CA TYR C 78 -1.65 -8.70 12.28
C TYR C 78 -1.16 -10.15 12.06
N SER C 79 -0.27 -10.33 11.07
CA SER C 79 0.37 -11.61 10.77
C SER C 79 1.52 -11.82 11.78
N ALA C 80 2.57 -12.60 11.41
CA ALA C 80 3.76 -12.76 12.25
C ALA C 80 4.56 -11.43 12.33
N GLY C 81 4.04 -10.50 13.17
CA GLY C 81 4.69 -9.23 13.44
C GLY C 81 4.62 -8.23 12.28
N VAL C 82 3.77 -8.50 11.27
CA VAL C 82 3.55 -7.57 10.16
C VAL C 82 2.07 -7.25 10.03
N TYR C 83 1.78 -6.02 9.59
CA TYR C 83 0.41 -5.56 9.34
C TYR C 83 0.05 -5.74 7.87
N ARG C 84 -1.15 -6.29 7.65
CA ARG C 84 -1.65 -6.62 6.32
C ARG C 84 -3.19 -6.60 6.37
N LEU C 85 -3.84 -6.13 5.29
CA LEU C 85 -5.32 -6.04 5.26
C LEU C 85 -5.97 -7.37 4.79
N PRO C 86 -7.14 -7.75 5.40
CA PRO C 86 -7.94 -8.90 4.95
C PRO C 86 -8.79 -8.56 3.70
N LYS C 87 -8.53 -9.27 2.59
CA LYS C 87 -9.37 -9.19 1.37
C LYS C 87 -10.70 -9.93 1.57
N ASN C 88 -10.74 -10.79 2.60
CA ASN C 88 -11.94 -11.56 2.97
C ASN C 88 -13.02 -10.63 3.57
N CYS C 89 -13.80 -10.01 2.68
CA CYS C 89 -14.93 -9.14 3.06
C CYS C 89 -16.19 -9.99 3.29
N SER C 90 -16.47 -10.91 2.35
CA SER C 90 -17.65 -11.79 2.38
C SER C 90 -17.20 -13.27 2.18
N GLY A 1 -2.22 -29.50 -16.98
CA GLY A 1 -2.83 -29.65 -15.63
C GLY A 1 -3.90 -28.61 -15.38
N MET A 2 -3.57 -27.57 -14.60
CA MET A 2 -4.50 -26.47 -14.26
C MET A 2 -3.73 -25.17 -14.05
N GLN A 3 -4.37 -24.04 -14.38
CA GLN A 3 -3.72 -22.73 -14.37
C GLN A 3 -4.04 -22.02 -13.06
N ILE A 4 -3.14 -21.17 -12.57
CA ILE A 4 -3.32 -20.48 -11.28
C ILE A 4 -2.90 -19.02 -11.38
N PHE A 5 -3.51 -18.20 -10.52
CA PHE A 5 -3.26 -16.78 -10.43
C PHE A 5 -2.46 -16.52 -9.15
N VAL A 6 -1.19 -16.18 -9.30
CA VAL A 6 -0.32 -15.81 -8.19
C VAL A 6 -0.28 -14.28 -8.10
N ASP A 7 -1.08 -13.71 -7.19
CA ASP A 7 -1.28 -12.25 -7.11
C ASP A 7 -0.25 -11.66 -6.16
N THR A 8 0.71 -10.92 -6.73
CA THR A 8 1.74 -10.21 -5.96
C THR A 8 1.23 -8.79 -5.65
N VAL A 9 1.57 -8.32 -4.43
CA VAL A 9 1.22 -6.98 -3.98
C VAL A 9 2.36 -6.01 -4.35
N GLN A 10 2.01 -5.01 -5.15
CA GLN A 10 2.94 -3.99 -5.64
C GLN A 10 2.73 -2.71 -4.83
N TRP A 11 3.42 -2.66 -3.68
CA TRP A 11 3.57 -1.47 -2.84
C TRP A 11 4.95 -0.93 -3.15
N LYS A 12 5.02 0.14 -3.96
CA LYS A 12 6.31 0.59 -4.50
C LYS A 12 6.33 2.09 -4.81
N THR A 13 7.40 2.74 -4.34
CA THR A 13 7.69 4.15 -4.56
C THR A 13 8.57 4.30 -5.81
N ILE A 14 7.97 4.79 -6.90
CA ILE A 14 8.61 4.97 -8.24
C ILE A 14 9.16 6.42 -8.35
N THR A 15 9.94 6.71 -9.40
CA THR A 15 10.52 8.06 -9.62
C THR A 15 10.16 8.56 -11.04
N LEU A 16 9.72 9.83 -11.12
CA LEU A 16 9.37 10.52 -12.38
C LEU A 16 9.94 11.94 -12.32
N GLU A 17 9.92 12.65 -13.46
CA GLU A 17 10.30 14.07 -13.55
C GLU A 17 9.13 14.91 -14.07
N VAL A 18 9.05 16.15 -13.54
CA VAL A 18 7.98 17.11 -13.85
C VAL A 18 8.47 18.57 -13.65
N GLU A 19 7.68 19.56 -14.15
CA GLU A 19 8.01 21.01 -14.04
C GLU A 19 7.23 21.66 -12.89
N PRO A 20 7.81 22.69 -12.21
CA PRO A 20 7.16 23.38 -11.06
C PRO A 20 5.91 24.17 -11.49
N SER A 21 5.95 24.71 -12.72
CA SER A 21 4.89 25.55 -13.29
C SER A 21 3.86 24.72 -14.07
N ASP A 22 4.10 23.39 -14.17
CA ASP A 22 3.22 22.47 -14.92
C ASP A 22 1.95 22.14 -14.08
N THR A 23 0.96 21.48 -14.69
CA THR A 23 -0.29 21.10 -14.02
C THR A 23 -0.20 19.71 -13.35
N ILE A 24 -1.16 19.46 -12.45
CA ILE A 24 -1.31 18.18 -11.75
C ILE A 24 -1.99 17.15 -12.67
N GLU A 25 -2.90 17.62 -13.56
CA GLU A 25 -3.58 16.76 -14.57
C GLU A 25 -2.57 16.13 -15.53
N ASN A 26 -1.46 16.87 -15.76
CA ASN A 26 -0.29 16.38 -16.47
C ASN A 26 0.25 15.11 -15.78
N VAL A 27 0.62 15.25 -14.49
CA VAL A 27 1.21 14.17 -13.66
C VAL A 27 0.26 12.97 -13.57
N LYS A 28 -1.03 13.29 -13.42
CA LYS A 28 -2.14 12.34 -13.36
C LYS A 28 -2.17 11.46 -14.62
N ALA A 29 -2.10 12.13 -15.79
CA ALA A 29 -2.15 11.44 -17.08
C ALA A 29 -0.85 10.64 -17.32
N LYS A 30 0.29 11.16 -16.83
CA LYS A 30 1.61 10.50 -16.97
C LYS A 30 1.66 9.17 -16.18
N ILE A 31 1.15 9.18 -14.94
CA ILE A 31 1.10 7.95 -14.11
C ILE A 31 -0.01 7.00 -14.63
N GLN A 32 -1.08 7.58 -15.20
CA GLN A 32 -2.17 6.79 -15.86
C GLN A 32 -1.66 6.17 -17.19
N ASP A 33 -0.67 6.83 -17.80
CA ASP A 33 -0.06 6.39 -19.08
C ASP A 33 0.94 5.25 -18.84
N LYS A 34 1.85 5.48 -17.88
CA LYS A 34 3.01 4.59 -17.65
C LYS A 34 2.68 3.49 -16.62
N GLU A 35 2.05 3.87 -15.49
CA GLU A 35 1.72 2.91 -14.39
C GLU A 35 0.27 2.40 -14.51
N GLY A 36 -0.58 3.17 -15.21
CA GLY A 36 -2.01 2.82 -15.36
C GLY A 36 -2.87 3.18 -14.16
N ILE A 37 -2.40 4.15 -13.36
CA ILE A 37 -3.06 4.57 -12.12
C ILE A 37 -4.35 5.39 -12.42
N PRO A 38 -5.57 4.87 -12.06
CA PRO A 38 -6.87 5.55 -12.31
C PRO A 38 -7.18 6.60 -11.20
N PRO A 39 -7.09 7.92 -11.49
CA PRO A 39 -7.21 9.02 -10.47
C PRO A 39 -8.59 9.05 -9.77
N ASP A 40 -9.60 8.63 -10.53
CA ASP A 40 -11.01 8.58 -10.10
C ASP A 40 -11.19 7.70 -8.85
N GLN A 41 -10.45 6.58 -8.82
CA GLN A 41 -10.52 5.60 -7.72
C GLN A 41 -9.24 5.63 -6.87
N GLN A 42 -8.31 6.55 -7.20
CA GLN A 42 -7.02 6.69 -6.49
C GLN A 42 -6.88 8.14 -6.02
N ARG A 43 -7.19 8.38 -4.73
CA ARG A 43 -7.05 9.72 -4.12
C ARG A 43 -5.56 9.97 -3.78
N LEU A 44 -4.93 10.86 -4.58
CA LEU A 44 -3.52 11.24 -4.42
C LEU A 44 -3.38 12.24 -3.25
N ILE A 45 -2.28 12.13 -2.49
CA ILE A 45 -1.94 13.07 -1.39
C ILE A 45 -0.41 13.34 -1.41
N PHE A 46 -0.06 14.64 -1.41
CA PHE A 46 1.33 15.11 -1.45
C PHE A 46 1.65 15.83 -0.13
N ALA A 47 2.46 15.18 0.73
CA ALA A 47 3.03 15.81 1.95
C ALA A 47 1.93 16.31 2.92
N GLY A 48 0.75 15.66 2.88
CA GLY A 48 -0.41 16.06 3.70
C GLY A 48 -1.40 17.00 2.99
N LYS A 49 -1.26 17.17 1.67
CA LYS A 49 -2.16 18.01 0.87
C LYS A 49 -2.59 17.24 -0.39
N GLN A 50 -3.89 16.92 -0.46
CA GLN A 50 -4.47 16.09 -1.55
C GLN A 50 -4.41 16.82 -2.90
N LEU A 51 -4.05 16.08 -3.97
CA LEU A 51 -3.88 16.64 -5.33
C LEU A 51 -5.23 16.97 -5.98
N GLU A 52 -5.19 17.97 -6.87
CA GLU A 52 -6.32 18.38 -7.72
C GLU A 52 -5.77 18.79 -9.09
N ASP A 53 -6.34 18.18 -10.14
CA ASP A 53 -5.86 18.24 -11.54
C ASP A 53 -5.59 19.67 -12.04
N GLY A 54 -6.50 20.58 -11.69
CA GLY A 54 -6.47 21.96 -12.20
C GLY A 54 -5.50 22.87 -11.48
N ARG A 55 -4.66 22.31 -10.59
CA ARG A 55 -3.61 23.07 -9.87
C ARG A 55 -2.25 22.85 -10.54
N THR A 56 -1.23 23.54 -10.00
CA THR A 56 0.18 23.43 -10.44
C THR A 56 0.98 22.64 -9.41
N LEU A 57 2.20 22.21 -9.78
CA LEU A 57 3.08 21.42 -8.91
C LEU A 57 3.51 22.26 -7.68
N SER A 58 4.10 23.43 -7.92
CA SER A 58 4.60 24.32 -6.85
C SER A 58 3.48 24.86 -5.93
N ASP A 59 2.21 24.73 -6.36
CA ASP A 59 1.02 25.03 -5.51
C ASP A 59 1.08 24.19 -4.22
N TYR A 60 1.52 22.92 -4.36
CA TYR A 60 1.64 21.97 -3.24
C TYR A 60 3.06 21.98 -2.65
N ASN A 61 3.93 22.89 -3.17
CA ASN A 61 5.35 23.03 -2.76
C ASN A 61 6.12 21.74 -3.12
N ILE A 62 5.79 21.22 -4.32
CA ILE A 62 6.41 20.01 -4.88
C ILE A 62 7.83 20.35 -5.37
N GLN A 63 8.79 20.09 -4.47
CA GLN A 63 10.23 20.24 -4.73
C GLN A 63 10.80 18.93 -5.29
N LYS A 64 12.14 18.87 -5.42
CA LYS A 64 12.84 17.65 -5.81
C LYS A 64 12.79 16.63 -4.66
N GLU A 65 12.85 15.33 -5.03
CA GLU A 65 12.73 14.14 -4.15
C GLU A 65 11.48 14.18 -3.22
N SER A 66 10.46 14.96 -3.62
CA SER A 66 9.21 15.08 -2.86
C SER A 66 8.32 13.83 -3.11
N ALA A 67 7.82 13.21 -2.03
CA ALA A 67 7.11 11.91 -2.10
C ALA A 67 5.59 12.11 -2.12
N LEU A 68 5.00 11.70 -3.24
CA LEU A 68 3.54 11.61 -3.46
C LEU A 68 3.11 10.21 -3.04
N ILE A 69 2.13 10.08 -2.13
CA ILE A 69 1.50 8.77 -1.84
C ILE A 69 0.11 8.74 -2.48
N LEU A 70 -0.19 7.65 -3.17
CA LEU A 70 -1.47 7.45 -3.82
C LEU A 70 -2.28 6.41 -3.04
N LEU A 71 -3.39 6.88 -2.44
CA LEU A 71 -4.28 6.05 -1.62
C LEU A 71 -5.42 5.60 -2.54
N LEU A 72 -5.65 4.27 -2.64
CA LEU A 72 -6.75 3.72 -3.48
C LEU A 72 -8.12 3.94 -2.82
N THR A 73 -9.17 3.56 -3.58
CA THR A 73 -10.57 3.54 -3.14
C THR A 73 -10.73 3.10 -1.67
N LEU A 74 -10.81 4.09 -0.79
CA LEU A 74 -11.30 3.92 0.58
C LEU A 74 -12.82 4.02 0.55
N ARG A 75 -13.31 5.01 -0.22
CA ARG A 75 -14.73 5.26 -0.45
C ARG A 75 -15.00 5.16 -1.98
N GLY B 1 12.58 20.79 -14.26
CA GLY B 1 12.16 21.27 -12.93
C GLY B 1 12.73 20.44 -11.80
N MET B 2 12.07 19.30 -11.51
CA MET B 2 12.46 18.41 -10.39
C MET B 2 12.04 16.97 -10.69
N GLN B 3 12.55 16.04 -9.86
CA GLN B 3 12.20 14.62 -9.94
C GLN B 3 11.57 14.21 -8.62
N ILE B 4 10.37 13.63 -8.70
CA ILE B 4 9.57 13.29 -7.51
C ILE B 4 9.30 11.79 -7.47
N PHE B 5 8.67 11.35 -6.38
CA PHE B 5 8.37 9.93 -6.16
C PHE B 5 6.85 9.72 -6.14
N VAL B 6 6.38 8.58 -6.68
CA VAL B 6 4.95 8.18 -6.61
C VAL B 6 4.83 6.77 -6.00
N ASP B 7 4.35 6.74 -4.76
CA ASP B 7 4.19 5.54 -3.96
C ASP B 7 2.80 4.94 -4.22
N THR B 8 2.77 3.92 -5.07
CA THR B 8 1.52 3.31 -5.55
C THR B 8 1.25 1.97 -4.85
N VAL B 9 -0.04 1.76 -4.50
CA VAL B 9 -0.58 0.48 -4.02
C VAL B 9 -1.49 -0.10 -5.13
N GLN B 10 -0.99 -1.16 -5.76
CA GLN B 10 -1.73 -1.92 -6.78
C GLN B 10 -1.41 -3.43 -6.63
N TRP B 11 -2.24 -4.30 -7.21
CA TRP B 11 -1.95 -5.74 -7.34
C TRP B 11 -1.30 -6.04 -8.69
N LYS B 12 -0.86 -7.30 -8.86
CA LYS B 12 -0.45 -7.83 -10.17
C LYS B 12 -0.64 -9.36 -10.18
N THR B 13 -1.57 -9.83 -11.02
CA THR B 13 -1.89 -11.25 -11.15
C THR B 13 -0.88 -11.95 -12.09
N ILE B 14 -0.21 -13.00 -11.58
CA ILE B 14 0.76 -13.78 -12.37
C ILE B 14 0.09 -15.09 -12.81
N THR B 15 -0.21 -15.20 -14.10
CA THR B 15 -0.87 -16.36 -14.65
C THR B 15 0.17 -17.42 -15.04
N LEU B 16 0.17 -18.56 -14.35
CA LEU B 16 1.06 -19.70 -14.70
C LEU B 16 0.33 -21.04 -14.54
N GLU B 17 0.48 -21.95 -15.51
CA GLU B 17 -0.05 -23.31 -15.41
C GLU B 17 0.90 -24.14 -14.55
N VAL B 18 0.31 -25.01 -13.73
CA VAL B 18 1.02 -25.93 -12.87
C VAL B 18 0.36 -27.33 -12.99
N GLU B 19 1.04 -28.37 -12.47
CA GLU B 19 0.51 -29.75 -12.47
C GLU B 19 0.15 -30.14 -11.04
N PRO B 20 -0.84 -31.07 -10.86
CA PRO B 20 -1.17 -31.61 -9.53
C PRO B 20 0.01 -32.37 -8.91
N SER B 21 0.80 -33.05 -9.78
CA SER B 21 1.95 -33.87 -9.40
C SER B 21 3.24 -33.03 -9.18
N ASP B 22 3.14 -31.71 -9.40
CA ASP B 22 4.24 -30.77 -9.11
C ASP B 22 4.24 -30.41 -7.62
N THR B 23 5.35 -29.83 -7.17
CA THR B 23 5.48 -29.25 -5.83
C THR B 23 5.30 -27.73 -5.90
N ILE B 24 5.11 -27.12 -4.72
CA ILE B 24 4.94 -25.66 -4.56
C ILE B 24 6.24 -24.93 -4.97
N GLU B 25 7.38 -25.65 -4.86
CA GLU B 25 8.70 -25.13 -5.29
C GLU B 25 8.71 -24.84 -6.81
N ASN B 26 7.84 -25.55 -7.56
CA ASN B 26 7.65 -25.34 -9.01
C ASN B 26 6.97 -23.98 -9.25
N VAL B 27 5.85 -23.73 -8.55
CA VAL B 27 5.09 -22.45 -8.63
C VAL B 27 6.03 -21.28 -8.27
N LYS B 28 6.77 -21.50 -7.18
CA LYS B 28 7.82 -20.62 -6.67
C LYS B 28 8.85 -20.29 -7.77
N ALA B 29 9.42 -21.34 -8.38
CA ALA B 29 10.50 -21.20 -9.36
C ALA B 29 9.99 -20.58 -10.67
N LYS B 30 8.69 -20.78 -10.99
CA LYS B 30 8.07 -20.24 -12.22
C LYS B 30 7.81 -18.73 -12.07
N ILE B 31 7.24 -18.30 -10.93
CA ILE B 31 6.98 -16.86 -10.67
C ILE B 31 8.31 -16.09 -10.49
N GLN B 32 9.32 -16.80 -9.96
CA GLN B 32 10.69 -16.28 -9.82
C GLN B 32 11.42 -16.20 -11.19
N ASP B 33 11.15 -17.18 -12.06
CA ASP B 33 11.73 -17.25 -13.42
C ASP B 33 11.16 -16.13 -14.31
N LYS B 34 9.83 -16.04 -14.29
CA LYS B 34 9.07 -15.11 -15.13
C LYS B 34 9.17 -13.67 -14.61
N GLU B 35 8.70 -13.47 -13.36
CA GLU B 35 8.45 -12.12 -12.82
C GLU B 35 9.54 -11.67 -11.86
N GLY B 36 10.44 -12.60 -11.49
CA GLY B 36 11.51 -12.32 -10.54
C GLY B 36 11.03 -12.27 -9.10
N ILE B 37 9.81 -12.81 -8.83
CA ILE B 37 9.22 -12.85 -7.48
C ILE B 37 10.12 -13.68 -6.53
N PRO B 38 10.71 -13.03 -5.48
CA PRO B 38 11.57 -13.73 -4.52
C PRO B 38 10.69 -14.47 -3.46
N PRO B 39 10.71 -15.83 -3.43
CA PRO B 39 9.80 -16.62 -2.54
C PRO B 39 10.04 -16.40 -1.04
N ASP B 40 11.32 -16.29 -0.69
CA ASP B 40 11.76 -16.08 0.71
C ASP B 40 11.35 -14.69 1.21
N GLN B 41 11.36 -13.71 0.28
CA GLN B 41 11.06 -12.30 0.57
C GLN B 41 9.53 -12.01 0.40
N GLN B 42 8.84 -12.84 -0.41
CA GLN B 42 7.39 -12.72 -0.68
C GLN B 42 6.74 -14.11 -0.55
N ARG B 43 6.05 -14.32 0.58
CA ARG B 43 5.46 -15.62 0.93
C ARG B 43 4.08 -15.81 0.26
N LEU B 44 3.90 -16.98 -0.38
CA LEU B 44 2.64 -17.36 -1.04
C LEU B 44 1.63 -17.89 0.00
N ASP B 45 0.39 -17.41 -0.11
CA ASP B 45 -0.74 -17.84 0.74
C ASP B 45 -1.95 -18.17 -0.15
N PHE B 46 -2.73 -19.16 0.25
CA PHE B 46 -3.88 -19.67 -0.50
C PHE B 46 -5.10 -19.76 0.42
N ALA B 47 -6.03 -18.78 0.28
CA ALA B 47 -7.32 -18.76 1.00
C ALA B 47 -7.15 -18.72 2.55
N GLY B 48 -6.02 -18.14 3.00
CA GLY B 48 -5.68 -18.06 4.43
C GLY B 48 -4.77 -19.18 4.90
N LYS B 49 -4.52 -20.17 4.03
CA LYS B 49 -3.63 -21.31 4.30
C LYS B 49 -2.34 -21.14 3.49
N GLN B 50 -1.21 -20.98 4.21
CA GLN B 50 0.12 -20.82 3.59
C GLN B 50 0.55 -22.12 2.90
N LEU B 51 1.33 -21.98 1.83
CA LEU B 51 1.85 -23.11 1.07
C LEU B 51 3.23 -23.50 1.62
N GLU B 52 3.35 -24.76 2.05
CA GLU B 52 4.63 -25.35 2.42
C GLU B 52 5.45 -25.54 1.12
N ASP B 53 6.67 -25.01 1.12
CA ASP B 53 7.51 -24.83 -0.09
C ASP B 53 7.77 -26.13 -0.87
N GLY B 54 7.97 -27.24 -0.15
CA GLY B 54 8.27 -28.54 -0.75
C GLY B 54 7.08 -29.49 -0.72
N ARG B 55 5.84 -28.95 -0.61
CA ARG B 55 4.60 -29.75 -0.58
C ARG B 55 3.99 -29.78 -1.98
N THR B 56 2.99 -30.64 -2.23
CA THR B 56 2.49 -30.92 -3.60
C THR B 56 1.15 -30.17 -3.86
N LEU B 57 0.85 -29.86 -5.15
CA LEU B 57 -0.39 -29.15 -5.56
C LEU B 57 -1.65 -30.00 -5.26
N SER B 58 -1.55 -31.33 -5.52
CA SER B 58 -2.64 -32.29 -5.22
C SER B 58 -3.04 -32.28 -3.74
N ASP B 59 -2.03 -32.08 -2.87
CA ASP B 59 -2.22 -32.02 -1.42
C ASP B 59 -3.24 -30.93 -1.03
N TYR B 60 -3.26 -29.83 -1.82
CA TYR B 60 -4.15 -28.68 -1.54
C TYR B 60 -5.43 -28.76 -2.39
N ASN B 61 -5.46 -29.71 -3.37
CA ASN B 61 -6.58 -29.85 -4.34
C ASN B 61 -6.72 -28.54 -5.17
N ILE B 62 -5.59 -28.14 -5.76
CA ILE B 62 -5.46 -26.93 -6.59
C ILE B 62 -6.19 -27.12 -7.93
N GLN B 63 -7.02 -26.15 -8.32
CA GLN B 63 -7.79 -26.17 -9.57
C GLN B 63 -7.40 -25.01 -10.49
N LYS B 64 -7.88 -25.06 -11.74
CA LYS B 64 -7.74 -23.95 -12.69
C LYS B 64 -8.36 -22.70 -12.07
N GLU B 65 -7.73 -21.55 -12.33
CA GLU B 65 -8.06 -20.23 -11.78
C GLU B 65 -8.14 -20.20 -10.23
N SER B 66 -7.36 -21.09 -9.55
CA SER B 66 -7.05 -20.90 -8.11
C SER B 66 -6.21 -19.61 -7.91
N ALA B 67 -6.83 -18.60 -7.26
CA ALA B 67 -6.20 -17.30 -6.97
C ALA B 67 -5.42 -17.36 -5.64
N LEU B 68 -4.27 -16.67 -5.61
CA LEU B 68 -3.31 -16.74 -4.51
C LEU B 68 -2.88 -15.34 -4.10
N ILE B 69 -2.69 -15.12 -2.80
CA ILE B 69 -2.25 -13.83 -2.25
C ILE B 69 -0.81 -13.94 -1.72
N LEU B 70 0.06 -13.10 -2.27
CA LEU B 70 1.44 -12.93 -1.75
C LEU B 70 1.48 -11.85 -0.66
N LEU B 71 1.91 -12.29 0.53
CA LEU B 71 2.24 -11.39 1.66
C LEU B 71 3.77 -11.29 1.74
N LEU B 72 4.26 -10.29 2.50
CA LEU B 72 5.71 -10.07 2.70
C LEU B 72 6.34 -11.26 3.48
N THR B 73 7.70 -11.35 3.43
CA THR B 73 8.53 -12.35 4.15
C THR B 73 8.03 -12.60 5.58
N LEU B 74 8.03 -13.90 5.98
CA LEU B 74 7.40 -14.39 7.22
C LEU B 74 5.87 -14.11 7.15
N ARG B 75 5.11 -15.10 6.67
CA ARG B 75 3.66 -14.98 6.47
C ARG B 75 2.94 -15.27 7.82
N GLY C 1 -15.58 4.30 6.23
CA GLY C 1 -16.41 5.15 7.13
C GLY C 1 -15.70 6.45 7.50
N SER C 2 -15.77 7.43 6.60
CA SER C 2 -15.24 8.79 6.83
C SER C 2 -16.24 9.56 7.72
N GLU C 3 -16.10 9.38 9.05
CA GLU C 3 -17.01 9.95 10.06
C GLU C 3 -16.29 10.01 11.42
N SER C 4 -15.53 11.10 11.65
CA SER C 4 -14.70 11.25 12.86
C SER C 4 -14.14 12.69 13.01
N ASP C 5 -14.94 13.73 12.66
CA ASP C 5 -14.50 15.15 12.77
C ASP C 5 -14.13 15.49 14.24
N SER C 6 -13.12 16.37 14.41
CA SER C 6 -12.50 16.67 15.72
C SER C 6 -13.53 17.15 16.76
N GLY C 7 -14.42 18.05 16.32
CA GLY C 7 -15.44 18.63 17.19
C GLY C 7 -14.93 19.87 17.90
N MET C 8 -14.15 19.67 18.98
CA MET C 8 -13.57 20.76 19.77
C MET C 8 -12.48 21.48 18.98
N ALA C 9 -12.89 22.57 18.32
CA ALA C 9 -12.02 23.33 17.42
C ALA C 9 -11.27 24.44 18.17
N SER C 10 -10.43 24.01 19.12
CA SER C 10 -9.64 24.92 19.98
C SER C 10 -8.25 24.31 20.26
N GLN C 11 -7.32 24.49 19.28
CA GLN C 11 -5.88 24.10 19.35
C GLN C 11 -5.66 22.59 19.12
N ALA C 12 -6.44 21.79 19.86
CA ALA C 12 -6.43 20.32 19.78
C ALA C 12 -6.97 19.83 18.42
N ASP C 13 -7.81 20.68 17.78
CA ASP C 13 -8.49 20.40 16.50
C ASP C 13 -7.51 19.99 15.40
N GLN C 14 -6.56 20.89 15.10
CA GLN C 14 -5.58 20.70 14.01
C GLN C 14 -4.68 19.48 14.26
N LYS C 15 -4.30 19.25 15.54
CA LYS C 15 -3.41 18.14 15.95
C LYS C 15 -4.13 16.79 15.80
N GLU C 16 -5.40 16.80 16.23
CA GLU C 16 -6.36 15.70 15.99
C GLU C 16 -6.47 15.40 14.49
N GLU C 17 -6.62 16.46 13.66
CA GLU C 17 -6.83 16.30 12.21
C GLU C 17 -5.54 15.77 11.55
N GLU C 18 -4.37 16.14 12.14
CA GLU C 18 -3.07 15.59 11.73
C GLU C 18 -3.09 14.09 11.96
N LEU C 19 -3.30 13.71 13.25
CA LEU C 19 -3.40 12.30 13.70
C LEU C 19 -4.40 11.50 12.85
N LEU C 20 -5.50 12.16 12.48
CA LEU C 20 -6.58 11.56 11.70
C LEU C 20 -6.14 11.39 10.23
N LEU C 21 -5.31 12.34 9.74
CA LEU C 21 -4.74 12.26 8.37
C LEU C 21 -3.77 11.06 8.31
N PHE C 22 -2.93 10.92 9.37
CA PHE C 22 -2.01 9.77 9.53
C PHE C 22 -2.79 8.45 9.52
N TRP C 23 -3.91 8.47 10.27
CA TRP C 23 -4.87 7.38 10.30
C TRP C 23 -5.43 7.11 8.88
N THR C 24 -5.81 8.19 8.15
CA THR C 24 -6.35 8.10 6.78
C THR C 24 -5.34 7.44 5.83
N TYR C 25 -4.03 7.70 6.05
CA TYR C 25 -2.97 7.02 5.31
C TYR C 25 -2.99 5.51 5.62
N ILE C 26 -2.94 5.17 6.92
CA ILE C 26 -2.81 3.77 7.40
C ILE C 26 -4.01 2.90 6.98
N GLN C 27 -5.24 3.38 7.19
CA GLN C 27 -6.44 2.57 6.92
C GLN C 27 -6.82 2.58 5.43
N ALA C 28 -6.59 3.70 4.70
CA ALA C 28 -6.90 3.76 3.25
C ALA C 28 -5.89 2.95 2.41
N MET C 29 -4.65 2.79 2.94
CA MET C 29 -3.72 1.81 2.36
C MET C 29 -4.20 0.38 2.75
N LEU C 30 -4.38 0.13 4.07
CA LEU C 30 -4.80 -1.18 4.65
C LEU C 30 -6.21 -1.64 4.19
N THR C 31 -6.98 -0.74 3.53
CA THR C 31 -8.24 -1.10 2.84
C THR C 31 -8.02 -2.29 1.86
N ASN C 32 -6.77 -2.41 1.35
CA ASN C 32 -6.38 -3.40 0.33
C ASN C 32 -4.94 -3.94 0.58
N LEU C 33 -4.13 -3.17 1.33
CA LEU C 33 -2.67 -3.41 1.55
C LEU C 33 -2.47 -4.18 2.88
N GLU C 34 -3.35 -5.16 3.13
CA GLU C 34 -3.44 -5.89 4.42
C GLU C 34 -2.23 -6.85 4.63
N SER C 35 -1.11 -6.24 5.10
CA SER C 35 0.15 -6.94 5.47
C SER C 35 1.28 -5.90 5.68
N LEU C 36 1.20 -5.15 6.78
CA LEU C 36 2.12 -4.03 7.07
C LEU C 36 2.75 -4.18 8.45
N SER C 37 4.07 -4.40 8.46
CA SER C 37 4.87 -4.44 9.67
C SER C 37 4.93 -3.04 10.29
N LEU C 38 5.12 -3.01 11.61
CA LEU C 38 5.34 -1.77 12.40
C LEU C 38 6.47 -0.93 11.76
N ASP C 39 7.56 -1.60 11.34
CA ASP C 39 8.72 -0.97 10.66
C ASP C 39 8.27 -0.11 9.47
N ARG C 40 7.55 -0.79 8.56
CA ARG C 40 7.12 -0.23 7.28
C ARG C 40 6.27 1.04 7.47
N ILE C 41 5.19 0.90 8.27
CA ILE C 41 4.28 2.01 8.53
C ILE C 41 4.96 3.10 9.38
N TYR C 42 6.01 2.72 10.16
CA TYR C 42 6.82 3.72 10.91
C TYR C 42 7.57 4.64 9.92
N ASN C 43 8.17 4.05 8.87
CA ASN C 43 8.84 4.86 7.80
C ASN C 43 7.81 5.77 7.09
N MET C 44 6.62 5.20 6.78
CA MET C 44 5.50 5.96 6.16
C MET C 44 5.12 7.18 7.02
N LEU C 45 4.63 6.89 8.24
CA LEU C 45 4.18 7.88 9.25
C LEU C 45 5.22 9.00 9.44
N ARG C 46 6.48 8.60 9.70
CA ARG C 46 7.61 9.55 9.91
C ARG C 46 7.84 10.45 8.69
N MET C 47 7.70 9.87 7.46
CA MET C 47 7.78 10.65 6.20
C MET C 47 6.72 11.77 6.20
N PHE C 48 5.48 11.40 6.59
CA PHE C 48 4.36 12.36 6.64
C PHE C 48 4.58 13.46 7.72
N VAL C 49 5.21 13.11 8.88
CA VAL C 49 5.48 14.11 9.95
C VAL C 49 6.70 15.00 9.60
N VAL C 50 7.66 14.48 8.82
CA VAL C 50 8.85 15.27 8.44
C VAL C 50 8.50 16.24 7.28
N THR C 51 7.54 15.83 6.43
CA THR C 51 7.01 16.72 5.37
C THR C 51 6.11 17.82 5.96
N GLY C 52 5.51 17.52 7.12
CA GLY C 52 4.60 18.42 7.82
C GLY C 52 4.96 18.49 9.29
N PRO C 53 5.85 19.46 9.72
CA PRO C 53 6.42 19.53 11.10
C PRO C 53 5.40 19.89 12.22
N ALA C 54 4.09 19.82 11.89
CA ALA C 54 2.96 20.16 12.80
C ALA C 54 3.07 19.48 14.19
N LEU C 55 3.60 18.24 14.22
CA LEU C 55 3.79 17.47 15.47
C LEU C 55 5.26 17.45 15.90
N ALA C 56 6.17 17.79 14.96
CA ALA C 56 7.65 17.67 15.13
C ALA C 56 8.08 16.20 15.40
N GLU C 57 7.99 15.36 14.34
CA GLU C 57 8.43 13.93 14.32
C GLU C 57 7.82 13.08 15.44
N ILE C 58 6.76 12.28 15.13
CA ILE C 58 6.13 11.39 16.12
C ILE C 58 7.11 10.28 16.54
N ASP C 59 6.97 9.84 17.77
CA ASP C 59 7.90 8.87 18.38
C ASP C 59 7.27 7.47 18.39
N LEU C 60 8.12 6.48 18.75
CA LEU C 60 7.74 5.07 18.88
C LEU C 60 6.51 4.88 19.79
N GLN C 61 6.42 5.65 20.92
CA GLN C 61 5.30 5.50 21.87
C GLN C 61 3.99 6.15 21.33
N GLU C 62 4.12 7.26 20.53
CA GLU C 62 2.96 7.83 19.79
C GLU C 62 2.35 6.75 18.89
N LEU C 63 3.19 6.29 17.96
CA LEU C 63 2.81 5.36 16.88
C LEU C 63 2.35 3.99 17.43
N GLN C 64 3.18 3.38 18.31
CA GLN C 64 2.87 2.10 18.96
C GLN C 64 1.56 2.21 19.74
N GLY C 65 1.42 3.27 20.55
CA GLY C 65 0.19 3.52 21.33
C GLY C 65 -1.05 3.73 20.46
N TYR C 66 -0.83 4.34 19.27
CA TYR C 66 -1.90 4.60 18.28
C TYR C 66 -2.45 3.27 17.75
N LEU C 67 -1.52 2.43 17.22
CA LEU C 67 -1.80 1.07 16.71
C LEU C 67 -2.40 0.18 17.80
N GLN C 68 -1.81 0.26 19.00
CA GLN C 68 -2.19 -0.52 20.19
C GLN C 68 -3.65 -0.28 20.50
N LYS C 69 -4.02 1.02 20.52
CA LYS C 69 -5.39 1.44 20.77
C LYS C 69 -6.34 0.91 19.68
N LYS C 70 -6.00 1.14 18.40
CA LYS C 70 -6.78 0.61 17.25
C LYS C 70 -7.03 -0.92 17.33
N VAL C 71 -6.00 -1.67 17.76
CA VAL C 71 -6.08 -3.14 17.94
C VAL C 71 -6.99 -3.49 19.13
N ARG C 72 -6.84 -2.73 20.23
CA ARG C 72 -7.69 -2.84 21.44
C ARG C 72 -9.08 -2.22 21.23
N ASP C 73 -9.26 -1.50 20.10
CA ASP C 73 -10.56 -0.92 19.68
C ASP C 73 -11.25 -1.79 18.60
N GLN C 74 -10.56 -2.89 18.19
CA GLN C 74 -11.03 -3.86 17.16
C GLN C 74 -11.11 -3.21 15.75
N GLN C 75 -10.51 -2.02 15.62
CA GLN C 75 -10.48 -1.22 14.39
C GLN C 75 -9.20 -1.55 13.56
N LEU C 76 -8.25 -2.26 14.19
CA LEU C 76 -7.04 -2.80 13.52
C LEU C 76 -6.89 -4.27 13.98
N VAL C 77 -6.51 -5.16 13.06
CA VAL C 77 -6.22 -6.56 13.38
C VAL C 77 -4.70 -6.77 13.38
N TYR C 78 -4.16 -7.11 14.55
CA TYR C 78 -2.75 -7.47 14.72
C TYR C 78 -2.64 -8.99 14.56
N SER C 79 -2.07 -9.41 13.43
CA SER C 79 -1.79 -10.82 13.12
C SER C 79 -0.55 -11.29 13.90
N ALA C 80 0.23 -12.24 13.35
CA ALA C 80 1.47 -12.70 13.96
C ALA C 80 2.58 -11.64 13.76
N GLY C 81 2.47 -10.54 14.55
CA GLY C 81 3.47 -9.49 14.57
C GLY C 81 3.39 -8.54 13.38
N VAL C 82 2.23 -8.51 12.70
CA VAL C 82 2.03 -7.67 11.52
C VAL C 82 0.59 -7.10 11.49
N TYR C 83 0.46 -5.80 11.16
CA TYR C 83 -0.82 -5.07 11.20
C TYR C 83 -1.57 -5.15 9.87
N ARG C 84 -2.90 -5.32 9.95
CA ARG C 84 -3.79 -5.44 8.77
C ARG C 84 -5.23 -5.09 9.21
N LEU C 85 -6.04 -4.47 8.33
CA LEU C 85 -7.45 -4.10 8.71
C LEU C 85 -8.41 -5.30 8.72
N PRO C 86 -9.49 -5.25 9.59
CA PRO C 86 -10.68 -6.11 9.44
C PRO C 86 -11.31 -5.97 8.03
N LYS C 87 -11.72 -7.10 7.43
CA LYS C 87 -12.36 -7.11 6.09
C LYS C 87 -13.88 -6.87 6.19
N ASN C 88 -14.36 -6.65 7.42
CA ASN C 88 -15.75 -6.23 7.71
C ASN C 88 -15.81 -4.69 7.89
N CYS C 89 -14.80 -3.98 7.36
CA CYS C 89 -14.73 -2.51 7.41
C CYS C 89 -15.71 -1.90 6.38
N SER C 90 -15.46 -2.19 5.09
CA SER C 90 -16.24 -1.70 3.93
C SER C 90 -16.29 -0.14 3.93
N GLY A 1 -5.85 -31.29 -11.28
CA GLY A 1 -5.51 -31.09 -9.86
C GLY A 1 -6.43 -30.08 -9.19
N MET A 2 -5.83 -29.14 -8.44
CA MET A 2 -6.57 -28.12 -7.70
C MET A 2 -6.14 -26.74 -8.20
N GLN A 3 -7.05 -25.79 -8.14
CA GLN A 3 -6.83 -24.42 -8.63
C GLN A 3 -6.47 -23.53 -7.46
N ILE A 4 -5.66 -22.50 -7.70
CA ILE A 4 -5.25 -21.54 -6.66
C ILE A 4 -5.42 -20.10 -7.15
N PHE A 5 -5.58 -19.19 -6.19
CA PHE A 5 -5.65 -17.74 -6.45
C PHE A 5 -4.35 -17.11 -5.97
N VAL A 6 -3.61 -16.44 -6.86
CA VAL A 6 -2.36 -15.78 -6.48
C VAL A 6 -2.60 -14.26 -6.50
N ASP A 7 -2.95 -13.74 -5.33
CA ASP A 7 -3.21 -12.30 -5.12
C ASP A 7 -1.87 -11.55 -5.11
N THR A 8 -1.49 -11.01 -6.26
CA THR A 8 -0.22 -10.31 -6.43
C THR A 8 -0.43 -8.81 -6.22
N VAL A 9 0.35 -8.21 -5.31
CA VAL A 9 0.32 -6.77 -5.06
C VAL A 9 1.72 -6.18 -5.22
N GLN A 10 1.78 -5.14 -6.04
CA GLN A 10 2.96 -4.31 -6.21
C GLN A 10 2.78 -3.07 -5.32
N TRP A 11 3.16 -3.24 -4.05
CA TRP A 11 3.20 -2.16 -3.06
C TRP A 11 4.68 -1.81 -2.86
N LYS A 12 5.08 -0.67 -3.44
CA LYS A 12 6.51 -0.37 -3.63
C LYS A 12 6.74 1.14 -3.80
N THR A 13 7.67 1.68 -3.00
CA THR A 13 8.12 3.07 -3.11
C THR A 13 9.20 3.15 -4.21
N ILE A 14 8.79 3.61 -5.41
CA ILE A 14 9.64 3.69 -6.63
C ILE A 14 10.27 5.10 -6.71
N THR A 15 11.18 5.32 -7.65
CA THR A 15 11.80 6.64 -7.87
C THR A 15 11.47 7.11 -9.30
N LEU A 16 10.93 8.34 -9.43
CA LEU A 16 10.75 9.02 -10.74
C LEU A 16 11.19 10.48 -10.61
N GLU A 17 11.30 11.20 -11.75
CA GLU A 17 11.64 12.63 -11.74
C GLU A 17 10.47 13.45 -12.30
N VAL A 18 10.18 14.57 -11.62
CA VAL A 18 9.24 15.60 -12.10
C VAL A 18 9.97 16.94 -12.23
N GLU A 19 9.33 17.90 -12.90
CA GLU A 19 9.84 19.27 -13.05
C GLU A 19 8.99 20.22 -12.22
N PRO A 20 9.59 21.32 -11.66
CA PRO A 20 8.87 22.31 -10.83
C PRO A 20 7.77 23.04 -11.62
N SER A 21 8.05 23.26 -12.92
CA SER A 21 7.16 24.01 -13.83
C SER A 21 6.07 23.12 -14.44
N ASP A 22 6.04 21.82 -14.06
CA ASP A 22 4.98 20.87 -14.46
C ASP A 22 3.76 21.05 -13.58
N THR A 23 2.59 20.66 -14.11
CA THR A 23 1.35 20.56 -13.34
C THR A 23 1.23 19.17 -12.69
N ILE A 24 0.35 19.07 -11.71
CA ILE A 24 0.07 17.83 -10.97
C ILE A 24 -0.62 16.78 -11.89
N GLU A 25 -1.30 17.28 -12.94
CA GLU A 25 -1.87 16.44 -14.00
C GLU A 25 -0.76 15.58 -14.67
N ASN A 26 0.48 16.12 -14.69
CA ASN A 26 1.64 15.39 -15.21
C ASN A 26 1.90 14.14 -14.36
N VAL A 27 2.07 14.33 -13.03
CA VAL A 27 2.49 13.24 -12.13
C VAL A 27 1.40 12.15 -12.03
N LYS A 28 0.10 12.56 -12.05
CA LYS A 28 -1.02 11.59 -12.10
C LYS A 28 -1.02 10.85 -13.45
N ALA A 29 -0.75 11.59 -14.56
CA ALA A 29 -0.68 11.01 -15.91
C ALA A 29 0.54 10.09 -16.07
N LYS A 30 1.60 10.34 -15.27
CA LYS A 30 2.82 9.52 -15.29
C LYS A 30 2.60 8.21 -14.54
N ILE A 31 2.01 8.27 -13.32
CA ILE A 31 1.71 7.04 -12.54
C ILE A 31 0.64 6.18 -13.26
N GLN A 32 -0.21 6.87 -14.05
CA GLN A 32 -1.19 6.26 -14.96
C GLN A 32 -0.49 5.60 -16.18
N ASP A 33 0.49 6.33 -16.74
CA ASP A 33 1.27 5.89 -17.93
C ASP A 33 2.13 4.66 -17.61
N LYS A 34 2.69 4.69 -16.41
CA LYS A 34 3.63 3.67 -15.90
C LYS A 34 2.85 2.52 -15.22
N GLU A 35 2.27 2.80 -14.03
CA GLU A 35 1.67 1.76 -13.17
C GLU A 35 0.23 1.40 -13.62
N GLY A 36 -0.45 2.37 -14.25
CA GLY A 36 -1.85 2.20 -14.67
C GLY A 36 -2.84 2.65 -13.60
N ILE A 37 -2.41 3.60 -12.76
CA ILE A 37 -3.23 4.20 -11.68
C ILE A 37 -4.26 5.19 -12.29
N PRO A 38 -5.59 4.86 -12.29
CA PRO A 38 -6.63 5.69 -12.95
C PRO A 38 -6.94 6.99 -12.14
N PRO A 39 -7.05 8.20 -12.82
CA PRO A 39 -7.29 9.52 -12.15
C PRO A 39 -8.56 9.56 -11.27
N ASP A 40 -9.63 8.99 -11.80
CA ASP A 40 -10.95 8.91 -11.12
C ASP A 40 -10.96 7.83 -10.01
N GLN A 41 -9.85 7.06 -9.88
CA GLN A 41 -9.73 5.97 -8.90
C GLN A 41 -8.48 6.15 -7.98
N GLN A 42 -7.93 7.38 -7.93
CA GLN A 42 -6.73 7.70 -7.11
C GLN A 42 -6.94 8.97 -6.27
N ARG A 43 -6.12 9.09 -5.20
CA ARG A 43 -5.97 10.30 -4.38
C ARG A 43 -4.49 10.40 -3.98
N LEU A 44 -3.89 11.58 -4.24
CA LEU A 44 -2.44 11.81 -4.07
C LEU A 44 -2.16 12.49 -2.72
N ILE A 45 -1.29 11.90 -1.89
CA ILE A 45 -0.85 12.54 -0.64
C ILE A 45 0.67 12.72 -0.71
N PHE A 46 1.11 13.98 -0.86
CA PHE A 46 2.52 14.31 -0.96
C PHE A 46 2.93 15.07 0.30
N ALA A 47 3.64 14.40 1.21
CA ALA A 47 4.12 14.99 2.49
C ALA A 47 2.97 15.60 3.33
N GLY A 48 1.78 14.99 3.19
CA GLY A 48 0.57 15.39 3.92
C GLY A 48 -0.37 16.31 3.13
N LYS A 49 0.08 16.80 1.96
CA LYS A 49 -0.74 17.69 1.12
C LYS A 49 -1.58 16.86 0.13
N GLN A 50 -2.77 17.39 -0.18
CA GLN A 50 -3.71 16.81 -1.15
C GLN A 50 -3.64 17.63 -2.44
N LEU A 51 -2.89 17.08 -3.40
CA LEU A 51 -2.50 17.77 -4.62
C LEU A 51 -3.67 17.90 -5.59
N GLU A 52 -4.08 19.17 -5.77
CA GLU A 52 -5.07 19.56 -6.77
C GLU A 52 -4.49 19.33 -8.18
N ASP A 53 -5.24 18.60 -9.02
CA ASP A 53 -4.81 18.17 -10.37
C ASP A 53 -4.37 19.36 -11.25
N GLY A 54 -5.10 20.47 -11.12
CA GLY A 54 -4.81 21.70 -11.85
C GLY A 54 -3.93 22.67 -11.09
N ARG A 55 -3.05 22.15 -10.21
CA ARG A 55 -2.01 22.92 -9.52
C ARG A 55 -0.63 22.60 -10.13
N THR A 56 0.42 23.26 -9.65
CA THR A 56 1.80 23.05 -10.13
C THR A 56 2.62 22.30 -9.05
N LEU A 57 3.70 21.59 -9.47
CA LEU A 57 4.66 20.94 -8.53
C LEU A 57 5.31 22.00 -7.61
N SER A 58 5.79 23.09 -8.24
CA SER A 58 6.44 24.20 -7.53
C SER A 58 5.49 24.92 -6.57
N ASP A 59 4.17 24.83 -6.84
CA ASP A 59 3.14 25.44 -5.99
C ASP A 59 3.22 24.92 -4.55
N TYR A 60 3.54 23.62 -4.40
CA TYR A 60 3.68 22.99 -3.07
C TYR A 60 5.15 22.96 -2.65
N ASN A 61 6.04 23.33 -3.59
CA ASN A 61 7.48 23.15 -3.48
C ASN A 61 7.80 21.65 -3.26
N ILE A 62 7.49 20.84 -4.28
CA ILE A 62 7.94 19.44 -4.33
C ILE A 62 9.48 19.45 -4.38
N GLN A 63 10.09 19.05 -3.27
CA GLN A 63 11.54 18.93 -3.15
C GLN A 63 12.01 17.57 -3.67
N LYS A 64 13.32 17.46 -3.93
CA LYS A 64 13.94 16.22 -4.41
C LYS A 64 13.92 15.13 -3.34
N GLU A 65 13.72 13.88 -3.81
CA GLU A 65 13.71 12.67 -3.00
C GLU A 65 12.64 12.74 -1.87
N SER A 66 11.60 13.55 -2.11
CA SER A 66 10.48 13.71 -1.18
C SER A 66 9.51 12.53 -1.35
N ALA A 67 8.88 12.13 -0.24
CA ALA A 67 8.00 10.96 -0.24
C ALA A 67 6.57 11.35 -0.66
N LEU A 68 5.99 10.46 -1.46
CA LEU A 68 4.62 10.55 -1.97
C LEU A 68 3.99 9.17 -1.76
N ILE A 69 2.71 9.14 -1.36
CA ILE A 69 1.92 7.91 -1.30
C ILE A 69 0.72 8.06 -2.25
N LEU A 70 0.49 7.00 -3.03
CA LEU A 70 -0.57 6.95 -4.04
C LEU A 70 -1.68 6.03 -3.52
N LEU A 71 -2.78 6.64 -3.06
CA LEU A 71 -3.88 5.89 -2.41
C LEU A 71 -4.96 5.63 -3.45
N LEU A 72 -5.23 4.35 -3.74
CA LEU A 72 -6.34 3.96 -4.64
C LEU A 72 -7.69 4.24 -3.96
N THR A 73 -8.76 4.09 -4.77
CA THR A 73 -10.15 4.22 -4.32
C THR A 73 -10.41 3.60 -2.94
N LEU A 74 -10.66 4.46 -1.93
CA LEU A 74 -11.15 4.00 -0.62
C LEU A 74 -12.58 3.45 -0.77
N ARG A 75 -13.40 4.20 -1.54
CA ARG A 75 -14.72 3.79 -2.05
C ARG A 75 -15.38 5.03 -2.73
N GLY B 1 14.89 18.61 -13.17
CA GLY B 1 14.10 19.13 -12.04
C GLY B 1 14.48 18.49 -10.73
N MET B 2 13.53 17.75 -10.11
CA MET B 2 13.75 17.09 -8.82
C MET B 2 13.11 15.70 -8.83
N GLN B 3 13.70 14.79 -8.04
CA GLN B 3 13.25 13.39 -7.96
C GLN B 3 12.17 13.27 -6.87
N ILE B 4 11.37 12.19 -6.91
CA ILE B 4 10.39 11.86 -5.86
C ILE B 4 10.28 10.34 -5.71
N PHE B 5 9.95 9.90 -4.48
CA PHE B 5 9.76 8.48 -4.17
C PHE B 5 8.27 8.21 -3.96
N VAL B 6 7.66 7.41 -4.84
CA VAL B 6 6.19 7.26 -4.89
C VAL B 6 5.75 5.84 -4.47
N ASP B 7 4.88 5.75 -3.45
CA ASP B 7 4.47 4.46 -2.89
C ASP B 7 3.22 3.99 -3.66
N THR B 8 3.48 3.11 -4.64
CA THR B 8 2.51 2.62 -5.63
C THR B 8 1.85 1.32 -5.13
N VAL B 9 0.51 1.23 -5.26
CA VAL B 9 -0.28 0.02 -4.92
C VAL B 9 -0.99 -0.50 -6.17
N GLN B 10 -0.64 -1.73 -6.59
CA GLN B 10 -1.32 -2.46 -7.69
C GLN B 10 -1.65 -3.90 -7.24
N TRP B 11 -2.81 -4.07 -6.57
CA TRP B 11 -3.30 -5.41 -6.18
C TRP B 11 -4.14 -6.01 -7.32
N LYS B 12 -3.89 -7.28 -7.60
CA LYS B 12 -4.55 -8.06 -8.68
C LYS B 12 -4.64 -9.53 -8.23
N THR B 13 -5.81 -10.14 -8.41
CA THR B 13 -6.02 -11.56 -8.11
C THR B 13 -5.79 -12.39 -9.39
N ILE B 14 -4.79 -13.27 -9.36
CA ILE B 14 -4.53 -14.26 -10.43
C ILE B 14 -5.27 -15.55 -10.06
N THR B 15 -5.61 -16.34 -11.07
CA THR B 15 -6.22 -17.66 -10.89
C THR B 15 -5.56 -18.61 -11.89
N LEU B 16 -5.01 -19.72 -11.37
CA LEU B 16 -4.39 -20.79 -12.19
C LEU B 16 -4.82 -22.13 -11.62
N GLU B 17 -4.51 -23.22 -12.34
CA GLU B 17 -4.70 -24.60 -11.84
C GLU B 17 -3.34 -25.29 -11.80
N VAL B 18 -3.13 -26.13 -10.77
CA VAL B 18 -1.85 -26.78 -10.51
C VAL B 18 -2.09 -28.21 -9.96
N GLU B 19 -1.04 -29.05 -9.94
CA GLU B 19 -1.10 -30.45 -9.56
C GLU B 19 -0.44 -30.68 -8.19
N PRO B 20 -1.02 -31.57 -7.33
CA PRO B 20 -0.47 -31.90 -5.99
C PRO B 20 0.94 -32.50 -6.07
N SER B 21 1.13 -33.38 -7.08
CA SER B 21 2.39 -34.13 -7.26
C SER B 21 3.42 -33.31 -8.03
N ASP B 22 3.01 -32.10 -8.50
CA ASP B 22 3.89 -31.19 -9.24
C ASP B 22 4.55 -30.22 -8.26
N THR B 23 5.56 -29.51 -8.77
CA THR B 23 6.37 -28.56 -8.01
C THR B 23 5.90 -27.11 -8.21
N ILE B 24 6.31 -26.28 -7.25
CA ILE B 24 6.01 -24.84 -7.19
C ILE B 24 6.67 -24.08 -8.37
N GLU B 25 7.74 -24.70 -8.95
CA GLU B 25 8.52 -24.14 -10.06
C GLU B 25 7.65 -23.88 -11.31
N ASN B 26 6.49 -24.58 -11.37
CA ASN B 26 5.46 -24.33 -12.39
C ASN B 26 4.88 -22.93 -12.21
N VAL B 27 4.43 -22.63 -10.97
CA VAL B 27 3.82 -21.33 -10.61
C VAL B 27 4.85 -20.18 -10.79
N LYS B 28 6.11 -20.48 -10.37
CA LYS B 28 7.28 -19.61 -10.59
C LYS B 28 7.44 -19.28 -12.08
N ALA B 29 7.52 -20.33 -12.90
CA ALA B 29 7.77 -20.21 -14.34
C ALA B 29 6.60 -19.51 -15.04
N LYS B 30 5.37 -19.69 -14.49
CA LYS B 30 4.16 -19.07 -15.03
C LYS B 30 4.20 -17.55 -14.82
N ILE B 31 4.40 -17.07 -13.58
CA ILE B 31 4.46 -15.62 -13.31
C ILE B 31 5.73 -14.97 -13.96
N GLN B 32 6.78 -15.81 -14.14
CA GLN B 32 8.04 -15.40 -14.80
C GLN B 32 7.87 -15.37 -16.34
N ASP B 33 6.93 -16.16 -16.86
CA ASP B 33 6.58 -16.16 -18.30
C ASP B 33 5.64 -14.99 -18.62
N LYS B 34 4.63 -14.83 -17.76
CA LYS B 34 3.56 -13.85 -17.94
C LYS B 34 4.07 -12.43 -17.66
N GLU B 35 4.42 -12.17 -16.38
CA GLU B 35 4.77 -10.83 -15.90
C GLU B 35 6.29 -10.63 -15.80
N GLY B 36 7.06 -11.72 -16.06
CA GLY B 36 8.51 -11.67 -16.02
C GLY B 36 9.06 -11.48 -14.61
N ILE B 37 8.41 -12.11 -13.63
CA ILE B 37 8.80 -12.07 -12.21
C ILE B 37 9.84 -13.20 -11.93
N PRO B 38 11.17 -12.85 -11.76
CA PRO B 38 12.21 -13.87 -11.48
C PRO B 38 12.03 -14.48 -10.05
N PRO B 39 12.41 -15.79 -9.85
CA PRO B 39 12.32 -16.52 -8.54
C PRO B 39 12.81 -15.73 -7.32
N ASP B 40 13.90 -14.99 -7.54
CA ASP B 40 14.56 -14.17 -6.51
C ASP B 40 13.65 -13.00 -6.08
N GLN B 41 13.01 -12.35 -7.07
CA GLN B 41 12.08 -11.20 -6.85
C GLN B 41 10.66 -11.68 -6.52
N GLN B 42 10.43 -12.98 -6.68
CA GLN B 42 9.19 -13.66 -6.31
C GLN B 42 9.14 -13.88 -4.78
N ARG B 43 8.01 -13.52 -4.16
CA ARG B 43 7.70 -13.92 -2.78
C ARG B 43 6.22 -14.27 -2.69
N LEU B 44 5.86 -15.47 -3.17
CA LEU B 44 4.53 -16.04 -2.93
C LEU B 44 4.42 -16.50 -1.46
N ASP B 45 3.66 -15.74 -0.66
CA ASP B 45 3.36 -16.05 0.74
C ASP B 45 1.97 -16.69 0.82
N PHE B 46 1.88 -17.79 1.56
CA PHE B 46 0.66 -18.59 1.72
C PHE B 46 0.45 -18.86 3.20
N ALA B 47 -0.57 -18.21 3.80
CA ALA B 47 -0.93 -18.40 5.23
C ALA B 47 0.22 -18.03 6.19
N GLY B 48 1.17 -17.20 5.69
CA GLY B 48 2.34 -16.77 6.48
C GLY B 48 3.60 -17.61 6.25
N LYS B 49 3.59 -18.46 5.19
CA LYS B 49 4.77 -19.27 4.80
C LYS B 49 4.96 -19.21 3.29
N GLN B 50 6.19 -18.86 2.86
CA GLN B 50 6.54 -18.83 1.43
C GLN B 50 6.63 -20.27 0.90
N LEU B 51 6.41 -20.43 -0.40
CA LEU B 51 6.56 -21.73 -1.08
C LEU B 51 7.93 -21.76 -1.78
N GLU B 52 8.81 -22.72 -1.43
CA GLU B 52 10.08 -22.91 -2.13
C GLU B 52 9.77 -23.41 -3.56
N ASP B 53 10.36 -22.78 -4.58
CA ASP B 53 10.08 -23.08 -6.00
C ASP B 53 10.42 -24.55 -6.34
N GLY B 54 11.47 -25.08 -5.68
CA GLY B 54 11.89 -26.46 -5.88
C GLY B 54 11.06 -27.47 -5.09
N ARG B 55 10.05 -26.98 -4.33
CA ARG B 55 9.24 -27.81 -3.42
C ARG B 55 7.96 -28.28 -4.13
N THR B 56 7.23 -29.23 -3.52
CA THR B 56 6.01 -29.81 -4.11
C THR B 56 4.76 -29.12 -3.52
N LEU B 57 3.64 -29.12 -4.26
CA LEU B 57 2.34 -28.57 -3.80
C LEU B 57 1.80 -29.38 -2.61
N SER B 58 1.81 -30.71 -2.75
CA SER B 58 1.27 -31.65 -1.74
C SER B 58 2.04 -31.58 -0.42
N ASP B 59 3.32 -31.17 -0.50
CA ASP B 59 4.19 -30.92 0.67
C ASP B 59 3.54 -29.89 1.62
N TYR B 60 2.78 -28.95 1.04
CA TYR B 60 2.08 -27.88 1.79
C TYR B 60 0.60 -28.24 2.01
N ASN B 61 0.13 -29.32 1.36
CA ASN B 61 -1.30 -29.73 1.36
C ASN B 61 -2.17 -28.59 0.76
N ILE B 62 -1.75 -28.12 -0.44
CA ILE B 62 -2.45 -27.08 -1.21
C ILE B 62 -3.83 -27.60 -1.69
N GLN B 63 -4.85 -26.74 -1.67
CA GLN B 63 -6.23 -27.13 -2.03
C GLN B 63 -6.79 -26.18 -3.10
N LYS B 64 -7.91 -26.63 -3.73
CA LYS B 64 -8.65 -25.78 -4.69
C LYS B 64 -9.12 -24.51 -4.00
N GLU B 65 -9.04 -23.41 -4.76
CA GLU B 65 -9.35 -22.04 -4.34
C GLU B 65 -8.45 -21.50 -3.20
N SER B 66 -7.34 -22.22 -2.84
CA SER B 66 -6.40 -21.72 -1.80
C SER B 66 -5.79 -20.37 -2.25
N ALA B 67 -5.83 -19.36 -1.36
CA ALA B 67 -5.38 -17.98 -1.67
C ALA B 67 -3.95 -17.74 -1.14
N LEU B 68 -3.07 -17.25 -2.04
CA LEU B 68 -1.66 -16.97 -1.73
C LEU B 68 -1.40 -15.54 -2.19
N ILE B 69 -0.79 -14.70 -1.34
CA ILE B 69 -0.47 -13.33 -1.72
C ILE B 69 0.98 -13.28 -2.25
N LEU B 70 1.13 -12.94 -3.53
CA LEU B 70 2.43 -12.77 -4.17
C LEU B 70 2.91 -11.33 -3.95
N LEU B 71 3.87 -11.16 -3.05
CA LEU B 71 4.52 -9.89 -2.82
C LEU B 71 5.77 -9.84 -3.70
N LEU B 72 6.21 -8.63 -4.04
CA LEU B 72 7.57 -8.43 -4.55
C LEU B 72 8.52 -8.65 -3.34
N THR B 73 9.60 -9.44 -3.57
CA THR B 73 10.44 -10.07 -2.53
C THR B 73 10.61 -9.23 -1.23
N LEU B 74 9.73 -9.51 -0.27
CA LEU B 74 9.68 -8.84 1.05
C LEU B 74 10.11 -9.84 2.11
N ARG B 75 11.22 -10.56 1.83
CA ARG B 75 11.73 -11.63 2.69
C ARG B 75 12.35 -11.03 3.98
N GLY C 1 -9.51 16.15 3.10
CA GLY C 1 -10.91 16.47 3.44
C GLY C 1 -11.50 17.54 2.54
N SER C 2 -12.80 17.39 2.20
CA SER C 2 -13.53 18.33 1.33
C SER C 2 -13.90 19.63 2.06
N GLU C 3 -13.85 19.60 3.42
CA GLU C 3 -14.13 20.76 4.27
C GLU C 3 -13.19 21.94 3.89
N SER C 4 -11.86 21.69 3.97
CA SER C 4 -10.78 22.66 3.65
C SER C 4 -10.62 23.73 4.78
N ASP C 5 -11.74 24.21 5.32
CA ASP C 5 -11.80 25.20 6.40
C ASP C 5 -11.15 24.66 7.69
N SER C 6 -10.46 25.56 8.38
CA SER C 6 -9.81 25.28 9.68
C SER C 6 -9.86 26.55 10.54
N GLY C 7 -10.92 27.34 10.36
CA GLY C 7 -11.09 28.63 11.00
C GLY C 7 -11.27 28.54 12.52
N MET C 8 -10.26 29.08 13.27
CA MET C 8 -10.21 29.08 14.75
C MET C 8 -10.11 27.65 15.32
N ALA C 9 -10.19 27.55 16.66
CA ALA C 9 -10.20 26.28 17.42
C ALA C 9 -8.93 25.44 17.16
N SER C 10 -7.81 26.15 16.86
CA SER C 10 -6.56 25.57 16.32
C SER C 10 -5.94 24.46 17.20
N GLN C 11 -6.24 24.47 18.51
CA GLN C 11 -5.76 23.46 19.46
C GLN C 11 -6.46 22.11 19.23
N ALA C 12 -7.79 22.15 19.10
CA ALA C 12 -8.61 20.97 18.80
C ALA C 12 -8.61 20.67 17.29
N ASP C 13 -8.28 21.69 16.48
CA ASP C 13 -8.30 21.59 15.01
C ASP C 13 -7.10 20.81 14.49
N GLN C 14 -5.92 21.09 15.05
CA GLN C 14 -4.67 20.41 14.64
C GLN C 14 -4.83 18.88 14.77
N LYS C 15 -5.27 18.42 15.94
CA LYS C 15 -5.44 17.00 16.24
C LYS C 15 -6.61 16.41 15.45
N GLU C 16 -7.70 17.18 15.29
CA GLU C 16 -8.88 16.74 14.51
C GLU C 16 -8.50 16.46 13.03
N GLU C 17 -7.97 17.49 12.37
CA GLU C 17 -7.65 17.44 10.94
C GLU C 17 -6.53 16.44 10.67
N GLU C 18 -5.46 16.45 11.51
CA GLU C 18 -4.34 15.52 11.37
C GLU C 18 -4.78 14.07 11.58
N LEU C 19 -5.55 13.78 12.65
CA LEU C 19 -5.99 12.38 12.96
C LEU C 19 -6.95 11.85 11.89
N LEU C 20 -7.86 12.70 11.39
CA LEU C 20 -8.82 12.31 10.33
C LEU C 20 -8.03 12.05 9.02
N LEU C 21 -7.05 12.93 8.77
CA LEU C 21 -6.11 12.83 7.63
C LEU C 21 -5.25 11.55 7.73
N PHE C 22 -4.83 11.22 8.96
CA PHE C 22 -4.01 10.04 9.26
C PHE C 22 -4.83 8.76 9.02
N TRP C 23 -6.13 8.86 9.36
CA TRP C 23 -7.07 7.77 9.12
C TRP C 23 -7.43 7.70 7.62
N THR C 24 -7.41 8.85 6.91
CA THR C 24 -7.59 8.86 5.45
C THR C 24 -6.44 8.08 4.79
N TYR C 25 -5.23 8.20 5.38
CA TYR C 25 -4.07 7.40 4.94
C TYR C 25 -4.34 5.91 5.15
N ILE C 26 -4.44 5.51 6.44
CA ILE C 26 -4.44 4.08 6.84
C ILE C 26 -5.65 3.32 6.26
N GLN C 27 -6.80 4.01 6.19
CA GLN C 27 -8.04 3.42 5.66
C GLN C 27 -7.93 3.21 4.14
N ALA C 28 -7.59 4.30 3.40
CA ALA C 28 -7.60 4.30 1.91
C ALA C 28 -6.51 3.39 1.33
N MET C 29 -5.40 3.24 2.08
CA MET C 29 -4.33 2.31 1.69
C MET C 29 -4.73 0.85 2.06
N LEU C 30 -5.07 0.57 3.36
CA LEU C 30 -5.31 -0.82 3.84
C LEU C 30 -6.62 -1.45 3.27
N THR C 31 -7.55 -0.63 2.74
CA THR C 31 -8.80 -1.16 2.10
C THR C 31 -8.47 -2.00 0.86
N ASN C 32 -7.31 -1.70 0.24
CA ASN C 32 -6.71 -2.50 -0.84
C ASN C 32 -5.61 -3.41 -0.27
N LEU C 33 -4.80 -2.80 0.61
CA LEU C 33 -3.56 -3.37 1.17
C LEU C 33 -3.82 -3.99 2.54
N GLU C 34 -4.72 -4.96 2.59
CA GLU C 34 -5.06 -5.65 3.84
C GLU C 34 -4.05 -6.79 4.14
N SER C 35 -2.77 -6.39 4.31
CA SER C 35 -1.64 -7.28 4.64
C SER C 35 -0.33 -6.47 4.77
N LEU C 36 -0.27 -5.55 5.75
CA LEU C 36 0.87 -4.64 5.95
C LEU C 36 1.37 -4.73 7.39
N SER C 37 2.68 -4.97 7.54
CA SER C 37 3.37 -4.93 8.83
C SER C 37 3.30 -3.52 9.40
N LEU C 38 3.13 -3.43 10.73
CA LEU C 38 3.05 -2.15 11.49
C LEU C 38 4.17 -1.17 11.08
N ASP C 39 5.37 -1.71 10.81
CA ASP C 39 6.58 -0.96 10.41
C ASP C 39 6.30 0.06 9.28
N ARG C 40 5.54 -0.39 8.26
CA ARG C 40 5.24 0.42 7.05
C ARG C 40 4.44 1.68 7.41
N ILE C 41 3.22 1.45 7.96
CA ILE C 41 2.27 2.54 8.25
C ILE C 41 2.77 3.37 9.45
N TYR C 42 3.63 2.76 10.29
CA TYR C 42 4.34 3.47 11.37
C TYR C 42 5.26 4.55 10.76
N ASN C 43 6.24 4.12 9.95
CA ASN C 43 7.24 5.01 9.33
C ASN C 43 6.57 6.10 8.47
N MET C 44 5.50 5.68 7.76
CA MET C 44 4.70 6.53 6.87
C MET C 44 3.94 7.63 7.67
N LEU C 45 3.04 7.18 8.56
CA LEU C 45 2.19 8.08 9.40
C LEU C 45 3.06 9.06 10.22
N ARG C 46 4.15 8.51 10.79
CA ARG C 46 5.09 9.27 11.62
C ARG C 46 5.93 10.24 10.76
N MET C 47 6.23 9.84 9.50
CA MET C 47 6.84 10.76 8.53
C MET C 47 5.96 12.00 8.38
N PHE C 48 4.65 11.77 8.16
CA PHE C 48 3.65 12.86 8.03
C PHE C 48 3.55 13.73 9.31
N VAL C 49 3.62 13.11 10.50
CA VAL C 49 3.53 13.87 11.78
C VAL C 49 4.80 14.71 12.05
N VAL C 50 5.98 14.23 11.59
CA VAL C 50 7.28 14.90 11.83
C VAL C 50 7.63 15.91 10.71
N THR C 51 7.04 15.74 9.50
CA THR C 51 7.32 16.66 8.36
C THR C 51 6.72 18.06 8.58
N GLY C 52 5.70 18.13 9.43
CA GLY C 52 5.05 19.38 9.82
C GLY C 52 4.89 19.44 11.32
N PRO C 53 4.28 20.54 11.88
CA PRO C 53 4.05 20.67 13.34
C PRO C 53 3.17 19.50 13.85
N ALA C 54 2.12 19.21 13.07
CA ALA C 54 1.08 18.18 13.31
C ALA C 54 0.66 18.03 14.80
N LEU C 55 1.41 17.21 15.56
CA LEU C 55 1.09 16.84 16.97
C LEU C 55 2.33 16.96 17.87
N ALA C 56 3.30 17.78 17.41
CA ALA C 56 4.66 17.89 17.98
C ALA C 56 5.42 16.54 17.89
N GLU C 57 5.43 15.97 16.65
CA GLU C 57 6.10 14.70 16.25
C GLU C 57 5.92 13.57 17.30
N ILE C 58 4.97 12.66 17.04
CA ILE C 58 4.62 11.57 17.96
C ILE C 58 5.65 10.42 17.92
N ASP C 59 5.47 9.43 18.80
CA ASP C 59 6.39 8.28 18.95
C ASP C 59 5.63 6.96 18.73
N LEU C 60 6.37 5.82 18.80
CA LEU C 60 5.84 4.43 18.81
C LEU C 60 4.57 4.30 19.65
N GLN C 61 4.64 4.75 20.92
CA GLN C 61 3.54 4.63 21.90
C GLN C 61 2.20 5.25 21.37
N GLU C 62 2.32 6.35 20.60
CA GLU C 62 1.18 7.10 20.09
C GLU C 62 0.67 6.49 18.76
N LEU C 63 1.62 6.09 17.90
CA LEU C 63 1.34 5.49 16.57
C LEU C 63 0.63 4.13 16.79
N GLN C 64 1.30 3.28 17.58
CA GLN C 64 0.77 2.02 18.08
C GLN C 64 -0.60 2.27 18.73
N GLY C 65 -0.65 3.19 19.73
CA GLY C 65 -1.89 3.57 20.42
C GLY C 65 -3.05 3.90 19.47
N TYR C 66 -2.73 4.62 18.38
CA TYR C 66 -3.71 5.04 17.36
C TYR C 66 -4.27 3.83 16.60
N LEU C 67 -3.36 3.06 16.01
CA LEU C 67 -3.70 1.97 15.08
C LEU C 67 -4.34 0.79 15.86
N GLN C 68 -3.83 0.54 17.08
CA GLN C 68 -4.37 -0.48 17.98
C GLN C 68 -5.74 -0.04 18.50
N LYS C 69 -5.94 1.31 18.68
CA LYS C 69 -7.27 1.87 18.99
C LYS C 69 -8.26 1.49 17.88
N LYS C 70 -7.86 1.69 16.60
CA LYS C 70 -8.67 1.23 15.46
C LYS C 70 -8.98 -0.29 15.56
N VAL C 71 -7.99 -1.11 15.97
CA VAL C 71 -8.21 -2.56 16.21
C VAL C 71 -9.29 -2.80 17.30
N ARG C 72 -9.23 -2.00 18.39
CA ARG C 72 -10.20 -2.10 19.50
C ARG C 72 -11.56 -1.51 19.12
N ASP C 73 -11.57 -0.61 18.12
CA ASP C 73 -12.76 0.11 17.64
C ASP C 73 -13.51 -0.72 16.55
N GLN C 74 -13.03 -1.96 16.29
CA GLN C 74 -13.51 -2.87 15.21
C GLN C 74 -13.25 -2.26 13.81
N GLN C 75 -12.41 -1.23 13.78
CA GLN C 75 -12.12 -0.43 12.57
C GLN C 75 -10.75 -0.82 11.96
N LEU C 76 -10.18 -1.91 12.48
CA LEU C 76 -8.91 -2.51 12.00
C LEU C 76 -8.88 -3.96 12.55
N VAL C 77 -8.37 -4.91 11.77
CA VAL C 77 -8.15 -6.29 12.24
C VAL C 77 -6.64 -6.57 12.32
N TYR C 78 -6.21 -7.08 13.48
CA TYR C 78 -4.85 -7.54 13.70
C TYR C 78 -4.80 -9.04 13.40
N SER C 79 -4.13 -9.39 12.30
CA SER C 79 -3.83 -10.78 11.93
C SER C 79 -2.63 -11.27 12.76
N ALA C 80 -1.91 -12.29 12.28
CA ALA C 80 -0.74 -12.86 12.99
C ALA C 80 0.47 -11.91 12.90
N GLY C 81 0.42 -10.84 13.72
CA GLY C 81 1.51 -9.87 13.81
C GLY C 81 1.61 -8.99 12.58
N VAL C 82 0.47 -8.85 11.89
CA VAL C 82 0.35 -8.00 10.69
C VAL C 82 -1.05 -7.36 10.66
N TYR C 83 -1.14 -6.09 10.25
CA TYR C 83 -2.41 -5.35 10.26
C TYR C 83 -3.09 -5.41 8.90
N ARG C 84 -4.44 -5.40 8.93
CA ARG C 84 -5.27 -5.53 7.74
C ARG C 84 -6.65 -4.92 8.00
N LEU C 85 -7.13 -4.09 7.08
CA LEU C 85 -8.46 -3.49 7.18
C LEU C 85 -9.55 -4.50 6.76
N PRO C 86 -10.64 -4.67 7.55
CA PRO C 86 -11.81 -5.45 7.12
C PRO C 86 -12.68 -4.67 6.10
N LYS C 87 -12.80 -5.21 4.86
CA LYS C 87 -13.79 -4.73 3.86
C LYS C 87 -15.22 -4.90 4.42
N ASN C 88 -15.42 -6.03 5.11
CA ASN C 88 -16.69 -6.38 5.76
C ASN C 88 -16.46 -6.57 7.28
N CYS C 89 -17.30 -5.93 8.10
CA CYS C 89 -17.27 -6.08 9.57
C CYS C 89 -18.65 -6.54 10.02
N SER C 90 -18.72 -7.69 10.72
CA SER C 90 -19.98 -8.34 11.12
C SER C 90 -20.68 -7.51 12.23
N GLY A 1 -6.94 -29.37 -12.04
CA GLY A 1 -7.79 -29.95 -10.98
C GLY A 1 -8.54 -28.87 -10.21
N MET A 2 -7.82 -28.18 -9.32
CA MET A 2 -8.39 -27.16 -8.42
C MET A 2 -7.67 -25.82 -8.66
N GLN A 3 -8.33 -24.73 -8.26
CA GLN A 3 -7.87 -23.37 -8.58
C GLN A 3 -6.95 -22.81 -7.48
N ILE A 4 -6.11 -21.85 -7.86
CA ILE A 4 -5.39 -20.95 -6.92
C ILE A 4 -5.50 -19.50 -7.45
N PHE A 5 -5.46 -18.51 -6.53
CA PHE A 5 -5.34 -17.09 -6.85
C PHE A 5 -3.91 -16.63 -6.56
N VAL A 6 -3.28 -15.94 -7.53
CA VAL A 6 -1.91 -15.43 -7.38
C VAL A 6 -1.97 -13.92 -7.07
N ASP A 7 -1.93 -13.57 -5.78
CA ASP A 7 -2.15 -12.20 -5.33
C ASP A 7 -0.80 -11.46 -5.30
N THR A 8 -0.48 -10.76 -6.39
CA THR A 8 0.79 -10.02 -6.52
C THR A 8 0.61 -8.58 -6.03
N VAL A 9 1.21 -8.25 -4.87
CA VAL A 9 1.19 -6.89 -4.34
C VAL A 9 2.54 -6.20 -4.59
N GLN A 10 2.46 -5.07 -5.27
CA GLN A 10 3.62 -4.23 -5.59
C GLN A 10 3.57 -2.96 -4.74
N TRP A 11 4.08 -3.07 -3.51
CA TRP A 11 4.34 -1.91 -2.63
C TRP A 11 5.76 -1.47 -2.92
N LYS A 12 5.89 -0.36 -3.66
CA LYS A 12 7.18 0.05 -4.25
C LYS A 12 7.23 1.56 -4.45
N THR A 13 8.39 2.14 -4.16
CA THR A 13 8.68 3.56 -4.40
C THR A 13 9.10 3.75 -5.87
N ILE A 14 8.40 4.64 -6.58
CA ILE A 14 8.78 5.07 -7.96
C ILE A 14 9.65 6.34 -7.83
N THR A 15 10.41 6.68 -8.87
CA THR A 15 11.11 7.95 -8.97
C THR A 15 10.85 8.53 -10.36
N LEU A 16 10.28 9.74 -10.41
CA LEU A 16 10.09 10.49 -11.67
C LEU A 16 10.90 11.79 -11.60
N GLU A 17 11.00 12.50 -12.73
CA GLU A 17 11.72 13.77 -12.82
C GLU A 17 10.75 14.82 -13.41
N VAL A 18 10.60 15.96 -12.73
CA VAL A 18 9.62 17.02 -13.09
C VAL A 18 10.21 18.41 -12.77
N GLU A 19 9.52 19.51 -13.16
CA GLU A 19 9.95 20.90 -12.86
C GLU A 19 8.92 21.59 -11.94
N PRO A 20 9.35 22.50 -11.01
CA PRO A 20 8.43 23.21 -10.09
C PRO A 20 7.40 24.10 -10.82
N SER A 21 7.80 24.62 -12.00
CA SER A 21 6.94 25.47 -12.84
C SER A 21 5.91 24.64 -13.65
N ASP A 22 6.10 23.30 -13.71
CA ASP A 22 5.16 22.40 -14.40
C ASP A 22 3.87 22.28 -13.61
N THR A 23 2.82 21.79 -14.26
CA THR A 23 1.55 21.46 -13.61
C THR A 23 1.55 20.04 -13.07
N ILE A 24 0.66 19.80 -12.11
CA ILE A 24 0.47 18.51 -11.45
C ILE A 24 -0.14 17.49 -12.43
N GLU A 25 -0.91 17.99 -13.43
CA GLU A 25 -1.53 17.15 -14.46
C GLU A 25 -0.47 16.43 -15.32
N ASN A 26 0.72 17.04 -15.43
CA ASN A 26 1.88 16.43 -16.12
C ASN A 26 2.40 15.22 -15.33
N VAL A 27 2.52 15.40 -13.99
CA VAL A 27 2.98 14.34 -13.05
C VAL A 27 1.99 13.15 -13.10
N LYS A 28 0.72 13.50 -13.00
CA LYS A 28 -0.41 12.58 -13.04
C LYS A 28 -0.42 11.78 -14.37
N ALA A 29 -0.26 12.50 -15.48
CA ALA A 29 -0.30 11.91 -16.83
C ALA A 29 0.95 11.05 -17.10
N LYS A 30 2.12 11.43 -16.55
CA LYS A 30 3.38 10.70 -16.81
C LYS A 30 3.43 9.39 -16.00
N ILE A 31 2.93 9.40 -14.74
CA ILE A 31 2.85 8.17 -13.93
C ILE A 31 1.76 7.24 -14.51
N GLN A 32 0.70 7.85 -15.06
CA GLN A 32 -0.37 7.15 -15.79
C GLN A 32 0.16 6.52 -17.09
N ASP A 33 1.03 7.26 -17.80
CA ASP A 33 1.60 6.84 -19.10
C ASP A 33 2.57 5.67 -18.91
N LYS A 34 3.49 5.85 -17.97
CA LYS A 34 4.62 4.93 -17.75
C LYS A 34 4.20 3.73 -16.86
N GLU A 35 3.67 4.01 -15.65
CA GLU A 35 3.36 2.94 -14.65
C GLU A 35 1.95 2.37 -14.84
N GLY A 36 1.09 3.10 -15.59
CA GLY A 36 -0.29 2.65 -15.82
C GLY A 36 -1.21 2.95 -14.65
N ILE A 37 -0.88 4.04 -13.93
CA ILE A 37 -1.60 4.49 -12.73
C ILE A 37 -2.90 5.24 -13.11
N PRO A 38 -4.11 4.69 -12.77
CA PRO A 38 -5.38 5.41 -12.95
C PRO A 38 -5.60 6.40 -11.78
N PRO A 39 -5.46 7.75 -12.02
CA PRO A 39 -5.44 8.77 -10.93
C PRO A 39 -6.72 8.83 -10.08
N ASP A 40 -7.85 8.59 -10.75
CA ASP A 40 -9.19 8.70 -10.14
C ASP A 40 -9.40 7.65 -9.03
N GLN A 41 -9.05 6.37 -9.32
CA GLN A 41 -9.26 5.26 -8.37
C GLN A 41 -8.05 5.07 -7.43
N GLN A 42 -6.98 5.84 -7.66
CA GLN A 42 -5.79 5.83 -6.79
C GLN A 42 -5.42 7.29 -6.47
N ARG A 43 -6.01 7.80 -5.36
CA ARG A 43 -5.97 9.22 -4.98
C ARG A 43 -4.60 9.58 -4.36
N LEU A 44 -3.97 10.64 -4.95
CA LEU A 44 -2.61 11.07 -4.59
C LEU A 44 -2.65 12.06 -3.40
N ILE A 45 -1.70 11.90 -2.47
CA ILE A 45 -1.47 12.85 -1.34
C ILE A 45 0.05 13.05 -1.18
N PHE A 46 0.49 14.31 -1.29
CA PHE A 46 1.91 14.70 -1.22
C PHE A 46 2.13 15.45 0.09
N ALA A 47 2.93 14.89 1.01
CA ALA A 47 3.37 15.56 2.26
C ALA A 47 2.18 15.98 3.17
N GLY A 48 1.01 15.33 2.98
CA GLY A 48 -0.20 15.66 3.74
C GLY A 48 -1.09 16.69 3.06
N LYS A 49 -0.93 16.84 1.73
CA LYS A 49 -1.67 17.83 0.94
C LYS A 49 -2.19 17.22 -0.37
N GLN A 50 -3.47 17.51 -0.72
CA GLN A 50 -4.17 16.93 -1.88
C GLN A 50 -3.76 17.67 -3.18
N LEU A 51 -3.43 16.89 -4.22
CA LEU A 51 -2.93 17.39 -5.51
C LEU A 51 -4.10 17.72 -6.47
N GLU A 52 -4.39 19.01 -6.64
CA GLU A 52 -5.21 19.53 -7.74
C GLU A 52 -4.32 19.63 -9.00
N ASP A 53 -4.73 18.92 -10.07
CA ASP A 53 -3.94 18.78 -11.31
C ASP A 53 -3.74 20.14 -12.03
N GLY A 54 -4.67 21.07 -11.76
CA GLY A 54 -4.63 22.42 -12.33
C GLY A 54 -3.65 23.35 -11.65
N ARG A 55 -2.93 22.87 -10.61
CA ARG A 55 -1.95 23.68 -9.88
C ARG A 55 -0.54 23.28 -10.33
N THR A 56 0.48 23.98 -9.81
CA THR A 56 1.89 23.69 -10.16
C THR A 56 2.55 22.90 -9.03
N LEU A 57 3.71 22.30 -9.33
CA LEU A 57 4.54 21.59 -8.34
C LEU A 57 4.98 22.59 -7.23
N SER A 58 5.23 23.84 -7.67
CA SER A 58 5.64 24.97 -6.81
C SER A 58 4.56 25.35 -5.78
N ASP A 59 3.27 25.20 -6.16
CA ASP A 59 2.12 25.47 -5.25
C ASP A 59 2.20 24.60 -3.97
N TYR A 60 2.80 23.41 -4.12
CA TYR A 60 2.92 22.43 -3.05
C TYR A 60 4.33 22.43 -2.44
N ASN A 61 5.22 23.30 -3.00
CA ASN A 61 6.64 23.42 -2.58
C ASN A 61 7.37 22.06 -2.76
N ILE A 62 7.04 21.37 -3.86
CA ILE A 62 7.64 20.09 -4.21
C ILE A 62 9.10 20.30 -4.68
N GLN A 63 10.03 20.07 -3.74
CA GLN A 63 11.49 20.09 -3.98
C GLN A 63 11.98 18.65 -4.24
N LYS A 64 13.30 18.49 -4.46
CA LYS A 64 13.86 17.21 -4.91
C LYS A 64 13.89 16.15 -3.82
N GLU A 65 13.73 14.91 -4.28
CA GLU A 65 13.76 13.70 -3.44
C GLU A 65 12.75 13.77 -2.28
N SER A 66 11.63 14.49 -2.52
CA SER A 66 10.49 14.54 -1.61
C SER A 66 9.56 13.35 -1.89
N ALA A 67 8.63 13.04 -0.97
CA ALA A 67 7.84 11.81 -1.03
C ALA A 67 6.33 12.09 -1.20
N LEU A 68 5.79 11.47 -2.25
CA LEU A 68 4.37 11.40 -2.59
C LEU A 68 3.90 9.98 -2.26
N ILE A 69 2.63 9.81 -1.85
CA ILE A 69 2.03 8.47 -1.74
C ILE A 69 0.72 8.43 -2.53
N LEU A 70 0.48 7.26 -3.12
CA LEU A 70 -0.75 6.94 -3.84
C LEU A 70 -1.59 6.00 -2.99
N LEU A 71 -2.78 6.48 -2.60
CA LEU A 71 -3.76 5.71 -1.84
C LEU A 71 -4.76 5.11 -2.84
N LEU A 72 -4.81 3.79 -2.92
CA LEU A 72 -5.77 3.08 -3.79
C LEU A 72 -7.19 3.17 -3.17
N THR A 73 -8.25 3.02 -4.01
CA THR A 73 -9.69 3.16 -3.64
C THR A 73 -9.98 2.68 -2.21
N LEU A 74 -10.13 3.67 -1.30
CA LEU A 74 -10.31 3.45 0.14
C LEU A 74 -11.63 2.69 0.39
N ARG A 75 -12.71 3.29 -0.10
CA ARG A 75 -14.08 2.74 0.01
C ARG A 75 -14.55 2.24 -1.38
N GLY B 1 13.68 19.46 -13.46
CA GLY B 1 14.01 20.34 -12.31
C GLY B 1 14.47 19.53 -11.12
N MET B 2 13.52 18.81 -10.49
CA MET B 2 13.73 17.95 -9.33
C MET B 2 13.09 16.58 -9.57
N GLN B 3 13.66 15.54 -8.96
CA GLN B 3 13.22 14.15 -9.15
C GLN B 3 12.57 13.70 -7.84
N ILE B 4 11.33 13.24 -7.91
CA ILE B 4 10.50 12.98 -6.71
C ILE B 4 10.12 11.51 -6.62
N PHE B 5 9.80 11.06 -5.42
CA PHE B 5 9.47 9.67 -5.13
C PHE B 5 7.95 9.54 -5.06
N VAL B 6 7.41 8.55 -5.77
CA VAL B 6 5.96 8.36 -5.93
C VAL B 6 5.60 6.95 -5.47
N ASP B 7 5.12 6.82 -4.24
CA ASP B 7 4.95 5.53 -3.59
C ASP B 7 3.64 4.89 -4.07
N THR B 8 3.74 3.70 -4.66
CA THR B 8 2.63 3.04 -5.38
C THR B 8 2.34 1.65 -4.80
N VAL B 9 1.04 1.31 -4.74
CA VAL B 9 0.58 -0.04 -4.40
C VAL B 9 -0.27 -0.59 -5.54
N GLN B 10 0.14 -1.74 -6.09
CA GLN B 10 -0.61 -2.45 -7.13
C GLN B 10 -0.78 -3.92 -6.72
N TRP B 11 -1.85 -4.20 -5.96
CA TRP B 11 -2.30 -5.57 -5.67
C TRP B 11 -3.16 -6.01 -6.86
N LYS B 12 -2.83 -7.18 -7.39
CA LYS B 12 -3.51 -7.79 -8.55
C LYS B 12 -3.73 -9.28 -8.27
N THR B 13 -4.99 -9.66 -8.11
CA THR B 13 -5.39 -11.07 -7.96
C THR B 13 -5.42 -11.73 -9.36
N ILE B 14 -4.49 -12.67 -9.58
CA ILE B 14 -4.43 -13.53 -10.78
C ILE B 14 -5.17 -14.85 -10.44
N THR B 15 -5.44 -15.69 -11.43
CA THR B 15 -6.11 -16.99 -11.22
C THR B 15 -5.51 -18.03 -12.18
N LEU B 16 -5.19 -19.21 -11.63
CA LEU B 16 -4.75 -20.38 -12.40
C LEU B 16 -5.44 -21.63 -11.87
N GLU B 17 -5.32 -22.74 -12.62
CA GLU B 17 -5.71 -24.08 -12.15
C GLU B 17 -4.48 -24.98 -12.11
N VAL B 18 -4.43 -25.79 -11.05
CA VAL B 18 -3.29 -26.64 -10.71
C VAL B 18 -3.82 -28.04 -10.30
N GLU B 19 -2.92 -29.00 -10.01
CA GLU B 19 -3.33 -30.36 -9.56
C GLU B 19 -2.56 -30.71 -8.27
N PRO B 20 -3.08 -31.62 -7.38
CA PRO B 20 -2.35 -31.98 -6.15
C PRO B 20 -1.07 -32.81 -6.44
N SER B 21 -1.04 -33.44 -7.62
CA SER B 21 0.04 -34.35 -8.02
C SER B 21 1.25 -33.60 -8.64
N ASP B 22 1.09 -32.32 -9.06
CA ASP B 22 2.21 -31.57 -9.68
C ASP B 22 3.03 -30.84 -8.61
N THR B 23 4.13 -30.22 -9.05
CA THR B 23 5.09 -29.52 -8.18
C THR B 23 4.95 -28.01 -8.27
N ILE B 24 5.37 -27.35 -7.18
CA ILE B 24 5.39 -25.90 -7.03
C ILE B 24 6.23 -25.23 -8.13
N GLU B 25 7.27 -25.96 -8.62
CA GLU B 25 8.18 -25.48 -9.66
C GLU B 25 7.41 -25.06 -10.93
N ASN B 26 6.33 -25.79 -11.23
CA ASN B 26 5.44 -25.52 -12.36
C ASN B 26 4.73 -24.18 -12.16
N VAL B 27 4.18 -23.98 -10.94
CA VAL B 27 3.41 -22.77 -10.57
C VAL B 27 4.29 -21.51 -10.71
N LYS B 28 5.50 -21.58 -10.08
CA LYS B 28 6.44 -20.45 -10.06
C LYS B 28 7.04 -20.18 -11.45
N ALA B 29 7.23 -21.25 -12.26
CA ALA B 29 7.72 -21.12 -13.64
C ALA B 29 6.64 -20.53 -14.57
N LYS B 30 5.35 -20.81 -14.30
CA LYS B 30 4.23 -20.27 -15.10
C LYS B 30 3.98 -18.80 -14.79
N ILE B 31 4.04 -18.39 -13.50
CA ILE B 31 3.92 -16.97 -13.13
C ILE B 31 5.18 -16.19 -13.58
N GLN B 32 6.35 -16.88 -13.62
CA GLN B 32 7.60 -16.33 -14.20
C GLN B 32 7.49 -16.17 -15.73
N ASP B 33 6.81 -17.12 -16.38
CA ASP B 33 6.64 -17.14 -17.85
C ASP B 33 5.70 -15.99 -18.29
N LYS B 34 4.51 -15.95 -17.67
CA LYS B 34 3.44 -15.03 -18.08
C LYS B 34 3.71 -13.61 -17.56
N GLU B 35 3.99 -13.51 -16.25
CA GLU B 35 4.00 -12.22 -15.54
C GLU B 35 5.42 -11.72 -15.27
N GLY B 36 6.43 -12.57 -15.53
CA GLY B 36 7.83 -12.21 -15.29
C GLY B 36 8.19 -12.19 -13.81
N ILE B 37 7.51 -13.02 -13.01
CA ILE B 37 7.67 -13.12 -11.54
C ILE B 37 8.84 -14.08 -11.18
N PRO B 38 10.02 -13.57 -10.70
CA PRO B 38 11.09 -14.43 -10.19
C PRO B 38 10.78 -14.82 -8.73
N PRO B 39 10.62 -16.15 -8.40
CA PRO B 39 10.29 -16.63 -7.02
C PRO B 39 11.19 -16.03 -5.92
N ASP B 40 12.46 -15.81 -6.28
CA ASP B 40 13.47 -15.18 -5.40
C ASP B 40 13.11 -13.71 -5.08
N GLN B 41 12.73 -12.91 -6.11
CA GLN B 41 12.53 -11.45 -5.98
C GLN B 41 11.11 -11.12 -5.47
N GLN B 42 10.12 -11.88 -5.95
CA GLN B 42 8.76 -11.87 -5.43
C GLN B 42 8.57 -13.15 -4.62
N ARG B 43 8.57 -12.98 -3.31
CA ARG B 43 8.55 -14.06 -2.33
C ARG B 43 7.12 -14.64 -2.24
N LEU B 44 6.98 -15.93 -2.61
CA LEU B 44 5.68 -16.60 -2.68
C LEU B 44 5.32 -17.16 -1.28
N ASP B 45 4.45 -16.44 -0.55
CA ASP B 45 3.96 -16.87 0.76
C ASP B 45 2.52 -17.37 0.61
N PHE B 46 2.26 -18.60 1.05
CA PHE B 46 0.93 -19.23 0.93
C PHE B 46 0.30 -19.33 2.34
N ALA B 47 -0.65 -18.40 2.63
CA ALA B 47 -1.48 -18.43 3.85
C ALA B 47 -0.64 -18.40 5.17
N GLY B 48 0.55 -17.77 5.10
CA GLY B 48 1.46 -17.70 6.25
C GLY B 48 2.51 -18.81 6.27
N LYS B 49 2.69 -19.49 5.12
CA LYS B 49 3.73 -20.51 4.93
C LYS B 49 4.30 -20.38 3.51
N GLN B 50 5.59 -20.02 3.39
CA GLN B 50 6.30 -19.93 2.10
C GLN B 50 6.42 -21.32 1.43
N LEU B 51 6.58 -21.33 0.10
CA LEU B 51 6.64 -22.57 -0.71
C LEU B 51 8.10 -22.93 -1.05
N GLU B 52 8.40 -24.24 -1.03
CA GLU B 52 9.61 -24.80 -1.66
C GLU B 52 9.27 -25.11 -3.13
N ASP B 53 10.09 -24.60 -4.07
CA ASP B 53 9.85 -24.81 -5.53
C ASP B 53 9.89 -26.32 -5.88
N GLY B 54 10.73 -27.08 -5.15
CA GLY B 54 10.87 -28.51 -5.36
C GLY B 54 9.81 -29.35 -4.64
N ARG B 55 8.81 -28.71 -4.00
CA ARG B 55 7.77 -29.41 -3.23
C ARG B 55 6.57 -29.73 -4.13
N THR B 56 5.59 -30.49 -3.62
CA THR B 56 4.37 -30.87 -4.36
C THR B 56 3.17 -30.06 -3.83
N LEU B 57 2.13 -29.85 -4.67
CA LEU B 57 0.91 -29.13 -4.29
C LEU B 57 0.18 -29.85 -3.12
N SER B 58 0.08 -31.19 -3.20
CA SER B 58 -0.64 -32.00 -2.18
C SER B 58 0.00 -31.91 -0.78
N ASP B 59 1.32 -31.60 -0.72
CA ASP B 59 2.04 -31.38 0.56
C ASP B 59 1.33 -30.32 1.40
N TYR B 60 0.89 -29.25 0.72
CA TYR B 60 0.27 -28.09 1.36
C TYR B 60 -1.26 -28.28 1.44
N ASN B 61 -1.77 -29.39 0.84
CA ASN B 61 -3.22 -29.73 0.77
C ASN B 61 -4.00 -28.57 0.12
N ILE B 62 -3.48 -28.15 -1.04
CA ILE B 62 -4.02 -27.03 -1.84
C ILE B 62 -5.46 -27.35 -2.28
N GLN B 63 -6.41 -26.57 -1.78
CA GLN B 63 -7.83 -26.69 -2.17
C GLN B 63 -8.15 -25.66 -3.26
N LYS B 64 -9.29 -25.87 -3.94
CA LYS B 64 -9.76 -24.96 -4.96
C LYS B 64 -9.98 -23.58 -4.35
N GLU B 65 -9.38 -22.57 -5.00
CA GLU B 65 -9.53 -21.17 -4.66
C GLU B 65 -8.74 -20.85 -3.39
N SER B 66 -7.67 -21.65 -3.10
CA SER B 66 -6.60 -21.24 -2.18
C SER B 66 -5.86 -20.02 -2.77
N ALA B 67 -5.17 -19.24 -1.92
CA ALA B 67 -4.51 -17.99 -2.39
C ALA B 67 -3.13 -17.81 -1.73
N LEU B 68 -2.13 -17.43 -2.55
CA LEU B 68 -0.78 -17.05 -2.08
C LEU B 68 -0.56 -15.56 -2.33
N ILE B 69 0.03 -14.87 -1.34
CA ILE B 69 0.42 -13.47 -1.47
C ILE B 69 1.91 -13.39 -1.85
N LEU B 70 2.17 -12.72 -2.95
CA LEU B 70 3.51 -12.36 -3.39
C LEU B 70 3.96 -11.10 -2.65
N LEU B 71 4.83 -11.31 -1.67
CA LEU B 71 5.50 -10.23 -0.91
C LEU B 71 6.85 -9.96 -1.59
N LEU B 72 7.48 -8.80 -1.35
CA LEU B 72 8.84 -8.55 -1.87
C LEU B 72 9.87 -9.45 -1.16
N THR B 73 10.94 -9.76 -1.91
CA THR B 73 12.03 -10.70 -1.53
C THR B 73 12.42 -10.66 -0.04
N LEU B 74 11.89 -11.61 0.75
CA LEU B 74 12.16 -11.70 2.19
C LEU B 74 12.22 -13.16 2.69
N ARG B 75 11.06 -13.75 3.08
CA ARG B 75 11.02 -15.07 3.76
C ARG B 75 10.78 -16.21 2.74
N GLY C 1 -18.06 11.53 2.06
CA GLY C 1 -17.04 11.61 3.12
C GLY C 1 -16.40 12.99 3.20
N SER C 2 -17.00 13.88 4.01
CA SER C 2 -16.48 15.26 4.22
C SER C 2 -16.73 15.69 5.68
N GLU C 3 -16.85 14.69 6.57
CA GLU C 3 -17.05 14.89 8.02
C GLU C 3 -15.74 15.40 8.67
N SER C 4 -15.47 16.68 8.43
CA SER C 4 -14.21 17.36 8.75
C SER C 4 -14.42 18.87 8.53
N ASP C 5 -15.64 19.33 8.86
CA ASP C 5 -16.13 20.69 8.60
C ASP C 5 -15.35 21.73 9.43
N SER C 6 -14.73 22.69 8.75
CA SER C 6 -13.96 23.78 9.36
C SER C 6 -14.91 24.90 9.88
N GLY C 7 -14.64 25.36 11.11
CA GLY C 7 -15.44 26.40 11.76
C GLY C 7 -14.87 26.78 13.12
N MET C 8 -15.71 27.27 14.04
CA MET C 8 -15.30 27.70 15.39
C MET C 8 -15.34 26.50 16.37
N ALA C 9 -14.51 25.51 16.06
CA ALA C 9 -14.29 24.30 16.87
C ALA C 9 -12.85 23.80 16.64
N SER C 10 -12.01 24.72 16.10
CA SER C 10 -10.71 24.43 15.50
C SER C 10 -9.72 23.74 16.46
N GLN C 11 -9.86 24.00 17.77
CA GLN C 11 -8.98 23.43 18.81
C GLN C 11 -9.11 21.89 18.88
N ALA C 12 -10.35 21.41 18.90
CA ALA C 12 -10.69 19.96 18.99
C ALA C 12 -10.76 19.33 17.59
N ASP C 13 -11.02 20.19 16.58
CA ASP C 13 -11.23 19.78 15.18
C ASP C 13 -9.91 19.48 14.48
N GLN C 14 -8.91 20.40 14.64
CA GLN C 14 -7.57 20.28 14.01
C GLN C 14 -6.96 18.88 14.17
N LYS C 15 -7.01 18.41 15.42
CA LYS C 15 -6.35 17.19 15.85
C LYS C 15 -7.13 15.97 15.37
N GLU C 16 -8.45 16.04 15.50
CA GLU C 16 -9.38 14.98 15.07
C GLU C 16 -9.25 14.71 13.56
N GLU C 17 -9.39 15.78 12.75
CA GLU C 17 -9.34 15.67 11.28
C GLU C 17 -7.93 15.29 10.81
N GLU C 18 -6.88 15.71 11.57
CA GLU C 18 -5.50 15.33 11.29
C GLU C 18 -5.32 13.81 11.51
N LEU C 19 -5.90 13.29 12.61
CA LEU C 19 -5.90 11.85 12.94
C LEU C 19 -6.73 11.06 11.92
N LEU C 20 -7.78 11.71 11.39
CA LEU C 20 -8.65 11.13 10.35
C LEU C 20 -7.87 11.05 9.03
N LEU C 21 -7.00 12.07 8.77
CA LEU C 21 -6.10 12.08 7.58
C LEU C 21 -5.07 10.94 7.68
N PHE C 22 -4.48 10.78 8.88
CA PHE C 22 -3.53 9.69 9.16
C PHE C 22 -4.23 8.34 8.94
N TRP C 23 -5.47 8.25 9.42
CA TRP C 23 -6.31 7.08 9.25
C TRP C 23 -6.77 6.92 7.78
N THR C 24 -6.84 8.02 7.02
CA THR C 24 -7.12 7.98 5.55
C THR C 24 -5.92 7.32 4.84
N TYR C 25 -4.68 7.58 5.33
CA TYR C 25 -3.49 6.86 4.84
C TYR C 25 -3.59 5.37 5.15
N ILE C 26 -3.69 5.03 6.47
CA ILE C 26 -3.58 3.64 6.97
C ILE C 26 -4.75 2.76 6.44
N GLN C 27 -5.94 3.36 6.30
CA GLN C 27 -7.14 2.62 5.86
C GLN C 27 -7.06 2.34 4.36
N ALA C 28 -6.70 3.39 3.58
CA ALA C 28 -6.52 3.29 2.10
C ALA C 28 -5.27 2.47 1.74
N MET C 29 -4.35 2.37 2.70
CA MET C 29 -3.17 1.50 2.60
C MET C 29 -3.64 0.05 2.77
N LEU C 30 -4.25 -0.22 3.92
CA LEU C 30 -4.64 -1.58 4.37
C LEU C 30 -5.84 -2.16 3.58
N THR C 31 -6.60 -1.30 2.87
CA THR C 31 -7.81 -1.72 2.11
C THR C 31 -7.43 -2.55 0.87
N ASN C 32 -6.17 -2.48 0.49
CA ASN C 32 -5.57 -3.30 -0.58
C ASN C 32 -4.31 -4.01 -0.04
N LEU C 33 -3.42 -3.22 0.57
CA LEU C 33 -2.14 -3.67 1.16
C LEU C 33 -2.43 -4.22 2.58
N GLU C 34 -3.19 -5.31 2.62
CA GLU C 34 -3.65 -5.95 3.87
C GLU C 34 -2.58 -6.91 4.43
N SER C 35 -1.36 -6.37 4.60
CA SER C 35 -0.19 -7.06 5.20
C SER C 35 1.03 -6.14 5.20
N LEU C 36 1.45 -5.69 6.39
CA LEU C 36 2.61 -4.77 6.53
C LEU C 36 3.12 -4.73 7.98
N SER C 37 4.39 -4.35 8.15
CA SER C 37 4.97 -4.05 9.46
C SER C 37 4.55 -2.64 9.89
N LEU C 38 4.57 -2.41 11.22
CA LEU C 38 4.35 -1.08 11.81
C LEU C 38 5.48 -0.11 11.39
N ASP C 39 6.68 -0.63 11.08
CA ASP C 39 7.80 0.21 10.58
C ASP C 39 7.38 1.07 9.37
N ARG C 40 6.63 0.46 8.44
CA ARG C 40 6.13 1.12 7.22
C ARG C 40 5.14 2.26 7.56
N ILE C 41 4.02 1.89 8.22
CA ILE C 41 2.90 2.80 8.52
C ILE C 41 3.35 3.92 9.49
N TYR C 42 4.25 3.58 10.44
CA TYR C 42 4.83 4.54 11.41
C TYR C 42 5.69 5.58 10.65
N ASN C 43 6.62 5.08 9.80
CA ASN C 43 7.48 5.93 8.95
C ASN C 43 6.66 6.96 8.15
N MET C 44 5.57 6.49 7.51
CA MET C 44 4.68 7.36 6.72
C MET C 44 3.97 8.39 7.62
N LEU C 45 3.31 7.94 8.70
CA LEU C 45 2.60 8.83 9.65
C LEU C 45 3.54 9.94 10.20
N ARG C 46 4.80 9.56 10.41
CA ARG C 46 5.86 10.46 10.88
C ARG C 46 6.21 11.50 9.81
N MET C 47 6.46 11.08 8.54
CA MET C 47 6.78 12.04 7.46
C MET C 47 5.63 13.06 7.29
N PHE C 48 4.38 12.59 7.36
CA PHE C 48 3.18 13.44 7.19
C PHE C 48 2.95 14.37 8.41
N VAL C 49 3.35 13.93 9.62
CA VAL C 49 3.22 14.79 10.83
C VAL C 49 4.37 15.83 10.93
N VAL C 50 5.55 15.54 10.33
CA VAL C 50 6.73 16.45 10.38
C VAL C 50 6.80 17.40 9.17
N THR C 51 6.16 17.02 8.04
CA THR C 51 6.12 17.87 6.81
C THR C 51 5.34 19.17 7.05
N GLY C 52 4.54 19.16 8.12
CA GLY C 52 3.87 20.35 8.62
C GLY C 52 3.96 20.41 10.13
N PRO C 53 3.41 21.47 10.79
CA PRO C 53 3.22 21.47 12.25
C PRO C 53 2.32 20.29 12.69
N ALA C 54 1.29 20.02 11.86
CA ALA C 54 0.29 18.93 12.02
C ALA C 54 -0.22 18.71 13.47
N LEU C 55 0.57 18.00 14.31
CA LEU C 55 0.21 17.63 15.72
C LEU C 55 1.43 17.74 16.66
N ALA C 56 2.34 18.68 16.32
CA ALA C 56 3.63 18.88 17.04
C ALA C 56 4.45 17.57 17.11
N GLU C 57 4.32 16.74 16.04
CA GLU C 57 4.85 15.36 15.95
C GLU C 57 4.09 14.39 16.88
N ILE C 58 3.43 13.37 16.28
CA ILE C 58 2.73 12.30 17.02
C ILE C 58 3.74 11.36 17.68
N ASP C 59 3.28 10.73 18.75
CA ASP C 59 4.14 9.96 19.67
C ASP C 59 3.94 8.45 19.44
N LEU C 60 4.82 7.63 20.03
CA LEU C 60 4.75 6.15 19.92
C LEU C 60 3.52 5.59 20.65
N GLN C 61 3.15 6.17 21.81
CA GLN C 61 1.94 5.72 22.55
C GLN C 61 0.66 6.23 21.89
N GLU C 62 0.76 7.33 21.09
CA GLU C 62 -0.34 7.82 20.25
C GLU C 62 -0.57 6.86 19.07
N LEU C 63 0.54 6.48 18.44
CA LEU C 63 0.58 5.56 17.28
C LEU C 63 0.03 4.17 17.71
N GLN C 64 0.72 3.62 18.73
CA GLN C 64 0.41 2.33 19.35
C GLN C 64 -1.03 2.32 19.88
N GLY C 65 -1.41 3.41 20.57
CA GLY C 65 -2.77 3.56 21.13
C GLY C 65 -3.85 3.55 20.04
N TYR C 66 -3.55 4.19 18.90
CA TYR C 66 -4.45 4.28 17.74
C TYR C 66 -4.72 2.86 17.18
N LEU C 67 -3.60 2.17 16.90
CA LEU C 67 -3.61 0.82 16.33
C LEU C 67 -4.20 -0.22 17.28
N GLN C 68 -3.85 -0.09 18.58
CA GLN C 68 -4.34 -0.95 19.66
C GLN C 68 -5.86 -0.86 19.75
N LYS C 69 -6.37 0.39 19.65
CA LYS C 69 -7.80 0.65 19.64
C LYS C 69 -8.46 -0.07 18.46
N LYS C 70 -7.96 0.18 17.22
CA LYS C 70 -8.47 -0.50 15.99
C LYS C 70 -8.50 -2.05 16.12
N VAL C 71 -7.41 -2.64 16.66
CA VAL C 71 -7.28 -4.10 16.83
C VAL C 71 -8.33 -4.63 17.83
N ARG C 72 -8.44 -3.93 18.98
CA ARG C 72 -9.42 -4.29 20.04
C ARG C 72 -10.84 -3.78 19.72
N ASP C 73 -10.97 -3.00 18.63
CA ASP C 73 -12.28 -2.56 18.06
C ASP C 73 -12.83 -3.60 17.07
N GLN C 74 -11.98 -4.63 16.75
CA GLN C 74 -12.22 -5.67 15.70
C GLN C 74 -12.15 -5.08 14.28
N GLN C 75 -11.62 -3.85 14.20
CA GLN C 75 -11.45 -3.11 12.94
C GLN C 75 -10.19 -3.62 12.21
N LEU C 76 -9.12 -3.83 12.99
CA LEU C 76 -7.77 -4.16 12.48
C LEU C 76 -7.33 -5.51 13.10
N VAL C 77 -6.54 -6.29 12.37
CA VAL C 77 -5.90 -7.50 12.88
C VAL C 77 -4.39 -7.26 13.07
N TYR C 78 -3.92 -7.49 14.30
CA TYR C 78 -2.50 -7.58 14.63
C TYR C 78 -2.13 -9.06 14.65
N SER C 79 -1.28 -9.48 13.70
CA SER C 79 -0.78 -10.86 13.64
C SER C 79 0.52 -10.94 14.48
N ALA C 80 1.53 -11.73 14.02
CA ALA C 80 2.84 -11.82 14.71
C ALA C 80 3.67 -10.54 14.48
N GLY C 81 3.26 -9.45 15.15
CA GLY C 81 3.98 -8.18 15.09
C GLY C 81 3.80 -7.43 13.78
N VAL C 82 2.70 -7.72 13.06
CA VAL C 82 2.35 -7.02 11.81
C VAL C 82 0.87 -6.63 11.81
N TYR C 83 0.52 -5.61 11.02
CA TYR C 83 -0.87 -5.15 10.87
C TYR C 83 -1.43 -5.54 9.50
N ARG C 84 -2.73 -5.86 9.51
CA ARG C 84 -3.50 -6.17 8.29
C ARG C 84 -4.99 -5.91 8.55
N LEU C 85 -5.71 -5.32 7.58
CA LEU C 85 -7.14 -5.04 7.71
C LEU C 85 -7.95 -6.29 7.30
N PRO C 86 -8.81 -6.84 8.21
CA PRO C 86 -9.75 -7.91 7.85
C PRO C 86 -10.84 -7.35 6.91
N LYS C 87 -10.99 -7.99 5.73
CA LYS C 87 -12.01 -7.60 4.73
C LYS C 87 -13.38 -8.22 5.09
N ASN C 88 -13.43 -8.84 6.28
CA ASN C 88 -14.65 -9.41 6.91
C ASN C 88 -14.93 -8.68 8.24
N CYS C 89 -14.31 -7.48 8.44
CA CYS C 89 -14.46 -6.67 9.68
C CYS C 89 -15.91 -6.21 9.88
N SER C 90 -16.58 -5.87 8.77
CA SER C 90 -17.97 -5.40 8.77
C SER C 90 -18.59 -5.68 7.37
N GLY A 1 -5.69 -29.32 -14.18
CA GLY A 1 -6.11 -29.51 -12.77
C GLY A 1 -7.02 -28.39 -12.33
N MET A 2 -6.58 -27.65 -11.30
CA MET A 2 -7.35 -26.54 -10.67
C MET A 2 -6.66 -25.21 -10.97
N GLN A 3 -7.45 -24.14 -11.13
CA GLN A 3 -6.93 -22.83 -11.58
C GLN A 3 -6.97 -21.84 -10.42
N ILE A 4 -5.82 -21.23 -10.13
CA ILE A 4 -5.61 -20.42 -8.93
C ILE A 4 -5.26 -18.97 -9.29
N PHE A 5 -5.51 -18.06 -8.34
CA PHE A 5 -5.28 -16.63 -8.50
C PHE A 5 -4.06 -16.22 -7.68
N VAL A 6 -3.02 -15.69 -8.34
CA VAL A 6 -1.79 -15.24 -7.64
C VAL A 6 -1.71 -13.71 -7.72
N ASP A 7 -2.13 -13.06 -6.62
CA ASP A 7 -2.10 -11.60 -6.47
C ASP A 7 -0.67 -11.14 -6.20
N THR A 8 -0.01 -10.68 -7.26
CA THR A 8 1.37 -10.17 -7.18
C THR A 8 1.33 -8.67 -6.87
N VAL A 9 2.16 -8.26 -5.89
CA VAL A 9 2.16 -6.88 -5.36
C VAL A 9 3.33 -6.07 -5.93
N GLN A 10 3.09 -4.77 -6.12
CA GLN A 10 4.13 -3.78 -6.43
C GLN A 10 3.86 -2.55 -5.55
N TRP A 11 4.35 -2.62 -4.31
CA TRP A 11 4.36 -1.51 -3.35
C TRP A 11 5.79 -1.01 -3.29
N LYS A 12 6.04 0.12 -3.93
CA LYS A 12 7.42 0.54 -4.25
C LYS A 12 7.51 2.05 -4.48
N THR A 13 8.63 2.63 -4.05
CA THR A 13 8.96 4.03 -4.29
C THR A 13 9.70 4.16 -5.64
N ILE A 14 9.16 4.98 -6.55
CA ILE A 14 9.68 5.18 -7.92
C ILE A 14 10.34 6.55 -7.99
N THR A 15 11.54 6.64 -8.56
CA THR A 15 12.24 7.93 -8.74
C THR A 15 12.04 8.42 -10.18
N LEU A 16 11.30 9.52 -10.31
CA LEU A 16 10.95 10.13 -11.62
C LEU A 16 11.21 11.64 -11.55
N GLU A 17 11.13 12.30 -12.69
CA GLU A 17 11.15 13.77 -12.77
C GLU A 17 9.75 14.29 -13.09
N VAL A 18 9.50 15.49 -12.58
CA VAL A 18 8.33 16.29 -12.93
C VAL A 18 8.72 17.78 -12.98
N GLU A 19 7.97 18.59 -13.76
CA GLU A 19 8.32 19.97 -14.08
C GLU A 19 7.35 20.93 -13.36
N PRO A 20 7.88 22.03 -12.73
CA PRO A 20 7.08 22.98 -11.90
C PRO A 20 5.88 23.61 -12.64
N SER A 21 6.09 23.93 -13.92
CA SER A 21 5.10 24.70 -14.72
C SER A 21 3.98 23.80 -15.26
N ASP A 22 4.13 22.45 -15.07
CA ASP A 22 3.10 21.48 -15.48
C ASP A 22 2.01 21.40 -14.41
N THR A 23 0.79 21.05 -14.85
CA THR A 23 -0.35 20.79 -13.95
C THR A 23 -0.25 19.39 -13.32
N ILE A 24 -1.06 19.19 -12.29
CA ILE A 24 -1.12 17.93 -11.54
C ILE A 24 -1.86 16.84 -12.37
N GLU A 25 -2.78 17.30 -13.25
CA GLU A 25 -3.52 16.43 -14.18
C GLU A 25 -2.56 15.59 -15.05
N ASN A 26 -1.36 16.15 -15.29
CA ASN A 26 -0.26 15.47 -16.00
C ASN A 26 0.24 14.27 -15.19
N VAL A 27 0.54 14.49 -13.90
CA VAL A 27 1.06 13.44 -12.98
C VAL A 27 0.01 12.29 -12.82
N LYS A 28 -1.26 12.72 -12.68
CA LYS A 28 -2.44 11.84 -12.65
C LYS A 28 -2.52 11.00 -13.95
N ALA A 29 -2.35 11.69 -15.08
CA ALA A 29 -2.37 11.07 -16.41
C ALA A 29 -1.14 10.18 -16.63
N LYS A 30 -0.01 10.47 -15.95
CA LYS A 30 1.23 9.69 -16.07
C LYS A 30 1.10 8.35 -15.33
N ILE A 31 0.52 8.37 -14.12
CA ILE A 31 0.30 7.13 -13.35
C ILE A 31 -0.79 6.27 -14.05
N GLN A 32 -1.80 6.94 -14.66
CA GLN A 32 -2.81 6.23 -15.49
C GLN A 32 -2.19 5.67 -16.79
N ASP A 33 -1.29 6.44 -17.40
CA ASP A 33 -0.65 6.09 -18.70
C ASP A 33 0.28 4.88 -18.55
N LYS A 34 1.16 4.94 -17.55
CA LYS A 34 2.18 3.92 -17.32
C LYS A 34 1.58 2.71 -16.59
N GLU A 35 0.99 2.97 -15.39
CA GLU A 35 0.58 1.92 -14.45
C GLU A 35 -0.87 1.47 -14.69
N GLY A 36 -1.69 2.35 -15.30
CA GLY A 36 -3.11 2.05 -15.49
C GLY A 36 -3.92 2.23 -14.22
N ILE A 37 -3.53 3.24 -13.43
CA ILE A 37 -4.20 3.60 -12.17
C ILE A 37 -5.43 4.50 -12.49
N PRO A 38 -6.69 4.05 -12.16
CA PRO A 38 -7.92 4.85 -12.40
C PRO A 38 -7.90 6.18 -11.59
N PRO A 39 -7.84 7.38 -12.29
CA PRO A 39 -7.87 8.73 -11.64
C PRO A 39 -9.02 8.91 -10.65
N ASP A 40 -10.18 8.37 -11.05
CA ASP A 40 -11.42 8.42 -10.26
C ASP A 40 -11.27 7.69 -8.90
N GLN A 41 -10.54 6.56 -8.91
CA GLN A 41 -10.31 5.72 -7.70
C GLN A 41 -8.95 6.03 -7.04
N GLN A 42 -8.24 7.03 -7.57
CA GLN A 42 -6.91 7.46 -7.11
C GLN A 42 -7.03 8.56 -6.04
N ARG A 43 -6.25 8.42 -4.94
CA ARG A 43 -6.13 9.42 -3.86
C ARG A 43 -4.64 9.70 -3.57
N LEU A 44 -3.97 10.47 -4.44
CA LEU A 44 -2.58 10.93 -4.22
C LEU A 44 -2.55 11.99 -3.09
N ILE A 45 -1.57 11.87 -2.17
CA ILE A 45 -1.27 12.91 -1.15
C ILE A 45 0.25 13.14 -1.13
N PHE A 46 0.68 14.39 -1.38
CA PHE A 46 2.09 14.78 -1.54
C PHE A 46 2.50 15.62 -0.33
N ALA A 47 3.46 15.11 0.47
CA ALA A 47 4.05 15.83 1.63
C ALA A 47 2.99 16.25 2.67
N GLY A 48 1.81 15.58 2.65
CA GLY A 48 0.69 15.92 3.54
C GLY A 48 -0.24 16.99 2.98
N LYS A 49 -0.30 17.08 1.64
CA LYS A 49 -1.21 17.99 0.91
C LYS A 49 -1.88 17.24 -0.26
N GLN A 50 -3.21 17.42 -0.41
CA GLN A 50 -4.00 16.70 -1.42
C GLN A 50 -3.88 17.40 -2.78
N LEU A 51 -3.64 16.59 -3.83
CA LEU A 51 -3.35 17.06 -5.19
C LEU A 51 -4.64 17.50 -5.91
N GLU A 52 -4.82 18.83 -6.07
CA GLU A 52 -5.86 19.42 -6.91
C GLU A 52 -5.45 19.37 -8.37
N ASP A 53 -6.32 18.77 -9.16
CA ASP A 53 -6.06 18.37 -10.56
C ASP A 53 -5.61 19.57 -11.43
N GLY A 54 -6.31 20.69 -11.26
CA GLY A 54 -6.09 21.90 -12.05
C GLY A 54 -5.05 22.85 -11.48
N ARG A 55 -4.26 22.37 -10.50
CA ARG A 55 -3.14 23.16 -9.93
C ARG A 55 -1.83 22.73 -10.61
N THR A 56 -0.74 23.48 -10.37
CA THR A 56 0.60 23.11 -10.89
C THR A 56 1.43 22.47 -9.78
N LEU A 57 2.58 21.90 -10.19
CA LEU A 57 3.56 21.33 -9.28
C LEU A 57 4.19 22.49 -8.46
N SER A 58 4.48 23.62 -9.14
CA SER A 58 5.12 24.79 -8.49
C SER A 58 4.17 25.46 -7.50
N ASP A 59 2.85 25.37 -7.80
CA ASP A 59 1.78 25.87 -6.90
C ASP A 59 1.86 25.18 -5.53
N TYR A 60 2.32 23.92 -5.56
CA TYR A 60 2.46 23.05 -4.38
C TYR A 60 3.88 23.10 -3.80
N ASN A 61 4.78 23.84 -4.48
CA ASN A 61 6.20 23.93 -4.15
C ASN A 61 6.79 22.52 -4.03
N ILE A 62 6.52 21.72 -5.09
CA ILE A 62 7.07 20.37 -5.24
C ILE A 62 8.59 20.49 -5.39
N GLN A 63 9.30 20.28 -4.29
CA GLN A 63 10.76 20.39 -4.26
C GLN A 63 11.42 19.14 -4.86
N LYS A 64 12.71 19.25 -5.15
CA LYS A 64 13.53 18.16 -5.66
C LYS A 64 13.70 17.09 -4.58
N GLU A 65 13.53 15.81 -4.98
CA GLU A 65 13.69 14.63 -4.12
C GLU A 65 12.69 14.63 -2.96
N SER A 66 11.49 15.16 -3.23
CA SER A 66 10.37 15.14 -2.29
C SER A 66 9.61 13.81 -2.42
N ALA A 67 8.73 13.52 -1.46
CA ALA A 67 8.02 12.23 -1.39
C ALA A 67 6.51 12.41 -1.58
N LEU A 68 5.93 11.46 -2.34
CA LEU A 68 4.50 11.35 -2.63
C LEU A 68 4.05 9.95 -2.19
N ILE A 69 2.81 9.84 -1.69
CA ILE A 69 2.20 8.52 -1.41
C ILE A 69 0.89 8.40 -2.19
N LEU A 70 0.69 7.23 -2.82
CA LEU A 70 -0.57 6.89 -3.49
C LEU A 70 -1.44 6.07 -2.53
N LEU A 71 -2.57 6.67 -2.15
CA LEU A 71 -3.67 5.99 -1.50
C LEU A 71 -4.68 5.65 -2.61
N LEU A 72 -5.47 4.60 -2.43
CA LEU A 72 -6.61 4.31 -3.32
C LEU A 72 -7.92 4.60 -2.59
N THR A 73 -9.04 4.49 -3.32
CA THR A 73 -10.39 4.59 -2.74
C THR A 73 -10.53 3.63 -1.54
N LEU A 74 -10.60 4.23 -0.34
CA LEU A 74 -10.76 3.50 0.93
C LEU A 74 -12.10 2.72 1.00
N ARG A 75 -13.05 3.06 0.10
CA ARG A 75 -14.30 2.33 -0.08
C ARG A 75 -13.99 0.96 -0.75
N GLY B 1 12.67 18.21 -14.90
CA GLY B 1 12.57 19.31 -13.92
C GLY B 1 13.20 18.91 -12.60
N MET B 2 12.40 18.88 -11.53
CA MET B 2 12.84 18.42 -10.20
C MET B 2 12.47 16.95 -10.03
N GLN B 3 13.25 16.22 -9.23
CA GLN B 3 13.02 14.78 -9.00
C GLN B 3 11.94 14.62 -7.92
N ILE B 4 11.22 13.51 -7.96
CA ILE B 4 10.30 13.10 -6.89
C ILE B 4 10.34 11.56 -6.72
N PHE B 5 9.93 11.11 -5.54
CA PHE B 5 9.86 9.70 -5.18
C PHE B 5 8.38 9.36 -4.90
N VAL B 6 7.72 8.61 -5.81
CA VAL B 6 6.28 8.29 -5.65
C VAL B 6 6.09 6.85 -5.10
N ASP B 7 5.39 6.72 -3.97
CA ASP B 7 5.05 5.40 -3.38
C ASP B 7 3.80 4.89 -4.09
N THR B 8 4.02 4.00 -5.07
CA THR B 8 2.96 3.44 -5.89
C THR B 8 2.48 2.10 -5.31
N VAL B 9 1.15 1.90 -5.39
CA VAL B 9 0.47 0.65 -5.07
C VAL B 9 -0.09 0.08 -6.39
N GLN B 10 0.40 -1.11 -6.76
CA GLN B 10 -0.01 -1.81 -7.99
C GLN B 10 -0.17 -3.31 -7.69
N TRP B 11 -1.42 -3.75 -7.55
CA TRP B 11 -1.76 -5.18 -7.30
C TRP B 11 -2.37 -5.78 -8.57
N LYS B 12 -1.89 -6.96 -8.94
CA LYS B 12 -2.32 -7.66 -10.17
C LYS B 12 -2.67 -9.10 -9.84
N THR B 13 -3.96 -9.45 -10.05
CA THR B 13 -4.46 -10.80 -9.88
C THR B 13 -4.13 -11.62 -11.14
N ILE B 14 -3.23 -12.58 -11.00
CA ILE B 14 -2.90 -13.54 -12.06
C ILE B 14 -3.83 -14.75 -11.91
N THR B 15 -4.05 -15.50 -12.98
CA THR B 15 -4.91 -16.70 -12.96
C THR B 15 -4.28 -17.77 -13.86
N LEU B 16 -3.80 -18.85 -13.24
CA LEU B 16 -3.10 -19.94 -13.95
C LEU B 16 -3.59 -21.30 -13.42
N GLU B 17 -3.79 -22.28 -14.33
CA GLU B 17 -4.15 -23.65 -13.93
C GLU B 17 -2.88 -24.40 -13.54
N VAL B 18 -3.01 -25.24 -12.51
CA VAL B 18 -1.89 -25.99 -11.93
C VAL B 18 -2.40 -27.39 -11.51
N GLU B 19 -1.48 -28.33 -11.27
CA GLU B 19 -1.81 -29.72 -10.90
C GLU B 19 -1.54 -29.94 -9.40
N PRO B 20 -2.28 -30.88 -8.74
CA PRO B 20 -2.06 -31.19 -7.30
C PRO B 20 -0.68 -31.85 -7.06
N SER B 21 -0.22 -32.63 -8.05
CA SER B 21 1.05 -33.37 -7.96
C SER B 21 2.26 -32.47 -8.28
N ASP B 22 2.02 -31.25 -8.80
CA ASP B 22 3.09 -30.28 -9.11
C ASP B 22 3.71 -29.75 -7.82
N THR B 23 4.95 -29.28 -7.93
CA THR B 23 5.60 -28.54 -6.86
C THR B 23 5.27 -27.04 -6.95
N ILE B 24 5.51 -26.34 -5.84
CA ILE B 24 5.36 -24.87 -5.75
C ILE B 24 6.48 -24.20 -6.57
N GLU B 25 7.60 -24.93 -6.79
CA GLU B 25 8.75 -24.46 -7.58
C GLU B 25 8.38 -24.23 -9.05
N ASN B 26 7.23 -24.80 -9.48
CA ASN B 26 6.59 -24.42 -10.75
C ASN B 26 6.24 -22.93 -10.74
N VAL B 27 5.43 -22.51 -9.73
CA VAL B 27 4.99 -21.11 -9.58
C VAL B 27 6.20 -20.18 -9.33
N LYS B 28 7.20 -20.70 -8.58
CA LYS B 28 8.50 -20.04 -8.34
C LYS B 28 9.22 -19.79 -9.68
N ALA B 29 9.30 -20.83 -10.51
CA ALA B 29 10.02 -20.76 -11.79
C ALA B 29 9.29 -19.81 -12.76
N LYS B 30 7.95 -19.75 -12.67
CA LYS B 30 7.12 -18.88 -13.52
C LYS B 30 7.29 -17.39 -13.14
N ILE B 31 7.33 -17.08 -11.82
CA ILE B 31 7.53 -15.69 -11.36
C ILE B 31 9.01 -15.28 -11.57
N GLN B 32 9.92 -16.25 -11.54
CA GLN B 32 11.38 -16.03 -11.76
C GLN B 32 11.69 -15.84 -13.25
N ASP B 33 10.92 -16.53 -14.10
CA ASP B 33 11.07 -16.47 -15.57
C ASP B 33 10.44 -15.17 -16.10
N LYS B 34 9.20 -14.92 -15.66
CA LYS B 34 8.37 -13.80 -16.15
C LYS B 34 8.69 -12.48 -15.42
N GLU B 35 8.62 -12.47 -14.07
CA GLU B 35 8.79 -11.23 -13.28
C GLU B 35 10.26 -11.03 -12.89
N GLY B 36 11.02 -12.14 -12.88
CA GLY B 36 12.43 -12.12 -12.50
C GLY B 36 12.65 -12.18 -11.00
N ILE B 37 11.67 -12.77 -10.27
CA ILE B 37 11.72 -12.91 -8.79
C ILE B 37 12.36 -14.27 -8.41
N PRO B 38 13.65 -14.28 -7.92
CA PRO B 38 14.30 -15.50 -7.38
C PRO B 38 13.53 -16.11 -6.17
N PRO B 39 13.66 -17.45 -5.93
CA PRO B 39 13.03 -18.16 -4.76
C PRO B 39 13.35 -17.50 -3.41
N ASP B 40 14.55 -16.94 -3.35
CA ASP B 40 15.10 -16.22 -2.16
C ASP B 40 14.14 -15.11 -1.67
N GLN B 41 13.62 -14.29 -2.61
CA GLN B 41 12.69 -13.16 -2.28
C GLN B 41 11.22 -13.49 -2.63
N GLN B 42 10.93 -14.77 -2.89
CA GLN B 42 9.54 -15.26 -3.00
C GLN B 42 8.95 -15.42 -1.58
N ARG B 43 8.12 -14.45 -1.15
CA ARG B 43 7.26 -14.57 0.05
C ARG B 43 5.84 -14.90 -0.44
N LEU B 44 5.66 -16.12 -0.95
CA LEU B 44 4.37 -16.58 -1.45
C LEU B 44 3.55 -17.09 -0.26
N ASP B 45 2.61 -16.27 0.20
CA ASP B 45 1.71 -16.62 1.30
C ASP B 45 0.36 -17.08 0.72
N PHE B 46 -0.29 -17.96 1.44
CA PHE B 46 -1.58 -18.54 1.07
C PHE B 46 -2.40 -18.72 2.34
N ALA B 47 -3.46 -17.89 2.51
CA ALA B 47 -4.44 -18.01 3.63
C ALA B 47 -3.77 -17.87 5.02
N GLY B 48 -2.61 -17.19 5.07
CA GLY B 48 -1.86 -16.99 6.32
C GLY B 48 -0.77 -18.03 6.57
N LYS B 49 -0.39 -18.80 5.52
CA LYS B 49 0.70 -19.79 5.60
C LYS B 49 1.54 -19.75 4.30
N GLN B 50 2.87 -19.64 4.48
CA GLN B 50 3.84 -19.53 3.38
C GLN B 50 3.95 -20.84 2.58
N LEU B 51 4.48 -20.75 1.36
CA LEU B 51 4.65 -21.89 0.45
C LEU B 51 6.15 -22.11 0.20
N GLU B 52 6.65 -23.29 0.60
CA GLU B 52 8.01 -23.73 0.23
C GLU B 52 7.99 -24.24 -1.21
N ASP B 53 8.92 -23.79 -2.04
CA ASP B 53 9.00 -24.18 -3.46
C ASP B 53 9.18 -25.71 -3.63
N GLY B 54 9.84 -26.34 -2.65
CA GLY B 54 10.06 -27.80 -2.65
C GLY B 54 8.86 -28.62 -2.15
N ARG B 55 7.72 -27.96 -1.90
CA ARG B 55 6.47 -28.64 -1.47
C ARG B 55 5.58 -28.84 -2.71
N THR B 56 4.53 -29.66 -2.58
CA THR B 56 3.52 -29.84 -3.65
C THR B 56 2.29 -28.95 -3.41
N LEU B 57 1.44 -28.84 -4.44
CA LEU B 57 0.14 -28.15 -4.35
C LEU B 57 -0.79 -28.98 -3.41
N SER B 58 -0.70 -30.31 -3.53
CA SER B 58 -1.48 -31.26 -2.70
C SER B 58 -1.07 -31.19 -1.22
N ASP B 59 0.21 -30.85 -0.96
CA ASP B 59 0.74 -30.64 0.42
C ASP B 59 -0.09 -29.59 1.18
N TYR B 60 -0.62 -28.61 0.45
CA TYR B 60 -1.42 -27.51 1.01
C TYR B 60 -2.91 -27.69 0.72
N ASN B 61 -3.26 -28.76 -0.03
CA ASN B 61 -4.63 -29.04 -0.51
C ASN B 61 -5.17 -27.80 -1.27
N ILE B 62 -4.38 -27.36 -2.26
CA ILE B 62 -4.72 -26.21 -3.12
C ILE B 62 -5.97 -26.54 -3.94
N GLN B 63 -7.07 -25.84 -3.63
CA GLN B 63 -8.35 -26.00 -4.33
C GLN B 63 -8.41 -25.09 -5.56
N LYS B 64 -9.39 -25.36 -6.43
CA LYS B 64 -9.68 -24.45 -7.53
C LYS B 64 -10.19 -23.14 -6.92
N GLU B 65 -9.78 -22.04 -7.56
CA GLU B 65 -10.03 -20.67 -7.13
C GLU B 65 -9.28 -20.32 -5.80
N SER B 66 -8.21 -21.09 -5.42
CA SER B 66 -7.29 -20.66 -4.34
C SER B 66 -6.72 -19.26 -4.63
N ALA B 67 -6.86 -18.32 -3.67
CA ALA B 67 -6.33 -16.94 -3.79
C ALA B 67 -5.07 -16.79 -2.91
N LEU B 68 -3.93 -16.54 -3.57
CA LEU B 68 -2.60 -16.49 -2.92
C LEU B 68 -2.03 -15.08 -3.11
N ILE B 69 -1.19 -14.63 -2.19
CA ILE B 69 -0.56 -13.30 -2.25
C ILE B 69 0.97 -13.44 -2.34
N LEU B 70 1.49 -12.96 -3.47
CA LEU B 70 2.92 -12.94 -3.76
C LEU B 70 3.54 -11.61 -3.26
N LEU B 71 4.25 -11.73 -2.13
CA LEU B 71 5.06 -10.64 -1.52
C LEU B 71 6.55 -10.89 -1.80
N LEU B 72 7.37 -9.84 -1.67
CA LEU B 72 8.84 -9.98 -1.57
C LEU B 72 9.18 -10.40 -0.11
N THR B 73 10.17 -11.33 0.06
CA THR B 73 10.51 -11.93 1.38
C THR B 73 10.63 -10.90 2.52
N LEU B 74 9.54 -10.83 3.32
CA LEU B 74 9.43 -9.95 4.48
C LEU B 74 8.32 -10.50 5.38
N ARG B 75 8.63 -10.60 6.69
CA ARG B 75 7.72 -11.10 7.74
C ARG B 75 7.34 -12.59 7.51
N GLY C 1 -13.60 13.48 1.78
CA GLY C 1 -14.02 12.58 2.90
C GLY C 1 -12.92 12.39 3.94
N SER C 2 -12.19 13.49 4.25
CA SER C 2 -11.06 13.49 5.21
C SER C 2 -10.85 14.91 5.80
N GLU C 3 -11.87 15.77 5.64
CA GLU C 3 -11.76 17.23 5.89
C GLU C 3 -13.14 17.82 6.19
N SER C 4 -13.19 19.16 6.39
CA SER C 4 -14.43 19.96 6.55
C SER C 4 -15.15 19.62 7.88
N ASP C 5 -14.34 19.38 8.93
CA ASP C 5 -14.81 19.18 10.32
C ASP C 5 -15.12 20.53 10.99
N SER C 6 -15.49 20.49 12.29
CA SER C 6 -15.76 21.69 13.10
C SER C 6 -14.55 22.02 13.97
N GLY C 7 -14.04 23.27 13.82
CA GLY C 7 -12.91 23.77 14.62
C GLY C 7 -13.18 23.76 16.12
N MET C 8 -12.76 22.66 16.78
CA MET C 8 -12.96 22.45 18.24
C MET C 8 -12.23 23.51 19.09
N ALA C 9 -11.04 23.92 18.62
CA ALA C 9 -10.20 24.91 19.30
C ALA C 9 -9.26 25.57 18.26
N SER C 10 -7.95 25.23 18.28
CA SER C 10 -6.96 25.76 17.31
C SER C 10 -5.91 24.66 17.04
N GLN C 11 -4.85 24.58 17.89
CA GLN C 11 -3.78 23.56 17.72
C GLN C 11 -4.25 22.21 18.29
N ALA C 12 -5.26 22.26 19.19
CA ALA C 12 -5.93 21.08 19.74
C ALA C 12 -6.77 20.38 18.66
N ASP C 13 -7.49 21.20 17.88
CA ASP C 13 -8.31 20.72 16.75
C ASP C 13 -7.43 20.19 15.62
N GLN C 14 -6.35 20.94 15.35
CA GLN C 14 -5.29 20.60 14.38
C GLN C 14 -4.75 19.18 14.57
N LYS C 15 -4.26 18.90 15.80
CA LYS C 15 -3.55 17.64 16.10
C LYS C 15 -4.47 16.42 16.02
N GLU C 16 -5.73 16.62 16.45
CA GLU C 16 -6.81 15.63 16.29
C GLU C 16 -7.04 15.28 14.81
N GLU C 17 -7.29 16.30 13.98
CA GLU C 17 -7.51 16.12 12.54
C GLU C 17 -6.25 15.60 11.84
N GLU C 18 -5.07 15.87 12.45
CA GLU C 18 -3.79 15.40 11.96
C GLU C 18 -3.66 13.89 12.19
N LEU C 19 -4.13 13.43 13.37
CA LEU C 19 -4.22 11.99 13.72
C LEU C 19 -5.22 11.28 12.80
N LEU C 20 -6.29 12.01 12.45
CA LEU C 20 -7.34 11.54 11.54
C LEU C 20 -6.80 11.47 10.11
N LEU C 21 -5.91 12.43 9.76
CA LEU C 21 -5.25 12.51 8.43
C LEU C 21 -4.19 11.39 8.32
N PHE C 22 -3.56 11.09 9.47
CA PHE C 22 -2.64 9.96 9.63
C PHE C 22 -3.41 8.65 9.46
N TRP C 23 -4.64 8.62 10.03
CA TRP C 23 -5.56 7.48 9.86
C TRP C 23 -6.13 7.47 8.43
N THR C 24 -6.20 8.62 7.75
CA THR C 24 -6.59 8.68 6.33
C THR C 24 -5.54 7.95 5.50
N TYR C 25 -4.24 8.14 5.86
CA TYR C 25 -3.15 7.34 5.28
C TYR C 25 -3.37 5.85 5.56
N ILE C 26 -3.28 5.48 6.86
CA ILE C 26 -3.19 4.06 7.27
C ILE C 26 -4.44 3.28 6.86
N GLN C 27 -5.61 3.91 6.93
CA GLN C 27 -6.88 3.28 6.56
C GLN C 27 -6.88 2.93 5.07
N ALA C 28 -6.76 3.97 4.21
CA ALA C 28 -6.86 3.82 2.73
C ALA C 28 -5.68 2.98 2.18
N MET C 29 -4.63 2.92 3.00
CA MET C 29 -3.43 2.10 2.75
C MET C 29 -3.76 0.60 3.03
N LEU C 30 -4.17 0.27 4.27
CA LEU C 30 -4.53 -1.13 4.70
C LEU C 30 -5.71 -1.71 3.89
N THR C 31 -6.56 -0.79 3.35
CA THR C 31 -7.81 -1.09 2.60
C THR C 31 -7.60 -2.15 1.48
N ASN C 32 -6.40 -2.14 0.88
CA ASN C 32 -6.05 -3.08 -0.22
C ASN C 32 -4.54 -3.35 -0.25
N LEU C 33 -3.75 -2.35 0.21
CA LEU C 33 -2.29 -2.30 0.03
C LEU C 33 -1.57 -2.92 1.26
N GLU C 34 -1.56 -2.24 2.40
CA GLU C 34 -0.67 -2.58 3.54
C GLU C 34 -1.26 -3.68 4.45
N SER C 35 -1.85 -4.70 3.85
CA SER C 35 -2.26 -5.93 4.54
C SER C 35 -1.04 -6.81 4.99
N LEU C 36 -0.07 -6.18 5.70
CA LEU C 36 1.23 -6.78 6.06
C LEU C 36 1.95 -5.95 7.17
N SER C 37 3.18 -5.45 6.95
CA SER C 37 4.12 -5.12 8.04
C SER C 37 3.77 -3.83 8.80
N LEU C 38 4.02 -3.87 10.14
CA LEU C 38 3.92 -2.69 11.02
C LEU C 38 5.08 -1.72 10.76
N ASP C 39 6.29 -2.26 10.51
CA ASP C 39 7.51 -1.44 10.25
C ASP C 39 7.25 -0.45 9.09
N ARG C 40 6.42 -0.90 8.14
CA ARG C 40 6.08 -0.17 6.92
C ARG C 40 5.26 1.11 7.23
N ILE C 41 3.99 0.97 7.76
CA ILE C 41 3.17 2.17 8.14
C ILE C 41 3.87 2.99 9.22
N TYR C 42 4.66 2.34 10.10
CA TYR C 42 5.42 3.04 11.15
C TYR C 42 6.36 4.09 10.53
N ASN C 43 7.27 3.64 9.64
CA ASN C 43 8.29 4.53 9.02
C ASN C 43 7.64 5.54 8.03
N MET C 44 6.50 5.15 7.41
CA MET C 44 5.69 6.09 6.59
C MET C 44 5.17 7.25 7.47
N LEU C 45 4.48 6.89 8.55
CA LEU C 45 3.94 7.81 9.58
C LEU C 45 5.03 8.73 10.20
N ARG C 46 6.23 8.15 10.40
CA ARG C 46 7.43 8.89 10.88
C ARG C 46 7.86 9.95 9.84
N MET C 47 7.86 9.54 8.55
CA MET C 47 8.12 10.46 7.42
C MET C 47 7.12 11.63 7.42
N PHE C 48 5.82 11.32 7.59
CA PHE C 48 4.74 12.34 7.56
C PHE C 48 4.80 13.29 8.78
N VAL C 49 5.20 12.78 9.96
CA VAL C 49 5.29 13.61 11.20
C VAL C 49 6.57 14.48 11.22
N VAL C 50 7.64 14.05 10.51
CA VAL C 50 8.86 14.89 10.38
C VAL C 50 8.68 15.95 9.27
N THR C 51 7.93 15.60 8.20
CA THR C 51 7.63 16.55 7.10
C THR C 51 6.52 17.52 7.51
N GLY C 52 5.69 17.06 8.44
CA GLY C 52 4.60 17.83 8.99
C GLY C 52 4.80 17.97 10.48
N PRO C 53 5.46 19.08 10.97
CA PRO C 53 5.86 19.24 12.39
C PRO C 53 4.67 19.46 13.36
N ALA C 54 3.44 19.24 12.85
CA ALA C 54 2.17 19.44 13.60
C ALA C 54 2.14 18.69 14.95
N LEU C 55 2.77 17.49 15.00
CA LEU C 55 2.96 16.71 16.24
C LEU C 55 4.45 16.64 16.63
N ALA C 56 5.33 17.18 15.75
CA ALA C 56 6.81 17.08 15.84
C ALA C 56 7.30 15.63 15.66
N GLU C 57 6.97 14.78 16.65
CA GLU C 57 7.37 13.39 16.70
C GLU C 57 6.25 12.57 17.40
N ILE C 58 5.63 11.65 16.65
CA ILE C 58 4.79 10.60 17.23
C ILE C 58 5.69 9.50 17.81
N ASP C 59 5.18 8.78 18.80
CA ASP C 59 5.97 7.80 19.58
C ASP C 59 5.45 6.38 19.30
N LEU C 60 6.24 5.36 19.71
CA LEU C 60 5.86 3.95 19.60
C LEU C 60 4.53 3.68 20.34
N GLN C 61 4.46 4.06 21.62
CA GLN C 61 3.27 3.76 22.46
C GLN C 61 1.99 4.46 21.92
N GLU C 62 2.15 5.66 21.32
CA GLU C 62 1.02 6.42 20.71
C GLU C 62 0.54 5.77 19.41
N LEU C 63 1.49 5.47 18.50
CA LEU C 63 1.21 4.96 17.15
C LEU C 63 0.69 3.51 17.25
N GLN C 64 1.43 2.68 18.01
CA GLN C 64 1.02 1.31 18.36
C GLN C 64 -0.32 1.30 19.11
N GLY C 65 -0.45 2.19 20.12
CA GLY C 65 -1.71 2.37 20.87
C GLY C 65 -2.91 2.76 20.00
N TYR C 66 -2.64 3.55 18.94
CA TYR C 66 -3.64 3.96 17.94
C TYR C 66 -4.14 2.71 17.17
N LEU C 67 -3.15 1.96 16.64
CA LEU C 67 -3.37 0.66 15.94
C LEU C 67 -4.09 -0.35 16.84
N GLN C 68 -3.71 -0.36 18.13
CA GLN C 68 -4.21 -1.28 19.15
C GLN C 68 -5.70 -1.04 19.39
N LYS C 69 -6.06 0.26 19.47
CA LYS C 69 -7.47 0.68 19.56
C LYS C 69 -8.21 0.16 18.33
N LYS C 70 -7.67 0.45 17.12
CA LYS C 70 -8.30 0.04 15.84
C LYS C 70 -8.57 -1.47 15.79
N VAL C 71 -7.57 -2.27 16.19
CA VAL C 71 -7.69 -3.74 16.27
C VAL C 71 -8.81 -4.14 17.25
N ARG C 72 -8.78 -3.55 18.46
CA ARG C 72 -9.76 -3.85 19.54
C ARG C 72 -11.16 -3.22 19.24
N ASP C 73 -11.24 -2.36 18.22
CA ASP C 73 -12.51 -1.76 17.74
C ASP C 73 -13.13 -2.58 16.56
N GLN C 74 -12.42 -3.66 16.14
CA GLN C 74 -12.74 -4.49 14.96
C GLN C 74 -12.61 -3.70 13.65
N GLN C 75 -11.99 -2.51 13.76
CA GLN C 75 -11.74 -1.60 12.63
C GLN C 75 -10.50 -2.08 11.86
N LEU C 76 -9.64 -2.82 12.57
CA LEU C 76 -8.38 -3.35 12.05
C LEU C 76 -8.26 -4.83 12.51
N VAL C 77 -7.64 -5.66 11.67
CA VAL C 77 -7.31 -7.05 12.00
C VAL C 77 -5.77 -7.17 12.12
N TYR C 78 -5.33 -7.57 13.32
CA TYR C 78 -3.93 -7.96 13.57
C TYR C 78 -3.85 -9.47 13.40
N SER C 79 -3.25 -9.92 12.29
CA SER C 79 -3.09 -11.35 11.99
C SER C 79 -1.76 -11.84 12.61
N ALA C 80 -0.93 -12.60 11.88
CA ALA C 80 0.36 -13.11 12.38
C ALA C 80 1.43 -11.98 12.44
N GLY C 81 1.27 -11.05 13.40
CA GLY C 81 2.21 -9.95 13.58
C GLY C 81 2.14 -8.93 12.47
N VAL C 82 0.98 -8.88 11.80
CA VAL C 82 0.75 -7.98 10.66
C VAL C 82 -0.57 -7.26 10.83
N TYR C 83 -0.65 -6.04 10.28
CA TYR C 83 -1.88 -5.25 10.25
C TYR C 83 -2.48 -5.31 8.84
N ARG C 84 -3.81 -5.54 8.80
CA ARG C 84 -4.60 -5.60 7.56
C ARG C 84 -6.04 -5.16 7.86
N LEU C 85 -6.67 -4.42 6.93
CA LEU C 85 -8.06 -3.95 7.14
C LEU C 85 -9.06 -5.03 6.67
N PRO C 86 -10.05 -5.44 7.54
CA PRO C 86 -11.08 -6.43 7.16
C PRO C 86 -12.10 -5.85 6.15
N LYS C 87 -12.52 -6.69 5.18
CA LYS C 87 -13.63 -6.39 4.27
C LYS C 87 -14.64 -7.55 4.23
N ASN C 88 -14.48 -8.54 5.13
CA ASN C 88 -15.42 -9.66 5.28
C ASN C 88 -15.68 -9.96 6.77
N CYS C 89 -16.97 -9.93 7.15
CA CYS C 89 -17.46 -10.29 8.50
C CYS C 89 -18.73 -11.14 8.35
N SER C 90 -19.13 -11.84 9.41
CA SER C 90 -20.29 -12.75 9.38
C SER C 90 -21.25 -12.41 10.55
N GLY A 1 -6.03 -30.61 -11.92
CA GLY A 1 -6.30 -30.09 -10.56
C GLY A 1 -7.16 -28.84 -10.58
N MET A 2 -6.58 -27.73 -10.15
CA MET A 2 -7.29 -26.46 -9.94
C MET A 2 -6.35 -25.29 -10.21
N GLN A 3 -6.94 -24.11 -10.38
CA GLN A 3 -6.19 -22.88 -10.69
C GLN A 3 -6.01 -22.05 -9.40
N ILE A 4 -5.04 -21.17 -9.41
CA ILE A 4 -4.77 -20.21 -8.33
C ILE A 4 -4.49 -18.83 -8.94
N PHE A 5 -4.60 -17.81 -8.10
CA PHE A 5 -4.24 -16.45 -8.46
C PHE A 5 -3.08 -16.02 -7.60
N VAL A 6 -1.93 -15.73 -8.24
CA VAL A 6 -0.74 -15.25 -7.51
C VAL A 6 -0.73 -13.72 -7.59
N ASP A 7 -1.31 -13.10 -6.58
CA ASP A 7 -1.44 -11.63 -6.49
C ASP A 7 -0.14 -11.00 -5.97
N THR A 8 0.70 -10.52 -6.89
CA THR A 8 2.01 -9.97 -6.55
C THR A 8 1.93 -8.44 -6.38
N VAL A 9 2.46 -7.95 -5.24
CA VAL A 9 2.55 -6.52 -4.91
C VAL A 9 4.00 -6.05 -5.04
N GLN A 10 4.19 -4.83 -5.58
CA GLN A 10 5.48 -4.13 -5.57
C GLN A 10 5.26 -2.64 -5.26
N TRP A 11 6.25 -2.04 -4.59
CA TRP A 11 6.32 -0.58 -4.37
C TRP A 11 7.17 0.04 -5.47
N LYS A 12 6.58 0.94 -6.27
CA LYS A 12 7.27 1.53 -7.44
C LYS A 12 7.20 3.06 -7.40
N THR A 13 8.36 3.71 -7.22
CA THR A 13 8.47 5.17 -7.19
C THR A 13 8.68 5.70 -8.63
N ILE A 14 7.87 6.70 -9.05
CA ILE A 14 7.93 7.27 -10.40
C ILE A 14 8.55 8.68 -10.33
N THR A 15 9.75 8.86 -10.89
CA THR A 15 10.44 10.17 -10.91
C THR A 15 10.00 10.98 -12.14
N LEU A 16 9.58 12.23 -11.88
CA LEU A 16 9.24 13.21 -12.94
C LEU A 16 9.82 14.59 -12.57
N GLU A 17 9.77 15.52 -13.53
CA GLU A 17 10.28 16.90 -13.37
C GLU A 17 9.09 17.84 -13.64
N VAL A 18 8.88 18.84 -12.76
CA VAL A 18 7.76 19.80 -12.86
C VAL A 18 8.21 21.24 -12.61
N GLU A 19 7.29 22.20 -12.85
CA GLU A 19 7.51 23.62 -12.52
C GLU A 19 6.70 23.97 -11.26
N PRO A 20 7.10 25.02 -10.48
CA PRO A 20 6.27 25.54 -9.37
C PRO A 20 4.96 26.18 -9.91
N SER A 21 5.05 26.84 -11.08
CA SER A 21 3.92 27.52 -11.73
C SER A 21 2.99 26.54 -12.46
N ASP A 22 3.43 25.27 -12.61
CA ASP A 22 2.67 24.21 -13.30
C ASP A 22 1.41 23.86 -12.48
N THR A 23 0.38 23.35 -13.17
CA THR A 23 -0.77 22.73 -12.51
C THR A 23 -0.46 21.27 -12.18
N ILE A 24 -1.19 20.76 -11.20
CA ILE A 24 -1.11 19.36 -10.77
C ILE A 24 -1.66 18.41 -11.84
N GLU A 25 -2.61 18.91 -12.66
CA GLU A 25 -3.27 18.13 -13.71
C GLU A 25 -2.27 17.74 -14.81
N ASN A 26 -1.13 18.47 -14.87
CA ASN A 26 0.04 18.12 -15.69
C ASN A 26 0.65 16.82 -15.17
N VAL A 27 0.94 16.79 -13.84
CA VAL A 27 1.50 15.60 -13.14
C VAL A 27 0.60 14.37 -13.37
N LYS A 28 -0.69 14.59 -13.14
CA LYS A 28 -1.77 13.61 -13.31
C LYS A 28 -1.80 13.06 -14.75
N ALA A 29 -1.77 13.99 -15.73
CA ALA A 29 -1.79 13.64 -17.16
C ALA A 29 -0.48 12.97 -17.60
N LYS A 30 0.65 13.29 -16.93
CA LYS A 30 1.97 12.70 -17.25
C LYS A 30 2.03 11.25 -16.79
N ILE A 31 1.59 10.96 -15.57
CA ILE A 31 1.61 9.58 -15.05
C ILE A 31 0.56 8.70 -15.78
N GLN A 32 -0.57 9.34 -16.18
CA GLN A 32 -1.58 8.74 -17.08
C GLN A 32 -0.98 8.51 -18.50
N ASP A 33 -0.12 9.43 -18.94
CA ASP A 33 0.57 9.34 -20.26
C ASP A 33 1.56 8.18 -20.26
N LYS A 34 2.40 8.11 -19.22
CA LYS A 34 3.52 7.16 -19.12
C LYS A 34 3.01 5.74 -18.80
N GLU A 35 2.43 5.55 -17.60
CA GLU A 35 2.06 4.23 -17.10
C GLU A 35 0.62 3.87 -17.50
N GLY A 36 -0.24 4.90 -17.62
CA GLY A 36 -1.67 4.72 -17.89
C GLY A 36 -2.50 4.78 -16.63
N ILE A 37 -1.98 5.52 -15.62
CA ILE A 37 -2.62 5.67 -14.30
C ILE A 37 -3.97 6.44 -14.42
N PRO A 38 -5.13 5.74 -14.16
CA PRO A 38 -6.48 6.34 -14.28
C PRO A 38 -6.76 7.41 -13.18
N PRO A 39 -6.86 8.73 -13.58
CA PRO A 39 -7.06 9.88 -12.64
C PRO A 39 -8.34 9.76 -11.77
N ASP A 40 -9.40 9.25 -12.40
CA ASP A 40 -10.76 9.15 -11.82
C ASP A 40 -10.77 8.35 -10.50
N GLN A 41 -10.03 7.24 -10.48
CA GLN A 41 -9.96 6.34 -9.30
C GLN A 41 -8.76 6.67 -8.39
N GLN A 42 -7.86 7.54 -8.91
CA GLN A 42 -6.65 7.97 -8.19
C GLN A 42 -6.95 9.06 -7.13
N ARG A 43 -6.22 8.98 -6.00
CA ARG A 43 -6.28 9.94 -4.89
C ARG A 43 -4.82 10.21 -4.45
N LEU A 44 -4.09 10.98 -5.27
CA LEU A 44 -2.67 11.33 -5.03
C LEU A 44 -2.61 12.32 -3.82
N ILE A 45 -1.89 11.94 -2.74
CA ILE A 45 -1.74 12.77 -1.51
C ILE A 45 -0.23 13.00 -1.18
N PHE A 46 0.08 14.21 -0.67
CA PHE A 46 1.44 14.71 -0.39
C PHE A 46 1.48 15.32 1.01
N ALA A 47 2.22 14.67 1.94
CA ALA A 47 2.41 15.16 3.33
C ALA A 47 1.08 15.25 4.11
N GLY A 48 0.06 14.54 3.61
CA GLY A 48 -1.29 14.57 4.16
C GLY A 48 -2.20 15.59 3.52
N LYS A 49 -1.76 16.15 2.40
CA LYS A 49 -2.51 17.15 1.64
C LYS A 49 -2.69 16.61 0.22
N GLN A 50 -3.95 16.30 -0.14
CA GLN A 50 -4.30 15.72 -1.43
C GLN A 50 -4.12 16.77 -2.54
N LEU A 51 -3.54 16.32 -3.65
CA LEU A 51 -3.26 17.15 -4.81
C LEU A 51 -4.55 17.27 -5.63
N GLU A 52 -5.25 18.42 -5.50
CA GLU A 52 -6.31 18.80 -6.44
C GLU A 52 -5.67 19.02 -7.80
N ASP A 53 -6.14 18.31 -8.83
CA ASP A 53 -5.54 18.34 -10.17
C ASP A 53 -5.58 19.76 -10.77
N GLY A 54 -6.66 20.49 -10.50
CA GLY A 54 -6.80 21.87 -10.96
C GLY A 54 -6.06 22.91 -10.10
N ARG A 55 -5.16 22.45 -9.20
CA ARG A 55 -4.38 23.32 -8.30
C ARG A 55 -2.97 23.54 -8.91
N THR A 56 -2.13 24.33 -8.25
CA THR A 56 -0.77 24.63 -8.73
C THR A 56 0.26 23.91 -7.81
N LEU A 57 1.45 23.53 -8.36
CA LEU A 57 2.54 22.93 -7.54
C LEU A 57 2.94 23.92 -6.39
N SER A 58 2.97 25.22 -6.73
CA SER A 58 3.33 26.32 -5.81
C SER A 58 2.35 26.45 -4.62
N ASP A 59 1.07 26.06 -4.83
CA ASP A 59 0.05 26.05 -3.75
C ASP A 59 0.50 25.16 -2.58
N TYR A 60 1.19 24.07 -2.93
CA TYR A 60 1.68 23.07 -1.95
C TYR A 60 3.12 23.39 -1.53
N ASN A 61 3.72 24.40 -2.22
CA ASN A 61 5.16 24.71 -2.16
C ASN A 61 5.99 23.44 -2.33
N ILE A 62 5.72 22.76 -3.46
CA ILE A 62 6.39 21.52 -3.85
C ILE A 62 7.91 21.79 -4.01
N GLN A 63 8.69 21.22 -3.10
CA GLN A 63 10.16 21.32 -3.13
C GLN A 63 10.74 20.28 -4.11
N LYS A 64 12.07 20.23 -4.21
CA LYS A 64 12.76 19.16 -4.93
C LYS A 64 12.84 17.92 -4.04
N GLU A 65 12.71 16.77 -4.70
CA GLU A 65 12.73 15.45 -4.07
C GLU A 65 11.54 15.25 -3.12
N SER A 66 10.43 15.97 -3.42
CA SER A 66 9.14 15.77 -2.77
C SER A 66 8.66 14.34 -3.01
N ALA A 67 8.49 13.57 -1.95
CA ALA A 67 7.87 12.24 -2.04
C ALA A 67 6.35 12.40 -1.83
N LEU A 68 5.59 11.97 -2.84
CA LEU A 68 4.14 11.91 -2.82
C LEU A 68 3.74 10.43 -2.97
N ILE A 69 2.50 10.08 -2.63
CA ILE A 69 2.00 8.70 -2.77
C ILE A 69 0.60 8.70 -3.40
N LEU A 70 0.38 7.75 -4.31
CA LEU A 70 -0.94 7.44 -4.87
C LEU A 70 -1.72 6.56 -3.88
N LEU A 71 -2.86 7.09 -3.42
CA LEU A 71 -3.93 6.26 -2.85
C LEU A 71 -4.92 6.01 -3.99
N LEU A 72 -5.73 4.97 -3.89
CA LEU A 72 -6.78 4.69 -4.91
C LEU A 72 -8.13 4.55 -4.22
N THR A 73 -9.20 4.46 -5.05
CA THR A 73 -10.61 4.39 -4.61
C THR A 73 -10.83 3.61 -3.29
N LEU A 74 -10.87 4.38 -2.21
CA LEU A 74 -11.32 3.93 -0.89
C LEU A 74 -12.85 4.10 -0.81
N ARG A 75 -13.32 5.15 -1.48
CA ARG A 75 -14.71 5.63 -1.44
C ARG A 75 -15.12 6.17 -2.84
N GLY B 1 11.70 23.01 -12.82
CA GLY B 1 11.68 23.71 -11.51
C GLY B 1 12.24 22.84 -10.41
N MET B 2 11.64 21.64 -10.26
CA MET B 2 12.08 20.64 -9.27
C MET B 2 11.61 19.23 -9.67
N GLN B 3 12.34 18.20 -9.21
CA GLN B 3 12.12 16.81 -9.62
C GLN B 3 11.48 16.06 -8.46
N ILE B 4 10.33 15.42 -8.69
CA ILE B 4 9.49 14.87 -7.62
C ILE B 4 9.25 13.38 -7.85
N PHE B 5 8.86 12.68 -6.77
CA PHE B 5 8.74 11.22 -6.75
C PHE B 5 7.29 10.86 -6.41
N VAL B 6 6.49 10.41 -7.38
CA VAL B 6 5.11 9.98 -7.10
C VAL B 6 5.10 8.43 -6.99
N ASP B 7 4.96 7.96 -5.76
CA ASP B 7 5.13 6.55 -5.41
C ASP B 7 3.80 5.80 -5.59
N THR B 8 3.85 4.58 -6.15
CA THR B 8 2.67 3.86 -6.66
C THR B 8 2.60 2.41 -6.11
N VAL B 9 1.36 1.94 -5.84
CA VAL B 9 1.09 0.55 -5.42
C VAL B 9 0.82 -0.30 -6.68
N GLN B 10 1.77 -1.18 -7.00
CA GLN B 10 1.75 -1.99 -8.23
C GLN B 10 1.22 -3.41 -7.91
N TRP B 11 -0.10 -3.60 -8.12
CA TRP B 11 -0.79 -4.89 -7.91
C TRP B 11 -0.96 -5.59 -9.27
N LYS B 12 -0.60 -6.87 -9.30
CA LYS B 12 -0.79 -7.78 -10.45
C LYS B 12 -1.41 -9.09 -9.96
N THR B 13 -2.29 -9.68 -10.78
CA THR B 13 -2.91 -10.99 -10.52
C THR B 13 -2.46 -12.00 -11.60
N ILE B 14 -1.68 -13.00 -11.18
CA ILE B 14 -1.23 -14.10 -12.06
C ILE B 14 -2.23 -15.27 -11.94
N THR B 15 -2.23 -16.18 -12.93
CA THR B 15 -3.15 -17.34 -12.95
C THR B 15 -2.36 -18.62 -13.27
N LEU B 16 -2.17 -19.47 -12.26
CA LEU B 16 -1.31 -20.69 -12.31
C LEU B 16 -2.20 -21.92 -12.08
N GLU B 17 -1.97 -23.00 -12.84
CA GLU B 17 -2.71 -24.28 -12.66
C GLU B 17 -1.84 -25.30 -11.93
N VAL B 18 -2.30 -25.70 -10.75
CA VAL B 18 -1.55 -26.56 -9.83
C VAL B 18 -2.37 -27.81 -9.47
N GLU B 19 -1.71 -28.81 -8.87
CA GLU B 19 -2.36 -30.07 -8.44
C GLU B 19 -2.41 -30.11 -6.91
N PRO B 20 -3.41 -30.83 -6.32
CA PRO B 20 -3.51 -30.96 -4.85
C PRO B 20 -2.32 -31.71 -4.27
N SER B 21 -1.79 -32.67 -5.06
CA SER B 21 -0.69 -33.55 -4.65
C SER B 21 0.71 -32.94 -4.95
N ASP B 22 0.75 -31.67 -5.42
CA ASP B 22 2.01 -30.93 -5.56
C ASP B 22 2.39 -30.32 -4.21
N THR B 23 3.68 -30.12 -4.02
CA THR B 23 4.21 -29.27 -2.95
C THR B 23 4.17 -27.81 -3.39
N ILE B 24 4.33 -26.91 -2.42
CA ILE B 24 4.36 -25.47 -2.66
C ILE B 24 5.57 -25.08 -3.54
N GLU B 25 6.65 -25.88 -3.45
CA GLU B 25 7.90 -25.64 -4.18
C GLU B 25 7.66 -25.57 -5.71
N ASN B 26 6.60 -26.27 -6.19
CA ASN B 26 6.16 -26.21 -7.60
C ASN B 26 5.71 -24.78 -7.97
N VAL B 27 4.76 -24.26 -7.17
CA VAL B 27 4.18 -22.90 -7.36
C VAL B 27 5.29 -21.82 -7.32
N LYS B 28 6.14 -21.95 -6.29
CA LYS B 28 7.20 -21.00 -6.01
C LYS B 28 8.29 -21.03 -7.10
N ALA B 29 8.60 -22.25 -7.59
CA ALA B 29 9.56 -22.43 -8.69
C ALA B 29 8.96 -21.96 -10.04
N LYS B 30 7.61 -21.96 -10.18
CA LYS B 30 6.93 -21.39 -11.36
C LYS B 30 7.13 -19.86 -11.43
N ILE B 31 6.73 -19.15 -10.35
CA ILE B 31 6.88 -17.67 -10.30
C ILE B 31 8.38 -17.24 -10.32
N GLN B 32 9.26 -18.13 -9.78
CA GLN B 32 10.71 -18.00 -9.90
C GLN B 32 11.19 -18.19 -11.36
N ASP B 33 10.62 -19.17 -12.06
CA ASP B 33 11.01 -19.51 -13.45
C ASP B 33 10.62 -18.38 -14.41
N LYS B 34 9.46 -17.79 -14.15
CA LYS B 34 8.84 -16.78 -15.01
C LYS B 34 9.40 -15.36 -14.78
N GLU B 35 9.53 -14.94 -13.50
CA GLU B 35 9.98 -13.54 -13.17
C GLU B 35 11.38 -13.50 -12.55
N GLY B 36 11.97 -14.66 -12.22
CA GLY B 36 13.32 -14.74 -11.66
C GLY B 36 13.36 -14.43 -10.16
N ILE B 37 12.22 -14.62 -9.48
CA ILE B 37 12.06 -14.27 -8.04
C ILE B 37 12.74 -15.37 -7.17
N PRO B 38 13.87 -15.05 -6.46
CA PRO B 38 14.59 -16.04 -5.61
C PRO B 38 13.67 -16.67 -4.52
N PRO B 39 13.65 -18.03 -4.39
CA PRO B 39 12.65 -18.78 -3.57
C PRO B 39 12.60 -18.34 -2.09
N ASP B 40 13.79 -18.16 -1.52
CA ASP B 40 13.94 -17.77 -0.11
C ASP B 40 13.68 -16.25 0.07
N GLN B 41 13.88 -15.47 -1.01
CA GLN B 41 13.68 -14.00 -0.99
C GLN B 41 12.24 -13.62 -1.44
N GLN B 42 11.30 -14.58 -1.36
CA GLN B 42 9.88 -14.35 -1.60
C GLN B 42 9.03 -15.07 -0.54
N ARG B 43 8.10 -14.31 0.04
CA ARG B 43 7.19 -14.79 1.08
C ARG B 43 5.78 -14.95 0.47
N LEU B 44 5.30 -16.19 0.33
CA LEU B 44 3.97 -16.45 -0.23
C LEU B 44 2.97 -16.48 0.95
N ASP B 45 1.87 -15.69 0.86
CA ASP B 45 0.80 -15.69 1.90
C ASP B 45 -0.54 -16.12 1.27
N PHE B 46 -1.31 -16.93 2.01
CA PHE B 46 -2.60 -17.51 1.56
C PHE B 46 -3.58 -17.53 2.73
N ALA B 47 -4.56 -16.62 2.68
CA ALA B 47 -5.61 -16.50 3.70
C ALA B 47 -5.01 -16.29 5.09
N GLY B 48 -3.90 -15.52 5.12
CA GLY B 48 -3.21 -15.19 6.36
C GLY B 48 -2.20 -16.23 6.81
N LYS B 49 -1.95 -17.26 5.98
CA LYS B 49 -1.06 -18.38 6.32
C LYS B 49 0.03 -18.53 5.24
N GLN B 50 1.31 -18.53 5.66
CA GLN B 50 2.45 -18.70 4.75
C GLN B 50 2.47 -20.13 4.17
N LEU B 51 2.80 -20.23 2.87
CA LEU B 51 2.96 -21.49 2.16
C LEU B 51 4.42 -21.98 2.33
N GLU B 52 4.62 -22.99 3.17
CA GLU B 52 5.91 -23.67 3.38
C GLU B 52 6.31 -24.52 2.16
N ASP B 53 7.57 -24.37 1.72
CA ASP B 53 8.15 -24.97 0.48
C ASP B 53 7.80 -26.47 0.32
N GLY B 54 8.17 -27.26 1.34
CA GLY B 54 7.99 -28.71 1.32
C GLY B 54 6.67 -29.17 1.92
N ARG B 55 5.64 -28.31 1.87
CA ARG B 55 4.29 -28.63 2.34
C ARG B 55 3.36 -28.65 1.13
N THR B 56 2.19 -29.28 1.23
CA THR B 56 1.39 -29.66 0.05
C THR B 56 0.17 -28.72 -0.16
N LEU B 57 -0.24 -28.51 -1.45
CA LEU B 57 -1.43 -27.70 -1.83
C LEU B 57 -2.69 -28.22 -1.11
N SER B 58 -2.84 -29.56 -1.12
CA SER B 58 -3.99 -30.25 -0.51
C SER B 58 -4.07 -30.01 0.99
N ASP B 59 -2.89 -29.96 1.64
CA ASP B 59 -2.79 -29.72 3.09
C ASP B 59 -3.43 -28.37 3.47
N TYR B 60 -3.31 -27.38 2.57
CA TYR B 60 -3.84 -26.01 2.80
C TYR B 60 -5.27 -25.90 2.23
N ASN B 61 -5.70 -26.94 1.48
CA ASN B 61 -7.00 -26.95 0.79
C ASN B 61 -7.11 -25.78 -0.22
N ILE B 62 -6.07 -25.65 -1.08
CA ILE B 62 -6.13 -24.75 -2.26
C ILE B 62 -7.26 -25.24 -3.21
N GLN B 63 -8.23 -24.38 -3.46
CA GLN B 63 -9.28 -24.61 -4.46
C GLN B 63 -8.96 -23.80 -5.74
N LYS B 64 -9.75 -24.03 -6.79
CA LYS B 64 -9.66 -23.27 -8.02
C LYS B 64 -9.97 -21.80 -7.73
N GLU B 65 -9.19 -20.91 -8.36
CA GLU B 65 -9.23 -19.45 -8.20
C GLU B 65 -8.85 -18.99 -6.77
N SER B 66 -8.24 -19.90 -5.95
CA SER B 66 -7.74 -19.52 -4.61
C SER B 66 -6.64 -18.42 -4.74
N ALA B 67 -6.87 -17.27 -4.09
CA ALA B 67 -5.97 -16.11 -4.17
C ALA B 67 -4.89 -16.17 -3.06
N LEU B 68 -3.63 -16.05 -3.48
CA LEU B 68 -2.47 -15.99 -2.58
C LEU B 68 -1.73 -14.69 -2.90
N ILE B 69 -1.40 -13.89 -1.88
CA ILE B 69 -0.66 -12.64 -2.10
C ILE B 69 0.86 -12.89 -1.93
N LEU B 70 1.57 -12.68 -3.05
CA LEU B 70 3.01 -12.80 -3.16
C LEU B 70 3.69 -11.54 -2.61
N LEU B 71 4.32 -11.70 -1.44
CA LEU B 71 5.14 -10.66 -0.78
C LEU B 71 6.62 -10.94 -1.06
N LEU B 72 7.45 -9.89 -0.94
CA LEU B 72 8.91 -9.98 -1.16
C LEU B 72 9.64 -10.38 0.14
N THR B 73 10.97 -10.59 0.00
CA THR B 73 11.93 -10.74 1.12
C THR B 73 11.67 -9.74 2.28
N LEU B 74 12.01 -10.19 3.51
CA LEU B 74 11.76 -9.46 4.79
C LEU B 74 10.28 -9.61 5.20
N ARG B 75 10.09 -10.00 6.47
CA ARG B 75 8.79 -10.35 7.05
C ARG B 75 7.92 -9.08 7.21
N GLY C 1 -5.82 -1.06 29.58
CA GLY C 1 -6.02 -0.48 28.24
C GLY C 1 -5.69 1.00 28.21
N SER C 2 -5.92 1.63 27.05
CA SER C 2 -5.67 3.07 26.83
C SER C 2 -6.79 3.68 25.96
N GLU C 3 -7.45 4.70 26.50
CA GLU C 3 -8.55 5.44 25.85
C GLU C 3 -8.82 6.71 26.65
N SER C 4 -9.54 7.68 26.03
CA SER C 4 -9.84 9.01 26.63
C SER C 4 -8.51 9.79 26.89
N ASP C 5 -7.46 9.44 26.12
CA ASP C 5 -6.13 10.06 26.20
C ASP C 5 -6.07 11.28 25.26
N SER C 6 -6.91 12.27 25.57
CA SER C 6 -7.04 13.51 24.81
C SER C 6 -7.25 14.69 25.77
N GLY C 7 -8.03 14.44 26.83
CA GLY C 7 -8.30 15.42 27.86
C GLY C 7 -9.30 16.47 27.41
N MET C 8 -8.81 17.52 26.71
CA MET C 8 -9.62 18.65 26.24
C MET C 8 -9.83 18.57 24.72
N ALA C 9 -11.03 18.99 24.28
CA ALA C 9 -11.37 19.14 22.86
C ALA C 9 -10.90 20.53 22.38
N SER C 10 -9.57 20.69 22.39
CA SER C 10 -8.86 21.92 21.99
C SER C 10 -7.35 21.64 21.82
N GLN C 11 -6.82 20.70 22.62
CA GLN C 11 -5.36 20.39 22.63
C GLN C 11 -5.04 19.20 21.71
N ALA C 12 -5.89 18.16 21.77
CA ALA C 12 -5.62 16.86 21.16
C ALA C 12 -6.10 16.77 19.72
N ASP C 13 -6.96 17.72 19.30
CA ASP C 13 -7.65 17.69 17.98
C ASP C 13 -6.68 17.58 16.82
N GLN C 14 -5.63 18.41 16.85
CA GLN C 14 -4.57 18.43 15.82
C GLN C 14 -3.91 17.04 15.66
N LYS C 15 -3.60 16.40 16.82
CA LYS C 15 -2.90 15.13 16.91
C LYS C 15 -3.79 14.00 16.38
N GLU C 16 -5.03 13.99 16.90
CA GLU C 16 -6.06 13.01 16.59
C GLU C 16 -6.42 13.02 15.10
N GLU C 17 -6.61 14.22 14.55
CA GLU C 17 -7.03 14.39 13.15
C GLU C 17 -5.83 14.12 12.21
N GLU C 18 -4.61 14.36 12.73
CA GLU C 18 -3.37 13.94 12.07
C GLU C 18 -3.29 12.40 12.00
N LEU C 19 -3.71 11.73 13.10
CA LEU C 19 -3.78 10.25 13.17
C LEU C 19 -4.86 9.71 12.22
N LEU C 20 -5.98 10.44 12.14
CA LEU C 20 -7.12 10.12 11.25
C LEU C 20 -6.66 10.27 9.78
N LEU C 21 -5.78 11.26 9.55
CA LEU C 21 -5.12 11.49 8.26
C LEU C 21 -4.18 10.30 7.93
N PHE C 22 -3.36 9.88 8.93
CA PHE C 22 -2.48 8.71 8.80
C PHE C 22 -3.32 7.47 8.47
N TRP C 23 -4.53 7.41 9.03
CA TRP C 23 -5.48 6.32 8.80
C TRP C 23 -6.09 6.41 7.38
N THR C 24 -6.35 7.65 6.88
CA THR C 24 -6.84 7.85 5.49
C THR C 24 -5.80 7.30 4.49
N TYR C 25 -4.52 7.53 4.84
CA TYR C 25 -3.38 6.95 4.12
C TYR C 25 -3.45 5.41 4.14
N ILE C 26 -3.32 4.81 5.34
CA ILE C 26 -3.21 3.34 5.53
C ILE C 26 -4.45 2.59 4.98
N GLN C 27 -5.60 3.24 5.03
CA GLN C 27 -6.88 2.62 4.65
C GLN C 27 -7.01 2.55 3.12
N ALA C 28 -6.73 3.68 2.45
CA ALA C 28 -6.78 3.76 0.97
C ALA C 28 -5.55 3.08 0.33
N MET C 29 -4.52 2.88 1.14
CA MET C 29 -3.32 2.10 0.80
C MET C 29 -3.65 0.59 0.80
N LEU C 30 -4.12 0.08 1.97
CA LEU C 30 -4.38 -1.36 2.21
C LEU C 30 -5.69 -1.83 1.54
N THR C 31 -6.53 -0.88 1.07
CA THR C 31 -7.78 -1.20 0.35
C THR C 31 -7.47 -2.02 -0.94
N ASN C 32 -6.23 -1.86 -1.46
CA ASN C 32 -5.69 -2.62 -2.60
C ASN C 32 -4.45 -3.40 -2.17
N LEU C 33 -3.48 -2.68 -1.58
CA LEU C 33 -2.13 -3.20 -1.23
C LEU C 33 -2.22 -3.96 0.12
N GLU C 34 -3.09 -4.97 0.12
CA GLU C 34 -3.48 -5.69 1.34
C GLU C 34 -2.44 -6.75 1.76
N SER C 35 -1.32 -6.23 2.37
CA SER C 35 -0.33 -6.98 3.22
C SER C 35 1.03 -6.25 3.19
N LEU C 36 1.54 -5.89 4.38
CA LEU C 36 2.89 -5.30 4.55
C LEU C 36 3.41 -5.49 6.00
N SER C 37 4.74 -5.47 6.15
CA SER C 37 5.39 -5.48 7.48
C SER C 37 4.96 -4.25 8.29
N LEU C 38 4.90 -4.41 9.62
CA LEU C 38 4.67 -3.28 10.54
C LEU C 38 5.81 -2.24 10.34
N ASP C 39 7.04 -2.75 10.05
CA ASP C 39 8.19 -1.91 9.68
C ASP C 39 7.88 -1.05 8.43
N ARG C 40 7.31 -1.68 7.39
CA ARG C 40 6.99 -1.02 6.11
C ARG C 40 6.00 0.16 6.33
N ILE C 41 4.85 -0.15 6.97
CA ILE C 41 3.80 0.86 7.26
C ILE C 41 4.33 1.95 8.23
N TYR C 42 5.19 1.55 9.18
CA TYR C 42 5.89 2.50 10.09
C TYR C 42 6.75 3.49 9.29
N ASN C 43 7.55 2.97 8.34
CA ASN C 43 8.47 3.78 7.49
C ASN C 43 7.67 4.77 6.63
N MET C 44 6.50 4.31 6.14
CA MET C 44 5.55 5.13 5.38
C MET C 44 5.04 6.30 6.25
N LEU C 45 4.52 5.97 7.44
CA LEU C 45 4.04 6.95 8.44
C LEU C 45 5.15 7.90 8.90
N ARG C 46 6.40 7.40 8.89
CA ARG C 46 7.58 8.22 9.22
C ARG C 46 7.79 9.30 8.13
N MET C 47 7.69 8.86 6.86
CA MET C 47 7.71 9.78 5.68
C MET C 47 6.63 10.87 5.86
N PHE C 48 5.39 10.43 6.18
CA PHE C 48 4.23 11.32 6.31
C PHE C 48 4.39 12.30 7.51
N VAL C 49 5.04 11.84 8.61
CA VAL C 49 5.20 12.66 9.83
C VAL C 49 6.30 13.73 9.64
N VAL C 50 7.39 13.39 8.92
CA VAL C 50 8.54 14.30 8.74
C VAL C 50 8.30 15.31 7.62
N THR C 51 7.46 14.93 6.61
CA THR C 51 7.16 15.83 5.48
C THR C 51 6.37 17.08 5.92
N GLY C 52 5.75 16.99 7.10
CA GLY C 52 5.04 18.11 7.72
C GLY C 52 5.46 18.28 9.17
N PRO C 53 4.87 19.26 9.92
CA PRO C 53 5.03 19.32 11.38
C PRO C 53 4.46 18.05 12.06
N ALA C 54 3.30 17.61 11.54
CA ALA C 54 2.51 16.42 12.01
C ALA C 54 2.55 16.16 13.54
N LEU C 55 3.52 15.32 13.98
CA LEU C 55 3.67 14.86 15.39
C LEU C 55 5.14 14.99 15.82
N ALA C 56 5.92 15.79 15.05
CA ALA C 56 7.39 15.91 15.12
C ALA C 56 8.06 14.64 14.58
N GLU C 57 7.86 13.53 15.30
CA GLU C 57 8.42 12.23 15.00
C GLU C 57 7.45 11.18 15.56
N ILE C 58 6.78 10.43 14.68
CA ILE C 58 5.91 9.33 15.06
C ILE C 58 6.78 8.15 15.54
N ASP C 59 6.40 7.59 16.70
CA ASP C 59 7.23 6.62 17.44
C ASP C 59 6.53 5.25 17.50
N LEU C 60 7.32 4.20 17.85
CA LEU C 60 6.84 2.80 17.92
C LEU C 60 5.71 2.63 18.95
N GLN C 61 5.71 3.43 20.04
CA GLN C 61 4.64 3.41 21.07
C GLN C 61 3.27 3.60 20.40
N GLU C 62 3.19 4.74 19.71
CA GLU C 62 1.96 5.24 19.08
C GLU C 62 1.60 4.38 17.85
N LEU C 63 2.65 3.91 17.16
CA LEU C 63 2.51 3.09 15.95
C LEU C 63 1.90 1.71 16.30
N GLN C 64 2.59 0.97 17.18
CA GLN C 64 2.15 -0.38 17.62
C GLN C 64 0.84 -0.27 18.42
N GLY C 65 0.62 0.90 19.07
CA GLY C 65 -0.63 1.20 19.75
C GLY C 65 -1.79 1.40 18.77
N TYR C 66 -1.46 2.00 17.61
CA TYR C 66 -2.43 2.24 16.52
C TYR C 66 -2.88 0.90 15.94
N LEU C 67 -1.88 0.06 15.57
CA LEU C 67 -2.11 -1.29 15.02
C LEU C 67 -2.77 -2.20 16.07
N GLN C 68 -2.39 -2.04 17.35
CA GLN C 68 -2.99 -2.77 18.49
C GLN C 68 -4.49 -2.52 18.53
N LYS C 69 -4.87 -1.22 18.47
CA LYS C 69 -6.27 -0.81 18.45
C LYS C 69 -7.00 -1.45 17.27
N LYS C 70 -6.48 -1.25 16.03
CA LYS C 70 -7.13 -1.77 14.80
C LYS C 70 -7.31 -3.31 14.81
N VAL C 71 -6.34 -4.05 15.40
CA VAL C 71 -6.41 -5.53 15.53
C VAL C 71 -7.48 -5.92 16.58
N ARG C 72 -7.50 -5.20 17.72
CA ARG C 72 -8.49 -5.41 18.80
C ARG C 72 -9.87 -4.79 18.45
N ASP C 73 -9.92 -4.03 17.34
CA ASP C 73 -11.16 -3.46 16.78
C ASP C 73 -11.68 -4.32 15.59
N GLN C 74 -10.84 -5.30 15.14
CA GLN C 74 -11.10 -6.19 13.97
C GLN C 74 -11.15 -5.38 12.64
N GLN C 75 -10.56 -4.18 12.66
CA GLN C 75 -10.45 -3.28 11.51
C GLN C 75 -9.16 -3.60 10.69
N LEU C 76 -8.22 -4.33 11.33
CA LEU C 76 -6.99 -4.83 10.68
C LEU C 76 -6.94 -6.37 10.79
N VAL C 77 -6.37 -6.99 9.75
CA VAL C 77 -6.04 -8.41 9.68
C VAL C 77 -4.53 -8.58 9.83
N TYR C 78 -4.14 -9.55 10.68
CA TYR C 78 -2.76 -9.98 10.82
C TYR C 78 -2.59 -11.28 10.02
N SER C 79 -1.91 -11.20 8.87
CA SER C 79 -1.58 -12.37 8.05
C SER C 79 -0.27 -12.99 8.56
N ALA C 80 0.57 -13.54 7.66
CA ALA C 80 1.88 -14.10 8.04
C ALA C 80 2.88 -12.98 8.44
N GLY C 81 2.69 -12.40 9.64
CA GLY C 81 3.58 -11.36 10.17
C GLY C 81 3.44 -10.02 9.47
N VAL C 82 2.30 -9.84 8.79
CA VAL C 82 1.99 -8.61 8.04
C VAL C 82 0.56 -8.16 8.32
N TYR C 83 0.31 -6.87 8.15
CA TYR C 83 -1.01 -6.27 8.34
C TYR C 83 -1.66 -5.96 7.00
N ARG C 84 -3.01 -6.09 6.96
CA ARG C 84 -3.81 -5.84 5.75
C ARG C 84 -5.27 -5.56 6.11
N LEU C 85 -6.00 -4.88 5.22
CA LEU C 85 -7.43 -4.58 5.42
C LEU C 85 -8.32 -5.77 5.04
N PRO C 86 -9.21 -6.24 5.98
CA PRO C 86 -10.23 -7.29 5.67
C PRO C 86 -11.30 -6.78 4.68
N LYS C 87 -11.75 -5.52 4.91
CA LYS C 87 -12.80 -4.82 4.12
C LYS C 87 -14.19 -5.48 4.30
N ASN C 88 -14.37 -6.68 3.72
CA ASN C 88 -15.59 -7.50 3.91
C ASN C 88 -15.66 -8.01 5.37
N CYS C 89 -14.45 -8.38 5.88
CA CYS C 89 -14.23 -8.92 7.22
C CYS C 89 -14.88 -10.31 7.40
N SER C 90 -16.21 -10.32 7.61
CA SER C 90 -16.98 -11.52 7.98
C SER C 90 -16.98 -12.58 6.85
#